data_7KYP
#
_entry.id   7KYP
#
_cell.length_a   92.550
_cell.length_b   129.560
_cell.length_c   169.620
_cell.angle_alpha   95.35
_cell.angle_beta   92.21
_cell.angle_gamma   98.66
#
_symmetry.space_group_name_H-M   'P 1'
#
loop_
_entity.id
_entity.type
_entity.pdbx_description
1 polymer 'Manganese ABC transporter, ATP-binding protein'
2 polymer 'Manganese ABC transporter, permease protein'
3 non-polymer 'PHOSPHATE ION'
4 non-polymer CYCLOHEXYL-HEXYL-BETA-D-MALTOSIDE
5 water water
#
loop_
_entity_poly.entity_id
_entity_poly.type
_entity_poly.pdbx_seq_one_letter_code
_entity_poly.pdbx_strand_id
1 'polypeptide(L)'
;MIRIENLSVSYKETLALKDISLVLHGPTITGIIGPNGAGKSTLLKGMLGIIPHQGQAFLDDKEVKKSLHRIAYVEQKINI
DYNFPIKVKECVSLGLFPSIPLFRSLKAKHWKKVQEALEIVGLADYAERQISQLSGGQFQRVLIARCLVQEADYILLDEP
FAGIDSVSEEIIMNTLRDLKKAGKTVLIVHHDLSKIPHYFDQVLLVNREVIAFGPTKETFTETNLKEAYGNQLFFNGGDL
;
A,C,E,G,I,K,M,O
2 'polypeptide(L)'
;MIAEFIDGLQKFHFLQNALITAIVVGIVAGAVGCFIILRGMSLMGDAISHAVLPGVALSFILGLDFFIGAIVFGLLAAII
ITYIKGNSIIKSDTAIGITSSSFLALGIILIGVAKSSTDLFHILFGNILAVQDTDMFITMGVGAAILLLIWIFFKQLLIT
SFDELLAKAMGMPVNFYHYLLMVLLTLVSVTAMQSVGTILIVAMLITPAATAYLYANSLKSMIFLSSTFGATASVLGLFI
GYSFNVAAGSSIVLTAASFFLISFFIAPKQRYLKLKNKHLLKGSENLYFQ
;
B,D,F,H,J,L,N,P
#
loop_
_chem_comp.id
_chem_comp.type
_chem_comp.name
_chem_comp.formula
MA4 non-polymer CYCLOHEXYL-HEXYL-BETA-D-MALTOSIDE 'C24 H44 O11'
PO4 non-polymer 'PHOSPHATE ION' 'O4 P -3'
#
# COMPACT_ATOMS: atom_id res chain seq x y z
N MET A 1 -25.59 -35.27 89.88
CA MET A 1 -26.18 -33.91 90.11
C MET A 1 -25.10 -32.83 90.15
N ILE A 2 -25.05 -32.01 89.10
CA ILE A 2 -24.21 -30.81 89.10
C ILE A 2 -25.05 -29.67 89.67
N ARG A 3 -24.40 -28.79 90.43
CA ARG A 3 -25.11 -27.75 91.17
C ARG A 3 -24.33 -26.43 91.10
N ILE A 4 -24.76 -25.54 90.21
CA ILE A 4 -24.15 -24.22 90.04
C ILE A 4 -25.02 -23.17 90.74
N GLU A 5 -24.37 -22.23 91.44
CA GLU A 5 -25.08 -21.21 92.21
C GLU A 5 -24.43 -19.83 92.09
N ASN A 6 -25.07 -18.93 91.35
CA ASN A 6 -24.64 -17.54 91.21
C ASN A 6 -23.16 -17.42 90.83
N LEU A 7 -22.78 -18.08 89.73
CA LEU A 7 -21.42 -18.04 89.24
C LEU A 7 -21.26 -16.92 88.21
N SER A 8 -20.19 -16.14 88.34
CA SER A 8 -19.92 -15.03 87.43
C SER A 8 -18.43 -14.97 87.08
N VAL A 9 -18.12 -14.48 85.89
CA VAL A 9 -16.75 -14.39 85.40
C VAL A 9 -16.53 -13.06 84.68
N SER A 10 -15.31 -12.52 84.81
CA SER A 10 -14.92 -11.28 84.13
C SER A 10 -13.47 -11.38 83.65
N TYR A 11 -13.29 -11.45 82.33
CA TYR A 11 -11.96 -11.54 81.73
CA TYR A 11 -11.96 -11.54 81.73
C TYR A 11 -11.25 -10.19 81.79
N LYS A 12 -11.98 -9.11 81.51
CA LYS A 12 -11.42 -7.76 81.54
C LYS A 12 -12.53 -6.72 81.66
N GLU A 13 -12.82 -6.29 82.88
CA GLU A 13 -13.84 -5.27 83.17
C GLU A 13 -15.26 -5.81 83.01
N THR A 14 -15.66 -6.11 81.76
CA THR A 14 -17.02 -6.60 81.47
C THR A 14 -17.24 -8.03 81.96
N LEU A 15 -18.51 -8.40 82.09
CA LEU A 15 -18.91 -9.72 82.59
C LEU A 15 -19.07 -10.73 81.45
N ALA A 16 -18.29 -11.80 81.51
CA ALA A 16 -18.41 -12.90 80.56
C ALA A 16 -19.65 -13.73 80.90
N LEU A 17 -19.80 -14.07 82.17
CA LEU A 17 -20.98 -14.76 82.70
C LEU A 17 -21.66 -13.90 83.76
N LYS A 18 -22.99 -13.86 83.72
CA LYS A 18 -23.78 -13.03 84.64
C LYS A 18 -24.76 -13.87 85.46
N ASP A 19 -24.41 -14.11 86.72
CA ASP A 19 -25.30 -14.75 87.68
C ASP A 19 -25.86 -16.09 87.17
N ILE A 20 -24.97 -17.07 87.02
CA ILE A 20 -25.36 -18.40 86.54
C ILE A 20 -25.83 -19.24 87.72
N SER A 21 -27.09 -19.69 87.67
CA SER A 21 -27.65 -20.59 88.68
C SER A 21 -28.36 -21.73 87.96
N LEU A 22 -28.01 -22.96 88.32
CA LEU A 22 -28.49 -24.13 87.59
C LEU A 22 -28.26 -25.43 88.38
N VAL A 23 -29.15 -26.40 88.16
CA VAL A 23 -29.03 -27.74 88.74
C VAL A 23 -29.28 -28.77 87.66
N LEU A 24 -28.23 -29.47 87.24
CA LEU A 24 -28.30 -30.46 86.16
C LEU A 24 -28.32 -31.89 86.70
N HIS A 25 -29.42 -32.60 86.46
CA HIS A 25 -29.55 -34.01 86.86
C HIS A 25 -29.09 -34.93 85.74
N GLY A 26 -28.59 -36.11 86.12
CA GLY A 26 -28.12 -37.12 85.18
C GLY A 26 -28.67 -38.50 85.52
N PRO A 27 -28.28 -39.53 84.77
CA PRO A 27 -27.34 -39.43 83.64
C PRO A 27 -27.91 -38.67 82.44
N THR A 28 -27.03 -38.06 81.66
CA THR A 28 -27.46 -37.24 80.54
C THR A 28 -26.31 -36.90 79.59
N ILE A 29 -26.68 -36.50 78.37
CA ILE A 29 -25.76 -35.85 77.44
C ILE A 29 -26.34 -34.46 77.17
N THR A 30 -25.85 -33.48 77.91
CA THR A 30 -26.37 -32.10 77.84
C THR A 30 -25.50 -31.24 76.93
N GLY A 31 -26.15 -30.41 76.12
CA GLY A 31 -25.47 -29.57 75.15
C GLY A 31 -25.54 -28.09 75.50
N ILE A 32 -24.38 -27.49 75.80
CA ILE A 32 -24.29 -26.05 76.02
C ILE A 32 -24.15 -25.37 74.67
N ILE A 33 -25.10 -24.50 74.34
CA ILE A 33 -25.16 -23.85 73.03
C ILE A 33 -25.32 -22.34 73.15
N GLY A 34 -25.16 -21.65 72.03
CA GLY A 34 -25.26 -20.18 71.98
C GLY A 34 -24.16 -19.58 71.13
N PRO A 35 -24.13 -18.23 71.04
CA PRO A 35 -23.11 -17.54 70.25
C PRO A 35 -21.68 -17.85 70.74
N ASN A 36 -20.76 -18.03 69.79
CA ASN A 36 -19.36 -18.33 70.11
C ASN A 36 -18.69 -17.10 70.70
N GLY A 37 -18.20 -17.23 71.93
CA GLY A 37 -17.56 -16.13 72.66
C GLY A 37 -18.47 -15.44 73.66
N ALA A 38 -19.66 -16.00 73.89
CA ALA A 38 -20.66 -15.39 74.76
C ALA A 38 -20.70 -15.95 76.18
N GLY A 39 -20.11 -17.12 76.40
CA GLY A 39 -20.10 -17.75 77.72
C GLY A 39 -19.99 -19.27 77.77
N LYS A 40 -20.38 -19.93 76.69
CA LYS A 40 -20.35 -21.40 76.59
C LYS A 40 -19.12 -22.03 77.23
N SER A 41 -17.94 -21.71 76.69
CA SER A 41 -16.69 -22.33 77.11
C SER A 41 -16.21 -21.82 78.47
N THR A 42 -16.47 -20.55 78.75
CA THR A 42 -16.08 -19.92 80.02
C THR A 42 -16.79 -20.58 81.21
N LEU A 43 -18.00 -21.09 81.00
CA LEU A 43 -18.77 -21.75 82.05
C LEU A 43 -18.08 -23.00 82.57
N LEU A 44 -17.54 -23.82 81.67
CA LEU A 44 -16.83 -25.04 82.08
C LEU A 44 -15.55 -24.73 82.86
N LYS A 45 -14.87 -23.65 82.48
CA LYS A 45 -13.66 -23.22 83.18
C LYS A 45 -13.98 -22.62 84.55
N GLY A 46 -15.04 -21.81 84.61
CA GLY A 46 -15.50 -21.22 85.86
C GLY A 46 -16.07 -22.25 86.82
N MET A 47 -16.75 -23.25 86.27
CA MET A 47 -17.30 -24.36 87.06
C MET A 47 -16.19 -25.16 87.73
N LEU A 48 -15.19 -25.55 86.94
CA LEU A 48 -14.06 -26.33 87.44
C LEU A 48 -13.15 -25.54 88.39
N GLY A 49 -13.12 -24.22 88.20
CA GLY A 49 -12.27 -23.34 89.01
C GLY A 49 -10.89 -23.15 88.41
N ILE A 50 -10.80 -23.26 87.09
CA ILE A 50 -9.54 -23.07 86.36
C ILE A 50 -9.23 -21.58 86.26
N ILE A 51 -10.26 -20.74 86.30
CA ILE A 51 -10.11 -19.28 86.26
C ILE A 51 -10.82 -18.65 87.46
N PRO A 52 -10.46 -17.40 87.82
CA PRO A 52 -11.16 -16.71 88.91
C PRO A 52 -12.65 -16.52 88.63
N HIS A 53 -13.47 -16.63 89.67
CA HIS A 53 -14.93 -16.52 89.52
C HIS A 53 -15.61 -16.18 90.84
N GLN A 54 -16.68 -15.38 90.75
CA GLN A 54 -17.48 -15.01 91.92
C GLN A 54 -18.69 -15.94 92.03
N GLY A 55 -18.58 -16.95 92.90
CA GLY A 55 -19.63 -17.94 93.09
C GLY A 55 -19.06 -19.31 93.43
N GLN A 56 -19.95 -20.28 93.64
CA GLN A 56 -19.56 -21.64 93.99
C GLN A 56 -20.31 -22.67 93.14
N ALA A 57 -19.73 -23.86 93.04
CA ALA A 57 -20.35 -24.98 92.33
C ALA A 57 -20.08 -26.29 93.08
N PHE A 58 -21.04 -27.20 93.05
CA PHE A 58 -20.97 -28.45 93.83
C PHE A 58 -21.29 -29.67 92.98
N LEU A 59 -20.85 -30.83 93.46
CA LEU A 59 -21.15 -32.12 92.84
C LEU A 59 -21.61 -33.12 93.91
N ASP A 60 -22.93 -33.30 94.02
CA ASP A 60 -23.53 -34.21 94.99
C ASP A 60 -23.12 -33.86 96.42
N ASP A 61 -23.64 -32.72 96.91
CA ASP A 61 -23.34 -32.21 98.25
C ASP A 61 -21.93 -31.61 98.33
N LYS A 62 -20.90 -32.43 98.11
CA LYS A 62 -19.51 -31.97 98.18
C LYS A 62 -19.18 -30.99 97.05
N GLU A 63 -18.21 -30.12 97.30
CA GLU A 63 -17.85 -29.04 96.38
C GLU A 63 -17.04 -29.53 95.17
N VAL A 64 -17.10 -28.77 94.07
CA VAL A 64 -16.38 -29.11 92.84
C VAL A 64 -14.87 -29.06 93.02
N LYS A 65 -14.38 -27.96 93.60
CA LYS A 65 -12.94 -27.75 93.78
C LYS A 65 -12.29 -28.78 94.70
N LYS A 66 -13.07 -29.35 95.63
CA LYS A 66 -12.59 -30.41 96.52
C LYS A 66 -12.94 -31.82 96.03
N SER A 67 -13.31 -31.95 94.76
CA SER A 67 -13.65 -33.25 94.17
C SER A 67 -13.35 -33.26 92.67
N LEU A 68 -12.14 -32.84 92.32
CA LEU A 68 -11.71 -32.76 90.93
C LEU A 68 -11.39 -34.15 90.35
N HIS A 69 -11.03 -35.09 91.22
CA HIS A 69 -10.78 -36.48 90.82
C HIS A 69 -12.01 -37.16 90.19
N ARG A 70 -13.21 -36.71 90.57
CA ARG A 70 -14.45 -37.22 90.00
C ARG A 70 -14.79 -36.65 88.62
N ILE A 71 -14.14 -35.55 88.24
CA ILE A 71 -14.40 -34.87 86.96
C ILE A 71 -13.29 -35.15 85.96
N ALA A 72 -13.63 -35.09 84.68
CA ALA A 72 -12.65 -35.15 83.60
C ALA A 72 -12.95 -34.02 82.60
N TYR A 73 -11.92 -33.27 82.25
CA TYR A 73 -12.04 -32.12 81.35
C TYR A 73 -11.32 -32.38 80.03
N VAL A 74 -12.02 -32.17 78.93
CA VAL A 74 -11.47 -32.32 77.59
C VAL A 74 -11.57 -30.98 76.86
N GLU A 75 -10.48 -30.22 76.89
CA GLU A 75 -10.43 -28.89 76.30
C GLU A 75 -10.45 -28.93 74.77
N GLN A 76 -10.51 -27.75 74.15
CA GLN A 76 -10.48 -27.64 72.69
C GLN A 76 -9.13 -28.08 72.16
N LYS A 77 -9.10 -28.52 70.91
CA LYS A 77 -7.88 -29.00 70.27
C LYS A 77 -6.88 -27.86 70.00
N ILE A 78 -7.39 -26.63 69.91
CA ILE A 78 -6.56 -25.46 69.62
C ILE A 78 -5.57 -25.16 70.75
N ASN A 79 -6.00 -25.39 71.99
CA ASN A 79 -5.16 -25.12 73.16
C ASN A 79 -3.93 -26.03 73.24
N ILE A 80 -4.07 -27.26 72.75
CA ILE A 80 -2.99 -28.25 72.83
C ILE A 80 -1.99 -28.06 71.70
N ASP A 81 -0.70 -28.10 72.03
CA ASP A 81 0.37 -27.98 71.05
C ASP A 81 0.62 -29.32 70.39
N TYR A 82 0.32 -29.41 69.09
CA TYR A 82 0.43 -30.67 68.34
C TYR A 82 1.90 -31.06 68.12
N ASN A 83 2.77 -30.06 68.08
CA ASN A 83 4.20 -30.28 67.81
C ASN A 83 4.98 -30.79 69.03
N PHE A 84 4.35 -30.80 70.20
CA PHE A 84 4.98 -31.32 71.42
C PHE A 84 5.39 -32.79 71.22
N PRO A 85 6.60 -33.16 71.68
CA PRO A 85 7.05 -34.55 71.53
C PRO A 85 6.35 -35.49 72.50
N ILE A 86 5.33 -36.19 72.00
CA ILE A 86 4.56 -37.12 72.82
C ILE A 86 3.76 -38.07 71.93
N LYS A 87 3.82 -39.37 72.23
CA LYS A 87 3.10 -40.38 71.45
C LYS A 87 1.62 -40.42 71.86
N VAL A 88 0.83 -41.17 71.10
CA VAL A 88 -0.61 -41.29 71.36
C VAL A 88 -0.87 -41.98 72.70
N LYS A 89 -0.21 -43.12 72.92
CA LYS A 89 -0.36 -43.86 74.18
C LYS A 89 0.13 -43.05 75.38
N GLU A 90 1.19 -42.26 75.17
CA GLU A 90 1.75 -41.42 76.22
C GLU A 90 0.84 -40.24 76.54
N CYS A 91 0.12 -39.75 75.52
CA CYS A 91 -0.88 -38.69 75.71
C CYS A 91 -2.11 -39.19 76.46
N VAL A 92 -2.57 -40.40 76.13
CA VAL A 92 -3.70 -41.03 76.81
C VAL A 92 -3.36 -41.35 78.27
N SER A 93 -2.12 -41.75 78.52
CA SER A 93 -1.68 -42.13 79.87
C SER A 93 -1.65 -40.97 80.87
N LEU A 94 -1.71 -39.73 80.37
CA LEU A 94 -1.71 -38.53 81.24
C LEU A 94 -2.93 -38.47 82.16
N GLY A 95 -4.04 -39.05 81.74
CA GLY A 95 -5.25 -39.11 82.57
C GLY A 95 -5.10 -39.93 83.84
N LEU A 96 -4.17 -40.88 83.83
CA LEU A 96 -3.92 -41.74 85.00
C LEU A 96 -2.98 -41.09 86.04
N PHE A 97 -2.29 -40.02 85.67
CA PHE A 97 -1.26 -39.41 86.51
C PHE A 97 -1.75 -38.97 87.90
N PRO A 98 -2.99 -38.44 88.00
CA PRO A 98 -3.57 -38.13 89.32
C PRO A 98 -3.71 -39.33 90.25
N SER A 99 -3.93 -40.52 89.69
CA SER A 99 -4.01 -41.75 90.50
C SER A 99 -2.64 -42.21 91.01
N ILE A 100 -1.58 -41.83 90.30
CA ILE A 100 -0.22 -42.20 90.68
C ILE A 100 0.33 -41.18 91.68
N PRO A 101 0.79 -41.66 92.87
CA PRO A 101 1.40 -40.75 93.84
C PRO A 101 2.87 -40.46 93.49
N LEU A 102 3.47 -39.54 94.25
CA LEU A 102 4.89 -39.20 94.06
C LEU A 102 5.77 -40.40 94.42
N PHE A 103 6.95 -40.47 93.80
CA PHE A 103 7.87 -41.61 93.94
C PHE A 103 7.18 -42.92 93.52
N ARG A 104 6.53 -42.89 92.37
CA ARG A 104 5.81 -44.06 91.84
C ARG A 104 5.60 -43.93 90.33
N SER A 105 5.59 -45.08 89.64
CA SER A 105 5.51 -45.10 88.17
C SER A 105 4.39 -46.01 87.67
N LEU A 106 4.14 -45.95 86.37
CA LEU A 106 3.09 -46.75 85.72
C LEU A 106 3.53 -48.19 85.48
N LYS A 107 2.96 -49.12 86.23
CA LYS A 107 3.19 -50.55 86.03
C LYS A 107 2.39 -51.06 84.83
N ALA A 108 2.43 -52.38 84.61
CA ALA A 108 1.70 -53.02 83.51
C ALA A 108 0.19 -52.85 83.63
N LYS A 109 -0.30 -52.74 84.86
CA LYS A 109 -1.72 -52.50 85.14
C LYS A 109 -2.26 -51.27 84.40
N HIS A 110 -1.51 -50.17 84.47
CA HIS A 110 -1.95 -48.89 83.93
C HIS A 110 -1.89 -48.82 82.40
N TRP A 111 -0.83 -49.37 81.81
CA TRP A 111 -0.70 -49.39 80.35
C TRP A 111 -1.75 -50.26 79.66
N LYS A 112 -2.29 -51.23 80.38
CA LYS A 112 -3.40 -52.05 79.88
C LYS A 112 -4.67 -51.20 79.69
N LYS A 113 -4.92 -50.27 80.63
CA LYS A 113 -6.05 -49.34 80.52
C LYS A 113 -5.93 -48.45 79.29
N VAL A 114 -4.72 -47.95 79.04
CA VAL A 114 -4.45 -47.04 77.94
C VAL A 114 -4.76 -47.69 76.59
N GLN A 115 -4.30 -48.93 76.40
CA GLN A 115 -4.50 -49.64 75.14
C GLN A 115 -5.96 -50.02 74.94
N GLU A 116 -6.66 -50.32 76.03
CA GLU A 116 -8.11 -50.60 75.98
C GLU A 116 -8.91 -49.36 75.60
N ALA A 117 -8.50 -48.21 76.14
CA ALA A 117 -9.14 -46.93 75.80
C ALA A 117 -8.99 -46.60 74.32
N LEU A 118 -7.83 -46.94 73.76
CA LEU A 118 -7.57 -46.74 72.33
C LEU A 118 -8.35 -47.74 71.47
N GLU A 119 -8.54 -48.96 71.95
CA GLU A 119 -9.33 -49.97 71.25
C GLU A 119 -10.81 -49.59 71.18
N ILE A 120 -11.30 -48.87 72.20
CA ILE A 120 -12.67 -48.36 72.22
C ILE A 120 -12.87 -47.29 71.15
N VAL A 121 -11.97 -46.31 71.12
CA VAL A 121 -12.06 -45.21 70.14
C VAL A 121 -11.51 -45.58 68.75
N GLY A 122 -10.93 -46.76 68.62
CA GLY A 122 -10.47 -47.26 67.33
C GLY A 122 -9.15 -46.66 66.87
N LEU A 123 -8.18 -46.64 67.79
CA LEU A 123 -6.84 -46.14 67.51
C LEU A 123 -5.77 -47.03 68.15
N ALA A 124 -5.97 -48.35 68.05
CA ALA A 124 -5.03 -49.32 68.62
C ALA A 124 -3.75 -49.41 67.79
N ASP A 125 -3.85 -49.12 66.49
CA ASP A 125 -2.70 -49.15 65.58
C ASP A 125 -1.91 -47.84 65.56
N TYR A 126 -2.40 -46.82 66.26
CA TYR A 126 -1.76 -45.50 66.30
C TYR A 126 -1.04 -45.21 67.62
N ALA A 127 -0.88 -46.24 68.46
CA ALA A 127 -0.30 -46.06 69.80
C ALA A 127 1.15 -45.60 69.77
N GLU A 128 1.92 -46.12 68.81
CA GLU A 128 3.35 -45.78 68.67
C GLU A 128 3.53 -44.73 67.57
N ARG A 129 2.81 -43.61 67.69
CA ARG A 129 2.80 -42.58 66.65
C ARG A 129 2.67 -41.19 67.26
N GLN A 130 3.20 -40.19 66.57
CA GLN A 130 3.15 -38.80 67.03
C GLN A 130 1.74 -38.22 66.89
N ILE A 131 1.34 -37.39 67.85
CA ILE A 131 0.05 -36.69 67.78
C ILE A 131 0.00 -35.69 66.64
N SER A 132 1.16 -35.20 66.20
CA SER A 132 1.25 -34.35 65.01
C SER A 132 0.91 -35.11 63.73
N GLN A 133 1.16 -36.42 63.72
CA GLN A 133 0.85 -37.28 62.58
C GLN A 133 -0.56 -37.86 62.68
N LEU A 134 -1.54 -36.99 62.87
CA LEU A 134 -2.94 -37.39 63.00
C LEU A 134 -3.86 -36.32 62.42
N SER A 135 -5.08 -36.72 62.07
CA SER A 135 -6.10 -35.78 61.63
C SER A 135 -6.83 -35.20 62.84
N GLY A 136 -7.65 -34.19 62.60
CA GLY A 136 -8.43 -33.56 63.66
C GLY A 136 -9.39 -34.52 64.33
N GLY A 137 -10.02 -35.38 63.53
CA GLY A 137 -10.92 -36.41 64.05
C GLY A 137 -10.20 -37.41 64.94
N GLN A 138 -9.07 -37.93 64.47
CA GLN A 138 -8.28 -38.90 65.22
C GLN A 138 -7.74 -38.34 66.52
N PHE A 139 -7.20 -37.12 66.47
CA PHE A 139 -6.65 -36.47 67.67
C PHE A 139 -7.72 -36.24 68.74
N GLN A 140 -8.94 -35.93 68.31
CA GLN A 140 -10.07 -35.77 69.24
C GLN A 140 -10.37 -37.09 69.95
N ARG A 141 -10.29 -38.20 69.22
CA ARG A 141 -10.51 -39.52 69.80
C ARG A 141 -9.44 -39.91 70.82
N VAL A 142 -8.22 -39.38 70.63
CA VAL A 142 -7.15 -39.58 71.61
C VAL A 142 -7.47 -38.84 72.91
N LEU A 143 -8.03 -37.64 72.80
CA LEU A 143 -8.44 -36.85 73.96
C LEU A 143 -9.61 -37.49 74.70
N ILE A 144 -10.48 -38.18 73.97
CA ILE A 144 -11.60 -38.92 74.58
C ILE A 144 -11.08 -40.19 75.26
N ALA A 145 -10.10 -40.85 74.66
CA ALA A 145 -9.44 -42.00 75.28
C ALA A 145 -8.68 -41.57 76.53
N ARG A 146 -8.09 -40.38 76.49
CA ARG A 146 -7.43 -39.78 77.65
C ARG A 146 -8.43 -39.48 78.78
N CYS A 147 -9.66 -39.16 78.38
CA CYS A 147 -10.75 -38.93 79.33
C CYS A 147 -11.25 -40.23 79.97
N LEU A 148 -11.33 -41.29 79.17
CA LEU A 148 -11.82 -42.61 79.64
C LEU A 148 -10.98 -43.18 80.78
N VAL A 149 -9.66 -43.05 80.68
CA VAL A 149 -8.75 -43.63 81.68
C VAL A 149 -8.84 -42.98 83.06
N GLN A 150 -9.41 -41.78 83.15
CA GLN A 150 -9.68 -41.14 84.43
C GLN A 150 -10.80 -41.82 85.21
N GLU A 151 -11.72 -42.47 84.49
CA GLU A 151 -12.91 -43.08 85.09
C GLU A 151 -13.70 -42.06 85.90
N ALA A 152 -13.94 -40.91 85.29
CA ALA A 152 -14.64 -39.80 85.94
C ALA A 152 -16.15 -40.01 85.88
N ASP A 153 -16.85 -39.56 86.92
CA ASP A 153 -18.31 -39.61 86.97
C ASP A 153 -18.93 -38.49 86.14
N TYR A 154 -18.20 -37.39 85.95
CA TYR A 154 -18.66 -36.24 85.17
C TYR A 154 -17.67 -35.94 84.06
N ILE A 155 -18.18 -35.66 82.86
CA ILE A 155 -17.34 -35.43 81.68
C ILE A 155 -17.69 -34.09 81.03
N LEU A 156 -16.66 -33.25 80.87
CA LEU A 156 -16.81 -31.92 80.28
C LEU A 156 -16.00 -31.80 78.99
N LEU A 157 -16.69 -31.67 77.85
CA LEU A 157 -16.05 -31.61 76.54
C LEU A 157 -16.28 -30.26 75.88
N ASP A 158 -15.20 -29.56 75.53
CA ASP A 158 -15.30 -28.23 74.91
C ASP A 158 -15.17 -28.34 73.38
N GLU A 159 -16.29 -28.17 72.68
CA GLU A 159 -16.35 -28.27 71.22
C GLU A 159 -15.59 -29.47 70.67
N PRO A 160 -16.03 -30.70 71.02
CA PRO A 160 -15.37 -31.92 70.55
C PRO A 160 -15.65 -32.22 69.07
N PHE A 161 -16.82 -31.81 68.57
CA PHE A 161 -17.22 -32.11 67.20
C PHE A 161 -16.84 -31.00 66.20
N ALA A 162 -16.12 -29.98 66.68
CA ALA A 162 -15.69 -28.87 65.82
C ALA A 162 -14.52 -29.29 64.93
N GLY A 163 -14.79 -29.44 63.64
CA GLY A 163 -13.75 -29.74 62.66
C GLY A 163 -13.24 -31.16 62.71
N ILE A 164 -14.16 -32.12 62.63
CA ILE A 164 -13.81 -33.55 62.53
C ILE A 164 -14.68 -34.25 61.49
N ASP A 165 -14.17 -35.34 60.93
CA ASP A 165 -14.90 -36.13 59.95
C ASP A 165 -16.05 -36.90 60.60
N SER A 166 -16.98 -37.39 59.76
CA SER A 166 -18.18 -38.08 60.24
C SER A 166 -17.88 -39.44 60.88
N VAL A 167 -16.78 -40.08 60.47
CA VAL A 167 -16.40 -41.38 61.01
C VAL A 167 -15.95 -41.24 62.46
N SER A 168 -15.15 -40.21 62.74
CA SER A 168 -14.71 -39.91 64.10
C SER A 168 -15.86 -39.41 64.97
N GLU A 169 -16.72 -38.59 64.38
CA GLU A 169 -17.88 -38.02 65.06
C GLU A 169 -18.83 -39.09 65.58
N GLU A 170 -19.03 -40.15 64.79
CA GLU A 170 -19.89 -41.27 65.19
C GLU A 170 -19.24 -42.16 66.26
N ILE A 171 -17.93 -42.38 66.14
CA ILE A 171 -17.18 -43.18 67.12
C ILE A 171 -17.16 -42.48 68.48
N ILE A 172 -16.95 -41.17 68.46
CA ILE A 172 -16.95 -40.36 69.69
C ILE A 172 -18.33 -40.38 70.34
N MET A 173 -19.39 -40.22 69.54
CA MET A 173 -20.75 -40.15 70.07
C MET A 173 -21.21 -41.50 70.62
N ASN A 174 -20.76 -42.59 70.02
CA ASN A 174 -21.02 -43.94 70.55
C ASN A 174 -20.37 -44.12 71.93
N THR A 175 -19.16 -43.60 72.09
CA THR A 175 -18.44 -43.66 73.36
C THR A 175 -19.16 -42.87 74.46
N LEU A 176 -19.67 -41.69 74.10
CA LEU A 176 -20.40 -40.84 75.05
C LEU A 176 -21.77 -41.41 75.39
N ARG A 177 -22.41 -42.08 74.44
CA ARG A 177 -23.68 -42.79 74.70
C ARG A 177 -23.49 -43.96 75.65
N ASP A 178 -22.32 -44.61 75.59
CA ASP A 178 -21.97 -45.67 76.53
C ASP A 178 -21.77 -45.12 77.94
N LEU A 179 -21.17 -43.94 78.04
CA LEU A 179 -20.97 -43.27 79.34
C LEU A 179 -22.31 -42.85 79.96
N LYS A 180 -23.27 -42.48 79.12
CA LYS A 180 -24.63 -42.17 79.58
C LYS A 180 -25.31 -43.44 80.13
N LYS A 181 -25.10 -44.57 79.47
CA LYS A 181 -25.64 -45.86 79.91
C LYS A 181 -24.98 -46.35 81.21
N ALA A 182 -23.73 -45.96 81.41
CA ALA A 182 -23.00 -46.28 82.65
C ALA A 182 -23.54 -45.50 83.86
N GLY A 183 -24.31 -44.44 83.62
CA GLY A 183 -24.92 -43.65 84.67
C GLY A 183 -24.06 -42.45 85.04
N LYS A 184 -23.69 -41.68 84.01
CA LYS A 184 -22.77 -40.56 84.20
C LYS A 184 -23.20 -39.34 83.36
N THR A 185 -23.00 -38.15 83.93
CA THR A 185 -23.38 -36.90 83.29
C THR A 185 -22.30 -36.46 82.30
N VAL A 186 -22.71 -36.19 81.07
CA VAL A 186 -21.79 -35.73 80.02
C VAL A 186 -22.22 -34.35 79.53
N LEU A 187 -21.45 -33.33 79.89
CA LEU A 187 -21.76 -31.95 79.53
C LEU A 187 -20.84 -31.50 78.40
N ILE A 188 -21.44 -31.09 77.28
CA ILE A 188 -20.67 -30.76 76.07
C ILE A 188 -21.01 -29.37 75.53
N VAL A 189 -19.99 -28.52 75.43
CA VAL A 189 -20.14 -27.22 74.76
C VAL A 189 -20.10 -27.45 73.25
N HIS A 190 -21.24 -27.30 72.59
CA HIS A 190 -21.34 -27.53 71.16
C HIS A 190 -20.86 -26.30 70.39
N HIS A 191 -20.33 -26.53 69.19
CA HIS A 191 -19.68 -25.47 68.39
C HIS A 191 -20.66 -24.71 67.49
N ASP A 192 -21.82 -25.30 67.21
CA ASP A 192 -22.83 -24.67 66.36
C ASP A 192 -24.24 -25.11 66.81
N LEU A 193 -25.18 -25.24 65.87
CA LEU A 193 -26.52 -25.73 66.17
C LEU A 193 -26.86 -26.92 65.26
N SER A 194 -25.96 -27.90 65.22
CA SER A 194 -26.10 -29.08 64.37
C SER A 194 -26.44 -30.32 65.20
N LYS A 195 -27.43 -31.08 64.74
CA LYS A 195 -27.81 -32.35 65.36
C LYS A 195 -28.08 -32.21 66.86
N ILE A 196 -28.80 -31.17 67.24
CA ILE A 196 -29.10 -30.89 68.64
C ILE A 196 -30.05 -31.92 69.25
N PRO A 197 -31.19 -32.21 68.57
CA PRO A 197 -32.09 -33.22 69.13
C PRO A 197 -31.57 -34.65 69.01
N HIS A 198 -30.64 -34.89 68.07
CA HIS A 198 -30.02 -36.19 67.90
C HIS A 198 -29.03 -36.48 69.03
N TYR A 199 -28.13 -35.53 69.29
CA TYR A 199 -27.10 -35.72 70.32
C TYR A 199 -27.62 -35.53 71.74
N PHE A 200 -28.28 -34.40 71.99
CA PHE A 200 -28.56 -33.96 73.35
C PHE A 200 -30.00 -34.20 73.79
N ASP A 201 -30.16 -34.68 75.02
CA ASP A 201 -31.47 -34.83 75.66
C ASP A 201 -31.83 -33.61 76.52
N GLN A 202 -30.80 -32.84 76.90
CA GLN A 202 -30.99 -31.56 77.60
C GLN A 202 -30.19 -30.47 76.88
N VAL A 203 -30.67 -29.23 76.98
CA VAL A 203 -30.02 -28.10 76.31
C VAL A 203 -29.85 -26.93 77.28
N LEU A 204 -28.67 -26.31 77.25
CA LEU A 204 -28.37 -25.14 78.07
C LEU A 204 -27.93 -23.98 77.17
N LEU A 205 -28.88 -23.14 76.80
CA LEU A 205 -28.64 -22.02 75.89
C LEU A 205 -28.06 -20.82 76.65
N VAL A 206 -26.80 -20.48 76.36
CA VAL A 206 -26.08 -19.45 77.11
C VAL A 206 -25.64 -18.28 76.24
N ASN A 207 -25.95 -17.07 76.72
CA ASN A 207 -25.39 -15.83 76.18
C ASN A 207 -25.24 -14.86 77.35
N ARG A 208 -24.07 -14.90 77.99
CA ARG A 208 -23.81 -14.19 79.25
C ARG A 208 -24.69 -14.70 80.39
N GLU A 209 -26.00 -14.47 80.28
CA GLU A 209 -26.97 -15.05 81.20
C GLU A 209 -27.37 -16.43 80.68
N VAL A 210 -28.16 -17.16 81.47
CA VAL A 210 -28.77 -18.41 81.03
C VAL A 210 -30.14 -18.07 80.42
N ILE A 211 -30.24 -18.20 79.11
CA ILE A 211 -31.46 -17.82 78.39
C ILE A 211 -32.56 -18.86 78.58
N ALA A 212 -32.18 -20.13 78.44
CA ALA A 212 -33.11 -21.24 78.64
C ALA A 212 -32.37 -22.50 79.11
N PHE A 213 -33.08 -23.37 79.80
CA PHE A 213 -32.51 -24.62 80.30
C PHE A 213 -33.61 -25.65 80.59
N GLY A 214 -33.43 -26.86 80.07
CA GLY A 214 -34.43 -27.93 80.22
C GLY A 214 -34.27 -29.01 79.17
N PRO A 215 -35.32 -29.82 78.95
CA PRO A 215 -35.25 -30.85 77.90
C PRO A 215 -35.20 -30.25 76.49
N THR A 216 -34.56 -30.96 75.57
CA THR A 216 -34.27 -30.44 74.23
C THR A 216 -35.51 -29.96 73.48
N LYS A 217 -36.50 -30.83 73.34
CA LYS A 217 -37.72 -30.50 72.59
C LYS A 217 -38.39 -29.23 73.12
N GLU A 218 -38.44 -29.10 74.44
CA GLU A 218 -39.10 -27.96 75.10
C GLU A 218 -38.33 -26.65 74.94
N THR A 219 -37.00 -26.71 75.05
CA THR A 219 -36.16 -25.51 75.09
C THR A 219 -35.52 -25.13 73.75
N PHE A 220 -35.20 -26.12 72.91
CA PHE A 220 -34.60 -25.86 71.60
C PHE A 220 -35.67 -25.38 70.62
N THR A 221 -36.09 -24.12 70.79
CA THR A 221 -37.14 -23.51 69.99
C THR A 221 -36.64 -22.20 69.41
N GLU A 222 -37.29 -21.73 68.35
CA GLU A 222 -36.86 -20.51 67.66
C GLU A 222 -36.98 -19.26 68.56
N THR A 223 -37.95 -19.26 69.47
CA THR A 223 -38.13 -18.16 70.42
C THR A 223 -36.93 -18.00 71.33
N ASN A 224 -36.47 -19.11 71.91
CA ASN A 224 -35.31 -19.10 72.81
C ASN A 224 -34.02 -18.80 72.05
N LEU A 225 -33.84 -19.47 70.91
CA LEU A 225 -32.63 -19.28 70.09
C LEU A 225 -32.47 -17.83 69.61
N LYS A 226 -33.56 -17.26 69.09
CA LYS A 226 -33.49 -15.90 68.55
C LYS A 226 -33.31 -14.84 69.65
N GLU A 227 -33.72 -15.16 70.88
CA GLU A 227 -33.43 -14.30 72.03
C GLU A 227 -31.94 -14.34 72.37
N ALA A 228 -31.32 -15.51 72.27
CA ALA A 228 -29.90 -15.69 72.55
C ALA A 228 -29.03 -15.04 71.47
N TYR A 229 -29.19 -15.50 70.24
CA TYR A 229 -28.38 -15.00 69.12
C TYR A 229 -28.75 -13.57 68.72
N GLY A 230 -29.98 -13.15 69.00
CA GLY A 230 -30.41 -11.77 68.80
C GLY A 230 -30.05 -10.85 69.95
N ASN A 231 -29.66 -11.44 71.09
CA ASN A 231 -29.21 -10.70 72.26
C ASN A 231 -30.34 -9.85 72.85
N GLN A 232 -31.51 -10.47 73.01
CA GLN A 232 -32.71 -9.83 73.57
C GLN A 232 -33.25 -8.71 72.68
N LEU A 233 -32.90 -8.71 71.40
CA LEU A 233 -33.24 -7.63 70.47
C LEU A 233 -33.43 -8.15 69.04
N PHE A 234 -34.08 -9.30 68.90
CA PHE A 234 -34.29 -9.91 67.59
C PHE A 234 -35.51 -9.32 66.89
N PHE A 235 -35.33 -8.93 65.64
CA PHE A 235 -36.39 -8.36 64.81
C PHE A 235 -36.82 -9.38 63.77
N ASN A 236 -38.12 -9.46 63.50
CA ASN A 236 -38.66 -10.36 62.48
C ASN A 236 -38.82 -9.64 61.16
N MET B 1 47.20 -32.59 66.29
CA MET B 1 46.28 -31.65 67.00
C MET B 1 45.26 -32.41 67.86
N ILE B 2 44.73 -33.51 67.32
CA ILE B 2 43.84 -34.39 68.07
C ILE B 2 44.65 -35.26 69.04
N ALA B 3 45.81 -35.73 68.58
CA ALA B 3 46.67 -36.61 69.37
C ALA B 3 47.16 -35.97 70.67
N GLU B 4 47.64 -34.73 70.58
CA GLU B 4 48.18 -34.03 71.75
C GLU B 4 47.08 -33.53 72.71
N PHE B 5 45.84 -33.44 72.24
CA PHE B 5 44.71 -33.10 73.10
C PHE B 5 44.39 -34.27 74.03
N ILE B 6 44.40 -35.48 73.49
CA ILE B 6 44.22 -36.70 74.28
C ILE B 6 45.39 -36.85 75.25
N ASP B 7 46.59 -36.50 74.79
CA ASP B 7 47.80 -36.57 75.60
C ASP B 7 47.77 -35.53 76.73
N GLY B 8 47.21 -34.34 76.45
CA GLY B 8 47.07 -33.29 77.45
C GLY B 8 46.12 -33.66 78.58
N LEU B 9 45.04 -34.36 78.25
CA LEU B 9 44.08 -34.83 79.25
C LEU B 9 44.68 -35.89 80.19
N GLN B 10 45.68 -36.61 79.71
CA GLN B 10 46.40 -37.58 80.54
C GLN B 10 47.38 -36.89 81.49
N LYS B 11 48.13 -35.91 80.98
CA LYS B 11 49.11 -35.17 81.78
C LYS B 11 48.46 -34.17 82.73
N PHE B 12 47.79 -33.17 82.16
CA PHE B 12 47.40 -31.97 82.89
C PHE B 12 46.12 -32.15 83.71
N HIS B 13 46.14 -31.60 84.92
CA HIS B 13 45.01 -31.68 85.84
C HIS B 13 43.95 -30.60 85.55
N PHE B 14 44.37 -29.50 84.91
CA PHE B 14 43.46 -28.40 84.60
C PHE B 14 42.57 -28.73 83.40
N LEU B 15 43.11 -29.49 82.45
CA LEU B 15 42.37 -29.88 81.26
C LEU B 15 41.36 -31.00 81.57
N GLN B 16 41.70 -31.82 82.56
CA GLN B 16 40.78 -32.85 83.05
C GLN B 16 39.55 -32.22 83.70
N ASN B 17 39.78 -31.23 84.56
CA ASN B 17 38.69 -30.52 85.22
C ASN B 17 37.87 -29.69 84.24
N ALA B 18 38.52 -29.22 83.17
CA ALA B 18 37.83 -28.50 82.10
C ALA B 18 36.90 -29.42 81.32
N LEU B 19 37.35 -30.66 81.08
CA LEU B 19 36.54 -31.64 80.35
C LEU B 19 35.32 -32.07 81.15
N ILE B 20 35.52 -32.42 82.42
CA ILE B 20 34.45 -32.92 83.27
C ILE B 20 33.40 -31.83 83.55
N THR B 21 33.86 -30.60 83.78
CA THR B 21 32.96 -29.46 84.02
C THR B 21 32.16 -29.11 82.76
N ALA B 22 32.82 -29.12 81.61
CA ALA B 22 32.17 -28.84 80.32
C ALA B 22 31.10 -29.89 79.99
N ILE B 23 31.42 -31.15 80.26
CA ILE B 23 30.48 -32.27 80.07
C ILE B 23 29.23 -32.07 80.94
N VAL B 24 29.45 -31.88 82.24
CA VAL B 24 28.35 -31.80 83.21
C VAL B 24 27.43 -30.60 82.94
N VAL B 25 28.03 -29.47 82.60
CA VAL B 25 27.26 -28.27 82.23
C VAL B 25 26.41 -28.54 80.99
N GLY B 26 27.03 -29.15 79.97
CA GLY B 26 26.35 -29.46 78.72
C GLY B 26 25.16 -30.41 78.88
N ILE B 27 25.33 -31.41 79.74
CA ILE B 27 24.26 -32.38 80.02
C ILE B 27 23.08 -31.72 80.74
N VAL B 28 23.39 -31.08 81.87
CA VAL B 28 22.36 -30.53 82.75
C VAL B 28 21.64 -29.33 82.12
N ALA B 29 22.39 -28.44 81.48
CA ALA B 29 21.81 -27.27 80.82
C ALA B 29 20.87 -27.67 79.68
N GLY B 30 21.25 -28.69 78.92
CA GLY B 30 20.41 -29.22 77.86
C GLY B 30 19.17 -29.94 78.37
N ALA B 31 19.28 -30.58 79.53
CA ALA B 31 18.15 -31.27 80.15
C ALA B 31 17.09 -30.27 80.60
N VAL B 32 17.51 -29.25 81.32
CA VAL B 32 16.62 -28.19 81.79
C VAL B 32 16.08 -27.39 80.59
N GLY B 33 16.97 -27.14 79.63
CA GLY B 33 16.64 -26.38 78.42
C GLY B 33 15.46 -26.90 77.63
N CYS B 34 15.24 -28.21 77.66
CA CYS B 34 14.06 -28.82 77.03
C CYS B 34 12.76 -28.23 77.56
N PHE B 35 12.67 -28.10 78.88
CA PHE B 35 11.48 -27.54 79.52
C PHE B 35 11.35 -26.04 79.28
N ILE B 36 12.48 -25.35 79.13
CA ILE B 36 12.50 -23.90 78.89
C ILE B 36 11.83 -23.56 77.56
N ILE B 37 12.24 -24.22 76.47
CA ILE B 37 11.71 -23.92 75.14
C ILE B 37 10.32 -24.51 74.88
N LEU B 38 10.00 -25.62 75.52
CA LEU B 38 8.67 -26.24 75.39
C LEU B 38 7.60 -25.42 76.11
N ARG B 39 7.95 -24.83 77.24
CA ARG B 39 7.02 -24.00 78.02
C ARG B 39 7.01 -22.54 77.57
N GLY B 40 7.87 -22.18 76.62
CA GLY B 40 7.94 -20.83 76.08
C GLY B 40 8.59 -19.86 77.04
N MET B 41 9.76 -20.24 77.54
CA MET B 41 10.49 -19.46 78.54
C MET B 41 11.91 -19.09 78.07
N SER B 42 12.12 -19.09 76.75
CA SER B 42 13.44 -18.80 76.17
C SER B 42 13.95 -17.41 76.58
N LEU B 43 13.04 -16.44 76.60
CA LEU B 43 13.36 -15.09 77.07
C LEU B 43 13.73 -15.10 78.55
N MET B 44 12.95 -15.81 79.36
CA MET B 44 13.17 -15.86 80.81
C MET B 44 14.50 -16.54 81.15
N GLY B 45 14.92 -17.49 80.32
CA GLY B 45 16.22 -18.13 80.47
C GLY B 45 17.37 -17.15 80.37
N ASP B 46 17.27 -16.22 79.43
CA ASP B 46 18.27 -15.17 79.25
C ASP B 46 18.20 -14.13 80.37
N ALA B 47 16.99 -13.82 80.82
CA ALA B 47 16.77 -12.81 81.86
C ALA B 47 17.33 -13.24 83.22
N ILE B 48 17.04 -14.49 83.61
CA ILE B 48 17.51 -15.03 84.89
C ILE B 48 19.04 -15.19 84.90
N SER B 49 19.62 -15.54 83.75
CA SER B 49 21.08 -15.61 83.61
C SER B 49 21.74 -14.28 83.97
N HIS B 50 21.12 -13.19 83.55
CA HIS B 50 21.60 -11.83 83.86
C HIS B 50 21.27 -11.45 85.30
N ALA B 51 20.08 -11.83 85.76
CA ALA B 51 19.62 -11.53 87.12
C ALA B 51 20.44 -12.24 88.21
N VAL B 52 21.05 -13.37 87.86
CA VAL B 52 21.88 -14.14 88.78
C VAL B 52 23.21 -13.43 89.11
N LEU B 53 23.80 -12.76 88.12
CA LEU B 53 25.11 -12.13 88.26
C LEU B 53 25.29 -11.27 89.53
N PRO B 54 24.38 -10.30 89.78
CA PRO B 54 24.52 -9.49 91.00
C PRO B 54 24.43 -10.29 92.30
N GLY B 55 23.64 -11.37 92.29
CA GLY B 55 23.55 -12.27 93.44
C GLY B 55 24.83 -13.06 93.69
N VAL B 56 25.46 -13.51 92.60
CA VAL B 56 26.74 -14.22 92.68
C VAL B 56 27.85 -13.30 93.18
N ALA B 57 27.84 -12.05 92.69
CA ALA B 57 28.83 -11.05 93.09
C ALA B 57 28.66 -10.61 94.54
N LEU B 58 27.41 -10.37 94.94
CA LEU B 58 27.10 -9.95 96.31
C LEU B 58 27.33 -11.08 97.31
N SER B 59 27.13 -12.33 96.88
CA SER B 59 27.38 -13.50 97.72
C SER B 59 28.87 -13.71 97.99
N PHE B 60 29.72 -13.30 97.04
CA PHE B 60 31.17 -13.42 97.18
C PHE B 60 31.71 -12.50 98.29
N ILE B 61 31.34 -11.22 98.22
CA ILE B 61 31.85 -10.23 99.18
C ILE B 61 31.33 -10.44 100.61
N LEU B 62 30.08 -10.88 100.73
CA LEU B 62 29.50 -11.19 102.04
C LEU B 62 30.05 -12.49 102.65
N GLY B 63 30.64 -13.35 101.83
CA GLY B 63 31.20 -14.61 102.29
C GLY B 63 30.14 -15.68 102.47
N LEU B 64 29.19 -15.72 101.53
CA LEU B 64 28.11 -16.69 101.55
C LEU B 64 28.23 -17.64 100.37
N ASP B 65 27.39 -18.67 100.35
CA ASP B 65 27.39 -19.66 99.27
C ASP B 65 26.87 -19.03 97.97
N PHE B 66 27.52 -19.37 96.86
CA PHE B 66 27.22 -18.77 95.56
C PHE B 66 25.78 -19.05 95.09
N PHE B 67 25.27 -20.24 95.42
CA PHE B 67 23.95 -20.68 94.97
C PHE B 67 22.81 -19.97 95.70
N ILE B 68 23.07 -19.50 96.92
CA ILE B 68 22.04 -18.82 97.72
C ILE B 68 21.76 -17.43 97.15
N GLY B 69 22.81 -16.69 96.83
CA GLY B 69 22.67 -15.35 96.24
C GLY B 69 21.99 -15.35 94.89
N ALA B 70 22.26 -16.38 94.09
CA ALA B 70 21.66 -16.53 92.76
C ALA B 70 20.13 -16.67 92.83
N ILE B 71 19.64 -17.41 93.81
CA ILE B 71 18.20 -17.64 93.99
C ILE B 71 17.49 -16.36 94.45
N VAL B 72 18.10 -15.65 95.40
CA VAL B 72 17.49 -14.42 95.95
C VAL B 72 17.34 -13.37 94.86
N PHE B 73 18.43 -13.06 94.16
CA PHE B 73 18.39 -12.09 93.06
C PHE B 73 17.68 -12.64 91.82
N GLY B 74 17.68 -13.96 91.67
CA GLY B 74 16.92 -14.61 90.60
C GLY B 74 15.42 -14.49 90.80
N LEU B 75 14.98 -14.62 92.06
CA LEU B 75 13.57 -14.47 92.41
C LEU B 75 13.15 -12.99 92.49
N LEU B 76 14.06 -12.14 92.97
CA LEU B 76 13.81 -10.68 92.98
C LEU B 76 13.45 -10.15 91.60
N ALA B 77 14.13 -10.66 90.57
CA ALA B 77 13.83 -10.29 89.19
C ALA B 77 12.44 -10.74 88.78
N ALA B 78 12.15 -12.03 89.00
CA ALA B 78 10.84 -12.61 88.67
C ALA B 78 9.69 -11.91 89.41
N ILE B 79 9.96 -11.45 90.63
CA ILE B 79 9.00 -10.65 91.38
C ILE B 79 8.76 -9.31 90.69
N ILE B 80 9.84 -8.63 90.32
CA ILE B 80 9.77 -7.33 89.66
C ILE B 80 9.08 -7.44 88.28
N ILE B 81 9.44 -8.46 87.51
CA ILE B 81 8.85 -8.69 86.19
C ILE B 81 7.33 -8.76 86.28
N THR B 82 6.82 -9.53 87.23
CA THR B 82 5.38 -9.66 87.46
C THR B 82 4.78 -8.40 88.11
N TYR B 83 5.54 -7.76 88.99
CA TYR B 83 5.07 -6.55 89.68
C TYR B 83 4.98 -5.34 88.75
N ILE B 84 5.90 -5.23 87.80
CA ILE B 84 5.85 -4.15 86.79
C ILE B 84 4.59 -4.31 85.93
N LYS B 85 4.33 -5.53 85.49
CA LYS B 85 3.15 -5.82 84.67
C LYS B 85 1.84 -5.55 85.40
N GLY B 86 1.81 -5.87 86.70
CA GLY B 86 0.59 -5.77 87.50
C GLY B 86 0.24 -4.39 88.02
N ASN B 87 1.18 -3.45 87.97
CA ASN B 87 0.96 -2.10 88.51
C ASN B 87 1.34 -0.98 87.53
N SER B 88 1.34 -1.29 86.23
CA SER B 88 1.62 -0.29 85.20
C SER B 88 1.16 -0.76 83.82
N ILE B 89 1.25 0.14 82.85
CA ILE B 89 0.95 -0.18 81.44
C ILE B 89 2.19 -0.68 80.68
N ILE B 90 3.29 -0.91 81.39
CA ILE B 90 4.51 -1.44 80.78
C ILE B 90 4.29 -2.91 80.43
N LYS B 91 4.65 -3.29 79.21
CA LYS B 91 4.43 -4.64 78.71
C LYS B 91 5.38 -5.65 79.36
N SER B 92 5.14 -6.93 79.10
CA SER B 92 5.91 -8.01 79.72
C SER B 92 7.36 -8.04 79.24
N ASP B 93 7.57 -8.03 77.92
CA ASP B 93 8.90 -8.07 77.33
C ASP B 93 9.77 -6.86 77.72
N THR B 94 9.12 -5.70 77.84
CA THR B 94 9.81 -4.47 78.25
C THR B 94 10.23 -4.56 79.73
N ALA B 95 9.36 -5.14 80.56
CA ALA B 95 9.66 -5.34 81.98
C ALA B 95 10.81 -6.33 82.17
N ILE B 96 10.88 -7.34 81.31
CA ILE B 96 11.96 -8.33 81.34
C ILE B 96 13.28 -7.73 80.82
N GLY B 97 13.18 -6.85 79.83
CA GLY B 97 14.36 -6.18 79.28
C GLY B 97 14.99 -5.18 80.24
N ILE B 98 14.15 -4.41 80.92
CA ILE B 98 14.61 -3.39 81.86
C ILE B 98 15.25 -4.00 83.10
N THR B 99 14.59 -4.99 83.68
CA THR B 99 15.06 -5.63 84.92
C THR B 99 16.30 -6.52 84.70
N SER B 100 16.43 -7.10 83.51
CA SER B 100 17.58 -7.95 83.20
C SER B 100 18.86 -7.13 83.00
N SER B 101 18.75 -6.06 82.23
CA SER B 101 19.89 -5.18 81.96
C SER B 101 20.30 -4.37 83.19
N SER B 102 19.33 -3.99 84.01
CA SER B 102 19.60 -3.28 85.26
C SER B 102 20.35 -4.16 86.27
N PHE B 103 19.93 -5.42 86.38
CA PHE B 103 20.61 -6.38 87.24
C PHE B 103 22.00 -6.74 86.70
N LEU B 104 22.11 -6.84 85.37
CA LEU B 104 23.40 -7.07 84.72
C LEU B 104 24.38 -5.93 85.03
N ALA B 105 23.91 -4.70 84.89
CA ALA B 105 24.73 -3.52 85.15
C ALA B 105 25.14 -3.44 86.63
N LEU B 106 24.20 -3.78 87.51
CA LEU B 106 24.48 -3.83 88.95
C LEU B 106 25.57 -4.86 89.26
N GLY B 107 25.50 -6.01 88.61
CA GLY B 107 26.48 -7.08 88.78
C GLY B 107 27.90 -6.68 88.41
N ILE B 108 28.03 -5.91 87.32
CA ILE B 108 29.34 -5.43 86.85
C ILE B 108 29.95 -4.45 87.87
N ILE B 109 29.11 -3.62 88.48
CA ILE B 109 29.56 -2.65 89.48
C ILE B 109 30.05 -3.37 90.75
N LEU B 110 29.26 -4.34 91.21
CA LEU B 110 29.60 -5.09 92.44
C LEU B 110 30.86 -5.94 92.27
N ILE B 111 31.10 -6.45 91.07
CA ILE B 111 32.31 -7.21 90.76
C ILE B 111 33.53 -6.29 90.66
N GLY B 112 33.34 -5.11 90.07
CA GLY B 112 34.42 -4.15 89.87
C GLY B 112 35.02 -3.61 91.16
N VAL B 113 34.15 -3.30 92.13
CA VAL B 113 34.60 -2.76 93.42
C VAL B 113 35.38 -3.78 94.25
N ALA B 114 35.00 -5.05 94.16
CA ALA B 114 35.63 -6.12 94.94
C ALA B 114 36.79 -6.78 94.18
N LYS B 115 36.47 -7.37 93.02
CA LYS B 115 37.43 -8.16 92.26
C LYS B 115 38.02 -7.42 91.07
N SER B 116 39.02 -8.03 90.44
CA SER B 116 39.79 -7.41 89.36
C SER B 116 39.06 -7.39 88.01
N SER B 117 39.70 -6.83 87.01
CA SER B 117 39.16 -6.78 85.65
C SER B 117 39.12 -8.15 84.98
N THR B 118 40.12 -8.98 85.26
CA THR B 118 40.20 -10.33 84.71
C THR B 118 39.09 -11.23 85.25
N ASP B 119 38.72 -11.02 86.51
CA ASP B 119 37.63 -11.79 87.14
C ASP B 119 36.28 -11.48 86.51
N LEU B 120 36.04 -10.21 86.20
CA LEU B 120 34.79 -9.79 85.52
C LEU B 120 34.70 -10.42 84.14
N PHE B 121 35.80 -10.36 83.39
CA PHE B 121 35.87 -10.96 82.05
C PHE B 121 35.60 -12.47 82.09
N HIS B 122 36.12 -13.14 83.11
CA HIS B 122 35.92 -14.58 83.26
C HIS B 122 34.49 -14.94 83.69
N ILE B 123 33.92 -14.17 84.60
CA ILE B 123 32.54 -14.37 85.04
C ILE B 123 31.57 -14.21 83.87
N LEU B 124 31.85 -13.24 83.01
CA LEU B 124 30.99 -12.97 81.85
C LEU B 124 31.18 -13.96 80.69
N PHE B 125 32.40 -14.46 80.50
CA PHE B 125 32.71 -15.26 79.30
C PHE B 125 33.20 -16.70 79.50
N GLY B 126 33.73 -17.05 80.66
CA GLY B 126 34.07 -18.45 80.93
C GLY B 126 35.14 -18.74 81.98
N ASN B 127 36.35 -19.07 81.51
CA ASN B 127 37.44 -19.58 82.35
C ASN B 127 37.22 -21.06 82.70
N ILE B 128 37.06 -21.88 81.66
CA ILE B 128 36.88 -23.32 81.81
C ILE B 128 38.20 -24.03 82.13
N LEU B 129 39.32 -23.40 81.76
CA LEU B 129 40.64 -23.99 81.95
C LEU B 129 41.20 -23.82 83.37
N ALA B 130 40.54 -22.99 84.19
CA ALA B 130 41.00 -22.74 85.55
C ALA B 130 39.89 -22.96 86.58
N VAL B 131 39.30 -24.15 86.55
CA VAL B 131 38.31 -24.55 87.56
C VAL B 131 38.97 -25.46 88.59
N GLN B 132 38.76 -25.16 89.87
CA GLN B 132 39.37 -25.92 90.95
C GLN B 132 38.58 -27.21 91.20
N ASP B 133 39.17 -28.12 91.97
CA ASP B 133 38.55 -29.42 92.28
C ASP B 133 37.25 -29.24 93.05
N THR B 134 37.27 -28.37 94.05
CA THR B 134 36.07 -28.07 94.85
C THR B 134 34.92 -27.57 93.97
N ASP B 135 35.24 -26.73 92.98
CA ASP B 135 34.24 -26.23 92.04
C ASP B 135 33.73 -27.33 91.11
N MET B 136 34.61 -28.26 90.75
CA MET B 136 34.25 -29.39 89.90
C MET B 136 33.30 -30.35 90.61
N PHE B 137 33.64 -30.71 91.85
CA PHE B 137 32.83 -31.66 92.63
C PHE B 137 31.46 -31.09 93.01
N ILE B 138 31.41 -29.78 93.30
CA ILE B 138 30.14 -29.10 93.59
C ILE B 138 29.27 -29.02 92.34
N THR B 139 29.91 -28.81 91.18
CA THR B 139 29.21 -28.80 89.90
C THR B 139 28.57 -30.15 89.60
N MET B 140 29.30 -31.23 89.90
CA MET B 140 28.77 -32.59 89.75
C MET B 140 27.64 -32.85 90.75
N GLY B 141 27.82 -32.39 91.98
CA GLY B 141 26.82 -32.56 93.04
C GLY B 141 25.51 -31.87 92.73
N VAL B 142 25.59 -30.57 92.45
CA VAL B 142 24.41 -29.77 92.12
C VAL B 142 23.82 -30.16 90.76
N GLY B 143 24.67 -30.58 89.83
CA GLY B 143 24.22 -31.03 88.51
C GLY B 143 23.44 -32.34 88.58
N ALA B 144 23.93 -33.26 89.39
CA ALA B 144 23.24 -34.54 89.62
C ALA B 144 21.94 -34.33 90.40
N ALA B 145 21.94 -33.36 91.31
CA ALA B 145 20.75 -33.00 92.07
C ALA B 145 19.63 -32.47 91.14
N ILE B 146 20.03 -31.68 90.14
CA ILE B 146 19.10 -31.15 89.14
C ILE B 146 18.50 -32.29 88.31
N LEU B 147 19.32 -33.24 87.89
CA LEU B 147 18.86 -34.35 87.06
C LEU B 147 17.88 -35.27 87.80
N LEU B 148 18.22 -35.65 89.03
CA LEU B 148 17.36 -36.54 89.81
C LEU B 148 16.07 -35.86 90.28
N LEU B 149 16.10 -34.53 90.42
CA LEU B 149 14.88 -33.76 90.70
C LEU B 149 13.91 -33.82 89.52
N ILE B 150 14.46 -33.71 88.30
CA ILE B 150 13.67 -33.84 87.08
C ILE B 150 13.14 -35.27 86.93
N TRP B 151 13.98 -36.24 87.30
CA TRP B 151 13.58 -37.66 87.28
C TRP B 151 12.40 -37.95 88.21
N ILE B 152 12.42 -37.36 89.40
CA ILE B 152 11.35 -37.53 90.38
C ILE B 152 10.04 -36.88 89.91
N PHE B 153 10.14 -35.66 89.39
CA PHE B 153 8.95 -34.91 88.93
C PHE B 153 8.79 -34.93 87.41
N PHE B 154 9.18 -36.02 86.76
CA PHE B 154 9.11 -36.13 85.30
C PHE B 154 7.67 -36.14 84.80
N LYS B 155 6.82 -36.93 85.47
CA LYS B 155 5.41 -37.02 85.11
C LYS B 155 4.65 -35.71 85.36
N GLN B 156 5.04 -35.00 86.41
CA GLN B 156 4.39 -33.74 86.77
C GLN B 156 4.83 -32.61 85.84
N LEU B 157 6.12 -32.62 85.46
CA LEU B 157 6.65 -31.64 84.51
C LEU B 157 6.16 -31.90 83.08
N LEU B 158 5.80 -33.15 82.78
CA LEU B 158 5.31 -33.52 81.46
C LEU B 158 3.94 -32.90 81.17
N ILE B 159 2.98 -33.13 82.06
CA ILE B 159 1.61 -32.61 81.87
C ILE B 159 1.59 -31.08 81.89
N THR B 160 2.28 -30.49 82.86
CA THR B 160 2.28 -29.03 83.02
C THR B 160 2.89 -28.30 81.82
N SER B 161 3.89 -28.91 81.20
CA SER B 161 4.52 -28.34 80.00
C SER B 161 3.68 -28.56 78.74
N PHE B 162 3.06 -29.73 78.63
CA PHE B 162 2.26 -30.09 77.45
C PHE B 162 0.85 -29.51 77.50
N ASP B 163 0.17 -29.73 78.62
CA ASP B 163 -1.22 -29.33 78.78
C ASP B 163 -1.46 -28.82 80.21
N GLU B 164 -1.21 -27.52 80.40
CA GLU B 164 -1.38 -26.89 81.71
C GLU B 164 -2.85 -26.76 82.10
N LEU B 165 -3.73 -26.67 81.10
CA LEU B 165 -5.16 -26.55 81.34
C LEU B 165 -5.77 -27.84 81.88
N LEU B 166 -5.19 -28.98 81.49
CA LEU B 166 -5.58 -30.28 82.04
C LEU B 166 -5.07 -30.44 83.48
N ALA B 167 -3.87 -29.92 83.74
CA ALA B 167 -3.28 -29.97 85.09
C ALA B 167 -4.11 -29.19 86.09
N LYS B 168 -4.62 -28.03 85.69
CA LYS B 168 -5.49 -27.21 86.54
C LYS B 168 -6.83 -27.88 86.82
N ALA B 169 -7.34 -28.62 85.83
CA ALA B 169 -8.59 -29.37 85.98
C ALA B 169 -8.46 -30.55 86.93
N MET B 170 -7.24 -31.09 87.06
CA MET B 170 -6.94 -32.19 87.99
C MET B 170 -6.56 -31.69 89.39
N GLY B 171 -6.41 -30.38 89.54
CA GLY B 171 -6.09 -29.78 90.84
C GLY B 171 -4.61 -29.77 91.17
N MET B 172 -3.76 -29.84 90.15
CA MET B 172 -2.31 -29.82 90.35
C MET B 172 -1.85 -28.39 90.61
N PRO B 173 -0.87 -28.21 91.52
CA PRO B 173 -0.29 -26.89 91.74
C PRO B 173 0.68 -26.51 90.63
N VAL B 174 0.16 -25.88 89.58
CA VAL B 174 0.97 -25.50 88.41
C VAL B 174 2.03 -24.45 88.73
N ASN B 175 1.75 -23.61 89.73
CA ASN B 175 2.71 -22.58 90.17
C ASN B 175 3.94 -23.19 90.84
N PHE B 176 3.74 -24.30 91.56
CA PHE B 176 4.83 -25.00 92.24
C PHE B 176 5.91 -25.50 91.26
N TYR B 177 5.48 -26.10 90.16
CA TYR B 177 6.39 -26.66 89.17
C TYR B 177 7.00 -25.59 88.26
N HIS B 178 6.35 -24.42 88.18
CA HIS B 178 6.92 -23.28 87.47
C HIS B 178 8.12 -22.73 88.23
N TYR B 179 7.95 -22.53 89.54
CA TYR B 179 9.03 -22.06 90.40
C TYR B 179 10.13 -23.11 90.56
N LEU B 180 9.78 -24.39 90.47
CA LEU B 180 10.75 -25.47 90.52
C LEU B 180 11.76 -25.36 89.37
N LEU B 181 11.26 -25.14 88.16
CA LEU B 181 12.10 -25.00 86.98
C LEU B 181 12.99 -23.75 87.04
N MET B 182 12.47 -22.69 87.64
CA MET B 182 13.22 -21.45 87.80
C MET B 182 14.28 -21.56 88.90
N VAL B 183 14.00 -22.37 89.93
CA VAL B 183 15.00 -22.71 90.94
C VAL B 183 16.11 -23.55 90.31
N LEU B 184 15.73 -24.50 89.46
CA LEU B 184 16.70 -25.32 88.73
C LEU B 184 17.49 -24.47 87.72
N LEU B 185 16.82 -23.52 87.09
CA LEU B 185 17.45 -22.63 86.10
C LEU B 185 18.59 -21.79 86.69
N THR B 186 18.40 -21.31 87.92
CA THR B 186 19.42 -20.51 88.60
C THR B 186 20.66 -21.35 88.96
N LEU B 187 20.43 -22.62 89.31
CA LEU B 187 21.51 -23.55 89.63
C LEU B 187 22.31 -23.90 88.38
N VAL B 188 21.63 -23.97 87.23
CA VAL B 188 22.28 -24.19 85.94
C VAL B 188 23.08 -22.96 85.52
N SER B 189 22.52 -21.77 85.74
CA SER B 189 23.15 -20.52 85.33
C SER B 189 24.51 -20.31 85.98
N VAL B 190 24.57 -20.43 87.31
CA VAL B 190 25.84 -20.28 88.05
C VAL B 190 26.84 -21.38 87.69
N THR B 191 26.33 -22.57 87.39
CA THR B 191 27.17 -23.68 86.92
C THR B 191 27.74 -23.38 85.53
N ALA B 192 26.91 -22.82 84.66
CA ALA B 192 27.31 -22.52 83.28
C ALA B 192 28.28 -21.35 83.14
N MET B 193 28.44 -20.55 84.20
CA MET B 193 29.39 -19.44 84.20
C MET B 193 30.83 -19.90 83.95
N GLN B 194 31.15 -21.11 84.38
CA GLN B 194 32.50 -21.67 84.23
C GLN B 194 32.89 -21.90 82.77
N SER B 195 31.96 -22.44 81.98
CA SER B 195 32.23 -22.78 80.58
C SER B 195 31.94 -21.62 79.63
N VAL B 196 30.65 -21.27 79.52
CA VAL B 196 30.20 -20.26 78.54
C VAL B 196 30.13 -18.84 79.10
N GLY B 197 29.99 -18.71 80.42
CA GLY B 197 29.92 -17.40 81.06
C GLY B 197 28.54 -16.79 81.03
N THR B 198 28.31 -15.80 81.90
CA THR B 198 27.01 -15.15 82.07
C THR B 198 26.33 -14.73 80.75
N ILE B 199 27.13 -14.24 79.82
CA ILE B 199 26.59 -13.67 78.57
C ILE B 199 26.04 -14.73 77.62
N LEU B 200 26.60 -15.94 77.66
CA LEU B 200 26.22 -17.01 76.73
C LEU B 200 25.54 -18.23 77.39
N ILE B 201 24.97 -18.04 78.59
CA ILE B 201 24.26 -19.13 79.27
C ILE B 201 23.04 -19.56 78.48
N VAL B 202 22.25 -18.58 78.01
CA VAL B 202 21.04 -18.84 77.24
C VAL B 202 21.26 -19.83 76.09
N ALA B 203 22.43 -19.76 75.45
CA ALA B 203 22.77 -20.63 74.32
C ALA B 203 22.79 -22.10 74.71
N MET B 204 23.36 -22.40 75.87
CA MET B 204 23.47 -23.78 76.36
C MET B 204 22.13 -24.39 76.76
N LEU B 205 21.15 -23.54 77.06
CA LEU B 205 19.81 -24.00 77.38
C LEU B 205 19.02 -24.31 76.10
N ILE B 206 18.88 -23.31 75.23
CA ILE B 206 17.94 -23.39 74.11
C ILE B 206 18.49 -24.06 72.86
N THR B 207 19.78 -23.89 72.56
CA THR B 207 20.33 -24.38 71.29
C THR B 207 20.39 -25.90 71.19
N PRO B 208 20.89 -26.60 72.24
CA PRO B 208 20.84 -28.06 72.21
C PRO B 208 19.42 -28.63 72.25
N ALA B 209 18.55 -28.00 73.04
CA ALA B 209 17.15 -28.42 73.14
C ALA B 209 16.41 -28.22 71.81
N ALA B 210 16.63 -27.07 71.18
CA ALA B 210 16.04 -26.77 69.88
C ALA B 210 16.46 -27.78 68.81
N THR B 211 17.72 -28.23 68.88
CA THR B 211 18.24 -29.26 67.99
C THR B 211 17.56 -30.60 68.25
N ALA B 212 17.42 -30.95 69.53
CA ALA B 212 16.76 -32.19 69.95
C ALA B 212 15.26 -32.16 69.66
N TYR B 213 14.68 -30.97 69.62
CA TYR B 213 13.26 -30.79 69.33
C TYR B 213 12.92 -31.18 67.88
N LEU B 214 13.90 -31.04 66.98
CA LEU B 214 13.73 -31.42 65.58
C LEU B 214 13.76 -32.94 65.35
N TYR B 215 14.33 -33.69 66.28
CA TYR B 215 14.45 -35.15 66.17
C TYR B 215 13.47 -35.93 67.06
N ALA B 216 13.35 -35.50 68.31
CA ALA B 216 12.74 -36.32 69.36
C ALA B 216 11.26 -36.64 69.17
N ASN B 217 10.88 -37.86 69.57
CA ASN B 217 9.50 -38.33 69.54
C ASN B 217 8.92 -38.48 70.95
N SER B 218 9.65 -38.02 71.95
CA SER B 218 9.18 -38.04 73.34
C SER B 218 10.04 -37.13 74.20
N LEU B 219 9.50 -36.72 75.35
CA LEU B 219 10.20 -35.83 76.28
C LEU B 219 11.49 -36.48 76.79
N LYS B 220 11.42 -37.78 77.10
CA LYS B 220 12.60 -38.53 77.52
C LYS B 220 13.64 -38.60 76.41
N SER B 221 13.19 -38.85 75.19
CA SER B 221 14.07 -38.87 74.02
C SER B 221 14.68 -37.49 73.75
N MET B 222 13.90 -36.43 73.98
CA MET B 222 14.36 -35.06 73.75
C MET B 222 15.43 -34.65 74.76
N ILE B 223 15.25 -35.00 76.03
CA ILE B 223 16.23 -34.70 77.07
C ILE B 223 17.55 -35.41 76.78
N PHE B 224 17.47 -36.69 76.42
CA PHE B 224 18.66 -37.48 76.09
C PHE B 224 19.43 -36.88 74.90
N LEU B 225 18.70 -36.46 73.88
CA LEU B 225 19.33 -35.83 72.69
C LEU B 225 19.88 -34.44 73.00
N SER B 226 19.11 -33.64 73.74
CA SER B 226 19.53 -32.29 74.11
C SER B 226 20.79 -32.29 74.96
N SER B 227 20.89 -33.26 75.85
CA SER B 227 22.08 -33.43 76.70
C SER B 227 23.26 -33.95 75.89
N THR B 228 23.00 -34.83 74.92
CA THR B 228 24.04 -35.37 74.05
C THR B 228 24.61 -34.30 73.12
N PHE B 229 23.74 -33.49 72.52
CA PHE B 229 24.18 -32.37 71.69
C PHE B 229 24.94 -31.32 72.50
N GLY B 230 24.44 -31.01 73.69
CA GLY B 230 25.08 -30.06 74.58
C GLY B 230 26.44 -30.53 75.07
N ALA B 231 26.52 -31.80 75.45
CA ALA B 231 27.77 -32.40 75.94
C ALA B 231 28.81 -32.51 74.83
N THR B 232 28.38 -32.93 73.64
CA THR B 232 29.27 -33.05 72.50
C THR B 232 29.79 -31.69 72.05
N ALA B 233 28.90 -30.69 71.99
CA ALA B 233 29.27 -29.32 71.63
C ALA B 233 30.21 -28.69 72.65
N SER B 234 30.08 -29.08 73.90
CA SER B 234 30.96 -28.61 74.98
C SER B 234 32.37 -29.19 74.85
N VAL B 235 32.47 -30.45 74.43
CA VAL B 235 33.76 -31.12 74.27
C VAL B 235 34.50 -30.59 73.03
N LEU B 236 33.80 -30.51 71.90
CA LEU B 236 34.39 -29.99 70.67
C LEU B 236 34.87 -28.54 70.83
N GLY B 237 34.03 -27.70 71.42
CA GLY B 237 34.39 -26.31 71.68
C GLY B 237 35.60 -26.14 72.57
N LEU B 238 35.77 -27.02 73.54
CA LEU B 238 36.96 -27.05 74.39
C LEU B 238 38.19 -27.41 73.56
N PHE B 239 38.04 -28.44 72.72
CA PHE B 239 39.08 -28.86 71.79
C PHE B 239 39.43 -27.75 70.78
N ILE B 240 38.43 -27.00 70.33
CA ILE B 240 38.63 -25.88 69.41
C ILE B 240 39.40 -24.74 70.09
N GLY B 241 38.91 -24.31 71.26
CA GLY B 241 39.51 -23.19 71.99
C GLY B 241 40.93 -23.43 72.46
N TYR B 242 41.16 -24.60 73.05
CA TYR B 242 42.47 -24.98 73.57
C TYR B 242 43.53 -25.12 72.48
N SER B 243 43.16 -25.74 71.36
CA SER B 243 44.09 -26.00 70.26
C SER B 243 44.39 -24.75 69.43
N PHE B 244 43.33 -24.09 68.96
CA PHE B 244 43.47 -22.91 68.09
C PHE B 244 43.65 -21.60 68.85
N ASN B 245 43.63 -21.64 70.19
CA ASN B 245 43.83 -20.46 71.03
C ASN B 245 42.74 -19.41 70.78
N VAL B 246 41.48 -19.84 70.89
CA VAL B 246 40.33 -18.96 70.74
C VAL B 246 39.39 -19.15 71.93
N ALA B 247 38.39 -18.28 72.04
CA ALA B 247 37.45 -18.32 73.16
C ALA B 247 36.73 -19.66 73.22
N ALA B 248 36.83 -20.32 74.38
CA ALA B 248 36.23 -21.65 74.57
C ALA B 248 34.71 -21.57 74.61
N GLY B 249 34.19 -20.56 75.31
CA GLY B 249 32.74 -20.36 75.43
C GLY B 249 32.04 -20.11 74.11
N SER B 250 32.67 -19.31 73.24
CA SER B 250 32.10 -19.02 71.91
C SER B 250 32.19 -20.23 70.98
N SER B 251 33.31 -20.94 71.04
CA SER B 251 33.50 -22.16 70.26
C SER B 251 32.46 -23.22 70.60
N ILE B 252 32.18 -23.37 71.89
CA ILE B 252 31.17 -24.31 72.37
C ILE B 252 29.77 -23.96 71.82
N VAL B 253 29.45 -22.67 71.83
CA VAL B 253 28.14 -22.19 71.35
C VAL B 253 28.03 -22.33 69.83
N LEU B 254 29.10 -21.98 69.11
CA LEU B 254 29.11 -22.09 67.65
C LEU B 254 29.00 -23.55 67.18
N THR B 255 29.59 -24.46 67.94
CA THR B 255 29.47 -25.89 67.66
C THR B 255 28.02 -26.36 67.84
N ALA B 256 27.39 -25.90 68.91
CA ALA B 256 25.97 -26.17 69.15
C ALA B 256 25.08 -25.55 68.07
N ALA B 257 25.44 -24.34 67.64
CA ALA B 257 24.73 -23.65 66.56
C ALA B 257 24.87 -24.37 65.23
N SER B 258 26.04 -24.95 64.97
CA SER B 258 26.28 -25.70 63.75
C SER B 258 25.53 -27.04 63.75
N PHE B 259 25.41 -27.67 64.91
CA PHE B 259 24.58 -28.88 65.05
C PHE B 259 23.12 -28.57 64.72
N PHE B 260 22.64 -27.42 65.20
CA PHE B 260 21.29 -26.97 64.88
C PHE B 260 21.14 -26.69 63.39
N LEU B 261 22.13 -26.02 62.81
CA LEU B 261 22.12 -25.70 61.38
C LEU B 261 22.11 -26.96 60.51
N ILE B 262 22.95 -27.93 60.85
CA ILE B 262 22.99 -29.22 60.13
C ILE B 262 21.65 -29.94 60.31
N SER B 263 21.19 -30.05 61.56
CA SER B 263 19.93 -30.72 61.88
C SER B 263 18.71 -30.03 61.26
N PHE B 264 18.79 -28.71 61.06
CA PHE B 264 17.70 -27.95 60.45
C PHE B 264 17.34 -28.46 59.06
N PHE B 265 18.31 -29.00 58.34
CA PHE B 265 18.09 -29.52 56.99
C PHE B 265 17.95 -31.04 56.92
N ILE B 266 18.76 -31.78 57.69
CA ILE B 266 18.81 -33.24 57.57
C ILE B 266 17.85 -34.01 58.49
N ALA B 267 17.11 -33.31 59.35
CA ALA B 267 16.17 -33.98 60.26
C ALA B 267 14.93 -34.48 59.52
N PRO B 268 14.44 -35.69 59.87
CA PRO B 268 13.23 -36.26 59.25
C PRO B 268 12.01 -35.32 59.28
N LYS B 269 11.73 -34.74 60.44
CA LYS B 269 10.62 -33.80 60.58
C LYS B 269 10.84 -32.52 59.76
N GLN B 270 12.10 -32.09 59.65
CA GLN B 270 12.47 -30.95 58.82
C GLN B 270 12.37 -31.25 57.32
N ARG B 271 12.52 -32.52 56.95
CA ARG B 271 12.36 -32.93 55.55
C ARG B 271 10.89 -32.94 55.08
N TYR B 272 9.99 -32.39 55.89
CA TYR B 272 8.66 -31.99 55.41
C TYR B 272 8.71 -30.65 54.66
N LEU B 273 9.88 -30.29 54.15
CA LEU B 273 10.03 -29.20 53.17
C LEU B 273 9.34 -29.58 51.84
N LYS B 274 9.23 -30.88 51.59
CA LYS B 274 8.49 -31.38 50.42
C LYS B 274 7.01 -30.96 50.46
N LEU B 275 6.44 -30.82 51.66
CA LEU B 275 5.07 -30.35 51.83
C LEU B 275 4.91 -28.92 51.29
N LYS B 276 5.81 -28.03 51.71
CA LYS B 276 5.76 -26.62 51.32
C LYS B 276 6.21 -26.38 49.87
N ASN B 277 7.08 -27.24 49.35
CA ASN B 277 7.54 -27.14 47.97
C ASN B 277 6.41 -27.35 46.96
N LYS B 278 5.57 -28.36 47.22
CA LYS B 278 4.45 -28.68 46.34
C LYS B 278 3.19 -27.97 46.82
N MET C 1 -20.45 0.64 43.66
CA MET C 1 -20.62 -0.84 43.50
C MET C 1 -19.38 -1.58 43.99
N ILE C 2 -19.60 -2.64 44.77
CA ILE C 2 -18.51 -3.50 45.25
C ILE C 2 -18.70 -4.91 44.70
N ARG C 3 -18.01 -5.21 43.60
CA ARG C 3 -18.06 -6.54 43.00
C ARG C 3 -16.89 -7.40 43.50
N ILE C 4 -17.18 -8.66 43.81
CA ILE C 4 -16.18 -9.60 44.32
C ILE C 4 -16.21 -10.86 43.45
N GLU C 5 -15.03 -11.44 43.22
CA GLU C 5 -14.90 -12.65 42.40
C GLU C 5 -14.08 -13.74 43.11
N ASN C 6 -14.76 -14.83 43.49
CA ASN C 6 -14.11 -16.03 44.01
C ASN C 6 -13.05 -15.74 45.09
N LEU C 7 -13.42 -14.89 46.05
CA LEU C 7 -12.50 -14.49 47.12
C LEU C 7 -12.41 -15.58 48.18
N SER C 8 -11.20 -16.04 48.45
CA SER C 8 -10.95 -17.06 49.46
C SER C 8 -9.76 -16.70 50.33
N VAL C 9 -9.82 -17.09 51.60
CA VAL C 9 -8.75 -16.87 52.56
C VAL C 9 -8.51 -18.14 53.36
N SER C 10 -7.27 -18.61 53.37
CA SER C 10 -6.90 -19.84 54.09
C SER C 10 -6.38 -19.51 55.49
N TYR C 11 -6.91 -20.21 56.48
CA TYR C 11 -6.48 -20.03 57.88
CA TYR C 11 -6.48 -20.03 57.88
C TYR C 11 -5.13 -20.70 58.10
N LYS C 12 -5.06 -21.99 57.76
CA LYS C 12 -3.84 -22.77 57.89
C LYS C 12 -3.93 -24.04 57.06
N GLU C 13 -4.86 -24.91 57.41
CA GLU C 13 -5.15 -26.13 56.65
C GLU C 13 -6.45 -25.98 55.88
N THR C 14 -7.52 -25.65 56.58
CA THR C 14 -8.84 -25.43 55.98
C THR C 14 -9.07 -23.97 55.64
N LEU C 15 -10.07 -23.71 54.79
CA LEU C 15 -10.41 -22.37 54.36
C LEU C 15 -11.28 -21.65 55.40
N ALA C 16 -10.87 -20.45 55.79
CA ALA C 16 -11.69 -19.59 56.64
C ALA C 16 -12.83 -18.99 55.82
N LEU C 17 -12.52 -18.63 54.58
CA LEU C 17 -13.48 -18.05 53.65
C LEU C 17 -13.37 -18.80 52.32
N LYS C 18 -14.52 -19.19 51.76
CA LYS C 18 -14.54 -20.10 50.61
C LYS C 18 -15.33 -19.54 49.43
N ASP C 19 -14.59 -19.08 48.41
CA ASP C 19 -15.17 -18.72 47.11
C ASP C 19 -16.36 -17.76 47.22
N ILE C 20 -16.07 -16.51 47.56
CA ILE C 20 -17.09 -15.48 47.72
C ILE C 20 -17.22 -14.66 46.44
N SER C 21 -18.31 -14.90 45.70
CA SER C 21 -18.66 -14.10 44.52
C SER C 21 -19.94 -13.33 44.82
N LEU C 22 -19.91 -12.02 44.57
CA LEU C 22 -21.00 -11.14 44.99
C LEU C 22 -20.92 -9.78 44.29
N VAL C 23 -22.08 -9.13 44.13
CA VAL C 23 -22.15 -7.79 43.56
C VAL C 23 -23.07 -6.91 44.40
N LEU C 24 -22.48 -6.05 45.22
CA LEU C 24 -23.23 -5.15 46.11
C LEU C 24 -23.45 -3.80 45.44
N HIS C 25 -24.68 -3.31 45.49
CA HIS C 25 -25.04 -2.00 44.92
C HIS C 25 -25.34 -0.98 46.01
N GLY C 26 -25.13 0.30 45.67
CA GLY C 26 -25.41 1.40 46.59
C GLY C 26 -26.39 2.40 45.98
N PRO C 27 -26.80 3.42 46.75
CA PRO C 27 -26.39 3.61 48.15
C PRO C 27 -27.08 2.63 49.08
N THR C 28 -26.44 2.32 50.21
CA THR C 28 -26.95 1.29 51.11
C THR C 28 -26.27 1.28 52.48
N ILE C 29 -26.94 0.69 53.45
CA ILE C 29 -26.34 0.25 54.69
C ILE C 29 -26.48 -1.27 54.73
N THR C 30 -25.41 -1.97 54.38
CA THR C 30 -25.42 -3.43 54.26
C THR C 30 -24.86 -4.08 55.52
N GLY C 31 -25.41 -5.22 55.90
CA GLY C 31 -25.00 -5.94 57.11
C GLY C 31 -24.50 -7.33 56.83
N ILE C 32 -23.24 -7.59 57.19
CA ILE C 32 -22.66 -8.93 57.08
C ILE C 32 -22.88 -9.65 58.41
N ILE C 33 -23.69 -10.70 58.38
CA ILE C 33 -24.05 -11.45 59.59
C ILE C 33 -23.69 -12.93 59.45
N GLY C 34 -23.69 -13.63 60.59
CA GLY C 34 -23.37 -15.05 60.63
C GLY C 34 -22.64 -15.39 61.92
N PRO C 35 -22.33 -16.69 62.12
CA PRO C 35 -21.61 -17.12 63.33
C PRO C 35 -20.29 -16.37 63.54
N ASN C 36 -19.94 -16.13 64.80
CA ASN C 36 -18.68 -15.48 65.13
C ASN C 36 -17.50 -16.38 64.76
N GLY C 37 -16.54 -15.81 64.03
CA GLY C 37 -15.34 -16.54 63.61
C GLY C 37 -15.50 -17.37 62.35
N ALA C 38 -16.59 -17.16 61.61
CA ALA C 38 -16.93 -18.00 60.45
C ALA C 38 -16.93 -17.25 59.12
N GLY C 39 -16.19 -16.15 59.02
CA GLY C 39 -16.02 -15.45 57.74
C GLY C 39 -16.29 -13.95 57.77
N LYS C 40 -17.30 -13.55 58.53
CA LYS C 40 -17.72 -12.14 58.65
C LYS C 40 -16.57 -11.11 58.54
N SER C 41 -15.73 -11.07 59.56
CA SER C 41 -14.68 -10.05 59.67
C SER C 41 -13.53 -10.27 58.68
N THR C 42 -13.27 -11.53 58.34
CA THR C 42 -12.22 -11.88 57.39
C THR C 42 -12.52 -11.33 55.99
N LEU C 43 -13.80 -11.33 55.62
CA LEU C 43 -14.24 -10.84 54.31
C LEU C 43 -13.76 -9.41 54.04
N LEU C 44 -13.83 -8.55 55.05
CA LEU C 44 -13.40 -7.15 54.89
C LEU C 44 -11.89 -7.02 54.72
N LYS C 45 -11.12 -7.83 55.44
CA LYS C 45 -9.66 -7.81 55.34
C LYS C 45 -9.16 -8.40 54.03
N GLY C 46 -9.83 -9.45 53.54
CA GLY C 46 -9.52 -10.05 52.25
C GLY C 46 -9.91 -9.17 51.08
N MET C 47 -10.99 -8.40 51.26
CA MET C 47 -11.50 -7.48 50.25
C MET C 47 -10.52 -6.33 50.02
N LEU C 48 -10.04 -5.74 51.11
CA LEU C 48 -9.11 -4.61 51.05
C LEU C 48 -7.65 -5.02 50.78
N GLY C 49 -7.36 -6.32 50.84
CA GLY C 49 -6.00 -6.81 50.66
C GLY C 49 -5.12 -6.65 51.89
N ILE C 50 -5.74 -6.52 53.05
CA ILE C 50 -5.02 -6.41 54.32
C ILE C 50 -4.33 -7.73 54.66
N ILE C 51 -4.93 -8.84 54.23
CA ILE C 51 -4.35 -10.17 54.43
C ILE C 51 -4.27 -10.90 53.09
N PRO C 52 -3.45 -11.98 53.02
CA PRO C 52 -3.33 -12.71 51.76
C PRO C 52 -4.61 -13.46 51.39
N HIS C 53 -5.08 -13.25 50.16
CA HIS C 53 -6.31 -13.89 49.66
C HIS C 53 -6.13 -14.35 48.21
N GLN C 54 -7.03 -15.23 47.76
CA GLN C 54 -6.88 -15.89 46.45
C GLN C 54 -7.73 -15.28 45.33
N GLY C 55 -8.76 -14.50 45.68
CA GLY C 55 -9.67 -13.93 44.69
C GLY C 55 -9.39 -12.47 44.37
N GLN C 56 -10.43 -11.77 43.92
CA GLN C 56 -10.32 -10.36 43.51
C GLN C 56 -11.52 -9.55 44.01
N ALA C 57 -11.40 -8.23 43.92
CA ALA C 57 -12.48 -7.31 44.32
C ALA C 57 -12.35 -5.98 43.59
N PHE C 58 -13.49 -5.38 43.25
CA PHE C 58 -13.52 -4.18 42.40
C PHE C 58 -14.40 -3.08 42.99
N LEU C 59 -14.00 -1.82 42.76
CA LEU C 59 -14.80 -0.64 43.10
C LEU C 59 -14.97 0.26 41.88
N ASP C 60 -16.11 0.11 41.20
CA ASP C 60 -16.47 0.97 40.05
C ASP C 60 -15.43 0.92 38.94
N ASP C 61 -15.55 -0.08 38.07
CA ASP C 61 -14.60 -0.30 36.95
C ASP C 61 -13.13 -0.05 37.32
N LYS C 62 -12.75 -0.50 38.52
CA LYS C 62 -11.40 -0.33 39.02
C LYS C 62 -11.19 -1.25 40.22
N GLU C 63 -9.95 -1.69 40.43
CA GLU C 63 -9.64 -2.68 41.46
C GLU C 63 -9.58 -2.04 42.85
N VAL C 64 -9.96 -2.79 43.87
CA VAL C 64 -10.02 -2.27 45.25
C VAL C 64 -8.64 -1.84 45.77
N LYS C 65 -7.62 -2.65 45.47
CA LYS C 65 -6.27 -2.37 45.93
C LYS C 65 -5.62 -1.14 45.26
N LYS C 66 -6.20 -0.70 44.14
CA LYS C 66 -5.81 0.56 43.51
C LYS C 66 -6.85 1.68 43.75
N SER C 67 -7.64 1.54 44.82
CA SER C 67 -8.65 2.54 45.18
C SER C 67 -8.86 2.63 46.69
N LEU C 68 -7.80 2.42 47.47
CA LEU C 68 -7.89 2.44 48.94
C LEU C 68 -8.15 3.84 49.49
N HIS C 69 -7.76 4.86 48.74
CA HIS C 69 -8.06 6.25 49.10
C HIS C 69 -9.56 6.56 49.10
N ARG C 70 -10.34 5.79 48.34
CA ARG C 70 -11.80 5.94 48.30
C ARG C 70 -12.53 5.16 49.39
N ILE C 71 -11.82 4.38 50.19
CA ILE C 71 -12.43 3.53 51.23
C ILE C 71 -11.96 3.97 52.62
N ALA C 72 -12.84 3.78 53.61
CA ALA C 72 -12.52 4.02 55.01
C ALA C 72 -12.81 2.77 55.83
N TYR C 73 -11.76 2.16 56.38
CA TYR C 73 -11.89 0.93 57.17
C TYR C 73 -11.83 1.23 58.67
N VAL C 74 -12.91 0.90 59.38
CA VAL C 74 -12.97 1.06 60.83
C VAL C 74 -12.91 -0.31 61.49
N GLU C 75 -11.78 -0.62 62.11
CA GLU C 75 -11.55 -1.91 62.74
C GLU C 75 -12.29 -2.05 64.08
N GLN C 76 -12.20 -3.24 64.67
CA GLN C 76 -12.81 -3.51 65.97
C GLN C 76 -12.03 -2.81 67.09
N LYS C 77 -12.75 -2.34 68.10
CA LYS C 77 -12.14 -1.65 69.25
C LYS C 77 -11.07 -2.50 69.94
N ILE C 78 -11.31 -3.80 70.02
CA ILE C 78 -10.43 -4.74 70.72
C ILE C 78 -8.98 -4.65 70.21
N ASN C 79 -8.79 -4.54 68.90
CA ASN C 79 -7.46 -4.50 68.30
C ASN C 79 -6.63 -3.27 68.67
N ILE C 80 -7.29 -2.14 68.92
CA ILE C 80 -6.60 -0.88 69.16
C ILE C 80 -6.03 -0.80 70.58
N ASP C 81 -4.79 -0.33 70.68
CA ASP C 81 -4.09 -0.17 71.95
C ASP C 81 -4.52 1.14 72.60
N TYR C 82 -5.22 1.05 73.73
CA TYR C 82 -5.75 2.22 74.42
C TYR C 82 -4.66 2.94 75.22
N ASN C 83 -3.64 2.19 75.64
CA ASN C 83 -2.54 2.73 76.43
C ASN C 83 -1.62 3.64 75.61
N PHE C 84 -1.62 3.47 74.29
CA PHE C 84 -0.82 4.30 73.39
C PHE C 84 -1.08 5.79 73.67
N PRO C 85 0.00 6.60 73.82
CA PRO C 85 -0.19 7.99 74.17
C PRO C 85 -0.69 8.82 72.98
N ILE C 86 -1.98 9.15 73.00
CA ILE C 86 -2.60 9.88 71.90
C ILE C 86 -3.92 10.51 72.33
N LYS C 87 -4.13 11.77 71.96
CA LYS C 87 -5.36 12.49 72.29
C LYS C 87 -6.46 12.11 71.31
N VAL C 88 -7.69 12.51 71.61
CA VAL C 88 -8.83 12.19 70.76
C VAL C 88 -8.74 12.88 69.40
N LYS C 89 -8.42 14.16 69.40
CA LYS C 89 -8.29 14.93 68.16
C LYS C 89 -7.14 14.42 67.29
N GLU C 90 -6.04 14.01 67.94
CA GLU C 90 -4.89 13.45 67.24
C GLU C 90 -5.23 12.11 66.61
N CYS C 91 -6.05 11.32 67.30
CA CYS C 91 -6.53 10.04 66.74
C CYS C 91 -7.43 10.28 65.53
N VAL C 92 -8.29 11.28 65.62
CA VAL C 92 -9.19 11.65 64.51
C VAL C 92 -8.38 12.14 63.30
N SER C 93 -7.32 12.90 63.56
CA SER C 93 -6.48 13.47 62.50
C SER C 93 -5.74 12.40 61.68
N LEU C 94 -5.59 11.19 62.22
CA LEU C 94 -4.96 10.08 61.49
C LEU C 94 -5.66 9.77 60.17
N GLY C 95 -6.96 10.05 60.10
CA GLY C 95 -7.72 9.89 58.85
C GLY C 95 -7.30 10.83 57.74
N LEU C 96 -6.69 11.96 58.10
CA LEU C 96 -6.20 12.94 57.12
C LEU C 96 -4.80 12.64 56.58
N PHE C 97 -4.10 11.68 57.21
CA PHE C 97 -2.70 11.39 56.89
C PHE C 97 -2.45 10.97 55.43
N PRO C 98 -3.36 10.18 54.82
CA PRO C 98 -3.24 9.88 53.40
C PRO C 98 -3.19 11.10 52.48
N SER C 99 -3.97 12.14 52.80
CA SER C 99 -4.03 13.35 51.98
C SER C 99 -2.82 14.27 52.14
N ILE C 100 -2.03 14.05 53.20
CA ILE C 100 -0.80 14.82 53.44
C ILE C 100 0.41 14.08 52.86
N PRO C 101 1.16 14.73 51.96
CA PRO C 101 2.38 14.13 51.42
C PRO C 101 3.58 14.32 52.35
N LEU C 102 4.75 13.87 51.91
CA LEU C 102 5.98 14.03 52.69
C LEU C 102 6.41 15.49 52.75
N PHE C 103 7.15 15.84 53.80
CA PHE C 103 7.63 17.22 54.03
C PHE C 103 6.49 18.24 54.17
N ARG C 104 5.33 17.79 54.66
CA ARG C 104 4.16 18.66 54.83
C ARG C 104 3.48 18.37 56.15
N SER C 105 2.73 19.37 56.65
CA SER C 105 2.05 19.28 57.93
C SER C 105 0.55 19.58 57.81
N LEU C 106 -0.18 19.31 58.88
CA LEU C 106 -1.61 19.58 58.94
C LEU C 106 -1.86 21.07 59.16
N LYS C 107 -2.43 21.73 58.14
CA LYS C 107 -2.77 23.14 58.22
C LYS C 107 -4.07 23.36 59.02
N ALA C 108 -4.48 24.62 59.14
CA ALA C 108 -5.70 24.97 59.87
C ALA C 108 -6.97 24.41 59.24
N LYS C 109 -6.96 24.27 57.92
CA LYS C 109 -8.10 23.70 57.19
C LYS C 109 -8.32 22.22 57.50
N HIS C 110 -7.24 21.52 57.87
CA HIS C 110 -7.32 20.10 58.24
C HIS C 110 -7.86 19.91 59.65
N TRP C 111 -7.48 20.79 60.57
CA TRP C 111 -8.01 20.75 61.94
C TRP C 111 -9.48 21.18 61.99
N LYS C 112 -9.91 21.96 60.99
CA LYS C 112 -11.32 22.32 60.83
C LYS C 112 -12.19 21.07 60.65
N LYS C 113 -11.71 20.13 59.85
CA LYS C 113 -12.41 18.86 59.61
C LYS C 113 -12.44 17.97 60.85
N VAL C 114 -11.36 18.02 61.64
CA VAL C 114 -11.27 17.27 62.89
C VAL C 114 -12.26 17.81 63.92
N GLN C 115 -12.35 19.13 64.02
CA GLN C 115 -13.27 19.79 64.95
C GLN C 115 -14.73 19.60 64.51
N GLU C 116 -14.96 19.58 63.20
CA GLU C 116 -16.28 19.33 62.64
C GLU C 116 -16.72 17.86 62.80
N ALA C 117 -15.77 16.94 62.61
CA ALA C 117 -16.05 15.51 62.73
C ALA C 117 -16.46 15.11 64.15
N LEU C 118 -15.79 15.71 65.14
CA LEU C 118 -16.11 15.48 66.54
C LEU C 118 -17.50 16.04 66.89
N GLU C 119 -17.83 17.19 66.33
CA GLU C 119 -19.14 17.82 66.55
C GLU C 119 -20.29 16.99 65.96
N ILE C 120 -20.03 16.31 64.84
CA ILE C 120 -21.02 15.41 64.24
C ILE C 120 -21.34 14.24 65.17
N VAL C 121 -20.30 13.68 65.79
CA VAL C 121 -20.47 12.52 66.69
C VAL C 121 -20.58 12.91 68.17
N GLY C 122 -20.61 14.21 68.46
CA GLY C 122 -20.86 14.69 69.82
C GLY C 122 -19.71 14.49 70.79
N LEU C 123 -18.48 14.71 70.32
CA LEU C 123 -17.29 14.62 71.17
C LEU C 123 -16.41 15.87 71.04
N ALA C 124 -17.05 17.03 70.92
CA ALA C 124 -16.33 18.30 70.80
C ALA C 124 -15.58 18.65 72.09
N ASP C 125 -16.18 18.32 73.23
CA ASP C 125 -15.60 18.61 74.54
C ASP C 125 -14.65 17.52 75.07
N TYR C 126 -14.38 16.50 74.25
CA TYR C 126 -13.44 15.44 74.60
C TYR C 126 -12.21 15.45 73.69
N ALA C 127 -11.93 16.61 73.08
CA ALA C 127 -10.86 16.71 72.07
C ALA C 127 -9.46 16.48 72.65
N GLU C 128 -9.21 17.01 73.84
CA GLU C 128 -7.90 16.92 74.48
C GLU C 128 -7.74 15.70 75.39
N ARG C 129 -8.78 14.87 75.49
CA ARG C 129 -8.74 13.67 76.32
C ARG C 129 -7.86 12.57 75.69
N GLN C 130 -7.32 11.71 76.54
CA GLN C 130 -6.64 10.49 76.09
C GLN C 130 -7.69 9.45 75.73
N ILE C 131 -7.40 8.59 74.76
CA ILE C 131 -8.34 7.55 74.33
C ILE C 131 -8.59 6.49 75.41
N SER C 132 -7.65 6.36 76.35
CA SER C 132 -7.82 5.47 77.50
C SER C 132 -8.90 5.96 78.48
N GLN C 133 -9.11 7.28 78.51
CA GLN C 133 -10.10 7.88 79.41
C GLN C 133 -11.54 7.74 78.92
N LEU C 134 -11.72 7.48 77.63
CA LEU C 134 -13.06 7.35 77.05
C LEU C 134 -13.69 5.98 77.33
N SER C 135 -15.02 5.93 77.23
CA SER C 135 -15.77 4.69 77.35
C SER C 135 -15.81 3.96 76.02
N GLY C 136 -16.39 2.76 76.03
CA GLY C 136 -16.50 1.94 74.81
C GLY C 136 -17.31 2.60 73.71
N GLY C 137 -18.46 3.15 74.08
CA GLY C 137 -19.33 3.84 73.14
C GLY C 137 -18.72 5.13 72.60
N GLN C 138 -18.08 5.89 73.49
CA GLN C 138 -17.41 7.13 73.11
C GLN C 138 -16.24 6.87 72.16
N PHE C 139 -15.47 5.82 72.41
CA PHE C 139 -14.31 5.51 71.57
C PHE C 139 -14.71 5.12 70.15
N GLN C 140 -15.84 4.43 69.99
CA GLN C 140 -16.36 4.10 68.66
C GLN C 140 -16.68 5.37 67.88
N ARG C 141 -17.22 6.37 68.56
CA ARG C 141 -17.54 7.66 67.92
C ARG C 141 -16.27 8.36 67.43
N VAL C 142 -15.16 8.19 68.16
CA VAL C 142 -13.86 8.71 67.73
C VAL C 142 -13.39 8.01 66.45
N LEU C 143 -13.57 6.70 66.37
CA LEU C 143 -13.22 5.94 65.16
C LEU C 143 -14.11 6.29 63.97
N ILE C 144 -15.38 6.58 64.24
CA ILE C 144 -16.32 7.05 63.21
C ILE C 144 -15.94 8.46 62.76
N ALA C 145 -15.52 9.30 63.72
CA ALA C 145 -15.02 10.64 63.40
C ALA C 145 -13.73 10.56 62.56
N ARG C 146 -12.86 9.62 62.90
CA ARG C 146 -11.64 9.36 62.13
C ARG C 146 -11.97 8.89 60.71
N CYS C 147 -13.08 8.18 60.58
CA CYS C 147 -13.58 7.74 59.28
C CYS C 147 -14.20 8.88 58.47
N LEU C 148 -14.91 9.78 59.14
CA LEU C 148 -15.55 10.92 58.47
C LEU C 148 -14.56 11.88 57.81
N VAL C 149 -13.42 12.09 58.44
CA VAL C 149 -12.39 13.02 57.91
C VAL C 149 -11.70 12.50 56.64
N GLN C 150 -11.74 11.18 56.42
CA GLN C 150 -11.23 10.60 55.16
C GLN C 150 -12.11 10.97 53.97
N GLU C 151 -13.39 11.19 54.24
CA GLU C 151 -14.38 11.52 53.20
C GLU C 151 -14.41 10.46 52.11
N ALA C 152 -14.62 9.22 52.54
CA ALA C 152 -14.64 8.06 51.65
C ALA C 152 -16.02 7.85 51.05
N ASP C 153 -16.06 7.38 49.80
CA ASP C 153 -17.32 7.00 49.15
C ASP C 153 -17.82 5.66 49.67
N TYR C 154 -16.90 4.84 50.20
CA TYR C 154 -17.24 3.53 50.75
C TYR C 154 -16.74 3.44 52.19
N ILE C 155 -17.59 2.91 53.07
CA ILE C 155 -17.31 2.83 54.50
C ILE C 155 -17.43 1.37 54.95
N LEU C 156 -16.36 0.85 55.54
CA LEU C 156 -16.34 -0.54 56.03
C LEU C 156 -16.11 -0.56 57.53
N LEU C 157 -17.14 -0.94 58.28
CA LEU C 157 -17.07 -1.02 59.75
C LEU C 157 -17.03 -2.49 60.19
N ASP C 158 -16.42 -2.73 61.35
CA ASP C 158 -16.33 -4.08 61.91
C ASP C 158 -16.86 -4.10 63.35
N GLU C 159 -18.11 -4.56 63.50
CA GLU C 159 -18.80 -4.65 64.78
C GLU C 159 -18.81 -3.32 65.57
N PRO C 160 -19.28 -2.23 64.93
CA PRO C 160 -19.31 -0.92 65.58
C PRO C 160 -20.38 -0.78 66.66
N PHE C 161 -21.37 -1.67 66.66
CA PHE C 161 -22.43 -1.66 67.67
C PHE C 161 -22.21 -2.70 68.78
N ALA C 162 -21.01 -3.27 68.84
CA ALA C 162 -20.69 -4.29 69.84
C ALA C 162 -20.15 -3.64 71.11
N GLY C 163 -20.87 -3.81 72.21
CA GLY C 163 -20.44 -3.31 73.52
C GLY C 163 -20.38 -1.79 73.59
N ILE C 164 -21.52 -1.14 73.40
CA ILE C 164 -21.64 0.32 73.51
C ILE C 164 -22.94 0.72 74.18
N ASP C 165 -22.97 1.94 74.72
CA ASP C 165 -24.17 2.51 75.32
C ASP C 165 -25.17 2.94 74.24
N SER C 166 -26.43 3.07 74.63
CA SER C 166 -27.51 3.40 73.70
C SER C 166 -27.45 4.84 73.17
N VAL C 167 -26.81 5.74 73.92
CA VAL C 167 -26.64 7.13 73.48
C VAL C 167 -25.65 7.20 72.31
N SER C 168 -24.61 6.37 72.37
CA SER C 168 -23.62 6.28 71.29
C SER C 168 -24.19 5.60 70.05
N GLU C 169 -24.96 4.53 70.26
CA GLU C 169 -25.62 3.83 69.15
C GLU C 169 -26.51 4.75 68.34
N GLU C 170 -27.27 5.59 69.02
CA GLU C 170 -28.14 6.58 68.36
C GLU C 170 -27.32 7.57 67.53
N ILE C 171 -26.23 8.06 68.10
CA ILE C 171 -25.35 9.02 67.41
C ILE C 171 -24.64 8.37 66.22
N ILE C 172 -24.12 7.16 66.43
CA ILE C 172 -23.43 6.43 65.37
C ILE C 172 -24.38 6.12 64.22
N MET C 173 -25.55 5.56 64.55
CA MET C 173 -26.52 5.15 63.54
C MET C 173 -27.05 6.35 62.73
N ASN C 174 -27.31 7.47 63.40
CA ASN C 174 -27.75 8.69 62.71
C ASN C 174 -26.68 9.19 61.74
N THR C 175 -25.41 9.06 62.11
CA THR C 175 -24.29 9.42 61.26
C THR C 175 -24.22 8.54 60.01
N LEU C 176 -24.47 7.24 60.18
CA LEU C 176 -24.44 6.29 59.06
C LEU C 176 -25.63 6.47 58.11
N ARG C 177 -26.78 6.83 58.66
CA ARG C 177 -27.95 7.16 57.83
C ARG C 177 -27.69 8.37 56.94
N ASP C 178 -26.98 9.37 57.49
CA ASP C 178 -26.61 10.56 56.73
C ASP C 178 -25.64 10.25 55.59
N LEU C 179 -24.74 9.29 55.82
CA LEU C 179 -23.81 8.85 54.77
C LEU C 179 -24.56 8.16 53.62
N LYS C 180 -25.58 7.38 53.95
CA LYS C 180 -26.44 6.77 52.94
C LYS C 180 -27.26 7.81 52.18
N LYS C 181 -27.71 8.85 52.89
CA LYS C 181 -28.41 9.98 52.27
C LYS C 181 -27.51 10.77 51.32
N ALA C 182 -26.21 10.79 51.63
CA ALA C 182 -25.21 11.43 50.76
C ALA C 182 -24.82 10.57 49.56
N GLY C 183 -25.51 9.44 49.36
CA GLY C 183 -25.29 8.58 48.20
C GLY C 183 -24.06 7.70 48.33
N LYS C 184 -23.78 7.23 49.54
CA LYS C 184 -22.57 6.46 49.82
C LYS C 184 -22.90 5.09 50.40
N THR C 185 -21.99 4.14 50.19
CA THR C 185 -22.19 2.75 50.57
C THR C 185 -21.57 2.45 51.93
N VAL C 186 -22.33 1.81 52.80
CA VAL C 186 -21.87 1.42 54.14
C VAL C 186 -21.99 -0.10 54.29
N LEU C 187 -20.88 -0.75 54.57
CA LEU C 187 -20.84 -2.21 54.75
C LEU C 187 -20.38 -2.53 56.15
N ILE C 188 -21.28 -3.06 56.97
CA ILE C 188 -21.02 -3.33 58.38
C ILE C 188 -20.98 -4.82 58.68
N VAL C 189 -19.95 -5.25 59.39
CA VAL C 189 -19.89 -6.60 59.94
C VAL C 189 -20.58 -6.57 61.31
N HIS C 190 -21.78 -7.13 61.39
CA HIS C 190 -22.56 -7.07 62.63
C HIS C 190 -22.14 -8.20 63.58
N HIS C 191 -22.14 -7.90 64.88
CA HIS C 191 -21.64 -8.82 65.90
C HIS C 191 -22.62 -9.94 66.28
N ASP C 192 -23.92 -9.69 66.10
CA ASP C 192 -24.96 -10.65 66.45
C ASP C 192 -26.10 -10.60 65.44
N LEU C 193 -27.33 -10.92 65.86
CA LEU C 193 -28.51 -10.81 64.99
C LEU C 193 -29.52 -9.83 65.61
N SER C 194 -29.03 -8.68 66.05
CA SER C 194 -29.87 -7.67 66.70
C SER C 194 -30.26 -6.56 65.74
N LYS C 195 -31.56 -6.31 65.63
CA LYS C 195 -32.10 -5.20 64.85
C LYS C 195 -31.65 -5.21 63.38
N ILE C 196 -31.75 -6.37 62.74
CA ILE C 196 -31.26 -6.55 61.37
C ILE C 196 -31.97 -5.63 60.35
N PRO C 197 -33.32 -5.62 60.35
CA PRO C 197 -34.03 -4.73 59.41
C PRO C 197 -33.96 -3.25 59.78
N HIS C 198 -33.65 -2.94 61.04
CA HIS C 198 -33.48 -1.56 61.48
C HIS C 198 -32.16 -0.98 60.98
N TYR C 199 -31.08 -1.74 61.16
CA TYR C 199 -29.75 -1.32 60.71
C TYR C 199 -29.58 -1.43 59.20
N PHE C 200 -30.03 -2.55 58.62
CA PHE C 200 -29.63 -2.93 57.28
C PHE C 200 -30.77 -3.03 56.29
N ASP C 201 -30.55 -2.51 55.09
CA ASP C 201 -31.48 -2.68 53.96
C ASP C 201 -31.06 -3.88 53.08
N GLN C 202 -29.76 -4.18 53.06
CA GLN C 202 -29.25 -5.40 52.45
C GLN C 202 -28.52 -6.23 53.49
N VAL C 203 -28.62 -7.55 53.39
CA VAL C 203 -27.99 -8.47 54.34
C VAL C 203 -27.17 -9.53 53.61
N LEU C 204 -25.98 -9.82 54.11
CA LEU C 204 -25.10 -10.85 53.56
C LEU C 204 -24.82 -11.90 54.63
N LEU C 205 -25.49 -13.05 54.52
CA LEU C 205 -25.31 -14.14 55.49
C LEU C 205 -24.08 -14.97 55.11
N VAL C 206 -23.17 -15.18 56.07
CA VAL C 206 -21.89 -15.83 55.79
C VAL C 206 -21.54 -16.92 56.81
N ASN C 207 -21.20 -18.10 56.30
CA ASN C 207 -20.57 -19.15 57.09
C ASN C 207 -19.61 -19.92 56.17
N ARG C 208 -18.38 -19.43 56.07
CA ARG C 208 -17.40 -19.94 55.10
C ARG C 208 -17.76 -19.47 53.69
N GLU C 209 -18.86 -20.01 53.15
CA GLU C 209 -19.39 -19.57 51.87
C GLU C 209 -20.49 -18.52 52.09
N VAL C 210 -21.00 -17.96 51.00
CA VAL C 210 -22.16 -17.07 51.05
C VAL C 210 -23.42 -17.93 51.12
N ILE C 211 -24.12 -17.89 52.25
CA ILE C 211 -25.35 -18.65 52.43
C ILE C 211 -26.50 -17.94 51.71
N ALA C 212 -26.59 -16.63 51.88
CA ALA C 212 -27.63 -15.83 51.22
C ALA C 212 -27.19 -14.37 51.11
N PHE C 213 -27.72 -13.68 50.09
CA PHE C 213 -27.41 -12.27 49.87
C PHE C 213 -28.52 -11.57 49.09
N GLY C 214 -28.94 -10.41 49.58
CA GLY C 214 -30.03 -9.65 48.97
C GLY C 214 -30.71 -8.72 49.96
N PRO C 215 -31.86 -8.14 49.57
CA PRO C 215 -32.62 -7.27 50.48
C PRO C 215 -33.05 -7.98 51.76
N THR C 216 -33.20 -7.22 52.84
CA THR C 216 -33.34 -7.78 54.19
C THR C 216 -34.56 -8.70 54.36
N LYS C 217 -35.75 -8.19 54.08
CA LYS C 217 -36.98 -8.95 54.32
C LYS C 217 -37.00 -10.29 53.58
N GLU C 218 -36.43 -10.31 52.37
CA GLU C 218 -36.41 -11.51 51.53
C GLU C 218 -35.35 -12.51 51.99
N THR C 219 -34.16 -12.02 52.33
CA THR C 219 -33.01 -12.87 52.63
C THR C 219 -32.85 -13.22 54.11
N PHE C 220 -33.29 -12.32 54.99
CA PHE C 220 -33.24 -12.58 56.44
C PHE C 220 -34.43 -13.44 56.85
N THR C 221 -34.32 -14.74 56.58
CA THR C 221 -35.42 -15.69 56.80
C THR C 221 -35.05 -16.74 57.83
N GLU C 222 -36.05 -17.53 58.23
CA GLU C 222 -35.85 -18.63 59.17
C GLU C 222 -34.98 -19.73 58.54
N THR C 223 -35.18 -19.99 57.26
CA THR C 223 -34.47 -21.06 56.55
C THR C 223 -32.99 -20.75 56.34
N ASN C 224 -32.69 -19.54 55.88
CA ASN C 224 -31.31 -19.11 55.65
C ASN C 224 -30.48 -19.12 56.94
N LEU C 225 -31.05 -18.58 58.02
CA LEU C 225 -30.38 -18.56 59.31
C LEU C 225 -30.07 -19.96 59.83
N LYS C 226 -31.03 -20.87 59.68
CA LYS C 226 -30.82 -22.28 60.05
C LYS C 226 -29.71 -22.93 59.23
N GLU C 227 -29.63 -22.59 57.94
CA GLU C 227 -28.58 -23.11 57.07
C GLU C 227 -27.20 -22.58 57.48
N ALA C 228 -27.15 -21.31 57.86
CA ALA C 228 -25.90 -20.66 58.25
C ALA C 228 -25.44 -21.13 59.63
N TYR C 229 -26.28 -20.91 60.64
CA TYR C 229 -25.92 -21.21 62.03
C TYR C 229 -25.99 -22.71 62.36
N GLY C 230 -26.92 -23.41 61.73
CA GLY C 230 -27.05 -24.86 61.91
C GLY C 230 -25.96 -25.66 61.23
N ASN C 231 -25.34 -25.07 60.20
CA ASN C 231 -24.19 -25.65 59.50
C ASN C 231 -24.56 -26.91 58.68
N GLN C 232 -24.89 -28.00 59.36
CA GLN C 232 -25.28 -29.25 58.68
C GLN C 232 -26.74 -29.21 58.25
N MET D 1 33.56 16.78 94.59
CA MET D 1 32.87 15.85 93.65
C MET D 1 32.43 16.55 92.38
N ILE D 2 31.58 17.57 92.55
CA ILE D 2 31.03 18.32 91.41
C ILE D 2 32.09 19.27 90.86
N ALA D 3 32.81 19.94 91.76
CA ALA D 3 33.88 20.85 91.37
C ALA D 3 34.99 20.12 90.60
N GLU D 4 35.33 18.91 91.04
CA GLU D 4 36.33 18.09 90.36
C GLU D 4 35.88 17.66 88.97
N PHE D 5 34.59 17.35 88.84
CA PHE D 5 33.99 16.95 87.56
C PHE D 5 33.97 18.11 86.57
N ILE D 6 33.60 19.30 87.04
CA ILE D 6 33.58 20.50 86.20
C ILE D 6 35.01 20.92 85.84
N ASP D 7 35.94 20.78 86.78
CA ASP D 7 37.37 21.02 86.52
C ASP D 7 37.91 20.03 85.49
N GLY D 8 37.49 18.77 85.60
CA GLY D 8 37.91 17.74 84.65
C GLY D 8 37.40 17.98 83.24
N LEU D 9 36.18 18.50 83.12
CA LEU D 9 35.60 18.81 81.81
C LEU D 9 36.27 19.98 81.09
N GLN D 10 37.05 20.77 81.83
CA GLN D 10 37.80 21.89 81.24
C GLN D 10 39.23 21.50 80.86
N LYS D 11 39.86 20.62 81.64
CA LYS D 11 41.26 20.26 81.42
C LYS D 11 41.43 18.95 80.63
N PHE D 12 40.70 17.90 81.02
CA PHE D 12 40.80 16.61 80.33
C PHE D 12 40.02 16.62 79.02
N HIS D 13 40.61 16.03 77.98
CA HIS D 13 40.02 16.04 76.64
C HIS D 13 39.05 14.87 76.41
N PHE D 14 39.42 13.68 76.88
CA PHE D 14 38.55 12.51 76.73
C PHE D 14 37.23 12.65 77.50
N LEU D 15 37.27 13.33 78.65
CA LEU D 15 36.07 13.56 79.45
C LEU D 15 35.09 14.50 78.76
N GLN D 16 35.61 15.46 77.98
CA GLN D 16 34.78 16.34 77.16
C GLN D 16 34.08 15.53 76.06
N ASN D 17 34.83 14.70 75.36
CA ASN D 17 34.29 13.85 74.30
C ASN D 17 33.37 12.76 74.87
N ALA D 18 33.68 12.30 76.09
CA ALA D 18 32.83 11.34 76.80
C ALA D 18 31.47 11.94 77.14
N LEU D 19 31.46 13.22 77.51
CA LEU D 19 30.21 13.91 77.82
C LEU D 19 29.38 14.12 76.56
N ILE D 20 30.02 14.62 75.50
CA ILE D 20 29.33 14.90 74.24
C ILE D 20 28.77 13.63 73.61
N THR D 21 29.57 12.58 73.57
CA THR D 21 29.16 11.29 73.01
C THR D 21 28.03 10.66 73.81
N ALA D 22 28.09 10.77 75.13
CA ALA D 22 27.07 10.21 76.02
C ALA D 22 25.72 10.93 75.88
N ILE D 23 25.77 12.25 75.68
CA ILE D 23 24.56 13.04 75.42
C ILE D 23 23.88 12.57 74.13
N VAL D 24 24.66 12.46 73.06
CA VAL D 24 24.12 12.12 71.74
C VAL D 24 23.51 10.72 71.71
N VAL D 25 24.19 9.76 72.36
CA VAL D 25 23.69 8.39 72.44
C VAL D 25 22.40 8.33 73.26
N GLY D 26 22.36 9.07 74.36
CA GLY D 26 21.18 9.15 75.21
C GLY D 26 19.95 9.74 74.53
N ILE D 27 20.18 10.79 73.74
CA ILE D 27 19.09 11.46 73.02
C ILE D 27 18.50 10.56 71.93
N VAL D 28 19.38 9.98 71.10
CA VAL D 28 18.95 9.24 69.92
C VAL D 28 18.37 7.85 70.28
N ALA D 29 19.00 7.17 71.23
CA ALA D 29 18.48 5.89 71.72
C ALA D 29 17.13 6.05 72.42
N GLY D 30 16.94 7.19 73.08
CA GLY D 30 15.66 7.51 73.70
C GLY D 30 14.55 7.71 72.68
N ALA D 31 14.87 8.40 71.58
CA ALA D 31 13.90 8.70 70.53
C ALA D 31 13.49 7.44 69.78
N VAL D 32 14.49 6.66 69.35
CA VAL D 32 14.26 5.39 68.68
C VAL D 32 13.59 4.41 69.65
N GLY D 33 14.04 4.42 70.90
CA GLY D 33 13.52 3.55 71.95
C GLY D 33 12.02 3.63 72.19
N CYS D 34 11.44 4.81 71.97
CA CYS D 34 9.99 5.00 72.09
C CYS D 34 9.24 4.09 71.13
N PHE D 35 9.69 4.05 69.88
CA PHE D 35 9.07 3.23 68.85
C PHE D 35 9.26 1.73 69.10
N ILE D 36 10.37 1.37 69.76
CA ILE D 36 10.66 -0.03 70.06
C ILE D 36 9.64 -0.62 71.04
N ILE D 37 9.42 0.07 72.17
CA ILE D 37 8.53 -0.46 73.22
C ILE D 37 7.04 -0.33 72.87
N LEU D 38 6.68 0.70 72.09
CA LEU D 38 5.29 0.89 71.66
C LEU D 38 4.85 -0.17 70.64
N ARG D 39 5.78 -0.63 69.82
CA ARG D 39 5.50 -1.67 68.81
C ARG D 39 5.77 -3.08 69.33
N GLY D 40 6.33 -3.19 70.54
CA GLY D 40 6.62 -4.48 71.16
C GLY D 40 7.81 -5.17 70.51
N MET D 41 8.90 -4.42 70.35
CA MET D 41 10.11 -4.92 69.70
C MET D 41 11.31 -4.95 70.65
N SER D 42 11.04 -4.85 71.95
CA SER D 42 12.09 -4.86 72.97
C SER D 42 12.97 -6.10 72.89
N LEU D 43 12.34 -7.25 72.65
CA LEU D 43 13.06 -8.51 72.46
C LEU D 43 13.92 -8.48 71.21
N MET D 44 13.35 -7.99 70.11
CA MET D 44 14.05 -7.91 68.83
C MET D 44 15.17 -6.86 68.88
N GLY D 45 14.99 -5.83 69.70
CA GLY D 45 16.02 -4.81 69.90
C GLY D 45 17.31 -5.38 70.48
N ASP D 46 17.16 -6.28 71.44
CA ASP D 46 18.30 -6.93 72.08
C ASP D 46 19.05 -7.85 71.11
N ALA D 47 18.30 -8.55 70.27
CA ALA D 47 18.87 -9.50 69.31
C ALA D 47 19.65 -8.81 68.18
N ILE D 48 19.10 -7.72 67.67
CA ILE D 48 19.74 -6.94 66.60
C ILE D 48 21.08 -6.37 67.08
N SER D 49 21.13 -5.92 68.33
CA SER D 49 22.37 -5.41 68.93
C SER D 49 23.46 -6.47 68.96
N HIS D 50 23.08 -7.71 69.30
CA HIS D 50 24.00 -8.84 69.30
C HIS D 50 24.42 -9.23 67.87
N ALA D 51 23.47 -9.14 66.94
CA ALA D 51 23.73 -9.46 65.53
C ALA D 51 24.64 -8.44 64.84
N VAL D 52 24.74 -7.24 65.40
CA VAL D 52 25.63 -6.20 64.87
C VAL D 52 27.12 -6.55 65.05
N LEU D 53 27.44 -7.25 66.14
CA LEU D 53 28.83 -7.55 66.49
C LEU D 53 29.64 -8.24 65.37
N PRO D 54 29.13 -9.35 64.80
CA PRO D 54 29.87 -10.01 63.72
C PRO D 54 30.05 -9.15 62.47
N GLY D 55 29.08 -8.27 62.20
CA GLY D 55 29.17 -7.35 61.07
C GLY D 55 30.25 -6.29 61.26
N VAL D 56 30.28 -5.69 62.45
CA VAL D 56 31.28 -4.68 62.79
C VAL D 56 32.68 -5.29 62.89
N ALA D 57 32.75 -6.55 63.34
CA ALA D 57 34.00 -7.29 63.41
C ALA D 57 34.55 -7.59 62.02
N LEU D 58 33.68 -8.16 61.17
CA LEU D 58 34.05 -8.52 59.80
C LEU D 58 34.31 -7.28 58.94
N SER D 59 33.67 -6.16 59.29
CA SER D 59 33.87 -4.90 58.57
C SER D 59 35.28 -4.33 58.76
N PHE D 60 35.83 -4.48 59.97
CA PHE D 60 37.18 -4.02 60.25
C PHE D 60 38.24 -4.85 59.51
N ILE D 61 37.99 -6.15 59.38
CA ILE D 61 38.92 -7.05 58.70
C ILE D 61 39.00 -6.70 57.21
N LEU D 62 37.84 -6.54 56.58
CA LEU D 62 37.77 -6.18 55.16
C LEU D 62 38.14 -4.71 54.92
N GLY D 63 38.07 -3.89 55.97
CA GLY D 63 38.44 -2.48 55.89
C GLY D 63 37.31 -1.58 55.43
N LEU D 64 36.08 -1.97 55.75
CA LEU D 64 34.89 -1.20 55.39
C LEU D 64 34.40 -0.40 56.58
N ASP D 65 33.36 0.40 56.38
CA ASP D 65 32.77 1.19 57.46
C ASP D 65 31.91 0.27 58.35
N PHE D 66 31.91 0.58 59.65
CA PHE D 66 31.20 -0.26 60.63
C PHE D 66 29.69 -0.29 60.41
N PHE D 67 29.15 0.80 59.86
CA PHE D 67 27.71 0.93 59.63
C PHE D 67 27.22 -0.01 58.53
N ILE D 68 28.05 -0.24 57.53
CA ILE D 68 27.69 -1.12 56.40
C ILE D 68 27.56 -2.56 56.88
N GLY D 69 28.60 -3.05 57.57
CA GLY D 69 28.60 -4.40 58.12
C GLY D 69 27.49 -4.65 59.12
N ALA D 70 27.24 -3.66 59.98
CA ALA D 70 26.19 -3.75 61.01
C ALA D 70 24.79 -3.87 60.41
N ILE D 71 24.52 -3.08 59.37
CA ILE D 71 23.22 -3.14 58.67
C ILE D 71 23.06 -4.48 57.96
N VAL D 72 24.12 -4.96 57.31
CA VAL D 72 24.07 -6.23 56.58
C VAL D 72 23.83 -7.40 57.54
N PHE D 73 24.69 -7.54 58.55
CA PHE D 73 24.56 -8.63 59.53
C PHE D 73 23.36 -8.44 60.48
N GLY D 74 22.95 -7.20 60.69
CA GLY D 74 21.79 -6.91 61.53
C GLY D 74 20.49 -7.40 60.90
N LEU D 75 20.30 -7.08 59.63
CA LEU D 75 19.12 -7.51 58.88
C LEU D 75 19.20 -9.00 58.50
N LEU D 76 20.41 -9.54 58.42
CA LEU D 76 20.62 -10.97 58.15
C LEU D 76 20.03 -11.80 59.29
N ALA D 77 20.26 -11.37 60.53
CA ALA D 77 19.69 -12.02 61.70
C ALA D 77 18.16 -12.01 61.68
N ALA D 78 17.59 -10.85 61.36
CA ALA D 78 16.13 -10.70 61.26
C ALA D 78 15.54 -11.60 60.18
N ILE D 79 16.26 -11.75 59.07
CA ILE D 79 15.85 -12.64 57.98
C ILE D 79 15.94 -14.12 58.40
N ILE D 80 16.99 -14.46 59.15
CA ILE D 80 17.14 -15.83 59.66
C ILE D 80 16.03 -16.18 60.66
N ILE D 81 15.65 -15.24 61.52
CA ILE D 81 14.62 -15.48 62.53
C ILE D 81 13.29 -15.89 61.88
N THR D 82 12.81 -15.09 60.93
CA THR D 82 11.57 -15.40 60.22
C THR D 82 11.69 -16.69 59.40
N TYR D 83 12.88 -16.96 58.88
CA TYR D 83 13.14 -18.18 58.13
C TYR D 83 13.06 -19.43 59.01
N ILE D 84 13.50 -19.31 60.26
CA ILE D 84 13.40 -20.42 61.23
C ILE D 84 11.94 -20.70 61.57
N LYS D 85 11.16 -19.64 61.78
CA LYS D 85 9.73 -19.76 62.09
C LYS D 85 8.97 -20.46 60.96
N GLY D 86 9.15 -19.95 59.75
CA GLY D 86 8.42 -20.43 58.58
C GLY D 86 8.78 -21.82 58.10
N ASN D 87 10.02 -22.25 58.34
CA ASN D 87 10.51 -23.54 57.85
C ASN D 87 10.83 -24.55 58.95
N SER D 88 10.27 -24.35 60.14
CA SER D 88 10.48 -25.30 61.25
C SER D 88 9.42 -25.19 62.35
N ILE D 89 9.53 -26.11 63.30
CA ILE D 89 8.65 -26.16 64.47
C ILE D 89 9.06 -25.13 65.53
N ILE D 90 10.30 -24.67 65.47
CA ILE D 90 10.85 -23.77 66.50
C ILE D 90 10.08 -22.44 66.54
N LYS D 91 9.71 -22.03 67.75
CA LYS D 91 8.89 -20.84 67.97
C LYS D 91 9.72 -19.55 67.84
N SER D 92 9.03 -18.41 67.89
CA SER D 92 9.65 -17.09 67.67
C SER D 92 10.73 -16.75 68.70
N ASP D 93 10.35 -16.77 69.97
CA ASP D 93 11.26 -16.39 71.06
C ASP D 93 12.51 -17.27 71.12
N THR D 94 12.36 -18.56 70.84
CA THR D 94 13.50 -19.47 70.77
C THR D 94 14.38 -19.14 69.56
N ALA D 95 13.75 -18.86 68.42
CA ALA D 95 14.48 -18.53 67.19
C ALA D 95 15.27 -17.22 67.32
N ILE D 96 14.71 -16.25 68.05
CA ILE D 96 15.39 -14.98 68.29
C ILE D 96 16.61 -15.19 69.21
N GLY D 97 16.42 -15.97 70.26
CA GLY D 97 17.49 -16.27 71.20
C GLY D 97 18.63 -17.06 70.59
N ILE D 98 18.30 -18.01 69.73
CA ILE D 98 19.30 -18.84 69.06
C ILE D 98 20.18 -18.02 68.12
N THR D 99 19.56 -17.20 67.28
CA THR D 99 20.30 -16.41 66.31
C THR D 99 21.18 -15.33 66.95
N SER D 100 20.69 -14.71 68.03
CA SER D 100 21.42 -13.62 68.69
C SER D 100 22.63 -14.14 69.45
N SER D 101 22.47 -15.26 70.16
CA SER D 101 23.58 -15.89 70.87
C SER D 101 24.60 -16.50 69.91
N SER D 102 24.12 -17.01 68.78
CA SER D 102 25.00 -17.57 67.74
C SER D 102 25.80 -16.47 67.05
N PHE D 103 25.13 -15.36 66.73
CA PHE D 103 25.80 -14.21 66.10
C PHE D 103 26.80 -13.56 67.06
N LEU D 104 26.44 -13.47 68.33
CA LEU D 104 27.31 -12.89 69.35
C LEU D 104 28.58 -13.73 69.51
N ALA D 105 28.42 -15.05 69.53
CA ALA D 105 29.57 -15.97 69.59
C ALA D 105 30.43 -15.86 68.33
N LEU D 106 29.78 -15.71 67.18
CA LEU D 106 30.48 -15.51 65.91
C LEU D 106 31.26 -14.20 65.90
N GLY D 107 30.69 -13.16 66.52
CA GLY D 107 31.35 -11.86 66.64
C GLY D 107 32.56 -11.87 67.55
N ILE D 108 32.50 -12.65 68.62
CA ILE D 108 33.60 -12.77 69.58
C ILE D 108 34.81 -13.47 68.93
N ILE D 109 34.55 -14.49 68.12
CA ILE D 109 35.62 -15.21 67.41
C ILE D 109 36.22 -14.32 66.31
N LEU D 110 35.35 -13.65 65.55
CA LEU D 110 35.80 -12.76 64.47
C LEU D 110 36.59 -11.55 64.96
N ILE D 111 36.26 -11.06 66.15
CA ILE D 111 37.05 -10.00 66.80
C ILE D 111 38.38 -10.57 67.31
N GLY D 112 38.35 -11.80 67.81
CA GLY D 112 39.53 -12.46 68.36
C GLY D 112 40.70 -12.61 67.41
N VAL D 113 40.42 -12.85 66.13
CA VAL D 113 41.48 -13.03 65.13
C VAL D 113 42.18 -11.72 64.76
N ALA D 114 41.41 -10.65 64.58
CA ALA D 114 41.95 -9.35 64.16
C ALA D 114 42.34 -8.51 65.37
N LYS D 115 41.38 -8.30 66.26
CA LYS D 115 41.58 -7.48 67.45
C LYS D 115 41.91 -8.34 68.68
N SER D 116 42.12 -7.67 69.82
CA SER D 116 42.41 -8.35 71.08
C SER D 116 41.16 -8.46 71.95
N SER D 117 41.31 -9.05 73.13
CA SER D 117 40.20 -9.20 74.08
C SER D 117 39.82 -7.89 74.78
N THR D 118 40.77 -6.97 74.92
CA THR D 118 40.48 -5.64 75.46
C THR D 118 39.65 -4.81 74.49
N ASP D 119 39.85 -5.04 73.19
CA ASP D 119 39.03 -4.41 72.16
C ASP D 119 37.62 -5.00 72.15
N LEU D 120 37.52 -6.30 72.38
CA LEU D 120 36.23 -7.00 72.49
C LEU D 120 35.42 -6.44 73.67
N PHE D 121 36.10 -6.18 74.79
CA PHE D 121 35.45 -5.64 75.98
C PHE D 121 34.94 -4.22 75.73
N HIS D 122 35.71 -3.44 74.97
CA HIS D 122 35.34 -2.06 74.64
C HIS D 122 34.15 -1.98 73.69
N ILE D 123 34.10 -2.88 72.72
CA ILE D 123 32.98 -2.94 71.78
C ILE D 123 31.70 -3.42 72.50
N LEU D 124 31.88 -4.34 73.45
CA LEU D 124 30.74 -4.95 74.15
C LEU D 124 30.23 -4.14 75.34
N PHE D 125 31.09 -3.34 75.97
CA PHE D 125 30.71 -2.63 77.21
C PHE D 125 31.02 -1.13 77.28
N GLY D 126 31.64 -0.54 76.26
CA GLY D 126 31.75 0.92 76.19
C GLY D 126 33.02 1.52 75.62
N ASN D 127 33.98 1.80 76.50
CA ASN D 127 35.15 2.64 76.18
C ASN D 127 34.72 4.11 76.06
N ILE D 128 33.85 4.53 76.96
CA ILE D 128 33.37 5.92 77.02
C ILE D 128 34.49 6.92 77.34
N LEU D 129 35.48 6.48 78.14
CA LEU D 129 36.56 7.36 78.59
C LEU D 129 37.74 7.47 77.62
N ALA D 130 37.57 7.03 76.38
CA ALA D 130 38.63 7.11 75.37
C ALA D 130 38.09 7.15 73.94
N VAL D 131 37.10 8.02 73.72
CA VAL D 131 36.54 8.22 72.38
C VAL D 131 37.29 9.36 71.67
N GLN D 132 37.64 9.14 70.41
CA GLN D 132 38.42 10.11 69.64
C GLN D 132 37.52 11.12 68.93
N ASP D 133 38.13 12.17 68.39
CA ASP D 133 37.39 13.23 67.69
C ASP D 133 36.65 12.70 66.47
N THR D 134 37.35 11.91 65.65
CA THR D 134 36.75 11.30 64.46
C THR D 134 35.51 10.47 64.81
N ASP D 135 35.58 9.76 65.94
CA ASP D 135 34.46 8.96 66.41
C ASP D 135 33.29 9.81 66.92
N MET D 136 33.62 10.93 67.56
CA MET D 136 32.61 11.86 68.08
C MET D 136 31.83 12.52 66.95
N PHE D 137 32.52 12.98 65.92
CA PHE D 137 31.87 13.67 64.80
C PHE D 137 31.00 12.73 63.97
N ILE D 138 31.44 11.48 63.83
CA ILE D 138 30.64 10.44 63.18
C ILE D 138 29.36 10.16 63.99
N THR D 139 29.51 10.07 65.31
CA THR D 139 28.39 9.84 66.22
C THR D 139 27.35 10.96 66.16
N MET D 140 27.82 12.20 66.17
CA MET D 140 26.93 13.36 66.06
C MET D 140 26.25 13.42 64.69
N GLY D 141 27.01 13.06 63.65
CA GLY D 141 26.50 13.06 62.28
C GLY D 141 25.44 11.99 62.05
N VAL D 142 25.76 10.76 62.42
CA VAL D 142 24.81 9.65 62.28
C VAL D 142 23.64 9.79 63.25
N GLY D 143 23.90 10.34 64.42
CA GLY D 143 22.85 10.60 65.41
C GLY D 143 21.84 11.63 64.94
N ALA D 144 22.33 12.66 64.26
CA ALA D 144 21.47 13.69 63.68
C ALA D 144 20.64 13.12 62.51
N ALA D 145 21.25 12.21 61.75
CA ALA D 145 20.57 11.56 60.63
C ALA D 145 19.40 10.69 61.11
N ILE D 146 19.54 10.09 62.30
CA ILE D 146 18.47 9.30 62.90
C ILE D 146 17.31 10.19 63.34
N LEU D 147 17.63 11.33 63.96
CA LEU D 147 16.60 12.27 64.41
C LEU D 147 15.86 12.90 63.24
N LEU D 148 16.57 13.16 62.14
CA LEU D 148 15.96 13.72 60.92
C LEU D 148 15.00 12.72 60.27
N LEU D 149 15.45 11.48 60.09
CA LEU D 149 14.61 10.42 59.52
C LEU D 149 13.32 10.23 60.31
N ILE D 150 13.41 10.30 61.64
CA ILE D 150 12.23 10.21 62.51
C ILE D 150 11.32 11.42 62.32
N TRP D 151 11.92 12.61 62.20
CA TRP D 151 11.17 13.85 61.98
C TRP D 151 10.48 13.87 60.60
N ILE D 152 11.16 13.35 59.58
CA ILE D 152 10.61 13.31 58.22
C ILE D 152 9.43 12.33 58.12
N PHE D 153 9.58 11.15 58.72
CA PHE D 153 8.53 10.13 58.69
C PHE D 153 7.81 10.00 60.05
N PHE D 154 7.58 11.13 60.73
CA PHE D 154 6.95 11.10 62.05
C PHE D 154 5.50 10.62 61.98
N LYS D 155 4.71 11.26 61.13
CA LYS D 155 3.31 10.89 60.93
C LYS D 155 3.17 9.44 60.45
N GLN D 156 4.10 8.99 59.62
CA GLN D 156 4.08 7.63 59.07
C GLN D 156 4.49 6.60 60.11
N LEU D 157 5.46 6.95 60.96
CA LEU D 157 5.87 6.09 62.08
C LEU D 157 4.83 6.09 63.21
N LEU D 158 4.10 7.21 63.35
CA LEU D 158 3.03 7.32 64.33
C LEU D 158 1.87 6.38 64.02
N ILE D 159 1.33 6.50 62.81
CA ILE D 159 0.14 5.75 62.41
C ILE D 159 0.39 4.24 62.31
N THR D 160 1.61 3.84 61.95
CA THR D 160 1.95 2.43 61.81
C THR D 160 2.22 1.76 63.16
N SER D 161 2.74 2.52 64.12
CA SER D 161 2.97 2.00 65.47
C SER D 161 1.66 1.88 66.26
N PHE D 162 0.78 2.88 66.11
CA PHE D 162 -0.49 2.91 66.83
C PHE D 162 -1.52 1.97 66.20
N ASP D 163 -1.83 2.20 64.92
CA ASP D 163 -2.88 1.46 64.22
C ASP D 163 -2.36 0.99 62.86
N GLU D 164 -1.54 -0.06 62.89
CA GLU D 164 -0.99 -0.66 61.67
C GLU D 164 -2.09 -1.19 60.76
N LEU D 165 -3.16 -1.70 61.37
CA LEU D 165 -4.30 -2.25 60.63
C LEU D 165 -5.01 -1.19 59.78
N LEU D 166 -5.02 0.06 60.27
CA LEU D 166 -5.56 1.18 59.49
C LEU D 166 -4.59 1.60 58.38
N ALA D 167 -3.29 1.58 58.68
CA ALA D 167 -2.26 1.91 57.70
C ALA D 167 -2.27 0.96 56.51
N LYS D 168 -2.50 -0.33 56.78
CA LYS D 168 -2.65 -1.34 55.72
C LYS D 168 -3.89 -1.06 54.85
N ALA D 169 -4.97 -0.64 55.50
CA ALA D 169 -6.20 -0.29 54.79
C ALA D 169 -6.06 0.97 53.93
N MET D 170 -5.19 1.88 54.35
CA MET D 170 -4.89 3.09 53.59
C MET D 170 -3.93 2.85 52.42
N GLY D 171 -3.25 1.70 52.42
CA GLY D 171 -2.33 1.32 51.36
C GLY D 171 -0.91 1.78 51.59
N MET D 172 -0.51 1.89 52.86
CA MET D 172 0.84 2.31 53.22
C MET D 172 1.78 1.10 53.26
N PRO D 173 3.04 1.29 52.85
CA PRO D 173 4.02 0.21 52.94
C PRO D 173 4.46 0.00 54.39
N VAL D 174 3.72 -0.84 55.11
CA VAL D 174 3.96 -1.06 56.54
C VAL D 174 5.30 -1.76 56.82
N ASN D 175 5.75 -2.61 55.89
CA ASN D 175 7.02 -3.31 56.02
C ASN D 175 8.21 -2.37 55.83
N PHE D 176 8.08 -1.40 54.93
CA PHE D 176 9.13 -0.40 54.70
C PHE D 176 9.51 0.33 55.99
N TYR D 177 8.50 0.79 56.73
CA TYR D 177 8.73 1.52 57.98
C TYR D 177 9.21 0.60 59.11
N HIS D 178 8.84 -0.67 59.04
CA HIS D 178 9.34 -1.68 59.97
C HIS D 178 10.85 -1.88 59.77
N TYR D 179 11.27 -1.98 58.51
CA TYR D 179 12.70 -2.13 58.19
C TYR D 179 13.47 -0.83 58.37
N LEU D 180 12.84 0.30 58.09
CA LEU D 180 13.43 1.62 58.37
C LEU D 180 13.76 1.74 59.85
N LEU D 181 12.83 1.32 60.70
CA LEU D 181 13.00 1.37 62.14
C LEU D 181 14.13 0.46 62.63
N MET D 182 14.31 -0.69 61.98
CA MET D 182 15.39 -1.62 62.31
C MET D 182 16.75 -1.15 61.79
N VAL D 183 16.75 -0.31 60.76
CA VAL D 183 17.98 0.34 60.30
C VAL D 183 18.44 1.37 61.33
N LEU D 184 17.49 2.17 61.84
CA LEU D 184 17.77 3.14 62.90
C LEU D 184 18.31 2.44 64.15
N LEU D 185 17.75 1.27 64.44
CA LEU D 185 18.17 0.44 65.57
C LEU D 185 19.63 0.00 65.46
N THR D 186 20.03 -0.43 64.27
CA THR D 186 21.42 -0.86 64.03
C THR D 186 22.41 0.30 64.03
N LEU D 187 21.97 1.46 63.58
CA LEU D 187 22.78 2.68 63.62
C LEU D 187 23.03 3.13 65.06
N VAL D 188 22.02 3.00 65.90
CA VAL D 188 22.16 3.28 67.34
C VAL D 188 23.08 2.28 68.02
N SER D 189 23.01 1.02 67.59
CA SER D 189 23.82 -0.05 68.18
C SER D 189 25.32 0.19 68.04
N VAL D 190 25.78 0.50 66.83
CA VAL D 190 27.20 0.79 66.58
C VAL D 190 27.61 2.14 67.20
N THR D 191 26.66 3.06 67.28
CA THR D 191 26.87 4.34 67.96
C THR D 191 27.04 4.13 69.47
N ALA D 192 26.29 3.17 70.02
CA ALA D 192 26.35 2.84 71.45
C ALA D 192 27.59 2.03 71.85
N MET D 193 28.44 1.67 70.89
CA MET D 193 29.72 1.02 71.18
C MET D 193 30.74 1.98 71.79
N GLN D 194 30.32 3.20 72.11
CA GLN D 194 31.21 4.19 72.71
C GLN D 194 30.55 4.88 73.91
N SER D 195 29.79 4.10 74.68
CA SER D 195 29.19 4.58 75.92
C SER D 195 28.78 3.40 76.81
N VAL D 196 27.67 2.76 76.46
CA VAL D 196 27.15 1.63 77.23
C VAL D 196 27.59 0.28 76.68
N GLY D 197 27.93 0.23 75.39
CA GLY D 197 28.42 -1.00 74.75
C GLY D 197 27.30 -1.81 74.12
N THR D 198 27.69 -2.81 73.34
CA THR D 198 26.75 -3.68 72.62
C THR D 198 25.73 -4.38 73.52
N ILE D 199 26.15 -4.78 74.71
CA ILE D 199 25.31 -5.57 75.60
C ILE D 199 24.23 -4.74 76.30
N LEU D 200 24.54 -3.48 76.60
CA LEU D 200 23.63 -2.61 77.37
C LEU D 200 22.94 -1.52 76.54
N ILE D 201 22.82 -1.73 75.23
CA ILE D 201 22.15 -0.75 74.36
C ILE D 201 20.66 -0.78 74.66
N VAL D 202 20.11 -1.99 74.67
CA VAL D 202 18.70 -2.23 74.97
C VAL D 202 18.21 -1.44 76.19
N ALA D 203 19.04 -1.33 77.22
CA ALA D 203 18.71 -0.56 78.42
C ALA D 203 18.45 0.90 78.08
N MET D 204 19.34 1.50 77.29
CA MET D 204 19.21 2.90 76.89
C MET D 204 18.11 3.12 75.86
N LEU D 205 17.73 2.07 75.15
CA LEU D 205 16.57 2.12 74.26
C LEU D 205 15.27 2.13 75.07
N ILE D 206 15.03 1.04 75.81
CA ILE D 206 13.71 0.80 76.39
C ILE D 206 13.45 1.47 77.75
N THR D 207 14.47 1.64 78.58
CA THR D 207 14.27 2.16 79.93
C THR D 207 13.90 3.66 79.95
N PRO D 208 14.63 4.50 79.21
CA PRO D 208 14.20 5.90 79.09
C PRO D 208 12.84 6.05 78.40
N ALA D 209 12.55 5.17 77.44
CA ALA D 209 11.26 5.15 76.76
C ALA D 209 10.14 4.76 77.71
N ALA D 210 10.36 3.69 78.46
CA ALA D 210 9.38 3.20 79.44
C ALA D 210 9.11 4.21 80.54
N THR D 211 10.14 4.95 80.94
CA THR D 211 10.00 6.02 81.93
C THR D 211 9.16 7.17 81.37
N ALA D 212 9.45 7.57 80.14
CA ALA D 212 8.68 8.62 79.46
C ALA D 212 7.26 8.17 79.13
N TYR D 213 7.08 6.86 78.96
CA TYR D 213 5.76 6.28 78.67
C TYR D 213 4.78 6.44 79.85
N LEU D 214 5.31 6.57 81.06
CA LEU D 214 4.49 6.79 82.26
C LEU D 214 3.92 8.20 82.33
N TYR D 215 4.62 9.18 81.74
CA TYR D 215 4.20 10.58 81.76
C TYR D 215 3.48 11.02 80.48
N ALA D 216 3.99 10.58 79.33
CA ALA D 216 3.61 11.16 78.02
C ALA D 216 2.12 11.08 77.68
N ASN D 217 1.62 12.18 77.11
CA ASN D 217 0.26 12.25 76.59
C ASN D 217 0.24 12.34 75.04
N SER D 218 1.40 12.18 74.43
CA SER D 218 1.53 12.09 72.97
C SER D 218 2.89 11.51 72.60
N LEU D 219 3.06 11.12 71.35
CA LEU D 219 4.32 10.54 70.87
C LEU D 219 5.45 11.58 70.81
N LYS D 220 5.13 12.79 70.36
CA LYS D 220 6.10 13.89 70.33
C LYS D 220 6.59 14.22 71.74
N SER D 221 5.64 14.29 72.68
CA SER D 221 5.96 14.53 74.08
C SER D 221 6.79 13.39 74.68
N MET D 222 6.46 12.15 74.29
CA MET D 222 7.17 10.96 74.77
C MET D 222 8.63 10.94 74.32
N ILE D 223 8.86 11.22 73.04
CA ILE D 223 10.22 11.27 72.48
C ILE D 223 11.06 12.33 73.19
N PHE D 224 10.48 13.50 73.44
CA PHE D 224 11.16 14.57 74.15
C PHE D 224 11.59 14.14 75.56
N LEU D 225 10.68 13.49 76.28
CA LEU D 225 10.96 13.03 77.65
C LEU D 225 11.94 11.86 77.65
N SER D 226 11.78 10.94 76.70
CA SER D 226 12.67 9.78 76.60
C SER D 226 14.12 10.20 76.31
N SER D 227 14.27 11.19 75.43
CA SER D 227 15.59 11.74 75.11
C SER D 227 16.16 12.56 76.28
N THR D 228 15.29 13.22 77.03
CA THR D 228 15.68 13.97 78.22
C THR D 228 16.17 13.05 79.33
N PHE D 229 15.39 12.00 79.62
CA PHE D 229 15.78 11.00 80.61
C PHE D 229 17.00 10.20 80.13
N GLY D 230 17.11 10.00 78.83
CA GLY D 230 18.27 9.33 78.23
C GLY D 230 19.53 10.16 78.33
N ALA D 231 19.41 11.46 78.07
CA ALA D 231 20.54 12.38 78.14
C ALA D 231 20.99 12.61 79.58
N THR D 232 20.03 12.84 80.47
CA THR D 232 20.31 13.12 81.88
C THR D 232 20.94 11.91 82.59
N ALA D 233 20.47 10.71 82.27
CA ALA D 233 21.04 9.48 82.82
C ALA D 233 22.47 9.25 82.33
N SER D 234 22.74 9.64 81.08
CA SER D 234 24.07 9.53 80.51
C SER D 234 25.07 10.50 81.14
N VAL D 235 24.58 11.65 81.59
CA VAL D 235 25.41 12.66 82.25
C VAL D 235 25.72 12.24 83.69
N LEU D 236 24.67 11.94 84.46
CA LEU D 236 24.83 11.52 85.85
C LEU D 236 25.59 10.19 85.98
N GLY D 237 25.38 9.29 85.02
CA GLY D 237 26.11 8.03 84.99
C GLY D 237 27.60 8.23 84.80
N LEU D 238 27.97 9.14 83.92
CA LEU D 238 29.36 9.50 83.69
C LEU D 238 29.98 10.15 84.94
N PHE D 239 29.17 10.99 85.62
CA PHE D 239 29.59 11.62 86.87
C PHE D 239 29.87 10.59 87.97
N ILE D 240 29.03 9.55 88.04
CA ILE D 240 29.21 8.47 89.02
C ILE D 240 30.48 7.67 88.71
N GLY D 241 30.62 7.27 87.44
CA GLY D 241 31.78 6.50 87.00
C GLY D 241 33.10 7.25 87.13
N TYR D 242 33.06 8.54 86.86
CA TYR D 242 34.24 9.41 86.98
C TYR D 242 34.62 9.62 88.44
N SER D 243 33.64 9.96 89.27
CA SER D 243 33.88 10.29 90.68
C SER D 243 34.34 9.08 91.51
N PHE D 244 33.67 7.95 91.33
CA PHE D 244 33.95 6.74 92.13
C PHE D 244 34.86 5.72 91.42
N ASN D 245 35.33 6.05 90.22
CA ASN D 245 36.19 5.16 89.43
C ASN D 245 35.55 3.78 89.22
N VAL D 246 34.36 3.79 88.62
CA VAL D 246 33.62 2.56 88.31
C VAL D 246 33.08 2.60 86.89
N ALA D 247 32.62 1.45 86.41
CA ALA D 247 32.12 1.31 85.04
C ALA D 247 31.02 2.33 84.75
N ALA D 248 31.34 3.29 83.87
CA ALA D 248 30.42 4.38 83.55
C ALA D 248 29.19 3.88 82.78
N GLY D 249 29.41 2.97 81.83
CA GLY D 249 28.31 2.37 81.07
C GLY D 249 27.23 1.77 81.95
N SER D 250 27.66 1.03 82.98
CA SER D 250 26.74 0.44 83.94
C SER D 250 26.11 1.50 84.85
N SER D 251 26.89 2.51 85.22
CA SER D 251 26.40 3.62 86.04
C SER D 251 25.33 4.44 85.30
N ILE D 252 25.48 4.56 83.98
CA ILE D 252 24.47 5.22 83.13
C ILE D 252 23.17 4.42 83.10
N VAL D 253 23.28 3.10 83.03
CA VAL D 253 22.10 2.22 83.00
C VAL D 253 21.36 2.22 84.34
N LEU D 254 22.11 2.16 85.43
CA LEU D 254 21.51 2.19 86.78
C LEU D 254 20.83 3.52 87.07
N THR D 255 21.39 4.61 86.55
CA THR D 255 20.78 5.94 86.69
C THR D 255 19.46 6.01 85.93
N ALA D 256 19.44 5.42 84.73
CA ALA D 256 18.21 5.34 83.94
C ALA D 256 17.18 4.44 84.62
N ALA D 257 17.64 3.35 85.23
CA ALA D 257 16.78 2.44 85.97
C ALA D 257 16.23 3.09 87.25
N SER D 258 17.04 3.93 87.88
CA SER D 258 16.63 4.63 89.09
C SER D 258 15.54 5.68 88.81
N PHE D 259 15.63 6.36 87.66
CA PHE D 259 14.57 7.29 87.24
C PHE D 259 13.27 6.53 87.00
N PHE D 260 13.37 5.36 86.38
CA PHE D 260 12.21 4.50 86.15
C PHE D 260 11.58 4.04 87.46
N LEU D 261 12.42 3.65 88.41
CA LEU D 261 11.95 3.19 89.73
C LEU D 261 11.25 4.30 90.50
N ILE D 262 11.78 5.52 90.42
CA ILE D 262 11.17 6.69 91.04
C ILE D 262 9.86 7.05 90.33
N SER D 263 9.92 7.07 88.99
CA SER D 263 8.75 7.41 88.17
C SER D 263 7.61 6.40 88.28
N PHE D 264 7.93 5.16 88.68
CA PHE D 264 6.93 4.12 88.86
C PHE D 264 5.90 4.48 89.94
N PHE D 265 6.33 5.24 90.94
CA PHE D 265 5.47 5.62 92.07
C PHE D 265 4.94 7.05 91.98
N ILE D 266 5.79 8.00 91.60
CA ILE D 266 5.42 9.43 91.64
C ILE D 266 4.61 9.93 90.43
N ALA D 267 4.56 9.15 89.36
CA ALA D 267 3.88 9.57 88.14
C ALA D 267 2.36 9.70 88.33
N PRO D 268 1.75 10.77 87.77
CA PRO D 268 0.30 10.98 87.88
C PRO D 268 -0.55 9.79 87.39
N LYS D 269 -0.17 9.21 86.26
CA LYS D 269 -0.89 8.07 85.71
C LYS D 269 -0.72 6.80 86.56
N GLN D 270 0.43 6.67 87.21
CA GLN D 270 0.68 5.54 88.12
C GLN D 270 -0.11 5.64 89.42
N ARG D 271 -0.33 6.87 89.89
CA ARG D 271 -1.14 7.12 91.08
C ARG D 271 -2.61 6.78 90.80
N TYR D 272 -3.19 7.47 89.82
CA TYR D 272 -4.57 7.22 89.41
C TYR D 272 -4.63 6.03 88.46
N MET E 1 -11.85 -29.10 -30.97
CA MET E 1 -11.22 -30.43 -30.76
C MET E 1 -10.96 -30.68 -29.27
N ILE E 2 -11.44 -31.82 -28.77
CA ILE E 2 -11.09 -32.30 -27.43
C ILE E 2 -10.18 -33.52 -27.60
N ARG E 3 -8.88 -33.33 -27.35
CA ARG E 3 -7.89 -34.38 -27.53
C ARG E 3 -7.44 -34.94 -26.17
N ILE E 4 -7.80 -36.19 -25.91
CA ILE E 4 -7.37 -36.90 -24.71
C ILE E 4 -6.23 -37.85 -25.08
N GLU E 5 -5.23 -37.96 -24.21
CA GLU E 5 -4.08 -38.83 -24.47
C GLU E 5 -3.60 -39.56 -23.20
N ASN E 6 -3.83 -40.87 -23.18
CA ASN E 6 -3.33 -41.75 -22.11
C ASN E 6 -3.82 -41.33 -20.72
N LEU E 7 -5.05 -40.84 -20.64
CA LEU E 7 -5.62 -40.38 -19.37
C LEU E 7 -6.03 -41.58 -18.53
N SER E 8 -5.53 -41.63 -17.30
CA SER E 8 -5.86 -42.70 -16.36
C SER E 8 -6.16 -42.09 -15.00
N VAL E 9 -7.07 -42.74 -14.26
CA VAL E 9 -7.46 -42.27 -12.93
C VAL E 9 -7.52 -43.44 -11.95
N SER E 10 -6.97 -43.24 -10.76
CA SER E 10 -7.01 -44.23 -9.69
C SER E 10 -7.76 -43.66 -8.49
N TYR E 11 -9.02 -44.08 -8.34
CA TYR E 11 -9.87 -43.60 -7.25
CA TYR E 11 -9.87 -43.60 -7.25
C TYR E 11 -9.42 -44.18 -5.92
N LYS E 12 -9.20 -45.48 -5.89
CA LYS E 12 -8.74 -46.18 -4.69
C LYS E 12 -8.14 -47.54 -5.07
N GLU E 13 -6.80 -47.62 -5.01
CA GLU E 13 -6.06 -48.83 -5.37
C GLU E 13 -6.12 -49.15 -6.86
N THR E 14 -7.29 -49.59 -7.33
CA THR E 14 -7.48 -49.99 -8.73
C THR E 14 -7.72 -48.80 -9.67
N LEU E 15 -7.74 -49.09 -10.97
CA LEU E 15 -7.98 -48.06 -11.99
C LEU E 15 -9.47 -47.84 -12.23
N ALA E 16 -9.88 -46.57 -12.20
CA ALA E 16 -11.22 -46.17 -12.62
C ALA E 16 -11.26 -45.98 -14.13
N LEU E 17 -10.21 -45.34 -14.65
CA LEU E 17 -9.99 -45.19 -16.10
C LEU E 17 -8.63 -45.75 -16.47
N LYS E 18 -8.50 -46.25 -17.69
CA LYS E 18 -7.27 -46.92 -18.13
C LYS E 18 -6.85 -46.52 -19.54
N ASP E 19 -5.89 -45.60 -19.62
CA ASP E 19 -5.30 -45.16 -20.90
C ASP E 19 -6.37 -44.72 -21.91
N ILE E 20 -7.08 -43.66 -21.57
CA ILE E 20 -8.11 -43.10 -22.45
C ILE E 20 -7.44 -42.23 -23.51
N SER E 21 -7.61 -42.62 -24.78
CA SER E 21 -7.12 -41.83 -25.91
C SER E 21 -8.27 -41.62 -26.89
N LEU E 22 -8.51 -40.36 -27.25
CA LEU E 22 -9.70 -40.00 -28.02
C LEU E 22 -9.58 -38.59 -28.61
N VAL E 23 -10.15 -38.42 -29.81
CA VAL E 23 -10.17 -37.12 -30.48
C VAL E 23 -11.60 -36.81 -30.92
N LEU E 24 -12.23 -35.86 -30.23
CA LEU E 24 -13.63 -35.50 -30.46
C LEU E 24 -13.74 -34.18 -31.22
N HIS E 25 -14.37 -34.20 -32.38
CA HIS E 25 -14.59 -33.00 -33.19
C HIS E 25 -16.02 -32.51 -33.05
N GLY E 26 -16.19 -31.19 -33.10
CA GLY E 26 -17.52 -30.57 -33.07
C GLY E 26 -17.85 -29.95 -34.42
N PRO E 27 -19.03 -29.34 -34.57
CA PRO E 27 -20.04 -29.27 -33.50
C PRO E 27 -20.76 -30.59 -33.29
N THR E 28 -21.12 -30.89 -32.05
CA THR E 28 -21.68 -32.21 -31.72
C THR E 28 -22.36 -32.23 -30.36
N ILE E 29 -23.36 -33.12 -30.23
CA ILE E 29 -23.89 -33.53 -28.95
C ILE E 29 -23.47 -34.99 -28.77
N THR E 30 -22.43 -35.22 -27.97
CA THR E 30 -21.82 -36.54 -27.83
C THR E 30 -22.23 -37.20 -26.51
N GLY E 31 -22.56 -38.50 -26.59
CA GLY E 31 -23.01 -39.26 -25.43
C GLY E 31 -21.95 -40.23 -24.92
N ILE E 32 -21.65 -40.14 -23.63
CA ILE E 32 -20.77 -41.09 -22.97
C ILE E 32 -21.64 -42.11 -22.23
N ILE E 33 -21.71 -43.32 -22.77
CA ILE E 33 -22.55 -44.38 -22.20
C ILE E 33 -21.71 -45.54 -21.69
N GLY E 34 -22.34 -46.41 -20.90
CA GLY E 34 -21.68 -47.58 -20.32
C GLY E 34 -22.17 -47.83 -18.90
N PRO E 35 -21.70 -48.92 -18.28
CA PRO E 35 -22.10 -49.28 -16.92
C PRO E 35 -21.87 -48.16 -15.91
N ASN E 36 -22.75 -48.04 -14.92
CA ASN E 36 -22.61 -47.03 -13.87
C ASN E 36 -21.44 -47.39 -12.96
N GLY E 37 -20.61 -46.39 -12.66
CA GLY E 37 -19.45 -46.59 -11.79
C GLY E 37 -18.21 -47.13 -12.50
N ALA E 38 -18.28 -47.26 -13.82
CA ALA E 38 -17.21 -47.91 -14.61
C ALA E 38 -16.27 -46.94 -15.32
N GLY E 39 -16.66 -45.67 -15.47
CA GLY E 39 -15.81 -44.67 -16.12
C GLY E 39 -16.54 -43.41 -16.57
N LYS E 40 -17.75 -43.58 -17.09
CA LYS E 40 -18.63 -42.48 -17.52
C LYS E 40 -18.32 -41.12 -16.91
N SER E 41 -18.59 -40.97 -15.61
CA SER E 41 -18.50 -39.68 -14.91
C SER E 41 -17.08 -39.28 -14.53
N THR E 42 -16.26 -40.27 -14.16
CA THR E 42 -14.87 -40.05 -13.78
C THR E 42 -14.08 -39.37 -14.91
N LEU E 43 -14.38 -39.75 -16.14
CA LEU E 43 -13.73 -39.17 -17.32
C LEU E 43 -13.82 -37.65 -17.37
N LEU E 44 -15.01 -37.10 -17.10
CA LEU E 44 -15.22 -35.65 -17.14
C LEU E 44 -14.37 -34.93 -16.08
N LYS E 45 -14.32 -35.48 -14.87
CA LYS E 45 -13.53 -34.92 -13.78
C LYS E 45 -12.03 -34.99 -14.07
N GLY E 46 -11.58 -36.13 -14.59
CA GLY E 46 -10.19 -36.32 -14.98
C GLY E 46 -9.78 -35.45 -16.14
N MET E 47 -10.70 -35.27 -17.07
CA MET E 47 -10.51 -34.38 -18.23
C MET E 47 -10.34 -32.93 -17.77
N LEU E 48 -11.19 -32.51 -16.83
CA LEU E 48 -11.17 -31.15 -16.29
C LEU E 48 -10.02 -30.90 -15.31
N GLY E 49 -9.43 -31.98 -14.77
CA GLY E 49 -8.34 -31.87 -13.80
C GLY E 49 -8.83 -31.64 -12.38
N ILE E 50 -10.09 -31.98 -12.13
CA ILE E 50 -10.70 -31.83 -10.81
C ILE E 50 -10.14 -32.86 -9.84
N ILE E 51 -9.72 -34.01 -10.38
CA ILE E 51 -9.14 -35.10 -9.59
C ILE E 51 -7.77 -35.48 -10.17
N PRO E 52 -6.92 -36.15 -9.38
CA PRO E 52 -5.60 -36.59 -9.89
C PRO E 52 -5.68 -37.55 -11.07
N HIS E 53 -4.75 -37.43 -12.00
CA HIS E 53 -4.71 -38.28 -13.20
C HIS E 53 -3.30 -38.33 -13.79
N GLN E 54 -3.06 -39.33 -14.65
CA GLN E 54 -1.71 -39.59 -15.19
C GLN E 54 -1.46 -38.95 -16.56
N GLY E 55 -2.46 -38.95 -17.43
CA GLY E 55 -2.30 -38.51 -18.81
C GLY E 55 -2.43 -37.01 -19.00
N GLN E 56 -2.88 -36.62 -20.19
CA GLN E 56 -3.11 -35.21 -20.52
C GLN E 56 -4.44 -35.03 -21.23
N ALA E 57 -4.93 -33.78 -21.23
CA ALA E 57 -6.17 -33.42 -21.92
C ALA E 57 -6.01 -32.04 -22.54
N PHE E 58 -6.47 -31.89 -23.78
CA PHE E 58 -6.25 -30.66 -24.54
C PHE E 58 -7.53 -30.10 -25.17
N LEU E 59 -7.60 -28.78 -25.26
CA LEU E 59 -8.60 -28.08 -26.08
C LEU E 59 -7.85 -27.29 -27.16
N ASP E 60 -7.80 -27.85 -28.36
CA ASP E 60 -7.16 -27.19 -29.51
C ASP E 60 -5.70 -26.83 -29.21
N ASP E 61 -4.85 -27.86 -29.14
CA ASP E 61 -3.42 -27.72 -28.80
C ASP E 61 -3.13 -26.80 -27.61
N LYS E 62 -4.04 -26.78 -26.64
CA LYS E 62 -3.89 -26.01 -25.41
C LYS E 62 -4.51 -26.83 -24.29
N GLU E 63 -3.82 -26.91 -23.15
CA GLU E 63 -4.19 -27.86 -22.11
C GLU E 63 -5.48 -27.43 -21.40
N VAL E 64 -6.29 -28.42 -21.00
CA VAL E 64 -7.58 -28.16 -20.37
C VAL E 64 -7.43 -27.49 -19.01
N LYS E 65 -6.37 -27.86 -18.29
CA LYS E 65 -6.07 -27.28 -16.97
C LYS E 65 -5.74 -25.78 -17.05
N LYS E 66 -5.28 -25.31 -18.21
CA LYS E 66 -5.00 -23.89 -18.43
C LYS E 66 -6.02 -23.22 -19.35
N SER E 67 -7.17 -23.85 -19.56
CA SER E 67 -8.22 -23.33 -20.45
C SER E 67 -9.62 -23.58 -19.88
N LEU E 68 -9.75 -23.50 -18.56
CA LEU E 68 -11.01 -23.80 -17.87
C LEU E 68 -12.08 -22.72 -18.10
N HIS E 69 -11.64 -21.52 -18.45
CA HIS E 69 -12.55 -20.44 -18.83
C HIS E 69 -13.37 -20.76 -20.09
N ARG E 70 -12.87 -21.68 -20.92
CA ARG E 70 -13.57 -22.12 -22.13
C ARG E 70 -14.57 -23.27 -21.91
N ILE E 71 -14.66 -23.78 -20.69
CA ILE E 71 -15.48 -24.97 -20.41
C ILE E 71 -16.53 -24.70 -19.35
N ALA E 72 -17.74 -25.24 -19.58
CA ALA E 72 -18.80 -25.22 -18.60
C ALA E 72 -19.01 -26.65 -18.10
N TYR E 73 -19.12 -26.81 -16.78
CA TYR E 73 -19.30 -28.12 -16.17
C TYR E 73 -20.59 -28.16 -15.34
N VAL E 74 -21.54 -29.00 -15.78
CA VAL E 74 -22.79 -29.22 -15.08
C VAL E 74 -22.76 -30.60 -14.42
N GLU E 75 -22.55 -30.61 -13.10
CA GLU E 75 -22.45 -31.85 -12.33
C GLU E 75 -23.83 -32.46 -12.08
N GLN E 76 -23.84 -33.64 -11.46
CA GLN E 76 -25.08 -34.32 -11.11
C GLN E 76 -25.79 -33.57 -9.99
N LYS E 77 -27.12 -33.59 -10.01
CA LYS E 77 -27.94 -32.98 -8.96
C LYS E 77 -27.66 -33.59 -7.59
N ILE E 78 -27.32 -34.89 -7.57
CA ILE E 78 -27.07 -35.63 -6.34
C ILE E 78 -25.97 -34.97 -5.49
N ASN E 79 -24.94 -34.44 -6.16
CA ASN E 79 -23.82 -33.79 -5.46
C ASN E 79 -24.22 -32.51 -4.74
N ILE E 80 -25.16 -31.77 -5.33
CA ILE E 80 -25.54 -30.45 -4.82
C ILE E 80 -26.47 -30.57 -3.61
N ASP E 81 -26.18 -29.76 -2.59
CA ASP E 81 -26.99 -29.71 -1.36
C ASP E 81 -28.17 -28.78 -1.59
N TYR E 82 -29.38 -29.34 -1.62
CA TYR E 82 -30.59 -28.56 -1.87
C TYR E 82 -30.97 -27.68 -0.68
N ASN E 83 -30.57 -28.13 0.51
CA ASN E 83 -30.88 -27.41 1.75
C ASN E 83 -30.07 -26.13 1.94
N PHE E 84 -29.00 -25.95 1.17
CA PHE E 84 -28.19 -24.74 1.21
C PHE E 84 -29.05 -23.51 0.90
N PRO E 85 -28.90 -22.43 1.69
CA PRO E 85 -29.72 -21.24 1.46
C PRO E 85 -29.25 -20.45 0.24
N ILE E 86 -29.96 -20.61 -0.88
CA ILE E 86 -29.62 -19.93 -2.12
C ILE E 86 -30.83 -19.90 -3.06
N LYS E 87 -31.06 -18.74 -3.68
CA LYS E 87 -32.18 -18.56 -4.61
C LYS E 87 -31.79 -19.02 -6.01
N VAL E 88 -32.77 -19.04 -6.92
CA VAL E 88 -32.54 -19.49 -8.29
C VAL E 88 -31.62 -18.52 -9.04
N LYS E 89 -31.92 -17.23 -8.97
CA LYS E 89 -31.08 -16.20 -9.61
C LYS E 89 -29.67 -16.18 -9.02
N GLU E 90 -29.56 -16.42 -7.72
CA GLU E 90 -28.27 -16.44 -7.02
C GLU E 90 -27.44 -17.65 -7.43
N CYS E 91 -28.12 -18.77 -7.73
CA CYS E 91 -27.44 -19.98 -8.19
C CYS E 91 -26.96 -19.86 -9.64
N VAL E 92 -27.78 -19.26 -10.49
CA VAL E 92 -27.42 -19.04 -11.90
C VAL E 92 -26.29 -18.02 -12.02
N SER E 93 -26.29 -17.01 -11.16
CA SER E 93 -25.26 -15.96 -11.16
C SER E 93 -23.86 -16.49 -10.88
N LEU E 94 -23.75 -17.66 -10.25
CA LEU E 94 -22.47 -18.31 -9.97
C LEU E 94 -21.65 -18.56 -11.24
N GLY E 95 -22.34 -18.76 -12.36
CA GLY E 95 -21.70 -18.92 -13.67
C GLY E 95 -20.94 -17.69 -14.15
N LEU E 96 -21.36 -16.51 -13.71
CA LEU E 96 -20.71 -15.25 -14.08
C LEU E 96 -19.49 -14.90 -13.21
N PHE E 97 -19.31 -15.61 -12.10
CA PHE E 97 -18.26 -15.30 -11.12
C PHE E 97 -16.84 -15.26 -11.70
N PRO E 98 -16.50 -16.17 -12.64
CA PRO E 98 -15.19 -16.09 -13.31
C PRO E 98 -14.95 -14.78 -14.06
N SER E 99 -15.99 -14.26 -14.74
CA SER E 99 -15.88 -13.01 -15.49
C SER E 99 -15.75 -11.77 -14.59
N ILE E 100 -16.19 -11.89 -13.34
CA ILE E 100 -16.05 -10.81 -12.37
C ILE E 100 -14.69 -10.94 -11.67
N PRO E 101 -13.94 -9.83 -11.57
CA PRO E 101 -12.68 -9.86 -10.85
C PRO E 101 -12.88 -9.76 -9.33
N LEU E 102 -11.79 -9.87 -8.58
CA LEU E 102 -11.84 -9.69 -7.12
C LEU E 102 -12.12 -8.23 -6.79
N PHE E 103 -12.66 -7.99 -5.60
CA PHE E 103 -13.04 -6.65 -5.14
C PHE E 103 -14.04 -5.97 -6.09
N ARG E 104 -15.02 -6.74 -6.55
CA ARG E 104 -16.02 -6.23 -7.49
C ARG E 104 -17.36 -6.95 -7.36
N SER E 105 -18.45 -6.18 -7.43
CA SER E 105 -19.81 -6.72 -7.27
C SER E 105 -20.50 -6.91 -8.61
N LEU E 106 -21.71 -7.48 -8.58
CA LEU E 106 -22.52 -7.69 -9.77
C LEU E 106 -23.47 -6.51 -9.98
N LYS E 107 -23.22 -5.72 -11.02
CA LYS E 107 -24.10 -4.60 -11.40
C LYS E 107 -25.34 -5.11 -12.14
N ALA E 108 -26.22 -4.18 -12.51
CA ALA E 108 -27.45 -4.52 -13.26
C ALA E 108 -27.16 -5.20 -14.59
N LYS E 109 -26.03 -4.87 -15.21
CA LYS E 109 -25.57 -5.50 -16.44
C LYS E 109 -25.59 -7.03 -16.37
N HIS E 110 -25.07 -7.57 -15.26
CA HIS E 110 -24.93 -9.02 -15.09
C HIS E 110 -26.26 -9.70 -14.74
N TRP E 111 -27.05 -9.08 -13.87
CA TRP E 111 -28.36 -9.62 -13.48
C TRP E 111 -29.34 -9.72 -14.66
N LYS E 112 -29.16 -8.85 -15.65
CA LYS E 112 -29.93 -8.91 -16.89
C LYS E 112 -29.64 -10.21 -17.65
N LYS E 113 -28.36 -10.58 -17.72
CA LYS E 113 -27.93 -11.78 -18.44
C LYS E 113 -28.28 -13.07 -17.69
N VAL E 114 -28.46 -12.97 -16.38
CA VAL E 114 -28.97 -14.07 -15.57
C VAL E 114 -30.45 -14.34 -15.90
N GLN E 115 -31.23 -13.27 -16.00
CA GLN E 115 -32.66 -13.38 -16.27
C GLN E 115 -32.95 -13.86 -17.70
N GLU E 116 -32.05 -13.55 -18.63
CA GLU E 116 -32.17 -14.04 -20.00
C GLU E 116 -31.96 -15.55 -20.08
N ALA E 117 -30.99 -16.06 -19.33
CA ALA E 117 -30.74 -17.50 -19.26
C ALA E 117 -31.92 -18.27 -18.68
N LEU E 118 -32.56 -17.68 -17.66
CA LEU E 118 -33.76 -18.26 -17.04
C LEU E 118 -34.95 -18.27 -18.00
N GLU E 119 -35.04 -17.23 -18.84
CA GLU E 119 -36.11 -17.15 -19.85
C GLU E 119 -35.95 -18.19 -20.95
N ILE E 120 -34.71 -18.53 -21.29
CA ILE E 120 -34.43 -19.58 -22.28
C ILE E 120 -34.87 -20.95 -21.76
N VAL E 121 -34.53 -21.24 -20.51
CA VAL E 121 -34.90 -22.52 -19.89
C VAL E 121 -36.31 -22.53 -19.28
N GLY E 122 -36.96 -21.35 -19.25
CA GLY E 122 -38.36 -21.26 -18.85
C GLY E 122 -38.58 -21.23 -17.35
N LEU E 123 -37.77 -20.44 -16.64
CA LEU E 123 -37.89 -20.27 -15.20
C LEU E 123 -37.71 -18.81 -14.80
N ALA E 124 -38.32 -17.91 -15.56
CA ALA E 124 -38.26 -16.47 -15.29
C ALA E 124 -39.07 -16.11 -14.04
N ASP E 125 -40.20 -16.82 -13.85
CA ASP E 125 -41.05 -16.61 -12.67
C ASP E 125 -40.44 -17.15 -11.38
N TYR E 126 -39.54 -18.14 -11.51
CA TYR E 126 -38.96 -18.82 -10.36
C TYR E 126 -37.65 -18.18 -9.87
N ALA E 127 -37.31 -16.99 -10.37
CA ALA E 127 -36.04 -16.34 -10.05
C ALA E 127 -35.78 -16.15 -8.55
N GLU E 128 -36.83 -15.82 -7.81
CA GLU E 128 -36.70 -15.47 -6.38
C GLU E 128 -36.84 -16.67 -5.43
N ARG E 129 -37.34 -17.80 -5.94
CA ARG E 129 -37.59 -18.97 -5.09
C ARG E 129 -36.32 -19.70 -4.68
N GLN E 130 -36.45 -20.54 -3.64
CA GLN E 130 -35.38 -21.43 -3.21
C GLN E 130 -35.18 -22.56 -4.22
N ILE E 131 -33.96 -23.09 -4.28
CA ILE E 131 -33.67 -24.26 -5.13
C ILE E 131 -34.35 -25.52 -4.60
N SER E 132 -34.63 -25.55 -3.30
CA SER E 132 -35.38 -26.64 -2.67
C SER E 132 -36.82 -26.68 -3.18
N GLN E 133 -37.43 -25.50 -3.33
CA GLN E 133 -38.82 -25.39 -3.75
C GLN E 133 -39.07 -25.89 -5.18
N LEU E 134 -38.04 -25.82 -6.02
CA LEU E 134 -38.12 -26.33 -7.39
C LEU E 134 -38.12 -27.86 -7.41
N SER E 135 -38.68 -28.43 -8.47
CA SER E 135 -38.68 -29.87 -8.68
C SER E 135 -37.35 -30.32 -9.28
N GLY E 136 -37.13 -31.63 -9.31
CA GLY E 136 -35.91 -32.20 -9.89
C GLY E 136 -35.71 -31.82 -11.35
N GLY E 137 -36.81 -31.74 -12.09
CA GLY E 137 -36.78 -31.32 -13.49
C GLY E 137 -36.43 -29.85 -13.66
N GLN E 138 -37.03 -29.00 -12.84
CA GLN E 138 -36.79 -27.55 -12.90
C GLN E 138 -35.39 -27.17 -12.42
N PHE E 139 -34.86 -27.91 -11.44
CA PHE E 139 -33.53 -27.62 -10.91
C PHE E 139 -32.42 -27.91 -11.93
N GLN E 140 -32.61 -28.94 -12.75
CA GLN E 140 -31.69 -29.19 -13.87
C GLN E 140 -31.62 -28.00 -14.82
N ARG E 141 -32.78 -27.40 -15.11
CA ARG E 141 -32.85 -26.24 -16.00
C ARG E 141 -32.13 -25.03 -15.42
N VAL E 142 -32.11 -24.92 -14.09
CA VAL E 142 -31.32 -23.89 -13.40
C VAL E 142 -29.82 -24.13 -13.57
N LEU E 143 -29.40 -25.39 -13.51
CA LEU E 143 -28.00 -25.75 -13.76
C LEU E 143 -27.61 -25.53 -15.22
N ILE E 144 -28.56 -25.69 -16.14
CA ILE E 144 -28.35 -25.40 -17.55
C ILE E 144 -28.21 -23.89 -17.76
N ALA E 145 -29.03 -23.12 -17.06
CA ALA E 145 -28.94 -21.64 -17.11
C ALA E 145 -27.64 -21.14 -16.48
N ARG E 146 -27.19 -21.84 -15.44
CA ARG E 146 -25.90 -21.54 -14.79
C ARG E 146 -24.73 -21.81 -15.75
N CYS E 147 -24.92 -22.79 -16.63
CA CYS E 147 -23.96 -23.11 -17.69
C CYS E 147 -24.01 -22.12 -18.86
N LEU E 148 -25.22 -21.71 -19.24
CA LEU E 148 -25.42 -20.80 -20.38
C LEU E 148 -24.72 -19.45 -20.22
N VAL E 149 -24.76 -18.89 -19.00
CA VAL E 149 -24.17 -17.58 -18.73
C VAL E 149 -22.63 -17.55 -18.83
N GLN E 150 -21.99 -18.71 -18.72
CA GLN E 150 -20.53 -18.80 -18.85
C GLN E 150 -20.03 -18.53 -20.27
N GLU E 151 -20.90 -18.74 -21.26
CA GLU E 151 -20.53 -18.60 -22.68
C GLU E 151 -19.29 -19.42 -23.01
N ALA E 152 -19.30 -20.68 -22.58
CA ALA E 152 -18.18 -21.58 -22.76
C ALA E 152 -18.22 -22.23 -24.13
N ASP E 153 -17.05 -22.47 -24.71
CA ASP E 153 -16.96 -23.14 -26.02
C ASP E 153 -17.41 -24.60 -25.92
N TYR E 154 -17.04 -25.26 -24.82
CA TYR E 154 -17.37 -26.67 -24.61
C TYR E 154 -18.30 -26.81 -23.40
N ILE E 155 -19.31 -27.68 -23.52
CA ILE E 155 -20.29 -27.90 -22.47
C ILE E 155 -20.25 -29.37 -22.01
N LEU E 156 -19.97 -29.57 -20.72
CA LEU E 156 -19.89 -30.92 -20.14
C LEU E 156 -21.02 -31.15 -19.15
N LEU E 157 -21.88 -32.13 -19.43
CA LEU E 157 -23.00 -32.48 -18.55
C LEU E 157 -22.82 -33.89 -17.99
N ASP E 158 -23.19 -34.08 -16.72
CA ASP E 158 -23.08 -35.38 -16.06
C ASP E 158 -24.48 -35.87 -15.68
N GLU E 159 -25.05 -36.70 -16.55
CA GLU E 159 -26.38 -37.29 -16.35
C GLU E 159 -27.46 -36.24 -16.10
N PRO E 160 -27.63 -35.30 -17.06
CA PRO E 160 -28.65 -34.25 -16.93
C PRO E 160 -30.08 -34.76 -17.10
N PHE E 161 -30.26 -35.83 -17.87
CA PHE E 161 -31.59 -36.37 -18.15
C PHE E 161 -32.06 -37.41 -17.12
N ALA E 162 -31.27 -37.62 -16.06
CA ALA E 162 -31.60 -38.59 -15.02
C ALA E 162 -32.52 -37.99 -13.96
N GLY E 163 -33.72 -38.56 -13.84
CA GLY E 163 -34.67 -38.16 -12.80
C GLY E 163 -35.31 -36.81 -13.04
N ILE E 164 -35.82 -36.60 -14.25
CA ILE E 164 -36.54 -35.38 -14.60
C ILE E 164 -37.80 -35.72 -15.43
N ASP E 165 -38.77 -34.81 -15.40
CA ASP E 165 -40.00 -34.99 -16.17
C ASP E 165 -39.77 -34.72 -17.67
N SER E 166 -40.72 -35.16 -18.49
CA SER E 166 -40.61 -35.05 -19.94
C SER E 166 -40.61 -33.60 -20.44
N VAL E 167 -41.37 -32.74 -19.77
CA VAL E 167 -41.50 -31.34 -20.17
C VAL E 167 -40.16 -30.61 -20.03
N SER E 168 -39.48 -30.82 -18.91
CA SER E 168 -38.14 -30.28 -18.68
C SER E 168 -37.13 -30.87 -19.66
N GLU E 169 -37.24 -32.17 -19.90
CA GLU E 169 -36.32 -32.88 -20.78
C GLU E 169 -36.36 -32.35 -22.22
N GLU E 170 -37.54 -31.97 -22.68
CA GLU E 170 -37.71 -31.38 -24.02
C GLU E 170 -37.11 -29.98 -24.08
N ILE E 171 -37.31 -29.19 -23.02
CA ILE E 171 -36.76 -27.83 -22.93
C ILE E 171 -35.23 -27.88 -22.88
N ILE E 172 -34.68 -28.80 -22.10
CA ILE E 172 -33.23 -28.96 -21.98
C ILE E 172 -32.62 -29.36 -23.32
N MET E 173 -33.24 -30.33 -24.00
CA MET E 173 -32.71 -30.84 -25.26
C MET E 173 -32.80 -29.81 -26.40
N ASN E 174 -33.86 -29.00 -26.40
CA ASN E 174 -33.98 -27.89 -27.35
C ASN E 174 -32.85 -26.87 -27.16
N THR E 175 -32.49 -26.64 -25.89
CA THR E 175 -31.41 -25.73 -25.55
C THR E 175 -30.05 -26.25 -26.03
N LEU E 176 -29.82 -27.55 -25.85
CA LEU E 176 -28.56 -28.18 -26.24
C LEU E 176 -28.41 -28.26 -27.77
N ARG E 177 -29.53 -28.41 -28.47
CA ARG E 177 -29.54 -28.36 -29.93
C ARG E 177 -29.16 -26.96 -30.44
N ASP E 178 -29.61 -25.93 -29.74
CA ASP E 178 -29.27 -24.54 -30.09
C ASP E 178 -27.78 -24.26 -29.89
N LEU E 179 -27.20 -24.83 -28.83
CA LEU E 179 -25.77 -24.72 -28.58
C LEU E 179 -24.97 -25.49 -29.65
N LYS E 180 -25.52 -26.61 -30.10
CA LYS E 180 -24.95 -27.38 -31.22
C LYS E 180 -25.06 -26.61 -32.53
N LYS E 181 -26.20 -25.94 -32.75
CA LYS E 181 -26.39 -25.09 -33.92
C LYS E 181 -25.49 -23.83 -33.87
N ALA E 182 -25.21 -23.36 -32.65
CA ALA E 182 -24.29 -22.24 -32.46
C ALA E 182 -22.81 -22.62 -32.68
N GLY E 183 -22.55 -23.91 -32.88
CA GLY E 183 -21.21 -24.39 -33.21
C GLY E 183 -20.40 -24.87 -32.03
N LYS E 184 -21.07 -25.18 -30.93
CA LYS E 184 -20.40 -25.52 -29.67
C LYS E 184 -20.49 -27.01 -29.38
N THR E 185 -19.39 -27.59 -28.92
CA THR E 185 -19.32 -29.02 -28.61
C THR E 185 -20.00 -29.31 -27.27
N VAL E 186 -20.91 -30.26 -27.26
CA VAL E 186 -21.64 -30.66 -26.07
C VAL E 186 -21.36 -32.13 -25.75
N LEU E 187 -20.77 -32.38 -24.59
CA LEU E 187 -20.42 -33.74 -24.17
C LEU E 187 -21.26 -34.12 -22.96
N ILE E 188 -22.03 -35.20 -23.09
CA ILE E 188 -22.98 -35.61 -22.06
C ILE E 188 -22.75 -37.05 -21.60
N VAL E 189 -22.63 -37.22 -20.29
CA VAL E 189 -22.60 -38.56 -19.69
C VAL E 189 -24.05 -38.99 -19.47
N HIS E 190 -24.46 -40.07 -20.13
CA HIS E 190 -25.85 -40.52 -20.07
C HIS E 190 -26.04 -41.60 -19.00
N HIS E 191 -27.16 -41.54 -18.30
CA HIS E 191 -27.42 -42.40 -17.14
C HIS E 191 -27.86 -43.82 -17.50
N ASP E 192 -28.35 -44.02 -18.72
CA ASP E 192 -28.79 -45.35 -19.18
C ASP E 192 -28.63 -45.46 -20.71
N LEU E 193 -29.41 -46.33 -21.35
CA LEU E 193 -29.34 -46.53 -22.80
C LEU E 193 -30.63 -46.10 -23.50
N SER E 194 -31.28 -45.06 -22.99
CA SER E 194 -32.57 -44.60 -23.51
C SER E 194 -32.38 -43.46 -24.51
N LYS E 195 -33.06 -43.57 -25.65
CA LYS E 195 -33.09 -42.53 -26.69
C LYS E 195 -31.69 -42.11 -27.14
N ILE E 196 -30.82 -43.11 -27.37
CA ILE E 196 -29.44 -42.85 -27.76
C ILE E 196 -29.34 -42.26 -29.18
N PRO E 197 -30.04 -42.84 -30.17
CA PRO E 197 -30.01 -42.23 -31.51
C PRO E 197 -30.71 -40.87 -31.61
N HIS E 198 -31.66 -40.60 -30.71
CA HIS E 198 -32.38 -39.33 -30.73
C HIS E 198 -31.54 -38.17 -30.17
N TYR E 199 -30.82 -38.42 -29.08
CA TYR E 199 -30.02 -37.37 -28.44
C TYR E 199 -28.67 -37.13 -29.11
N PHE E 200 -27.99 -38.21 -29.50
CA PHE E 200 -26.57 -38.12 -29.86
C PHE E 200 -26.27 -38.41 -31.33
N ASP E 201 -25.29 -37.69 -31.86
CA ASP E 201 -24.73 -37.97 -33.20
C ASP E 201 -23.41 -38.74 -33.09
N GLN E 202 -22.75 -38.66 -31.94
CA GLN E 202 -21.56 -39.45 -31.63
C GLN E 202 -21.72 -40.14 -30.27
N VAL E 203 -21.14 -41.33 -30.14
CA VAL E 203 -21.25 -42.12 -28.91
C VAL E 203 -19.87 -42.56 -28.44
N LEU E 204 -19.68 -42.56 -27.13
CA LEU E 204 -18.43 -43.01 -26.51
C LEU E 204 -18.74 -44.06 -25.44
N LEU E 205 -18.46 -45.32 -25.76
CA LEU E 205 -18.78 -46.43 -24.88
C LEU E 205 -17.61 -46.74 -23.95
N VAL E 206 -17.81 -46.52 -22.64
CA VAL E 206 -16.72 -46.64 -21.66
C VAL E 206 -17.03 -47.64 -20.54
N ASN E 207 -16.12 -48.59 -20.36
CA ASN E 207 -16.08 -49.44 -19.17
C ASN E 207 -14.61 -49.62 -18.79
N ARG E 208 -14.11 -48.71 -17.96
CA ARG E 208 -12.70 -48.69 -17.55
C ARG E 208 -11.81 -48.24 -18.72
N GLU E 209 -11.78 -49.04 -19.79
CA GLU E 209 -11.16 -48.64 -21.05
C GLU E 209 -12.22 -48.05 -21.98
N VAL E 210 -11.78 -47.54 -23.12
CA VAL E 210 -12.68 -47.12 -24.18
C VAL E 210 -13.03 -48.35 -25.02
N ILE E 211 -14.31 -48.72 -25.02
CA ILE E 211 -14.78 -49.90 -25.74
C ILE E 211 -15.03 -49.57 -27.20
N ALA E 212 -15.64 -48.42 -27.46
CA ALA E 212 -15.91 -47.97 -28.82
C ALA E 212 -16.16 -46.46 -28.86
N PHE E 213 -15.75 -45.84 -29.97
CA PHE E 213 -15.96 -44.41 -30.18
C PHE E 213 -16.16 -44.10 -31.67
N GLY E 214 -17.19 -43.31 -31.96
CA GLY E 214 -17.53 -42.95 -33.34
C GLY E 214 -18.94 -42.41 -33.46
N PRO E 215 -19.45 -42.30 -34.70
CA PRO E 215 -20.86 -41.90 -34.88
C PRO E 215 -21.84 -42.95 -34.34
N THR E 216 -23.06 -42.51 -34.03
CA THR E 216 -24.03 -43.34 -33.31
C THR E 216 -24.37 -44.65 -34.02
N LYS E 217 -24.90 -44.55 -35.25
CA LYS E 217 -25.27 -45.73 -36.03
C LYS E 217 -24.12 -46.75 -36.17
N GLU E 218 -22.92 -46.24 -36.38
CA GLU E 218 -21.73 -47.07 -36.57
C GLU E 218 -21.32 -47.82 -35.29
N THR E 219 -21.31 -47.10 -34.16
CA THR E 219 -20.73 -47.62 -32.92
C THR E 219 -21.73 -48.12 -31.87
N PHE E 220 -22.93 -47.54 -31.82
CA PHE E 220 -23.98 -48.01 -30.91
C PHE E 220 -24.60 -49.28 -31.47
N THR E 221 -23.92 -50.40 -31.26
CA THR E 221 -24.31 -51.70 -31.81
C THR E 221 -24.35 -52.76 -30.72
N GLU E 222 -25.02 -53.88 -31.02
CA GLU E 222 -25.15 -54.98 -30.07
C GLU E 222 -23.79 -55.51 -29.61
N THR E 223 -22.88 -55.72 -30.56
CA THR E 223 -21.54 -56.24 -30.27
C THR E 223 -20.78 -55.37 -29.26
N ASN E 224 -20.82 -54.05 -29.47
CA ASN E 224 -20.11 -53.11 -28.60
C ASN E 224 -20.73 -53.04 -27.20
N LEU E 225 -22.06 -52.93 -27.14
CA LEU E 225 -22.77 -52.84 -25.86
C LEU E 225 -22.53 -54.05 -24.98
N LYS E 226 -22.60 -55.25 -25.54
CA LYS E 226 -22.35 -56.47 -24.76
C LYS E 226 -20.87 -56.62 -24.39
N GLU E 227 -19.98 -56.08 -25.23
CA GLU E 227 -18.55 -56.04 -24.91
C GLU E 227 -18.25 -55.08 -23.75
N ALA E 228 -19.06 -54.03 -23.63
CA ALA E 228 -18.90 -53.05 -22.56
C ALA E 228 -19.51 -53.53 -21.25
N TYR E 229 -20.79 -53.91 -21.29
CA TYR E 229 -21.52 -54.32 -20.09
C TYR E 229 -21.15 -55.72 -19.59
N GLY E 230 -20.39 -56.47 -20.38
CA GLY E 230 -19.82 -57.74 -19.93
C GLY E 230 -18.35 -57.65 -19.56
N ASN E 231 -17.80 -56.43 -19.58
CA ASN E 231 -16.38 -56.19 -19.32
C ASN E 231 -15.51 -57.02 -20.26
N GLN E 232 -15.77 -56.86 -21.55
CA GLN E 232 -15.18 -57.68 -22.64
C GLN E 232 -14.98 -59.16 -22.26
N LEU E 233 -16.01 -59.73 -21.65
CA LEU E 233 -16.06 -61.15 -21.29
C LEU E 233 -17.51 -61.65 -21.37
N PHE E 234 -18.20 -61.25 -22.44
CA PHE E 234 -19.63 -61.55 -22.60
C PHE E 234 -19.81 -62.90 -23.28
N PHE E 235 -20.56 -63.78 -22.61
CA PHE E 235 -20.85 -65.12 -23.13
C PHE E 235 -22.26 -65.11 -23.71
N ASN E 236 -22.37 -65.47 -25.00
CA ASN E 236 -23.68 -65.54 -25.66
C ASN E 236 -24.31 -66.90 -25.44
N MET F 1 -34.24 -5.13 38.29
CA MET F 1 -33.17 -5.78 37.47
C MET F 1 -32.99 -5.11 36.12
N ILE F 2 -34.11 -4.86 35.43
CA ILE F 2 -34.08 -4.29 34.08
C ILE F 2 -33.71 -2.80 34.14
N ALA F 3 -34.34 -2.07 35.06
CA ALA F 3 -34.11 -0.64 35.21
C ALA F 3 -32.70 -0.32 35.72
N GLU F 4 -32.25 -1.07 36.72
CA GLU F 4 -30.92 -0.83 37.31
C GLU F 4 -29.77 -1.28 36.40
N PHE F 5 -30.05 -2.18 35.45
CA PHE F 5 -29.04 -2.59 34.46
C PHE F 5 -28.76 -1.47 33.46
N ILE F 6 -29.81 -0.76 33.05
CA ILE F 6 -29.68 0.40 32.16
C ILE F 6 -28.98 1.55 32.88
N ASP F 7 -29.22 1.67 34.18
CA ASP F 7 -28.54 2.67 35.00
C ASP F 7 -27.03 2.39 35.07
N GLY F 8 -26.67 1.12 35.18
CA GLY F 8 -25.27 0.70 35.21
C GLY F 8 -24.50 0.98 33.94
N LEU F 9 -25.18 0.84 32.79
CA LEU F 9 -24.56 1.11 31.49
C LEU F 9 -24.20 2.60 31.31
N GLN F 10 -24.96 3.48 31.95
CA GLN F 10 -24.69 4.91 31.92
C GLN F 10 -23.61 5.32 32.93
N LYS F 11 -23.37 4.46 33.93
CA LYS F 11 -22.55 4.79 35.09
C LYS F 11 -21.13 4.23 34.98
N PHE F 12 -21.02 2.93 34.71
CA PHE F 12 -19.73 2.23 34.75
C PHE F 12 -19.23 1.84 33.36
N HIS F 13 -17.90 1.94 33.16
CA HIS F 13 -17.29 1.60 31.87
C HIS F 13 -17.17 0.09 31.66
N PHE F 14 -17.04 -0.66 32.75
CA PHE F 14 -16.86 -2.11 32.65
C PHE F 14 -18.13 -2.81 32.11
N LEU F 15 -19.28 -2.22 32.40
CA LEU F 15 -20.56 -2.72 31.90
C LEU F 15 -20.77 -2.29 30.44
N GLN F 16 -20.28 -1.10 30.09
CA GLN F 16 -20.29 -0.62 28.71
C GLN F 16 -19.36 -1.47 27.83
N ASN F 17 -18.14 -1.67 28.31
CA ASN F 17 -17.15 -2.48 27.60
C ASN F 17 -17.57 -3.94 27.51
N ALA F 18 -18.28 -4.42 28.53
CA ALA F 18 -18.88 -5.76 28.51
C ALA F 18 -19.94 -5.86 27.41
N LEU F 19 -20.82 -4.87 27.35
CA LEU F 19 -21.91 -4.82 26.38
C LEU F 19 -21.38 -4.78 24.95
N ILE F 20 -20.44 -3.88 24.69
CA ILE F 20 -19.88 -3.69 23.35
C ILE F 20 -19.11 -4.93 22.90
N THR F 21 -18.30 -5.48 23.78
CA THR F 21 -17.53 -6.70 23.50
C THR F 21 -18.45 -7.90 23.28
N ALA F 22 -19.56 -7.96 24.02
CA ALA F 22 -20.55 -9.03 23.87
C ALA F 22 -21.24 -8.97 22.50
N ILE F 23 -21.58 -7.77 22.06
CA ILE F 23 -22.21 -7.56 20.75
C ILE F 23 -21.24 -7.93 19.62
N VAL F 24 -20.00 -7.44 19.72
CA VAL F 24 -19.00 -7.65 18.67
C VAL F 24 -18.70 -9.14 18.48
N VAL F 25 -18.54 -9.87 19.59
CA VAL F 25 -18.30 -11.31 19.53
C VAL F 25 -19.53 -12.06 19.01
N GLY F 26 -20.71 -11.63 19.42
CA GLY F 26 -21.96 -12.22 18.95
C GLY F 26 -22.13 -12.15 17.45
N ILE F 27 -21.92 -10.96 16.90
CA ILE F 27 -22.04 -10.73 15.45
C ILE F 27 -20.97 -11.49 14.68
N VAL F 28 -19.72 -11.33 15.11
CA VAL F 28 -18.58 -11.94 14.43
C VAL F 28 -18.66 -13.47 14.42
N ALA F 29 -18.91 -14.07 15.58
CA ALA F 29 -19.02 -15.52 15.70
C ALA F 29 -20.21 -16.08 14.90
N GLY F 30 -21.29 -15.31 14.84
CA GLY F 30 -22.47 -15.70 14.07
C GLY F 30 -22.24 -15.66 12.57
N ALA F 31 -21.53 -14.64 12.11
CA ALA F 31 -21.24 -14.48 10.68
C ALA F 31 -20.25 -15.53 10.19
N VAL F 32 -19.17 -15.73 10.95
CA VAL F 32 -18.17 -16.74 10.63
C VAL F 32 -18.76 -18.15 10.82
N GLY F 33 -19.59 -18.30 11.84
CA GLY F 33 -20.23 -19.58 12.16
C GLY F 33 -21.17 -20.12 11.09
N CYS F 34 -21.72 -19.24 10.27
CA CYS F 34 -22.56 -19.65 9.14
C CYS F 34 -21.78 -20.49 8.15
N PHE F 35 -20.54 -20.10 7.87
CA PHE F 35 -19.68 -20.82 6.94
C PHE F 35 -19.19 -22.14 7.53
N ILE F 36 -19.16 -22.24 8.86
CA ILE F 36 -18.68 -23.43 9.55
C ILE F 36 -19.64 -24.61 9.35
N ILE F 37 -20.92 -24.41 9.67
CA ILE F 37 -21.91 -25.49 9.57
C ILE F 37 -22.30 -25.85 8.14
N LEU F 38 -22.23 -24.87 7.23
CA LEU F 38 -22.53 -25.11 5.82
C LEU F 38 -21.43 -25.96 5.17
N ARG F 39 -20.17 -25.61 5.44
CA ARG F 39 -19.03 -26.36 4.91
C ARG F 39 -18.74 -27.64 5.69
N GLY F 40 -19.40 -27.82 6.83
CA GLY F 40 -19.29 -29.05 7.62
C GLY F 40 -17.99 -29.09 8.42
N MET F 41 -17.78 -28.06 9.24
CA MET F 41 -16.54 -27.92 10.02
C MET F 41 -16.84 -27.64 11.49
N SER F 42 -17.93 -28.21 12.01
CA SER F 42 -18.27 -28.06 13.43
C SER F 42 -17.19 -28.67 14.33
N LEU F 43 -16.73 -29.85 13.94
CA LEU F 43 -15.66 -30.54 14.67
C LEU F 43 -14.33 -29.78 14.56
N MET F 44 -14.07 -29.20 13.39
CA MET F 44 -12.85 -28.43 13.14
C MET F 44 -12.91 -27.07 13.87
N GLY F 45 -14.11 -26.53 14.02
CA GLY F 45 -14.31 -25.29 14.78
C GLY F 45 -13.96 -25.44 16.25
N ASP F 46 -14.25 -26.62 16.80
CA ASP F 46 -13.90 -26.94 18.19
C ASP F 46 -12.39 -27.13 18.35
N ALA F 47 -11.77 -27.75 17.36
CA ALA F 47 -10.33 -28.07 17.42
C ALA F 47 -9.44 -26.84 17.34
N ILE F 48 -9.80 -25.88 16.48
CA ILE F 48 -9.01 -24.67 16.27
C ILE F 48 -9.07 -23.77 17.51
N SER F 49 -10.26 -23.65 18.11
CA SER F 49 -10.43 -22.86 19.33
C SER F 49 -9.54 -23.37 20.47
N HIS F 50 -9.46 -24.69 20.60
CA HIS F 50 -8.57 -25.32 21.57
C HIS F 50 -7.10 -25.11 21.20
N ALA F 51 -6.79 -25.24 19.90
CA ALA F 51 -5.43 -25.06 19.39
C ALA F 51 -4.88 -23.65 19.59
N VAL F 52 -5.78 -22.66 19.65
CA VAL F 52 -5.41 -21.26 19.84
C VAL F 52 -4.82 -20.99 21.24
N LEU F 53 -5.39 -21.65 22.26
CA LEU F 53 -5.01 -21.41 23.66
C LEU F 53 -3.49 -21.41 23.93
N PRO F 54 -2.78 -22.50 23.56
CA PRO F 54 -1.33 -22.52 23.79
C PRO F 54 -0.56 -21.49 22.97
N GLY F 55 -1.11 -21.09 21.82
CA GLY F 55 -0.54 -20.03 21.00
C GLY F 55 -0.63 -18.68 21.66
N VAL F 56 -1.79 -18.39 22.25
CA VAL F 56 -1.99 -17.13 22.98
C VAL F 56 -1.17 -17.12 24.27
N ALA F 57 -1.06 -18.27 24.91
CA ALA F 57 -0.26 -18.43 26.13
C ALA F 57 1.21 -18.20 25.87
N LEU F 58 1.73 -18.84 24.82
CA LEU F 58 3.14 -18.71 24.43
C LEU F 58 3.43 -17.32 23.87
N SER F 59 2.43 -16.69 23.28
CA SER F 59 2.56 -15.31 22.76
C SER F 59 2.76 -14.30 23.90
N PHE F 60 2.18 -14.57 25.07
CA PHE F 60 2.30 -13.70 26.23
C PHE F 60 3.72 -13.66 26.78
N ILE F 61 4.32 -14.85 26.97
CA ILE F 61 5.67 -14.95 27.54
C ILE F 61 6.76 -14.41 26.61
N LEU F 62 6.57 -14.55 25.31
CA LEU F 62 7.50 -13.99 24.31
C LEU F 62 7.40 -12.47 24.22
N GLY F 63 6.23 -11.93 24.53
CA GLY F 63 5.99 -10.49 24.46
C GLY F 63 5.55 -10.05 23.07
N LEU F 64 4.69 -10.85 22.45
CA LEU F 64 4.17 -10.57 21.12
C LEU F 64 2.64 -10.47 21.17
N ASP F 65 2.03 -10.08 20.05
CA ASP F 65 0.58 -9.93 19.99
C ASP F 65 -0.08 -11.30 20.00
N PHE F 66 -1.23 -11.40 20.66
CA PHE F 66 -1.93 -12.68 20.84
C PHE F 66 -2.43 -13.27 19.52
N PHE F 67 -2.73 -12.41 18.55
CA PHE F 67 -3.23 -12.83 17.25
C PHE F 67 -2.17 -13.58 16.44
N ILE F 68 -0.90 -13.23 16.64
CA ILE F 68 0.20 -13.88 15.93
C ILE F 68 0.40 -15.31 16.41
N GLY F 69 0.37 -15.51 17.72
CA GLY F 69 0.49 -16.84 18.31
C GLY F 69 -0.70 -17.73 18.03
N ALA F 70 -1.89 -17.13 18.00
CA ALA F 70 -3.13 -17.86 17.72
C ALA F 70 -3.15 -18.45 16.31
N ILE F 71 -2.67 -17.68 15.34
CA ILE F 71 -2.62 -18.11 13.94
C ILE F 71 -1.59 -19.25 13.76
N VAL F 72 -0.42 -19.09 14.37
CA VAL F 72 0.66 -20.08 14.23
C VAL F 72 0.21 -21.46 14.72
N PHE F 73 -0.25 -21.52 15.97
CA PHE F 73 -0.73 -22.78 16.56
C PHE F 73 -2.09 -23.20 15.99
N GLY F 74 -2.88 -22.23 15.53
CA GLY F 74 -4.15 -22.51 14.88
C GLY F 74 -3.97 -23.23 13.56
N LEU F 75 -3.06 -22.73 12.74
CA LEU F 75 -2.75 -23.37 11.45
C LEU F 75 -1.97 -24.67 11.61
N LEU F 76 -1.11 -24.73 12.63
CA LEU F 76 -0.38 -25.97 12.95
C LEU F 76 -1.33 -27.14 13.22
N ALA F 77 -2.43 -26.86 13.90
CA ALA F 77 -3.44 -27.88 14.19
C ALA F 77 -3.98 -28.49 12.89
N ALA F 78 -4.41 -27.64 11.98
CA ALA F 78 -4.93 -28.08 10.68
C ALA F 78 -3.88 -28.85 9.87
N ILE F 79 -2.63 -28.41 9.96
CA ILE F 79 -1.52 -29.10 9.28
C ILE F 79 -1.25 -30.46 9.90
N ILE F 80 -1.25 -30.53 11.23
CA ILE F 80 -1.02 -31.78 11.96
C ILE F 80 -2.19 -32.76 11.75
N ILE F 81 -3.41 -32.24 11.74
CA ILE F 81 -4.60 -33.06 11.47
C ILE F 81 -4.49 -33.73 10.10
N THR F 82 -4.18 -32.94 9.08
CA THR F 82 -4.03 -33.45 7.72
C THR F 82 -2.83 -34.37 7.57
N TYR F 83 -1.78 -34.10 8.34
CA TYR F 83 -0.57 -34.95 8.34
C TYR F 83 -0.82 -36.32 8.99
N ILE F 84 -1.63 -36.35 10.03
CA ILE F 84 -2.01 -37.62 10.69
C ILE F 84 -2.79 -38.51 9.71
N LYS F 85 -3.79 -37.93 9.05
CA LYS F 85 -4.61 -38.66 8.10
C LYS F 85 -3.80 -39.19 6.93
N GLY F 86 -3.01 -38.31 6.32
CA GLY F 86 -2.27 -38.63 5.11
C GLY F 86 -1.09 -39.58 5.26
N ASN F 87 -0.60 -39.77 6.48
CA ASN F 87 0.60 -40.58 6.72
C ASN F 87 0.42 -41.66 7.79
N SER F 88 -0.82 -42.05 8.07
CA SER F 88 -1.09 -43.09 9.05
C SER F 88 -2.46 -43.74 8.90
N ILE F 89 -2.73 -44.73 9.75
CA ILE F 89 -3.98 -45.49 9.76
C ILE F 89 -5.10 -44.72 10.48
N ILE F 90 -4.72 -43.80 11.37
CA ILE F 90 -5.68 -43.08 12.21
C ILE F 90 -6.64 -42.23 11.37
N LYS F 91 -7.92 -42.27 11.72
CA LYS F 91 -8.98 -41.60 10.96
C LYS F 91 -9.07 -40.10 11.29
N SER F 92 -9.95 -39.40 10.58
CA SER F 92 -10.09 -37.94 10.71
C SER F 92 -10.54 -37.49 12.09
N ASP F 93 -11.65 -38.04 12.56
CA ASP F 93 -12.23 -37.64 13.85
C ASP F 93 -11.28 -37.92 15.02
N THR F 94 -10.59 -39.05 14.96
CA THR F 94 -9.60 -39.41 15.98
C THR F 94 -8.41 -38.46 15.94
N ALA F 95 -7.92 -38.16 14.74
CA ALA F 95 -6.81 -37.23 14.56
C ALA F 95 -7.15 -35.83 15.09
N ILE F 96 -8.36 -35.37 14.80
CA ILE F 96 -8.83 -34.06 15.28
C ILE F 96 -9.02 -34.08 16.81
N GLY F 97 -9.53 -35.19 17.34
CA GLY F 97 -9.72 -35.33 18.77
C GLY F 97 -8.43 -35.31 19.58
N ILE F 98 -7.40 -35.99 19.07
CA ILE F 98 -6.11 -36.10 19.76
C ILE F 98 -5.40 -34.75 19.80
N THR F 99 -5.23 -34.14 18.63
CA THR F 99 -4.52 -32.87 18.52
C THR F 99 -5.25 -31.68 19.17
N SER F 100 -6.57 -31.76 19.26
CA SER F 100 -7.36 -30.71 19.91
C SER F 100 -7.17 -30.73 21.43
N SER F 101 -7.31 -31.92 22.02
CA SER F 101 -7.17 -32.08 23.47
C SER F 101 -5.72 -31.93 23.93
N SER F 102 -4.77 -32.32 23.08
CA SER F 102 -3.34 -32.18 23.38
C SER F 102 -2.91 -30.72 23.43
N PHE F 103 -3.41 -29.92 22.49
CA PHE F 103 -3.12 -28.49 22.44
C PHE F 103 -3.81 -27.75 23.60
N LEU F 104 -5.03 -28.15 23.93
CA LEU F 104 -5.71 -27.63 25.11
C LEU F 104 -4.92 -27.94 26.38
N ALA F 105 -4.42 -29.17 26.48
CA ALA F 105 -3.60 -29.60 27.61
C ALA F 105 -2.30 -28.82 27.69
N LEU F 106 -1.68 -28.56 26.53
CA LEU F 106 -0.46 -27.77 26.45
C LEU F 106 -0.69 -26.34 26.94
N GLY F 107 -1.77 -25.72 26.46
CA GLY F 107 -2.12 -24.35 26.82
C GLY F 107 -2.36 -24.14 28.31
N ILE F 108 -2.93 -25.13 28.96
CA ILE F 108 -3.17 -25.09 30.42
C ILE F 108 -1.84 -25.08 31.19
N ILE F 109 -0.87 -25.84 30.70
CA ILE F 109 0.44 -25.92 31.35
C ILE F 109 1.23 -24.61 31.17
N LEU F 110 1.24 -24.08 29.94
CA LEU F 110 1.97 -22.85 29.64
C LEU F 110 1.43 -21.64 30.40
N ILE F 111 0.11 -21.59 30.58
CA ILE F 111 -0.52 -20.53 31.37
C ILE F 111 -0.27 -20.75 32.86
N GLY F 112 -0.51 -21.97 33.34
CA GLY F 112 -0.37 -22.32 34.75
C GLY F 112 0.93 -21.90 35.40
N VAL F 113 2.04 -22.05 34.67
CA VAL F 113 3.36 -21.68 35.18
C VAL F 113 3.68 -20.18 35.01
N ALA F 114 3.26 -19.60 33.89
CA ALA F 114 3.55 -18.20 33.57
C ALA F 114 2.52 -17.21 34.18
N LYS F 115 1.38 -17.74 34.63
CA LYS F 115 0.32 -16.91 35.21
C LYS F 115 -0.30 -17.58 36.43
N SER F 116 -1.26 -16.91 37.06
CA SER F 116 -1.99 -17.45 38.20
C SER F 116 -3.10 -18.40 37.75
N SER F 117 -3.77 -19.02 38.74
CA SER F 117 -4.89 -19.92 38.47
C SER F 117 -6.15 -19.17 38.03
N THR F 118 -6.32 -17.95 38.54
CA THR F 118 -7.48 -17.12 38.20
C THR F 118 -7.42 -16.60 36.76
N ASP F 119 -6.20 -16.43 36.24
CA ASP F 119 -6.01 -16.08 34.83
C ASP F 119 -6.43 -17.23 33.92
N LEU F 120 -6.13 -18.46 34.32
CA LEU F 120 -6.53 -19.66 33.57
C LEU F 120 -8.05 -19.80 33.53
N PHE F 121 -8.69 -19.54 34.67
CA PHE F 121 -10.15 -19.62 34.78
C PHE F 121 -10.85 -18.60 33.87
N HIS F 122 -10.28 -17.40 33.77
CA HIS F 122 -10.85 -16.34 32.95
C HIS F 122 -10.67 -16.56 31.46
N ILE F 123 -9.56 -17.18 31.05
CA ILE F 123 -9.32 -17.49 29.65
C ILE F 123 -10.26 -18.61 29.18
N LEU F 124 -10.43 -19.63 30.01
CA LEU F 124 -11.22 -20.80 29.66
C LEU F 124 -12.74 -20.55 29.68
N PHE F 125 -13.21 -19.82 30.68
CA PHE F 125 -14.65 -19.61 30.88
C PHE F 125 -15.15 -18.18 30.67
N GLY F 126 -14.23 -17.24 30.44
CA GLY F 126 -14.60 -15.86 30.13
C GLY F 126 -14.37 -14.86 31.26
N ASN F 127 -14.33 -13.58 30.89
CA ASN F 127 -14.18 -12.49 31.84
C ASN F 127 -14.73 -11.21 31.20
N ILE F 128 -16.03 -11.24 30.90
CA ILE F 128 -16.70 -10.15 30.19
C ILE F 128 -16.78 -8.85 31.01
N LEU F 129 -16.83 -8.98 32.33
CA LEU F 129 -16.98 -7.82 33.22
C LEU F 129 -15.65 -7.12 33.56
N ALA F 130 -14.55 -7.55 32.93
CA ALA F 130 -13.24 -6.95 33.19
C ALA F 130 -12.43 -6.78 31.89
N VAL F 131 -13.08 -6.29 30.85
CA VAL F 131 -12.40 -5.99 29.58
C VAL F 131 -12.13 -4.48 29.49
N GLN F 132 -10.85 -4.12 29.36
CA GLN F 132 -10.43 -2.72 29.37
C GLN F 132 -10.61 -2.05 28.01
N ASP F 133 -10.49 -0.72 27.99
CA ASP F 133 -10.73 0.07 26.79
C ASP F 133 -9.82 -0.30 25.62
N THR F 134 -8.56 -0.60 25.92
CA THR F 134 -7.59 -1.01 24.90
C THR F 134 -8.02 -2.31 24.21
N ASP F 135 -8.50 -3.27 24.99
CA ASP F 135 -8.95 -4.55 24.47
C ASP F 135 -10.27 -4.44 23.70
N MET F 136 -11.09 -3.46 24.07
CA MET F 136 -12.37 -3.20 23.39
C MET F 136 -12.15 -2.70 21.96
N PHE F 137 -11.27 -1.72 21.79
CA PHE F 137 -11.01 -1.14 20.48
C PHE F 137 -10.30 -2.13 19.55
N ILE F 138 -9.49 -3.01 20.12
CA ILE F 138 -8.86 -4.08 19.35
C ILE F 138 -9.89 -5.14 18.94
N THR F 139 -10.86 -5.39 19.83
CA THR F 139 -11.97 -6.29 19.55
C THR F 139 -12.85 -5.75 18.41
N MET F 140 -13.16 -4.45 18.48
CA MET F 140 -13.92 -3.79 17.40
C MET F 140 -13.11 -3.72 16.12
N GLY F 141 -11.81 -3.47 16.24
CA GLY F 141 -10.91 -3.38 15.09
C GLY F 141 -10.79 -4.68 14.33
N VAL F 142 -10.46 -5.75 15.06
CA VAL F 142 -10.33 -7.08 14.45
C VAL F 142 -11.70 -7.66 14.08
N GLY F 143 -12.75 -7.25 14.80
CA GLY F 143 -14.11 -7.67 14.49
C GLY F 143 -14.58 -7.15 13.14
N ALA F 144 -14.28 -5.89 12.85
CA ALA F 144 -14.59 -5.29 11.56
C ALA F 144 -13.74 -5.91 10.46
N ALA F 145 -12.48 -6.20 10.76
CA ALA F 145 -11.57 -6.83 9.81
C ALA F 145 -12.05 -8.22 9.36
N ILE F 146 -12.72 -8.94 10.26
CA ILE F 146 -13.31 -10.24 9.93
C ILE F 146 -14.52 -10.05 9.01
N LEU F 147 -15.41 -9.14 9.37
CA LEU F 147 -16.60 -8.85 8.56
C LEU F 147 -16.23 -8.23 7.21
N LEU F 148 -15.13 -7.48 7.17
CA LEU F 148 -14.64 -6.90 5.93
C LEU F 148 -14.15 -8.00 4.98
N LEU F 149 -13.32 -8.91 5.51
CA LEU F 149 -12.81 -10.03 4.71
C LEU F 149 -13.92 -10.92 4.15
N ILE F 150 -14.96 -11.16 4.96
CA ILE F 150 -16.14 -11.92 4.49
C ILE F 150 -16.84 -11.15 3.37
N TRP F 151 -17.00 -9.85 3.54
CA TRP F 151 -17.64 -9.00 2.54
C TRP F 151 -16.82 -8.91 1.25
N ILE F 152 -15.51 -8.79 1.38
CA ILE F 152 -14.61 -8.74 0.22
C ILE F 152 -14.62 -10.07 -0.53
N PHE F 153 -14.53 -11.18 0.20
CA PHE F 153 -14.48 -12.51 -0.40
C PHE F 153 -15.82 -13.26 -0.36
N PHE F 154 -16.92 -12.52 -0.42
CA PHE F 154 -18.25 -13.12 -0.26
C PHE F 154 -18.60 -14.09 -1.40
N LYS F 155 -18.37 -13.65 -2.63
CA LYS F 155 -18.69 -14.46 -3.82
C LYS F 155 -17.92 -15.76 -3.84
N GLN F 156 -16.63 -15.71 -3.47
CA GLN F 156 -15.77 -16.89 -3.51
C GLN F 156 -16.06 -17.85 -2.37
N LEU F 157 -16.44 -17.31 -1.21
CA LEU F 157 -16.85 -18.13 -0.07
C LEU F 157 -18.22 -18.76 -0.31
N LEU F 158 -19.08 -18.09 -1.06
CA LEU F 158 -20.40 -18.61 -1.41
C LEU F 158 -20.29 -19.84 -2.31
N ILE F 159 -19.64 -19.66 -3.47
CA ILE F 159 -19.51 -20.74 -4.46
C ILE F 159 -18.76 -21.96 -3.93
N THR F 160 -17.72 -21.74 -3.13
CA THR F 160 -16.93 -22.83 -2.57
C THR F 160 -17.67 -23.58 -1.44
N SER F 161 -18.59 -22.89 -0.77
CA SER F 161 -19.41 -23.52 0.26
C SER F 161 -20.58 -24.30 -0.33
N PHE F 162 -21.25 -23.72 -1.32
CA PHE F 162 -22.40 -24.34 -1.97
C PHE F 162 -21.98 -25.45 -2.92
N ASP F 163 -21.15 -25.10 -3.91
CA ASP F 163 -20.74 -26.04 -4.96
C ASP F 163 -19.23 -25.97 -5.18
N GLU F 164 -18.49 -26.69 -4.34
CA GLU F 164 -17.02 -26.72 -4.41
C GLU F 164 -16.51 -27.41 -5.68
N LEU F 165 -17.32 -28.32 -6.21
CA LEU F 165 -16.97 -29.05 -7.44
C LEU F 165 -16.97 -28.11 -8.65
N LEU F 166 -17.90 -27.15 -8.66
CA LEU F 166 -17.96 -26.13 -9.71
C LEU F 166 -16.79 -25.17 -9.63
N ALA F 167 -16.41 -24.81 -8.40
CA ALA F 167 -15.27 -23.93 -8.17
C ALA F 167 -13.97 -24.53 -8.70
N LYS F 168 -13.81 -25.85 -8.55
CA LYS F 168 -12.64 -26.55 -9.10
C LYS F 168 -12.65 -26.58 -10.62
N ALA F 169 -13.83 -26.76 -11.22
CA ALA F 169 -13.99 -26.75 -12.67
C ALA F 169 -13.76 -25.36 -13.29
N MET F 170 -13.96 -24.32 -12.49
CA MET F 170 -13.66 -22.94 -12.90
C MET F 170 -12.19 -22.58 -12.69
N GLY F 171 -11.49 -23.38 -11.89
CA GLY F 171 -10.05 -23.20 -11.65
C GLY F 171 -9.73 -22.34 -10.45
N MET F 172 -10.67 -22.23 -9.51
CA MET F 172 -10.48 -21.40 -8.31
C MET F 172 -9.58 -22.11 -7.31
N PRO F 173 -8.77 -21.33 -6.56
CA PRO F 173 -7.95 -21.91 -5.51
C PRO F 173 -8.80 -22.21 -4.27
N VAL F 174 -9.45 -23.37 -4.28
CA VAL F 174 -10.37 -23.76 -3.20
C VAL F 174 -9.67 -23.99 -1.87
N ASN F 175 -8.39 -24.37 -1.91
CA ASN F 175 -7.61 -24.55 -0.68
C ASN F 175 -7.35 -23.24 0.05
N PHE F 176 -7.17 -22.16 -0.71
CA PHE F 176 -6.90 -20.83 -0.12
C PHE F 176 -8.07 -20.34 0.73
N TYR F 177 -9.30 -20.53 0.23
CA TYR F 177 -10.50 -20.07 0.95
C TYR F 177 -10.85 -20.96 2.13
N HIS F 178 -10.29 -22.17 2.17
CA HIS F 178 -10.36 -23.03 3.36
C HIS F 178 -9.48 -22.47 4.47
N TYR F 179 -8.26 -22.07 4.11
CA TYR F 179 -7.32 -21.49 5.07
C TYR F 179 -7.75 -20.08 5.51
N LEU F 180 -8.36 -19.33 4.59
CA LEU F 180 -8.91 -18.02 4.91
C LEU F 180 -9.94 -18.12 6.03
N LEU F 181 -10.80 -19.13 5.97
CA LEU F 181 -11.81 -19.36 6.99
C LEU F 181 -11.19 -19.68 8.36
N MET F 182 -10.11 -20.45 8.36
CA MET F 182 -9.40 -20.79 9.59
C MET F 182 -8.66 -19.59 10.20
N VAL F 183 -8.18 -18.69 9.35
CA VAL F 183 -7.57 -17.44 9.83
C VAL F 183 -8.62 -16.60 10.55
N LEU F 184 -9.80 -16.48 9.94
CA LEU F 184 -10.91 -15.76 10.56
C LEU F 184 -11.40 -16.46 11.82
N LEU F 185 -11.42 -17.80 11.79
CA LEU F 185 -11.84 -18.61 12.94
C LEU F 185 -10.96 -18.40 14.17
N THR F 186 -9.65 -18.35 13.96
CA THR F 186 -8.70 -18.09 15.05
C THR F 186 -8.85 -16.68 15.63
N LEU F 187 -9.19 -15.72 14.77
CA LEU F 187 -9.44 -14.34 15.21
C LEU F 187 -10.74 -14.23 16.01
N VAL F 188 -11.74 -15.04 15.65
CA VAL F 188 -12.98 -15.13 16.44
C VAL F 188 -12.71 -15.78 17.79
N SER F 189 -11.88 -16.82 17.79
CA SER F 189 -11.59 -17.59 19.00
C SER F 189 -10.96 -16.74 20.11
N VAL F 190 -9.89 -16.02 19.77
CA VAL F 190 -9.20 -15.17 20.75
C VAL F 190 -10.10 -14.06 21.30
N THR F 191 -10.94 -13.49 20.44
CA THR F 191 -11.88 -12.45 20.84
C THR F 191 -12.97 -13.02 21.76
N ALA F 192 -13.45 -14.21 21.42
CA ALA F 192 -14.52 -14.86 22.18
C ALA F 192 -14.09 -15.39 23.55
N MET F 193 -12.78 -15.39 23.82
CA MET F 193 -12.27 -15.73 25.15
C MET F 193 -12.75 -14.75 26.23
N GLN F 194 -13.11 -13.54 25.82
CA GLN F 194 -13.59 -12.51 26.74
C GLN F 194 -15.02 -12.78 27.20
N SER F 195 -15.90 -13.15 26.27
CA SER F 195 -17.31 -13.36 26.58
C SER F 195 -17.60 -14.77 27.07
N VAL F 196 -17.38 -15.76 26.21
CA VAL F 196 -17.74 -17.16 26.50
C VAL F 196 -16.56 -18.03 26.92
N GLY F 197 -15.34 -17.54 26.76
CA GLY F 197 -14.14 -18.30 27.13
C GLY F 197 -13.76 -19.32 26.09
N THR F 198 -12.58 -19.92 26.25
CA THR F 198 -12.03 -20.88 25.28
C THR F 198 -12.89 -22.14 25.11
N ILE F 199 -13.53 -22.58 26.20
CA ILE F 199 -14.27 -23.85 26.20
C ILE F 199 -15.61 -23.77 25.46
N LEU F 200 -16.23 -22.59 25.44
CA LEU F 200 -17.57 -22.43 24.85
C LEU F 200 -17.57 -21.56 23.57
N ILE F 201 -16.43 -21.45 22.89
CA ILE F 201 -16.36 -20.72 21.62
C ILE F 201 -17.20 -21.43 20.55
N VAL F 202 -17.07 -22.75 20.49
CA VAL F 202 -17.78 -23.56 19.49
C VAL F 202 -19.29 -23.34 19.51
N ALA F 203 -19.85 -23.09 20.69
CA ALA F 203 -21.29 -22.85 20.85
C ALA F 203 -21.72 -21.57 20.14
N MET F 204 -20.96 -20.50 20.30
CA MET F 204 -21.27 -19.21 19.68
C MET F 204 -21.12 -19.21 18.16
N LEU F 205 -20.32 -20.13 17.64
CA LEU F 205 -20.18 -20.28 16.20
C LEU F 205 -21.39 -20.99 15.60
N ILE F 206 -21.63 -22.22 16.03
CA ILE F 206 -22.60 -23.11 15.36
C ILE F 206 -24.05 -22.92 15.79
N THR F 207 -24.30 -22.58 17.05
CA THR F 207 -25.68 -22.51 17.57
C THR F 207 -26.50 -21.35 16.99
N PRO F 208 -25.95 -20.12 17.00
CA PRO F 208 -26.67 -19.03 16.33
C PRO F 208 -26.81 -19.24 14.81
N ALA F 209 -25.80 -19.84 14.19
CA ALA F 209 -25.84 -20.18 12.76
C ALA F 209 -26.89 -21.24 12.48
N ALA F 210 -26.96 -22.26 13.32
CA ALA F 210 -27.93 -23.34 13.18
C ALA F 210 -29.37 -22.85 13.34
N THR F 211 -29.57 -21.83 14.18
CA THR F 211 -30.88 -21.21 14.35
C THR F 211 -31.29 -20.47 13.08
N ALA F 212 -30.38 -19.64 12.57
CA ALA F 212 -30.61 -18.88 11.34
C ALA F 212 -30.79 -19.78 10.11
N TYR F 213 -30.18 -20.97 10.16
CA TYR F 213 -30.28 -21.94 9.08
C TYR F 213 -31.72 -22.42 8.86
N LEU F 214 -32.51 -22.47 9.93
CA LEU F 214 -33.91 -22.90 9.86
C LEU F 214 -34.83 -21.86 9.20
N TYR F 215 -34.41 -20.60 9.20
CA TYR F 215 -35.20 -19.51 8.60
C TYR F 215 -34.68 -19.05 7.24
N ALA F 216 -33.36 -18.95 7.10
CA ALA F 216 -32.72 -18.25 5.96
C ALA F 216 -33.07 -18.81 4.58
N ASN F 217 -33.28 -17.90 3.63
CA ASN F 217 -33.45 -18.25 2.21
C ASN F 217 -32.26 -17.78 1.37
N SER F 218 -31.22 -17.28 2.02
CA SER F 218 -29.99 -16.84 1.34
C SER F 218 -28.85 -16.71 2.34
N LEU F 219 -27.62 -16.74 1.83
CA LEU F 219 -26.43 -16.62 2.68
C LEU F 219 -26.35 -15.25 3.37
N LYS F 220 -26.73 -14.20 2.66
CA LYS F 220 -26.77 -12.85 3.22
C LYS F 220 -27.79 -12.75 4.35
N SER F 221 -28.97 -13.33 4.12
CA SER F 221 -30.02 -13.39 5.14
C SER F 221 -29.58 -14.19 6.36
N MET F 222 -28.88 -15.30 6.11
CA MET F 222 -28.42 -16.20 7.18
C MET F 222 -27.38 -15.56 8.08
N ILE F 223 -26.41 -14.86 7.48
CA ILE F 223 -25.37 -14.16 8.24
C ILE F 223 -25.98 -13.06 9.11
N PHE F 224 -26.97 -12.35 8.55
CA PHE F 224 -27.69 -11.32 9.30
C PHE F 224 -28.45 -11.92 10.49
N LEU F 225 -29.17 -13.01 10.23
CA LEU F 225 -29.94 -13.70 11.28
C LEU F 225 -29.03 -14.29 12.35
N SER F 226 -27.98 -15.01 11.93
CA SER F 226 -27.04 -15.63 12.85
C SER F 226 -26.35 -14.59 13.75
N SER F 227 -25.99 -13.45 13.17
CA SER F 227 -25.38 -12.35 13.92
C SER F 227 -26.37 -11.72 14.91
N THR F 228 -27.63 -11.64 14.52
CA THR F 228 -28.69 -11.11 15.40
C THR F 228 -28.95 -12.06 16.57
N PHE F 229 -29.06 -13.36 16.27
CA PHE F 229 -29.20 -14.38 17.31
C PHE F 229 -27.96 -14.45 18.20
N GLY F 230 -26.78 -14.21 17.61
CA GLY F 230 -25.54 -14.16 18.35
C GLY F 230 -25.44 -12.94 19.26
N ALA F 231 -25.84 -11.78 18.73
CA ALA F 231 -25.77 -10.51 19.45
C ALA F 231 -26.80 -10.43 20.57
N THR F 232 -28.04 -10.80 20.27
CA THR F 232 -29.13 -10.73 21.24
C THR F 232 -28.90 -11.70 22.40
N ALA F 233 -28.45 -12.91 22.09
CA ALA F 233 -28.13 -13.91 23.11
C ALA F 233 -26.98 -13.48 24.00
N SER F 234 -26.00 -12.77 23.42
CA SER F 234 -24.87 -12.25 24.17
C SER F 234 -25.28 -11.12 25.13
N VAL F 235 -26.26 -10.30 24.72
CA VAL F 235 -26.78 -9.23 25.58
C VAL F 235 -27.61 -9.81 26.72
N LEU F 236 -28.54 -10.69 26.39
CA LEU F 236 -29.38 -11.35 27.40
C LEU F 236 -28.53 -12.15 28.39
N GLY F 237 -27.54 -12.87 27.89
CA GLY F 237 -26.63 -13.65 28.74
C GLY F 237 -25.80 -12.79 29.67
N LEU F 238 -25.38 -11.62 29.19
CA LEU F 238 -24.69 -10.64 30.03
C LEU F 238 -25.63 -10.09 31.08
N PHE F 239 -26.87 -9.82 30.68
CA PHE F 239 -27.91 -9.35 31.61
C PHE F 239 -28.21 -10.40 32.68
N ILE F 240 -28.34 -11.66 32.27
CA ILE F 240 -28.59 -12.76 33.19
C ILE F 240 -27.42 -12.94 34.16
N GLY F 241 -26.21 -12.99 33.62
CA GLY F 241 -25.00 -13.19 34.42
C GLY F 241 -24.74 -12.10 35.43
N TYR F 242 -25.02 -10.85 35.04
CA TYR F 242 -24.80 -9.69 35.90
C TYR F 242 -25.88 -9.55 36.98
N SER F 243 -27.13 -9.66 36.58
CA SER F 243 -28.26 -9.46 37.49
C SER F 243 -28.42 -10.57 38.53
N PHE F 244 -28.23 -11.82 38.11
CA PHE F 244 -28.41 -12.98 38.98
C PHE F 244 -27.11 -13.57 39.51
N ASN F 245 -25.98 -12.92 39.22
CA ASN F 245 -24.66 -13.36 39.69
C ASN F 245 -24.38 -14.83 39.34
N VAL F 246 -24.38 -15.11 38.04
CA VAL F 246 -24.05 -16.45 37.52
C VAL F 246 -23.06 -16.30 36.37
N ALA F 247 -22.50 -17.42 35.94
CA ALA F 247 -21.52 -17.43 34.84
C ALA F 247 -22.12 -16.80 33.59
N ALA F 248 -21.50 -15.72 33.12
CA ALA F 248 -21.99 -14.99 31.94
C ALA F 248 -21.86 -15.83 30.67
N GLY F 249 -20.70 -16.44 30.48
CA GLY F 249 -20.43 -17.28 29.31
C GLY F 249 -21.47 -18.37 29.10
N SER F 250 -21.77 -19.12 30.15
CA SER F 250 -22.74 -20.21 30.08
C SER F 250 -24.17 -19.69 29.92
N SER F 251 -24.46 -18.52 30.49
CA SER F 251 -25.77 -17.88 30.32
C SER F 251 -26.00 -17.42 28.87
N ILE F 252 -24.93 -16.96 28.22
CA ILE F 252 -24.99 -16.57 26.82
C ILE F 252 -25.27 -17.76 25.91
N VAL F 253 -24.64 -18.90 26.21
CA VAL F 253 -24.83 -20.13 25.42
C VAL F 253 -26.24 -20.70 25.61
N LEU F 254 -26.71 -20.72 26.86
CA LEU F 254 -28.06 -21.23 27.17
C LEU F 254 -29.17 -20.37 26.56
N THR F 255 -28.94 -19.06 26.48
CA THR F 255 -29.88 -18.16 25.83
C THR F 255 -29.92 -18.41 24.32
N ALA F 256 -28.75 -18.59 23.73
CA ALA F 256 -28.64 -18.92 22.30
C ALA F 256 -29.28 -20.28 22.01
N ALA F 257 -29.05 -21.25 22.89
CA ALA F 257 -29.63 -22.59 22.75
C ALA F 257 -31.16 -22.59 22.91
N SER F 258 -31.66 -21.69 23.74
CA SER F 258 -33.11 -21.54 23.92
C SER F 258 -33.78 -20.91 22.69
N PHE F 259 -33.06 -20.03 22.00
CA PHE F 259 -33.54 -19.50 20.71
C PHE F 259 -33.62 -20.61 19.67
N PHE F 260 -32.60 -21.47 19.64
CA PHE F 260 -32.60 -22.64 18.76
C PHE F 260 -33.71 -23.62 19.13
N LEU F 261 -33.89 -23.83 20.43
CA LEU F 261 -34.94 -24.73 20.94
C LEU F 261 -36.32 -24.27 20.49
N ILE F 262 -36.61 -22.98 20.65
CA ILE F 262 -37.89 -22.42 20.22
C ILE F 262 -38.01 -22.44 18.70
N SER F 263 -36.96 -22.01 18.01
CA SER F 263 -36.93 -21.99 16.54
C SER F 263 -37.10 -23.36 15.90
N PHE F 264 -36.71 -24.41 16.62
CA PHE F 264 -36.85 -25.78 16.14
C PHE F 264 -38.31 -26.17 15.87
N PHE F 265 -39.24 -25.53 16.58
CA PHE F 265 -40.67 -25.79 16.43
C PHE F 265 -41.41 -24.72 15.63
N ILE F 266 -41.14 -23.45 15.92
CA ILE F 266 -41.92 -22.35 15.33
C ILE F 266 -41.49 -21.93 13.92
N ALA F 267 -40.30 -22.33 13.48
CA ALA F 267 -39.80 -21.96 12.15
C ALA F 267 -40.70 -22.53 11.05
N PRO F 268 -41.12 -21.69 10.08
CA PRO F 268 -41.98 -22.14 8.98
C PRO F 268 -41.54 -23.44 8.32
N LYS F 269 -40.26 -23.55 7.97
CA LYS F 269 -39.72 -24.75 7.33
C LYS F 269 -39.65 -25.95 8.27
N GLN F 270 -39.55 -25.69 9.57
CA GLN F 270 -39.63 -26.75 10.58
C GLN F 270 -41.09 -27.17 10.82
N ARG F 271 -42.01 -26.22 10.73
CA ARG F 271 -43.45 -26.51 10.79
C ARG F 271 -43.91 -27.37 9.60
N TYR F 272 -43.08 -27.45 8.56
CA TYR F 272 -43.23 -28.45 7.51
C TYR F 272 -42.90 -29.85 8.07
N LEU F 273 -43.54 -30.18 9.19
CA LEU F 273 -43.37 -31.45 9.90
C LEU F 273 -44.58 -32.35 9.64
N LYS F 274 -45.65 -31.79 9.07
CA LYS F 274 -46.89 -32.51 8.82
C LYS F 274 -46.70 -33.70 7.87
N LEU F 275 -45.72 -33.62 6.97
CA LEU F 275 -45.47 -34.70 6.00
C LEU F 275 -45.08 -36.00 6.69
N LYS F 276 -44.15 -35.92 7.65
CA LYS F 276 -43.71 -37.10 8.39
C LYS F 276 -44.75 -37.60 9.40
N ASN F 277 -45.67 -36.72 9.80
CA ASN F 277 -46.80 -37.09 10.64
C ASN F 277 -47.83 -37.90 9.85
N LYS F 278 -48.11 -37.48 8.63
CA LYS F 278 -49.08 -38.13 7.76
C LYS F 278 -48.42 -39.14 6.81
N HIS F 279 -49.21 -39.80 5.99
CA HIS F 279 -48.72 -40.80 5.04
C HIS F 279 -48.82 -40.30 3.59
N LEU F 280 -48.34 -39.09 3.36
CA LEU F 280 -48.37 -38.45 2.04
C LEU F 280 -46.96 -38.19 1.55
N LEU F 281 -46.73 -38.39 0.24
CA LEU F 281 -45.39 -38.28 -0.35
C LEU F 281 -45.24 -37.04 -1.21
N LYS F 282 -43.99 -36.59 -1.39
CA LYS F 282 -43.64 -35.54 -2.34
C LYS F 282 -42.99 -36.17 -3.58
N GLY F 283 -41.72 -35.83 -3.85
CA GLY F 283 -41.01 -36.41 -4.99
C GLY F 283 -41.40 -35.77 -6.32
N SER F 284 -40.43 -35.12 -6.96
CA SER F 284 -40.66 -34.34 -8.20
C SER F 284 -41.64 -33.16 -8.01
N GLU F 285 -41.88 -32.81 -6.74
CA GLU F 285 -42.73 -31.68 -6.37
C GLU F 285 -41.83 -30.59 -5.84
N ASN F 286 -40.98 -30.95 -4.88
CA ASN F 286 -39.91 -30.10 -4.38
C ASN F 286 -38.76 -30.97 -3.87
N LEU F 287 -37.60 -30.36 -3.65
CA LEU F 287 -36.40 -31.07 -3.21
C LEU F 287 -36.13 -30.88 -1.72
N TYR F 288 -37.16 -31.10 -0.90
CA TYR F 288 -37.03 -31.02 0.56
C TYR F 288 -36.68 -32.37 1.18
N PHE F 289 -37.04 -33.46 0.49
CA PHE F 289 -36.72 -34.81 0.96
C PHE F 289 -35.85 -35.57 -0.04
N GLN F 290 -35.16 -34.83 -0.91
CA GLN F 290 -34.23 -35.38 -1.90
C GLN F 290 -34.86 -36.48 -2.75
N MET G 1 -35.76 -74.28 -0.56
CA MET G 1 -36.54 -73.25 -1.31
C MET G 1 -36.48 -71.88 -0.63
N ILE G 2 -36.27 -70.85 -1.45
CA ILE G 2 -36.43 -69.46 -1.00
C ILE G 2 -37.66 -68.89 -1.69
N ARG G 3 -38.65 -68.48 -0.91
CA ARG G 3 -39.80 -67.76 -1.45
C ARG G 3 -39.80 -66.32 -0.98
N ILE G 4 -40.11 -65.41 -1.89
CA ILE G 4 -40.22 -63.99 -1.59
C ILE G 4 -41.61 -63.53 -2.02
N GLU G 5 -42.31 -62.82 -1.13
CA GLU G 5 -43.68 -62.37 -1.39
C GLU G 5 -43.80 -60.86 -1.25
N ASN G 6 -43.88 -60.18 -2.40
CA ASN G 6 -44.14 -58.74 -2.46
C ASN G 6 -43.15 -57.92 -1.63
N LEU G 7 -41.87 -58.24 -1.76
CA LEU G 7 -40.82 -57.56 -1.00
C LEU G 7 -40.51 -56.20 -1.63
N SER G 8 -40.76 -55.13 -0.88
CA SER G 8 -40.51 -53.78 -1.35
C SER G 8 -39.58 -53.04 -0.39
N VAL G 9 -38.85 -52.06 -0.93
CA VAL G 9 -37.95 -51.22 -0.15
C VAL G 9 -38.06 -49.79 -0.64
N SER G 10 -38.16 -48.85 0.29
CA SER G 10 -38.24 -47.43 -0.05
C SER G 10 -36.92 -46.74 0.28
N TYR G 11 -36.44 -45.91 -0.64
CA TYR G 11 -35.17 -45.20 -0.47
C TYR G 11 -35.39 -43.77 0.02
N LYS G 12 -35.92 -42.92 -0.86
CA LYS G 12 -36.12 -41.50 -0.53
C LYS G 12 -37.37 -40.99 -1.21
N GLU G 13 -38.52 -41.30 -0.61
CA GLU G 13 -39.84 -40.90 -1.11
C GLU G 13 -40.31 -41.70 -2.33
N THR G 14 -39.54 -42.73 -2.71
CA THR G 14 -39.91 -43.64 -3.81
C THR G 14 -39.44 -45.05 -3.46
N LEU G 15 -39.73 -46.02 -4.34
CA LEU G 15 -39.35 -47.41 -4.11
C LEU G 15 -38.05 -47.79 -4.81
N ALA G 16 -37.10 -48.30 -4.04
CA ALA G 16 -35.88 -48.90 -4.59
C ALA G 16 -36.20 -50.29 -5.14
N LEU G 17 -36.96 -51.06 -4.36
CA LEU G 17 -37.52 -52.34 -4.80
C LEU G 17 -39.04 -52.26 -4.77
N LYS G 18 -39.69 -52.84 -5.77
CA LYS G 18 -41.14 -52.82 -5.89
C LYS G 18 -41.71 -54.22 -6.09
N ASP G 19 -42.33 -54.76 -5.04
CA ASP G 19 -43.05 -56.04 -5.10
C ASP G 19 -42.25 -57.15 -5.79
N ILE G 20 -41.18 -57.59 -5.15
CA ILE G 20 -40.37 -58.69 -5.64
C ILE G 20 -41.04 -59.99 -5.20
N SER G 21 -41.72 -60.66 -6.13
CA SER G 21 -42.37 -61.93 -5.86
C SER G 21 -41.70 -63.04 -6.67
N LEU G 22 -41.22 -64.07 -5.99
CA LEU G 22 -40.35 -65.07 -6.62
C LEU G 22 -40.23 -66.34 -5.77
N VAL G 23 -39.98 -67.46 -6.44
CA VAL G 23 -39.77 -68.76 -5.79
C VAL G 23 -38.52 -69.43 -6.37
N LEU G 24 -37.47 -69.55 -5.56
CA LEU G 24 -36.18 -70.07 -6.02
C LEU G 24 -35.89 -71.49 -5.49
N HIS G 25 -35.94 -72.46 -6.38
CA HIS G 25 -35.61 -73.86 -6.05
C HIS G 25 -34.12 -74.11 -6.21
N GLY G 26 -33.64 -75.17 -5.55
CA GLY G 26 -32.24 -75.59 -5.65
C GLY G 26 -32.12 -77.10 -5.79
N PRO G 27 -30.89 -77.64 -5.79
CA PRO G 27 -29.65 -76.88 -5.66
C PRO G 27 -29.32 -76.06 -6.90
N THR G 28 -28.62 -74.94 -6.71
CA THR G 28 -28.35 -74.01 -7.81
C THR G 28 -27.28 -73.00 -7.48
N ILE G 29 -26.67 -72.44 -8.53
CA ILE G 29 -25.86 -71.23 -8.42
C ILE G 29 -26.58 -70.15 -9.23
N THR G 30 -27.37 -69.33 -8.55
CA THR G 30 -28.21 -68.33 -9.20
C THR G 30 -27.57 -66.96 -9.17
N GLY G 31 -27.71 -66.22 -10.27
CA GLY G 31 -27.14 -64.89 -10.40
C GLY G 31 -28.20 -63.79 -10.45
N ILE G 32 -28.03 -62.77 -9.62
CA ILE G 32 -28.89 -61.58 -9.65
C ILE G 32 -28.15 -60.50 -10.43
N ILE G 33 -28.71 -60.11 -11.58
CA ILE G 33 -28.05 -59.16 -12.47
C ILE G 33 -28.94 -57.96 -12.81
N GLY G 34 -28.35 -56.95 -13.43
CA GLY G 34 -29.05 -55.73 -13.81
C GLY G 34 -28.18 -54.51 -13.58
N PRO G 35 -28.71 -53.31 -13.90
CA PRO G 35 -27.98 -52.06 -13.70
C PRO G 35 -27.53 -51.87 -12.26
N ASN G 36 -26.31 -51.37 -12.08
CA ASN G 36 -25.77 -51.07 -10.75
C ASN G 36 -26.64 -50.02 -10.06
N GLY G 37 -26.96 -50.27 -8.79
CA GLY G 37 -27.75 -49.33 -7.99
C GLY G 37 -29.26 -49.47 -8.12
N ALA G 38 -29.73 -50.42 -8.92
CA ALA G 38 -31.16 -50.55 -9.24
C ALA G 38 -31.81 -51.81 -8.69
N GLY G 39 -31.44 -52.20 -7.46
CA GLY G 39 -32.13 -53.28 -6.75
C GLY G 39 -31.32 -54.53 -6.41
N LYS G 40 -30.36 -54.87 -7.27
CA LYS G 40 -29.52 -56.08 -7.11
C LYS G 40 -29.12 -56.38 -5.66
N SER G 41 -28.27 -55.52 -5.10
CA SER G 41 -27.71 -55.74 -3.76
C SER G 41 -28.74 -55.57 -2.65
N THR G 42 -29.58 -54.54 -2.77
CA THR G 42 -30.62 -54.23 -1.79
C THR G 42 -31.57 -55.41 -1.58
N LEU G 43 -31.80 -56.19 -2.63
CA LEU G 43 -32.67 -57.37 -2.56
C LEU G 43 -32.21 -58.38 -1.50
N LEU G 44 -30.90 -58.62 -1.43
CA LEU G 44 -30.34 -59.54 -0.43
C LEU G 44 -30.49 -59.01 0.99
N LYS G 45 -30.28 -57.71 1.17
CA LYS G 45 -30.39 -57.06 2.47
C LYS G 45 -31.83 -57.09 3.01
N GLY G 46 -32.78 -56.77 2.14
CA GLY G 46 -34.21 -56.83 2.50
C GLY G 46 -34.70 -58.24 2.76
N MET G 47 -34.12 -59.20 2.06
CA MET G 47 -34.45 -60.62 2.23
C MET G 47 -34.02 -61.13 3.62
N LEU G 48 -32.87 -60.65 4.10
CA LEU G 48 -32.33 -61.06 5.39
C LEU G 48 -32.84 -60.20 6.56
N GLY G 49 -33.50 -59.08 6.23
CA GLY G 49 -34.02 -58.16 7.24
C GLY G 49 -32.95 -57.27 7.84
N ILE G 50 -31.88 -57.04 7.08
CA ILE G 50 -30.80 -56.15 7.51
C ILE G 50 -31.26 -54.69 7.45
N ILE G 51 -32.23 -54.41 6.57
CA ILE G 51 -32.79 -53.07 6.42
C ILE G 51 -34.32 -53.12 6.38
N PRO G 52 -35.00 -52.00 6.70
CA PRO G 52 -36.46 -51.96 6.69
C PRO G 52 -37.07 -52.32 5.32
N HIS G 53 -38.13 -53.11 5.33
CA HIS G 53 -38.77 -53.56 4.10
C HIS G 53 -40.22 -53.96 4.32
N GLN G 54 -41.00 -53.95 3.25
CA GLN G 54 -42.37 -54.46 3.25
C GLN G 54 -42.36 -55.86 2.66
N GLY G 55 -43.39 -56.65 2.98
CA GLY G 55 -43.47 -58.04 2.50
C GLY G 55 -42.62 -59.00 3.32
N GLN G 56 -42.78 -60.30 3.04
CA GLN G 56 -42.08 -61.35 3.79
C GLN G 56 -41.10 -62.13 2.91
N ALA G 57 -40.31 -62.98 3.56
CA ALA G 57 -39.41 -63.91 2.87
C ALA G 57 -39.35 -65.22 3.66
N PHE G 58 -39.36 -66.34 2.95
CA PHE G 58 -39.47 -67.66 3.59
C PHE G 58 -38.33 -68.60 3.19
N LEU G 59 -37.98 -69.50 4.11
CA LEU G 59 -37.01 -70.57 3.87
C LEU G 59 -37.57 -71.90 4.38
N ASP G 60 -38.13 -72.70 3.47
CA ASP G 60 -38.61 -74.05 3.79
C ASP G 60 -39.62 -74.05 4.95
N ASP G 61 -40.87 -73.70 4.62
CA ASP G 61 -41.97 -73.61 5.60
C ASP G 61 -41.59 -72.92 6.92
N LYS G 62 -40.76 -71.89 6.82
CA LYS G 62 -40.30 -71.13 7.97
C LYS G 62 -39.76 -69.78 7.52
N GLU G 63 -39.95 -68.76 8.35
CA GLU G 63 -39.60 -67.39 7.95
C GLU G 63 -38.08 -67.16 8.05
N VAL G 64 -37.57 -66.28 7.21
CA VAL G 64 -36.12 -66.05 7.11
C VAL G 64 -35.57 -65.42 8.38
N LYS G 65 -36.33 -64.52 9.00
CA LYS G 65 -35.93 -63.89 10.26
C LYS G 65 -35.76 -64.90 11.40
N LYS G 66 -36.52 -66.01 11.34
CA LYS G 66 -36.40 -67.10 12.31
C LYS G 66 -35.57 -68.28 11.78
N SER G 67 -34.74 -68.03 10.77
CA SER G 67 -33.90 -69.06 10.17
C SER G 67 -32.62 -68.46 9.58
N LEU G 68 -32.02 -67.51 10.31
CA LEU G 68 -30.77 -66.87 9.88
C LEU G 68 -29.57 -67.79 10.08
N HIS G 69 -29.64 -68.66 11.07
CA HIS G 69 -28.59 -69.67 11.31
C HIS G 69 -28.36 -70.59 10.11
N ARG G 70 -29.39 -70.76 9.27
CA ARG G 70 -29.27 -71.56 8.05
C ARG G 70 -28.69 -70.80 6.85
N ILE G 71 -28.39 -69.51 7.02
CA ILE G 71 -27.92 -68.66 5.93
C ILE G 71 -26.54 -68.10 6.22
N ALA G 72 -25.75 -67.90 5.16
CA ALA G 72 -24.44 -67.25 5.26
C ALA G 72 -24.37 -66.09 4.28
N TYR G 73 -24.18 -64.88 4.81
CA TYR G 73 -24.14 -63.65 4.00
C TYR G 73 -22.71 -63.14 3.87
N VAL G 74 -22.26 -62.97 2.63
CA VAL G 74 -20.94 -62.40 2.33
C VAL G 74 -21.13 -61.06 1.63
N GLU G 75 -20.83 -59.98 2.36
CA GLU G 75 -21.02 -58.62 1.86
C GLU G 75 -19.92 -58.20 0.90
N GLN G 76 -20.03 -56.98 0.37
CA GLN G 76 -19.02 -56.41 -0.50
C GLN G 76 -17.78 -56.03 0.29
N LYS G 77 -16.61 -56.14 -0.34
CA LYS G 77 -15.32 -55.84 0.29
C LYS G 77 -15.18 -54.37 0.70
N ILE G 78 -15.87 -53.48 -0.01
CA ILE G 78 -15.80 -52.03 0.25
C ILE G 78 -16.27 -51.70 1.67
N ASN G 79 -17.28 -52.42 2.15
CA ASN G 79 -17.86 -52.18 3.47
C ASN G 79 -16.88 -52.45 4.61
N ILE G 80 -16.03 -53.45 4.43
CA ILE G 80 -15.14 -53.93 5.50
C ILE G 80 -13.88 -53.08 5.59
N ASP G 81 -13.56 -52.60 6.80
CA ASP G 81 -12.34 -51.87 7.06
C ASP G 81 -11.16 -52.83 7.14
N TYR G 82 -10.19 -52.65 6.25
CA TYR G 82 -9.03 -53.54 6.17
C TYR G 82 -8.04 -53.30 7.32
N ASN G 83 -8.00 -52.07 7.82
CA ASN G 83 -7.04 -51.69 8.87
C ASN G 83 -7.46 -52.12 10.28
N PHE G 84 -8.62 -52.74 10.43
CA PHE G 84 -9.03 -53.31 11.71
C PHE G 84 -8.03 -54.38 12.15
N PRO G 85 -7.61 -54.37 13.44
CA PRO G 85 -6.59 -55.31 13.88
C PRO G 85 -7.14 -56.74 14.02
N ILE G 86 -6.92 -57.54 12.98
CA ILE G 86 -7.40 -58.93 12.97
C ILE G 86 -6.63 -59.75 11.94
N LYS G 87 -6.26 -60.96 12.32
CA LYS G 87 -5.57 -61.89 11.42
C LYS G 87 -6.56 -62.55 10.48
N VAL G 88 -6.05 -63.31 9.51
CA VAL G 88 -6.92 -64.02 8.57
C VAL G 88 -7.74 -65.09 9.30
N LYS G 89 -7.08 -65.95 10.06
CA LYS G 89 -7.76 -67.04 10.76
C LYS G 89 -8.77 -66.53 11.78
N GLU G 90 -8.44 -65.43 12.46
CA GLU G 90 -9.35 -64.82 13.43
C GLU G 90 -10.57 -64.23 12.73
N CYS G 91 -10.37 -63.72 11.51
CA CYS G 91 -11.47 -63.21 10.69
C CYS G 91 -12.36 -64.35 10.19
N VAL G 92 -11.75 -65.49 9.85
CA VAL G 92 -12.48 -66.68 9.43
C VAL G 92 -13.28 -67.28 10.59
N SER G 93 -12.74 -67.21 11.80
CA SER G 93 -13.39 -67.76 12.99
C SER G 93 -14.65 -67.00 13.42
N LEU G 94 -14.86 -65.80 12.87
CA LEU G 94 -16.08 -65.03 13.12
C LEU G 94 -17.34 -65.77 12.66
N GLY G 95 -17.21 -66.65 11.68
CA GLY G 95 -18.33 -67.47 11.22
C GLY G 95 -18.89 -68.41 12.27
N LEU G 96 -18.05 -68.86 13.20
CA LEU G 96 -18.45 -69.80 14.25
C LEU G 96 -18.98 -69.12 15.53
N PHE G 97 -19.07 -67.79 15.53
CA PHE G 97 -19.48 -67.04 16.71
C PHE G 97 -20.93 -67.28 17.16
N PRO G 98 -21.87 -67.43 16.21
CA PRO G 98 -23.25 -67.75 16.58
C PRO G 98 -23.42 -69.10 17.28
N SER G 99 -22.64 -70.11 16.87
CA SER G 99 -22.69 -71.43 17.49
C SER G 99 -22.15 -71.42 18.93
N ILE G 100 -21.18 -70.55 19.20
CA ILE G 100 -20.62 -70.40 20.54
C ILE G 100 -21.58 -69.58 21.41
N PRO G 101 -21.99 -70.13 22.58
CA PRO G 101 -22.84 -69.38 23.50
C PRO G 101 -22.04 -68.44 24.40
N LEU G 102 -22.75 -67.71 25.27
CA LEU G 102 -22.10 -66.81 26.23
C LEU G 102 -21.34 -67.61 27.28
N PHE G 103 -20.24 -67.03 27.78
CA PHE G 103 -19.34 -67.70 28.73
C PHE G 103 -18.75 -69.00 28.15
N ARG G 104 -18.45 -68.99 26.85
CA ARG G 104 -17.92 -70.17 26.17
C ARG G 104 -16.83 -69.77 25.17
N SER G 105 -15.80 -70.61 25.07
CA SER G 105 -14.63 -70.32 24.23
C SER G 105 -14.59 -71.21 23.00
N LEU G 106 -13.70 -70.86 22.07
CA LEU G 106 -13.49 -71.65 20.85
C LEU G 106 -12.46 -72.75 21.11
N LYS G 107 -12.93 -73.98 21.28
CA LYS G 107 -12.07 -75.14 21.48
C LYS G 107 -11.34 -75.54 20.19
N ALA G 108 -10.49 -76.57 20.29
CA ALA G 108 -9.69 -77.04 19.15
C ALA G 108 -10.55 -77.56 17.99
N LYS G 109 -11.76 -78.04 18.31
CA LYS G 109 -12.74 -78.44 17.30
C LYS G 109 -13.02 -77.34 16.30
N HIS G 110 -13.13 -76.11 16.80
CA HIS G 110 -13.49 -74.95 15.98
C HIS G 110 -12.36 -74.48 15.08
N TRP G 111 -11.12 -74.51 15.59
CA TRP G 111 -9.95 -74.08 14.80
C TRP G 111 -9.60 -75.06 13.69
N LYS G 112 -10.02 -76.31 13.83
CA LYS G 112 -9.90 -77.30 12.75
C LYS G 112 -10.71 -76.88 11.53
N LYS G 113 -11.92 -76.38 11.77
CA LYS G 113 -12.80 -75.90 10.69
C LYS G 113 -12.25 -74.65 10.01
N VAL G 114 -11.63 -73.77 10.79
CA VAL G 114 -11.01 -72.56 10.26
C VAL G 114 -9.81 -72.90 9.36
N GLN G 115 -9.01 -73.88 9.80
CA GLN G 115 -7.86 -74.35 9.02
C GLN G 115 -8.30 -75.00 7.72
N GLU G 116 -9.29 -75.89 7.80
CA GLU G 116 -9.81 -76.59 6.62
C GLU G 116 -10.56 -75.67 5.66
N ALA G 117 -11.19 -74.63 6.19
CA ALA G 117 -11.82 -73.60 5.36
C ALA G 117 -10.77 -72.83 4.58
N LEU G 118 -9.65 -72.53 5.22
CA LEU G 118 -8.52 -71.85 4.56
C LEU G 118 -7.81 -72.77 3.56
N GLU G 119 -7.74 -74.07 3.85
CA GLU G 119 -7.16 -75.05 2.93
C GLU G 119 -7.96 -75.15 1.62
N ILE G 120 -9.29 -75.03 1.72
CA ILE G 120 -10.17 -75.06 0.55
C ILE G 120 -9.93 -73.86 -0.36
N VAL G 121 -9.93 -72.66 0.22
CA VAL G 121 -9.74 -71.44 -0.57
C VAL G 121 -8.27 -71.13 -0.89
N GLY G 122 -7.35 -71.92 -0.33
CA GLY G 122 -5.92 -71.79 -0.65
C GLY G 122 -5.22 -70.68 0.09
N LEU G 123 -5.51 -70.54 1.38
CA LEU G 123 -4.86 -69.54 2.23
C LEU G 123 -4.41 -70.17 3.56
N ALA G 124 -3.78 -71.35 3.46
CA ALA G 124 -3.32 -72.08 4.64
C ALA G 124 -2.17 -71.36 5.34
N ASP G 125 -1.22 -70.87 4.55
CA ASP G 125 -0.03 -70.18 5.08
C ASP G 125 -0.19 -68.65 5.13
N TYR G 126 -1.41 -68.17 4.88
CA TYR G 126 -1.74 -66.74 5.06
C TYR G 126 -2.49 -66.50 6.37
N ALA G 127 -2.65 -67.54 7.20
CA ALA G 127 -3.47 -67.48 8.40
C ALA G 127 -3.04 -66.40 9.39
N GLU G 128 -1.75 -66.28 9.63
CA GLU G 128 -1.21 -65.34 10.63
C GLU G 128 -1.09 -63.91 10.09
N ARG G 129 -1.21 -63.73 8.79
CA ARG G 129 -1.11 -62.41 8.17
C ARG G 129 -2.32 -61.53 8.52
N GLN G 130 -2.11 -60.23 8.51
CA GLN G 130 -3.21 -59.27 8.69
C GLN G 130 -4.03 -59.20 7.40
N ILE G 131 -5.30 -58.86 7.53
CA ILE G 131 -6.18 -58.75 6.36
C ILE G 131 -5.83 -57.55 5.47
N SER G 132 -5.15 -56.55 6.04
CA SER G 132 -4.64 -55.41 5.28
C SER G 132 -3.46 -55.77 4.38
N GLN G 133 -2.78 -56.88 4.70
CA GLN G 133 -1.63 -57.34 3.94
C GLN G 133 -2.00 -58.31 2.79
N LEU G 134 -3.29 -58.36 2.43
CA LEU G 134 -3.77 -59.23 1.36
C LEU G 134 -4.29 -58.41 0.18
N SER G 135 -4.30 -59.03 -1.00
CA SER G 135 -4.83 -58.39 -2.21
C SER G 135 -6.35 -58.52 -2.25
N GLY G 136 -6.96 -57.79 -3.18
CA GLY G 136 -8.42 -57.78 -3.33
C GLY G 136 -9.01 -59.17 -3.58
N GLY G 137 -8.28 -60.00 -4.32
CA GLY G 137 -8.69 -61.37 -4.59
C GLY G 137 -8.54 -62.28 -3.37
N GLN G 138 -7.44 -62.12 -2.66
CA GLN G 138 -7.15 -62.94 -1.47
C GLN G 138 -8.11 -62.65 -0.33
N PHE G 139 -8.44 -61.37 -0.12
CA PHE G 139 -9.36 -60.99 0.95
C PHE G 139 -10.78 -61.50 0.69
N GLN G 140 -11.15 -61.57 -0.59
CA GLN G 140 -12.44 -62.16 -0.98
C GLN G 140 -12.50 -63.64 -0.59
N ARG G 141 -11.38 -64.35 -0.76
CA ARG G 141 -11.31 -65.77 -0.41
C ARG G 141 -11.40 -66.01 1.10
N VAL G 142 -10.93 -65.04 1.90
CA VAL G 142 -11.06 -65.10 3.36
C VAL G 142 -12.53 -65.00 3.76
N LEU G 143 -13.27 -64.11 3.10
CA LEU G 143 -14.71 -63.95 3.34
C LEU G 143 -15.50 -65.19 2.91
N ILE G 144 -15.03 -65.87 1.85
CA ILE G 144 -15.62 -67.13 1.41
C ILE G 144 -15.39 -68.21 2.47
N ALA G 145 -14.16 -68.31 2.97
CA ALA G 145 -13.81 -69.25 4.03
C ALA G 145 -14.59 -68.96 5.32
N ARG G 146 -14.89 -67.68 5.56
CA ARG G 146 -15.70 -67.26 6.71
C ARG G 146 -17.13 -67.78 6.64
N CYS G 147 -17.65 -67.92 5.42
CA CYS G 147 -19.02 -68.44 5.22
C CYS G 147 -19.05 -69.98 5.15
N LEU G 148 -17.92 -70.60 4.79
CA LEU G 148 -17.81 -72.06 4.76
C LEU G 148 -17.89 -72.66 6.17
N VAL G 149 -17.25 -72.01 7.14
CA VAL G 149 -17.25 -72.51 8.52
C VAL G 149 -18.63 -72.43 9.20
N GLN G 150 -19.50 -71.56 8.68
CA GLN G 150 -20.89 -71.48 9.15
C GLN G 150 -21.69 -72.74 8.78
N GLU G 151 -21.28 -73.41 7.72
CA GLU G 151 -21.95 -74.63 7.23
C GLU G 151 -23.43 -74.36 6.96
N ALA G 152 -23.70 -73.26 6.26
CA ALA G 152 -25.06 -72.87 5.93
C ALA G 152 -25.56 -73.66 4.72
N ASP G 153 -26.89 -73.74 4.59
CA ASP G 153 -27.51 -74.39 3.44
C ASP G 153 -27.79 -73.38 2.32
N TYR G 154 -27.77 -72.09 2.64
CA TYR G 154 -27.99 -71.03 1.66
C TYR G 154 -26.89 -69.99 1.74
N ILE G 155 -26.14 -69.82 0.65
CA ILE G 155 -25.01 -68.89 0.58
C ILE G 155 -25.40 -67.65 -0.23
N LEU G 156 -25.26 -66.48 0.37
CA LEU G 156 -25.59 -65.22 -0.31
C LEU G 156 -24.33 -64.35 -0.43
N LEU G 157 -23.94 -64.07 -1.68
CA LEU G 157 -22.74 -63.28 -1.97
C LEU G 157 -23.10 -62.02 -2.72
N ASP G 158 -22.44 -60.91 -2.38
CA ASP G 158 -22.67 -59.63 -3.05
C ASP G 158 -21.42 -59.22 -3.84
N GLU G 159 -21.46 -59.50 -5.15
CA GLU G 159 -20.36 -59.16 -6.07
C GLU G 159 -19.01 -59.74 -5.66
N PRO G 160 -18.93 -61.08 -5.53
CA PRO G 160 -17.68 -61.74 -5.14
C PRO G 160 -16.62 -61.82 -6.25
N PHE G 161 -17.01 -61.57 -7.50
CA PHE G 161 -16.07 -61.60 -8.63
C PHE G 161 -15.61 -60.21 -9.08
N ALA G 162 -16.03 -59.17 -8.36
CA ALA G 162 -15.73 -57.79 -8.76
C ALA G 162 -14.31 -57.39 -8.35
N GLY G 163 -13.48 -57.09 -9.34
CA GLY G 163 -12.12 -56.60 -9.09
C GLY G 163 -11.22 -57.60 -8.39
N ILE G 164 -11.01 -58.75 -9.02
CA ILE G 164 -10.12 -59.78 -8.49
C ILE G 164 -9.27 -60.44 -9.58
N ASP G 165 -8.16 -61.04 -9.18
CA ASP G 165 -7.28 -61.74 -10.12
C ASP G 165 -7.87 -63.10 -10.52
N SER G 166 -7.35 -63.66 -11.60
CA SER G 166 -7.87 -64.90 -12.17
C SER G 166 -7.59 -66.14 -11.30
N VAL G 167 -6.54 -66.09 -10.50
CA VAL G 167 -6.23 -67.18 -9.57
C VAL G 167 -7.31 -67.26 -8.49
N SER G 168 -7.67 -66.10 -7.94
CA SER G 168 -8.71 -66.02 -6.90
C SER G 168 -10.08 -66.44 -7.44
N GLU G 169 -10.43 -65.98 -8.63
CA GLU G 169 -11.72 -66.31 -9.26
C GLU G 169 -11.88 -67.81 -9.48
N GLU G 170 -10.81 -68.46 -9.94
CA GLU G 170 -10.83 -69.90 -10.22
C GLU G 170 -11.07 -70.70 -8.94
N ILE G 171 -10.39 -70.31 -7.86
CA ILE G 171 -10.52 -70.99 -6.57
C ILE G 171 -11.88 -70.74 -5.94
N ILE G 172 -12.39 -69.51 -6.08
CA ILE G 172 -13.71 -69.16 -5.58
C ILE G 172 -14.81 -69.92 -6.33
N MET G 173 -14.68 -69.99 -7.65
CA MET G 173 -15.68 -70.68 -8.49
C MET G 173 -15.69 -72.19 -8.26
N ASN G 174 -14.51 -72.78 -8.07
CA ASN G 174 -14.42 -74.22 -7.75
C ASN G 174 -15.10 -74.53 -6.42
N THR G 175 -15.01 -73.62 -5.46
CA THR G 175 -15.68 -73.76 -4.17
C THR G 175 -17.20 -73.75 -4.35
N LEU G 176 -17.69 -72.82 -5.17
CA LEU G 176 -19.14 -72.67 -5.40
C LEU G 176 -19.74 -73.85 -6.17
N ARG G 177 -18.94 -74.49 -7.03
CA ARG G 177 -19.38 -75.72 -7.70
C ARG G 177 -19.54 -76.86 -6.71
N ASP G 178 -18.64 -76.93 -5.72
CA ASP G 178 -18.69 -77.97 -4.68
C ASP G 178 -19.89 -77.77 -3.75
N LEU G 179 -20.25 -76.53 -3.48
CA LEU G 179 -21.43 -76.22 -2.67
C LEU G 179 -22.72 -76.66 -3.36
N LYS G 180 -22.78 -76.46 -4.68
CA LYS G 180 -23.90 -76.91 -5.49
C LYS G 180 -23.99 -78.44 -5.51
N LYS G 181 -22.83 -79.10 -5.61
CA LYS G 181 -22.75 -80.57 -5.58
C LYS G 181 -23.12 -81.15 -4.21
N ALA G 182 -22.92 -80.37 -3.15
CA ALA G 182 -23.31 -80.75 -1.80
C ALA G 182 -24.81 -80.55 -1.53
N GLY G 183 -25.57 -80.15 -2.55
CA GLY G 183 -27.02 -79.99 -2.43
C GLY G 183 -27.41 -78.70 -1.76
N LYS G 184 -26.73 -77.60 -2.11
CA LYS G 184 -26.97 -76.30 -1.47
C LYS G 184 -27.25 -75.22 -2.52
N THR G 185 -27.93 -74.16 -2.08
CA THR G 185 -28.32 -73.06 -2.95
C THR G 185 -27.37 -71.88 -2.78
N VAL G 186 -26.88 -71.36 -3.90
CA VAL G 186 -26.00 -70.20 -3.90
C VAL G 186 -26.66 -69.08 -4.71
N LEU G 187 -26.76 -67.90 -4.11
CA LEU G 187 -27.37 -66.74 -4.75
C LEU G 187 -26.37 -65.60 -4.77
N ILE G 188 -26.02 -65.14 -5.98
CA ILE G 188 -24.92 -64.18 -6.16
C ILE G 188 -25.36 -62.93 -6.92
N VAL G 189 -25.21 -61.77 -6.30
CA VAL G 189 -25.38 -60.50 -6.99
C VAL G 189 -24.13 -60.27 -7.83
N HIS G 190 -24.30 -60.21 -9.16
CA HIS G 190 -23.17 -60.06 -10.07
C HIS G 190 -22.98 -58.60 -10.45
N HIS G 191 -21.72 -58.16 -10.50
CA HIS G 191 -21.37 -56.77 -10.73
C HIS G 191 -21.53 -56.31 -12.19
N ASP G 192 -21.50 -57.25 -13.13
CA ASP G 192 -21.64 -56.95 -14.55
C ASP G 192 -22.39 -58.08 -15.27
N LEU G 193 -22.17 -58.24 -16.57
CA LEU G 193 -22.76 -59.34 -17.34
C LEU G 193 -21.68 -60.25 -17.91
N SER G 194 -20.69 -60.59 -17.08
CA SER G 194 -19.58 -61.44 -17.50
C SER G 194 -19.85 -62.91 -17.18
N LYS G 195 -19.60 -63.78 -18.16
CA LYS G 195 -19.64 -65.24 -17.97
C LYS G 195 -20.95 -65.72 -17.32
N ILE G 196 -22.09 -65.21 -17.80
CA ILE G 196 -23.39 -65.49 -17.18
C ILE G 196 -23.78 -66.98 -17.23
N PRO G 197 -23.78 -67.60 -18.43
CA PRO G 197 -24.09 -69.02 -18.50
C PRO G 197 -23.00 -69.92 -17.88
N HIS G 198 -21.79 -69.38 -17.74
CA HIS G 198 -20.69 -70.09 -17.08
C HIS G 198 -20.86 -70.09 -15.56
N TYR G 199 -21.16 -68.93 -14.99
CA TYR G 199 -21.34 -68.80 -13.55
C TYR G 199 -22.64 -69.41 -13.06
N PHE G 200 -23.75 -69.06 -13.71
CA PHE G 200 -25.09 -69.34 -13.19
C PHE G 200 -25.91 -70.27 -14.06
N ASP G 201 -26.70 -71.13 -13.41
CA ASP G 201 -27.68 -71.98 -14.09
C ASP G 201 -29.08 -71.36 -14.05
N GLN G 202 -29.23 -70.32 -13.22
CA GLN G 202 -30.46 -69.51 -13.19
C GLN G 202 -30.10 -68.03 -13.08
N VAL G 203 -30.93 -67.18 -13.67
CA VAL G 203 -30.68 -65.74 -13.71
C VAL G 203 -31.88 -64.95 -13.20
N LEU G 204 -31.61 -63.89 -12.46
CA LEU G 204 -32.64 -62.98 -11.96
C LEU G 204 -32.28 -61.55 -12.36
N LEU G 205 -32.97 -61.04 -13.39
CA LEU G 205 -32.70 -59.70 -13.91
C LEU G 205 -33.54 -58.67 -13.17
N VAL G 206 -32.87 -57.71 -12.52
CA VAL G 206 -33.54 -56.75 -11.64
C VAL G 206 -33.30 -55.29 -12.07
N ASN G 207 -34.39 -54.52 -12.09
CA ASN G 207 -34.34 -53.07 -12.29
C ASN G 207 -35.60 -52.47 -11.65
N ARG G 208 -35.51 -52.21 -10.35
CA ARG G 208 -36.66 -51.77 -9.54
C ARG G 208 -37.61 -52.93 -9.27
N GLU G 209 -38.19 -53.49 -10.34
CA GLU G 209 -38.98 -54.72 -10.25
C GLU G 209 -38.18 -55.89 -10.82
N VAL G 210 -38.80 -57.07 -10.85
CA VAL G 210 -38.21 -58.23 -11.50
C VAL G 210 -38.53 -58.18 -12.99
N ILE G 211 -37.49 -58.04 -13.81
CA ILE G 211 -37.66 -57.96 -15.26
C ILE G 211 -37.83 -59.37 -15.85
N ALA G 212 -37.02 -60.31 -15.35
CA ALA G 212 -37.12 -61.70 -15.78
C ALA G 212 -36.47 -62.62 -14.75
N PHE G 213 -37.01 -63.84 -14.64
CA PHE G 213 -36.46 -64.84 -13.71
C PHE G 213 -36.70 -66.25 -14.22
N GLY G 214 -35.65 -67.07 -14.19
CA GLY G 214 -35.72 -68.46 -14.66
C GLY G 214 -34.35 -69.01 -15.04
N PRO G 215 -34.32 -70.15 -15.75
CA PRO G 215 -33.06 -70.69 -16.25
C PRO G 215 -32.30 -69.71 -17.16
N THR G 216 -30.97 -69.83 -17.18
CA THR G 216 -30.12 -68.87 -17.88
C THR G 216 -30.42 -68.80 -19.38
N LYS G 217 -30.39 -69.95 -20.03
CA LYS G 217 -30.63 -70.03 -21.48
C LYS G 217 -31.94 -69.37 -21.90
N GLU G 218 -32.98 -69.56 -21.09
CA GLU G 218 -34.32 -69.08 -21.43
C GLU G 218 -34.49 -67.59 -21.13
N THR G 219 -33.95 -67.14 -20.00
CA THR G 219 -34.19 -65.78 -19.50
C THR G 219 -33.11 -64.75 -19.85
N PHE G 220 -31.86 -65.20 -20.01
CA PHE G 220 -30.77 -64.29 -20.38
C PHE G 220 -30.77 -64.06 -21.90
N THR G 221 -31.67 -63.19 -22.34
CA THR G 221 -31.85 -62.90 -23.76
C THR G 221 -31.63 -61.41 -24.04
N GLU G 222 -31.51 -61.07 -25.33
CA GLU G 222 -31.32 -59.68 -25.75
C GLU G 222 -32.55 -58.81 -25.46
N THR G 223 -33.74 -59.41 -25.51
CA THR G 223 -34.99 -58.71 -25.25
C THR G 223 -35.10 -58.25 -23.79
N ASN G 224 -34.76 -59.16 -22.87
CA ASN G 224 -34.82 -58.85 -21.43
C ASN G 224 -33.78 -57.81 -21.00
N LEU G 225 -32.56 -57.93 -21.54
CA LEU G 225 -31.48 -57.00 -21.22
C LEU G 225 -31.75 -55.61 -21.78
N LYS G 226 -32.38 -55.54 -22.96
CA LYS G 226 -32.78 -54.26 -23.56
C LYS G 226 -33.85 -53.56 -22.71
N GLU G 227 -34.69 -54.35 -22.04
CA GLU G 227 -35.73 -53.81 -21.16
C GLU G 227 -35.15 -53.36 -19.83
N ALA G 228 -34.23 -54.15 -19.27
CA ALA G 228 -33.67 -53.88 -17.95
C ALA G 228 -32.71 -52.69 -17.93
N TYR G 229 -31.95 -52.51 -19.01
CA TYR G 229 -30.95 -51.44 -19.10
C TYR G 229 -31.42 -50.21 -19.88
N GLY G 230 -32.67 -50.24 -20.37
CA GLY G 230 -33.23 -49.14 -21.12
C GLY G 230 -33.66 -47.98 -20.23
N ILE H 2 12.95 -37.66 40.77
CA ILE H 2 12.76 -39.13 40.70
C ILE H 2 12.71 -39.73 42.10
N ALA H 3 13.73 -39.45 42.91
CA ALA H 3 13.80 -39.94 44.28
C ALA H 3 12.79 -39.25 45.20
N GLU H 4 12.51 -37.98 44.93
CA GLU H 4 11.55 -37.21 45.71
C GLU H 4 10.11 -37.72 45.54
N PHE H 5 9.80 -38.21 44.33
CA PHE H 5 8.48 -38.77 44.04
C PHE H 5 8.24 -40.09 44.78
N ILE H 6 9.28 -40.93 44.86
CA ILE H 6 9.19 -42.22 45.53
C ILE H 6 9.00 -42.03 47.04
N ASP H 7 9.71 -41.04 47.61
CA ASP H 7 9.60 -40.74 49.03
C ASP H 7 8.22 -40.20 49.40
N GLY H 8 7.58 -39.49 48.48
CA GLY H 8 6.24 -38.93 48.71
C GLY H 8 5.15 -39.98 48.78
N LEU H 9 5.15 -40.91 47.84
CA LEU H 9 4.14 -41.98 47.76
C LEU H 9 4.03 -42.80 49.05
N GLN H 10 5.16 -43.08 49.68
CA GLN H 10 5.20 -43.92 50.89
C GLN H 10 4.71 -43.17 52.13
N LYS H 11 4.99 -41.87 52.20
CA LYS H 11 4.63 -41.05 53.36
C LYS H 11 3.23 -40.45 53.26
N PHE H 12 2.94 -39.82 52.12
CA PHE H 12 1.68 -39.08 51.94
C PHE H 12 0.49 -40.02 51.75
N HIS H 13 -0.69 -39.57 52.17
CA HIS H 13 -1.92 -40.35 52.08
C HIS H 13 -2.69 -40.06 50.80
N PHE H 14 -2.89 -38.78 50.50
CA PHE H 14 -3.65 -38.37 49.31
C PHE H 14 -2.87 -38.59 48.01
N LEU H 15 -1.55 -38.66 48.09
CA LEU H 15 -0.70 -38.85 46.91
C LEU H 15 -0.71 -40.30 46.41
N GLN H 16 -0.82 -41.26 47.33
CA GLN H 16 -0.93 -42.68 46.95
C GLN H 16 -2.31 -43.02 46.37
N ASN H 17 -3.35 -42.34 46.85
CA ASN H 17 -4.69 -42.49 46.29
C ASN H 17 -4.77 -41.87 44.89
N ALA H 18 -3.98 -40.84 44.65
CA ALA H 18 -3.88 -40.22 43.32
C ALA H 18 -3.25 -41.17 42.30
N LEU H 19 -2.30 -41.99 42.76
CA LEU H 19 -1.64 -42.97 41.89
C LEU H 19 -2.57 -44.14 41.54
N ILE H 20 -3.20 -44.72 42.55
CA ILE H 20 -4.05 -45.90 42.36
C ILE H 20 -5.28 -45.59 41.51
N THR H 21 -5.88 -44.43 41.74
CA THR H 21 -7.02 -43.96 40.95
C THR H 21 -6.62 -43.67 39.50
N ALA H 22 -5.42 -43.11 39.32
CA ALA H 22 -4.91 -42.78 37.99
C ALA H 22 -4.65 -44.02 37.13
N ILE H 23 -4.21 -45.11 37.76
CA ILE H 23 -3.99 -46.38 37.07
C ILE H 23 -5.31 -46.98 36.59
N VAL H 24 -6.32 -46.97 37.48
CA VAL H 24 -7.63 -47.56 37.16
C VAL H 24 -8.30 -46.82 36.01
N VAL H 25 -8.17 -45.51 35.96
CA VAL H 25 -8.73 -44.70 34.87
C VAL H 25 -7.96 -44.95 33.57
N GLY H 26 -6.64 -45.02 33.67
CA GLY H 26 -5.78 -45.29 32.51
C GLY H 26 -6.09 -46.61 31.83
N ILE H 27 -6.32 -47.65 32.62
CA ILE H 27 -6.62 -48.99 32.10
C ILE H 27 -8.02 -49.04 31.48
N VAL H 28 -9.01 -48.57 32.24
CA VAL H 28 -10.42 -48.67 31.82
C VAL H 28 -10.72 -47.76 30.63
N ALA H 29 -10.23 -46.52 30.67
CA ALA H 29 -10.44 -45.57 29.58
C ALA H 29 -9.78 -46.04 28.28
N GLY H 30 -8.58 -46.59 28.41
CA GLY H 30 -7.85 -47.14 27.27
C GLY H 30 -8.53 -48.35 26.67
N ALA H 31 -9.06 -49.23 27.53
CA ALA H 31 -9.75 -50.43 27.10
C ALA H 31 -11.05 -50.10 26.35
N VAL H 32 -11.85 -49.21 26.92
CA VAL H 32 -13.09 -48.76 26.30
C VAL H 32 -12.81 -47.95 25.03
N GLY H 33 -11.77 -47.12 25.09
CA GLY H 33 -11.39 -46.26 23.96
C GLY H 33 -11.00 -46.99 22.68
N CYS H 34 -10.57 -48.25 22.81
CA CYS H 34 -10.30 -49.09 21.64
C CYS H 34 -11.56 -49.28 20.79
N PHE H 35 -12.69 -49.52 21.46
CA PHE H 35 -13.97 -49.66 20.77
C PHE H 35 -14.46 -48.33 20.20
N ILE H 36 -14.10 -47.24 20.86
CA ILE H 36 -14.53 -45.89 20.44
C ILE H 36 -13.93 -45.51 19.08
N ILE H 37 -12.61 -45.63 18.93
CA ILE H 37 -11.95 -45.23 17.69
C ILE H 37 -12.16 -46.24 16.54
N LEU H 38 -12.29 -47.52 16.88
CA LEU H 38 -12.54 -48.56 15.88
C LEU H 38 -13.95 -48.46 15.27
N ARG H 39 -14.93 -48.08 16.09
CA ARG H 39 -16.31 -47.89 15.62
C ARG H 39 -16.57 -46.47 15.11
N GLY H 40 -15.56 -45.60 15.18
CA GLY H 40 -15.66 -44.24 14.66
C GLY H 40 -16.52 -43.32 15.53
N MET H 41 -16.47 -43.53 16.84
CA MET H 41 -17.29 -42.78 17.80
C MET H 41 -16.46 -41.76 18.58
N SER H 42 -15.33 -41.32 18.02
CA SER H 42 -14.44 -40.36 18.68
C SER H 42 -15.15 -39.03 18.94
N LEU H 43 -15.94 -38.59 17.96
CA LEU H 43 -16.73 -37.37 18.08
C LEU H 43 -17.81 -37.50 19.15
N MET H 44 -18.49 -38.65 19.16
CA MET H 44 -19.57 -38.90 20.11
C MET H 44 -19.02 -39.05 21.53
N GLY H 45 -17.88 -39.73 21.67
CA GLY H 45 -17.23 -39.91 22.97
C GLY H 45 -16.96 -38.63 23.72
N ASP H 46 -16.62 -37.57 22.98
CA ASP H 46 -16.38 -36.25 23.58
C ASP H 46 -17.69 -35.61 24.03
N ALA H 47 -18.73 -35.78 23.23
CA ALA H 47 -20.05 -35.19 23.52
C ALA H 47 -20.73 -35.79 24.75
N ILE H 48 -20.48 -37.07 25.01
CA ILE H 48 -21.07 -37.75 26.18
C ILE H 48 -20.45 -37.21 27.47
N SER H 49 -19.13 -37.04 27.47
CA SER H 49 -18.42 -36.44 28.62
C SER H 49 -19.04 -35.09 29.01
N HIS H 50 -19.31 -34.27 28.01
CA HIS H 50 -19.96 -32.97 28.21
C HIS H 50 -21.42 -33.13 28.65
N ALA H 51 -22.11 -34.09 28.04
CA ALA H 51 -23.51 -34.38 28.36
C ALA H 51 -23.72 -35.00 29.74
N VAL H 52 -22.66 -35.58 30.30
CA VAL H 52 -22.71 -36.17 31.64
C VAL H 52 -22.76 -35.10 32.75
N LEU H 53 -22.11 -33.96 32.53
CA LEU H 53 -21.96 -32.92 33.55
C LEU H 53 -23.26 -32.46 34.21
N PRO H 54 -24.28 -32.09 33.41
CA PRO H 54 -25.54 -31.65 34.02
C PRO H 54 -26.26 -32.75 34.82
N GLY H 55 -26.05 -34.01 34.41
CA GLY H 55 -26.56 -35.15 35.16
C GLY H 55 -25.88 -35.31 36.50
N VAL H 56 -24.56 -35.20 36.50
CA VAL H 56 -23.76 -35.30 37.73
C VAL H 56 -24.00 -34.08 38.62
N ALA H 57 -24.20 -32.92 37.99
CA ALA H 57 -24.50 -31.69 38.71
C ALA H 57 -25.87 -31.78 39.39
N LEU H 58 -26.88 -32.18 38.63
CA LEU H 58 -28.24 -32.35 39.14
C LEU H 58 -28.32 -33.49 40.16
N SER H 59 -27.46 -34.49 39.99
CA SER H 59 -27.36 -35.60 40.95
C SER H 59 -26.83 -35.13 42.32
N PHE H 60 -25.88 -34.20 42.29
CA PHE H 60 -25.31 -33.65 43.53
C PHE H 60 -26.30 -32.74 44.26
N ILE H 61 -27.18 -32.08 43.51
CA ILE H 61 -28.22 -31.21 44.09
C ILE H 61 -29.27 -32.07 44.80
N LEU H 62 -29.83 -33.03 44.09
CA LEU H 62 -30.85 -33.93 44.63
C LEU H 62 -30.27 -34.98 45.59
N GLY H 63 -28.96 -35.20 45.54
CA GLY H 63 -28.28 -36.15 46.42
C GLY H 63 -28.49 -37.59 46.00
N LEU H 64 -28.51 -37.82 44.69
CA LEU H 64 -28.67 -39.16 44.12
C LEU H 64 -27.30 -39.71 43.73
N ASP H 65 -27.30 -40.92 43.16
CA ASP H 65 -26.06 -41.54 42.69
C ASP H 65 -25.57 -40.85 41.42
N PHE H 66 -24.24 -40.68 41.32
CA PHE H 66 -23.63 -39.97 40.18
C PHE H 66 -23.75 -40.76 38.88
N PHE H 67 -23.67 -42.09 38.98
CA PHE H 67 -23.76 -42.97 37.81
C PHE H 67 -25.15 -42.96 37.19
N ILE H 68 -26.18 -42.89 38.03
CA ILE H 68 -27.56 -42.87 37.55
C ILE H 68 -27.87 -41.54 36.86
N GLY H 69 -27.45 -40.44 37.47
CA GLY H 69 -27.63 -39.11 36.90
C GLY H 69 -26.92 -38.95 35.56
N ALA H 70 -25.72 -39.50 35.46
CA ALA H 70 -24.92 -39.45 34.24
C ALA H 70 -25.58 -40.22 33.09
N ILE H 71 -26.12 -41.39 33.40
CA ILE H 71 -26.80 -42.22 32.40
C ILE H 71 -28.10 -41.56 31.92
N VAL H 72 -28.82 -40.91 32.84
CA VAL H 72 -30.06 -40.21 32.47
C VAL H 72 -29.80 -39.10 31.47
N PHE H 73 -28.85 -38.21 31.80
CA PHE H 73 -28.52 -37.07 30.93
C PHE H 73 -27.66 -37.46 29.73
N GLY H 74 -26.85 -38.50 29.87
CA GLY H 74 -26.02 -39.00 28.77
C GLY H 74 -26.85 -39.55 27.63
N LEU H 75 -27.89 -40.31 27.97
CA LEU H 75 -28.80 -40.87 26.97
C LEU H 75 -29.87 -39.86 26.54
N LEU H 76 -30.16 -38.89 27.40
CA LEU H 76 -31.08 -37.80 27.05
C LEU H 76 -30.50 -36.96 25.90
N ALA H 77 -29.19 -36.73 25.94
CA ALA H 77 -28.49 -36.06 24.86
C ALA H 77 -28.53 -36.88 23.57
N ALA H 78 -28.32 -38.19 23.70
CA ALA H 78 -28.31 -39.11 22.57
C ALA H 78 -29.62 -39.09 21.78
N ILE H 79 -30.75 -39.15 22.48
CA ILE H 79 -32.06 -39.11 21.83
C ILE H 79 -32.37 -37.73 21.24
N ILE H 80 -31.82 -36.67 21.85
CA ILE H 80 -31.96 -35.32 21.31
C ILE H 80 -31.11 -35.15 20.05
N ILE H 81 -29.91 -35.72 20.04
CA ILE H 81 -29.03 -35.70 18.85
C ILE H 81 -29.74 -36.29 17.63
N THR H 82 -30.38 -37.44 17.81
CA THR H 82 -31.11 -38.11 16.73
C THR H 82 -32.39 -37.36 16.37
N TYR H 83 -33.03 -36.74 17.37
CA TYR H 83 -34.23 -35.94 17.14
C TYR H 83 -33.94 -34.67 16.32
N ILE H 84 -32.71 -34.17 16.40
CA ILE H 84 -32.28 -33.05 15.56
C ILE H 84 -32.17 -33.50 14.11
N LYS H 85 -31.41 -34.57 13.87
CA LYS H 85 -31.18 -35.08 12.52
C LYS H 85 -32.48 -35.39 11.79
N GLY H 86 -33.34 -36.15 12.45
CA GLY H 86 -34.59 -36.64 11.85
C GLY H 86 -35.64 -35.58 11.60
N ASN H 87 -35.71 -34.59 12.49
CA ASN H 87 -36.77 -33.58 12.41
C ASN H 87 -36.27 -32.20 11.94
N SER H 88 -35.08 -32.15 11.33
CA SER H 88 -34.54 -30.89 10.82
C SER H 88 -33.42 -31.07 9.78
N ILE H 89 -33.05 -29.94 9.18
CA ILE H 89 -31.99 -29.89 8.18
C ILE H 89 -30.59 -30.00 8.81
N ILE H 90 -30.49 -29.65 10.09
CA ILE H 90 -29.20 -29.64 10.80
C ILE H 90 -28.50 -31.00 10.70
N LYS H 91 -27.22 -30.98 10.36
CA LYS H 91 -26.43 -32.21 10.17
C LYS H 91 -25.98 -32.82 11.49
N SER H 92 -25.41 -34.01 11.42
CA SER H 92 -25.02 -34.79 12.60
C SER H 92 -23.95 -34.11 13.45
N ASP H 93 -22.88 -33.66 12.82
CA ASP H 93 -21.77 -33.00 13.53
C ASP H 93 -22.23 -31.73 14.23
N THR H 94 -23.01 -30.91 13.52
CA THR H 94 -23.59 -29.69 14.09
C THR H 94 -24.55 -30.02 15.24
N ALA H 95 -25.37 -31.05 15.06
CA ALA H 95 -26.30 -31.49 16.10
C ALA H 95 -25.57 -31.93 17.37
N ILE H 96 -24.48 -32.68 17.20
CA ILE H 96 -23.66 -33.13 18.32
C ILE H 96 -22.97 -31.95 19.01
N GLY H 97 -22.50 -30.99 18.23
CA GLY H 97 -21.82 -29.81 18.76
C GLY H 97 -22.74 -28.91 19.60
N ILE H 98 -23.95 -28.67 19.09
CA ILE H 98 -24.91 -27.80 19.77
C ILE H 98 -25.34 -28.38 21.11
N THR H 99 -25.76 -29.64 21.10
CA THR H 99 -26.29 -30.28 22.31
C THR H 99 -25.23 -30.60 23.36
N SER H 100 -24.00 -30.86 22.94
CA SER H 100 -22.90 -31.11 23.88
C SER H 100 -22.47 -29.82 24.58
N SER H 101 -22.44 -28.72 23.85
CA SER H 101 -22.10 -27.41 24.43
C SER H 101 -23.24 -26.85 25.28
N SER H 102 -24.48 -27.08 24.86
CA SER H 102 -25.66 -26.67 25.62
C SER H 102 -25.74 -27.39 26.96
N PHE H 103 -25.49 -28.71 26.94
CA PHE H 103 -25.46 -29.51 28.15
C PHE H 103 -24.29 -29.12 29.06
N LEU H 104 -23.15 -28.80 28.46
CA LEU H 104 -21.99 -28.32 29.23
C LEU H 104 -22.32 -27.01 29.95
N ALA H 105 -22.90 -26.07 29.22
CA ALA H 105 -23.30 -24.77 29.77
C ALA H 105 -24.33 -24.95 30.89
N LEU H 106 -25.28 -25.86 30.68
CA LEU H 106 -26.26 -26.22 31.70
C LEU H 106 -25.57 -26.79 32.95
N GLY H 107 -24.60 -27.67 32.73
CA GLY H 107 -23.83 -28.27 33.82
C GLY H 107 -23.03 -27.26 34.66
N ILE H 108 -22.51 -26.22 34.00
CA ILE H 108 -21.76 -25.17 34.68
C ILE H 108 -22.67 -24.35 35.61
N ILE H 109 -23.87 -24.02 35.12
CA ILE H 109 -24.84 -23.26 35.90
C ILE H 109 -25.32 -24.05 37.11
N LEU H 110 -25.70 -25.31 36.90
CA LEU H 110 -26.23 -26.17 37.97
C LEU H 110 -25.21 -26.42 39.08
N ILE H 111 -23.93 -26.54 38.73
CA ILE H 111 -22.87 -26.62 39.73
C ILE H 111 -22.72 -25.29 40.47
N GLY H 112 -22.86 -24.18 39.74
CA GLY H 112 -22.79 -22.85 40.34
C GLY H 112 -23.88 -22.55 41.37
N VAL H 113 -25.04 -23.18 41.22
CA VAL H 113 -26.16 -22.99 42.15
C VAL H 113 -25.87 -23.62 43.51
N ALA H 114 -25.59 -24.92 43.50
CA ALA H 114 -25.40 -25.69 44.74
C ALA H 114 -23.94 -26.13 44.94
N LYS H 115 -23.00 -25.27 44.57
CA LYS H 115 -21.58 -25.53 44.77
C LYS H 115 -20.73 -24.32 44.39
N SER H 116 -19.52 -24.25 44.94
CA SER H 116 -18.59 -23.16 44.65
C SER H 116 -17.93 -23.38 43.29
N SER H 117 -17.35 -22.30 42.75
CA SER H 117 -16.71 -22.35 41.44
C SER H 117 -15.37 -23.11 41.43
N THR H 118 -14.80 -23.35 42.61
CA THR H 118 -13.62 -24.21 42.72
C THR H 118 -13.96 -25.67 42.45
N ASP H 119 -15.17 -26.09 42.84
CA ASP H 119 -15.65 -27.45 42.57
C ASP H 119 -15.89 -27.67 41.08
N LEU H 120 -16.31 -26.62 40.39
CA LEU H 120 -16.46 -26.64 38.93
C LEU H 120 -15.13 -26.93 38.26
N PHE H 121 -14.07 -26.29 38.75
CA PHE H 121 -12.72 -26.52 38.24
C PHE H 121 -12.21 -27.94 38.56
N HIS H 122 -12.58 -28.44 39.74
CA HIS H 122 -12.22 -29.81 40.14
C HIS H 122 -12.89 -30.83 39.23
N ILE H 123 -14.18 -30.67 39.00
CA ILE H 123 -14.95 -31.60 38.17
C ILE H 123 -14.49 -31.56 36.71
N LEU H 124 -14.31 -30.35 36.18
CA LEU H 124 -13.99 -30.16 34.77
C LEU H 124 -12.55 -30.51 34.39
N PHE H 125 -11.61 -30.32 35.31
CA PHE H 125 -10.18 -30.50 34.99
C PHE H 125 -9.39 -31.48 35.88
N GLY H 126 -10.02 -32.09 36.88
CA GLY H 126 -9.39 -33.19 37.61
C GLY H 126 -9.58 -33.24 39.12
N ASN H 127 -8.64 -32.64 39.84
CA ASN H 127 -8.54 -32.78 41.30
C ASN H 127 -8.15 -34.21 41.68
N ILE H 128 -7.09 -34.71 41.04
CA ILE H 128 -6.60 -36.07 41.29
C ILE H 128 -5.91 -36.21 42.65
N LEU H 129 -5.40 -35.11 43.18
CA LEU H 129 -4.70 -35.13 44.47
C LEU H 129 -5.67 -35.39 45.61
N ALA H 130 -6.66 -34.51 45.77
CA ALA H 130 -7.66 -34.65 46.83
C ALA H 130 -8.76 -35.62 46.41
N VAL H 131 -8.56 -36.90 46.75
CA VAL H 131 -9.54 -37.95 46.46
C VAL H 131 -9.76 -38.82 47.69
N GLN H 132 -11.03 -39.05 48.04
CA GLN H 132 -11.38 -39.81 49.24
C GLN H 132 -11.17 -41.31 49.06
N ASP H 133 -11.16 -42.04 50.18
CA ASP H 133 -11.00 -43.49 50.17
C ASP H 133 -12.26 -44.18 49.63
N THR H 134 -13.43 -43.65 49.98
CA THR H 134 -14.71 -44.19 49.52
C THR H 134 -14.83 -44.12 47.99
N ASP H 135 -14.37 -43.02 47.41
CA ASP H 135 -14.42 -42.83 45.96
C ASP H 135 -13.44 -43.73 45.22
N MET H 136 -12.31 -44.05 45.87
CA MET H 136 -11.29 -44.92 45.29
C MET H 136 -11.81 -46.35 45.08
N PHE H 137 -12.53 -46.86 46.07
CA PHE H 137 -13.09 -48.22 45.99
C PHE H 137 -14.23 -48.30 44.97
N ILE H 138 -14.96 -47.21 44.80
CA ILE H 138 -16.01 -47.13 43.78
C ILE H 138 -15.38 -47.14 42.38
N THR H 139 -14.26 -46.44 42.23
CA THR H 139 -13.51 -46.41 40.97
C THR H 139 -12.94 -47.79 40.62
N MET H 140 -12.37 -48.46 41.60
CA MET H 140 -11.85 -49.83 41.42
C MET H 140 -12.99 -50.83 41.22
N GLY H 141 -14.12 -50.59 41.89
CA GLY H 141 -15.30 -51.43 41.75
C GLY H 141 -15.95 -51.33 40.39
N VAL H 142 -16.23 -50.09 39.97
CA VAL H 142 -16.85 -49.84 38.67
C VAL H 142 -15.88 -50.14 37.51
N GLY H 143 -14.59 -49.94 37.75
CA GLY H 143 -13.56 -50.21 36.76
C GLY H 143 -13.45 -51.69 36.44
N ALA H 144 -13.45 -52.53 37.49
CA ALA H 144 -13.44 -53.98 37.33
C ALA H 144 -14.71 -54.49 36.66
N ALA H 145 -15.84 -53.84 36.96
CA ALA H 145 -17.13 -54.19 36.36
C ALA H 145 -17.14 -53.89 34.86
N ILE H 146 -16.53 -52.77 34.47
CA ILE H 146 -16.41 -52.41 33.06
C ILE H 146 -15.52 -53.40 32.32
N LEU H 147 -14.37 -53.72 32.90
CA LEU H 147 -13.44 -54.69 32.31
C LEU H 147 -14.02 -56.09 32.26
N LEU H 148 -14.88 -56.43 33.21
CA LEU H 148 -15.55 -57.73 33.23
C LEU H 148 -16.54 -57.86 32.07
N LEU H 149 -17.41 -56.86 31.91
CA LEU H 149 -18.40 -56.85 30.84
C LEU H 149 -17.79 -56.93 29.44
N ILE H 150 -16.60 -56.32 29.27
CA ILE H 150 -15.87 -56.42 28.01
C ILE H 150 -15.40 -57.85 27.77
N TRP H 151 -14.88 -58.49 28.82
CA TRP H 151 -14.43 -59.89 28.74
C TRP H 151 -15.60 -60.85 28.50
N ILE H 152 -16.76 -60.56 29.09
CA ILE H 152 -17.94 -61.40 28.92
C ILE H 152 -18.46 -61.33 27.47
N PHE H 153 -18.60 -60.11 26.96
CA PHE H 153 -19.12 -59.89 25.60
C PHE H 153 -18.02 -59.52 24.61
N PHE H 154 -16.84 -60.13 24.74
CA PHE H 154 -15.71 -59.78 23.87
C PHE H 154 -15.95 -60.16 22.42
N LYS H 155 -16.32 -61.43 22.21
CA LYS H 155 -16.64 -61.92 20.87
C LYS H 155 -17.79 -61.15 20.22
N GLN H 156 -18.75 -60.72 21.04
CA GLN H 156 -19.92 -59.99 20.55
C GLN H 156 -19.55 -58.54 20.19
N LEU H 157 -18.69 -57.93 21.01
CA LEU H 157 -18.21 -56.57 20.75
C LEU H 157 -17.20 -56.52 19.59
N LEU H 158 -16.45 -57.60 19.41
CA LEU H 158 -15.48 -57.71 18.31
C LEU H 158 -16.18 -57.74 16.96
N ILE H 159 -17.09 -58.70 16.78
CA ILE H 159 -17.79 -58.89 15.51
C ILE H 159 -18.65 -57.68 15.13
N THR H 160 -19.29 -57.03 16.11
CA THR H 160 -20.13 -55.87 15.85
C THR H 160 -19.31 -54.61 15.51
N SER H 161 -18.13 -54.49 16.11
CA SER H 161 -17.22 -53.37 15.85
C SER H 161 -16.52 -53.51 14.50
N PHE H 162 -16.20 -54.74 14.12
CA PHE H 162 -15.50 -55.02 12.86
C PHE H 162 -16.45 -55.10 11.67
N ASP H 163 -17.40 -56.03 11.75
CA ASP H 163 -18.33 -56.28 10.66
C ASP H 163 -19.77 -56.29 11.19
N GLU H 164 -20.34 -55.10 11.31
CA GLU H 164 -21.70 -54.93 11.82
C GLU H 164 -22.74 -55.52 10.88
N LEU H 165 -22.45 -55.49 9.58
CA LEU H 165 -23.38 -55.99 8.57
C LEU H 165 -23.51 -57.51 8.63
N LEU H 166 -22.42 -58.20 8.96
CA LEU H 166 -22.43 -59.65 9.16
C LEU H 166 -23.21 -60.02 10.42
N ALA H 167 -23.07 -59.21 11.47
CA ALA H 167 -23.79 -59.43 12.73
C ALA H 167 -25.31 -59.41 12.53
N LYS H 168 -25.78 -58.48 11.69
CA LYS H 168 -27.21 -58.38 11.37
C LYS H 168 -27.68 -59.59 10.56
N ALA H 169 -26.82 -60.10 9.68
CA ALA H 169 -27.11 -61.29 8.89
C ALA H 169 -27.17 -62.56 9.76
N MET H 170 -26.39 -62.56 10.85
CA MET H 170 -26.44 -63.65 11.84
C MET H 170 -27.60 -63.48 12.81
N GLY H 171 -28.19 -62.29 12.85
CA GLY H 171 -29.37 -62.03 13.69
C GLY H 171 -29.04 -61.50 15.07
N MET H 172 -27.87 -60.89 15.23
CA MET H 172 -27.43 -60.37 16.51
C MET H 172 -28.09 -59.02 16.80
N PRO H 173 -28.46 -58.77 18.07
CA PRO H 173 -29.02 -57.48 18.44
C PRO H 173 -27.91 -56.42 18.52
N VAL H 174 -27.56 -55.84 17.37
CA VAL H 174 -26.45 -54.89 17.29
C VAL H 174 -26.69 -53.61 18.08
N ASN H 175 -27.95 -53.21 18.21
CA ASN H 175 -28.31 -52.02 18.99
C ASN H 175 -27.99 -52.21 20.48
N PHE H 176 -28.24 -53.40 21.01
CA PHE H 176 -27.92 -53.73 22.40
C PHE H 176 -26.45 -53.46 22.72
N TYR H 177 -25.55 -53.91 21.84
CA TYR H 177 -24.11 -53.74 22.05
C TYR H 177 -23.65 -52.30 21.79
N HIS H 178 -24.42 -51.55 21.01
CA HIS H 178 -24.19 -50.12 20.83
C HIS H 178 -24.56 -49.35 22.10
N TYR H 179 -25.69 -49.71 22.70
CA TYR H 179 -26.12 -49.09 23.97
C TYR H 179 -25.21 -49.49 25.12
N LEU H 180 -24.83 -50.77 25.15
CA LEU H 180 -23.90 -51.29 26.17
C LEU H 180 -22.61 -50.47 26.21
N LEU H 181 -22.07 -50.16 25.04
CA LEU H 181 -20.83 -49.39 24.93
C LEU H 181 -20.98 -47.95 25.42
N MET H 182 -22.14 -47.35 25.17
CA MET H 182 -22.43 -46.00 25.66
C MET H 182 -22.63 -45.98 27.18
N VAL H 183 -23.16 -47.07 27.72
CA VAL H 183 -23.30 -47.24 29.17
C VAL H 183 -21.91 -47.36 29.80
N LEU H 184 -21.03 -48.15 29.18
CA LEU H 184 -19.64 -48.25 29.63
C LEU H 184 -18.94 -46.90 29.53
N LEU H 185 -19.18 -46.19 28.42
CA LEU H 185 -18.59 -44.88 28.18
C LEU H 185 -18.99 -43.84 29.24
N THR H 186 -20.26 -43.87 29.65
CA THR H 186 -20.75 -42.97 30.69
C THR H 186 -20.16 -43.30 32.06
N LEU H 187 -19.97 -44.58 32.34
CA LEU H 187 -19.33 -45.02 33.58
C LEU H 187 -17.87 -44.58 33.65
N VAL H 188 -17.17 -44.61 32.52
CA VAL H 188 -15.79 -44.13 32.44
C VAL H 188 -15.71 -42.61 32.60
N SER H 189 -16.70 -41.90 32.04
CA SER H 189 -16.72 -40.44 32.06
C SER H 189 -16.67 -39.88 33.48
N VAL H 190 -17.63 -40.29 34.31
CA VAL H 190 -17.68 -39.84 35.71
C VAL H 190 -16.47 -40.32 36.51
N THR H 191 -15.98 -41.51 36.21
CA THR H 191 -14.78 -42.07 36.84
C THR H 191 -13.54 -41.25 36.48
N ALA H 192 -13.47 -40.79 35.22
CA ALA H 192 -12.34 -40.02 34.73
C ALA H 192 -12.31 -38.57 35.23
N MET H 193 -13.41 -38.10 35.80
CA MET H 193 -13.48 -36.75 36.37
C MET H 193 -12.45 -36.55 37.49
N GLN H 194 -12.10 -37.63 38.19
CA GLN H 194 -11.14 -37.58 39.28
C GLN H 194 -9.73 -37.25 38.78
N SER H 195 -9.30 -37.90 37.71
CA SER H 195 -7.94 -37.73 37.17
C SER H 195 -7.82 -36.54 36.23
N VAL H 196 -8.32 -36.70 35.01
CA VAL H 196 -8.13 -35.70 33.94
C VAL H 196 -9.22 -34.63 33.91
N GLY H 197 -10.41 -34.95 34.42
CA GLY H 197 -11.53 -34.01 34.44
C GLY H 197 -12.42 -34.17 33.22
N THR H 198 -13.64 -33.64 33.32
CA THR H 198 -14.66 -33.77 32.28
C THR H 198 -14.19 -33.38 30.87
N ILE H 199 -13.42 -32.30 30.79
CA ILE H 199 -13.01 -31.73 29.49
C ILE H 199 -11.93 -32.56 28.80
N LEU H 200 -11.11 -33.25 29.58
CA LEU H 200 -9.97 -34.02 29.05
C LEU H 200 -10.18 -35.54 29.06
N ILE H 201 -11.43 -35.98 29.19
CA ILE H 201 -11.72 -37.43 29.18
C ILE H 201 -11.47 -38.01 27.80
N VAL H 202 -11.95 -37.31 26.77
CA VAL H 202 -11.78 -37.73 25.38
C VAL H 202 -10.34 -38.11 25.03
N ALA H 203 -9.37 -37.38 25.59
CA ALA H 203 -7.95 -37.64 25.36
C ALA H 203 -7.52 -39.00 25.89
N MET H 204 -7.95 -39.34 27.10
CA MET H 204 -7.59 -40.62 27.71
C MET H 204 -8.26 -41.82 27.04
N LEU H 205 -9.38 -41.59 26.36
CA LEU H 205 -10.06 -42.64 25.61
C LEU H 205 -9.33 -42.92 24.29
N ILE H 206 -9.16 -41.88 23.48
CA ILE H 206 -8.73 -42.06 22.08
C ILE H 206 -7.21 -42.06 21.86
N THR H 207 -6.45 -41.33 22.68
CA THR H 207 -5.01 -41.18 22.46
C THR H 207 -4.24 -42.47 22.75
N PRO H 208 -4.45 -43.11 23.92
CA PRO H 208 -3.77 -44.39 24.15
C PRO H 208 -4.25 -45.50 23.22
N ALA H 209 -5.52 -45.43 22.81
CA ALA H 209 -6.09 -46.37 21.86
C ALA H 209 -5.48 -46.19 20.47
N ALA H 210 -5.33 -44.94 20.04
CA ALA H 210 -4.73 -44.63 18.74
C ALA H 210 -3.26 -45.03 18.68
N THR H 211 -2.55 -44.92 19.80
CA THR H 211 -1.16 -45.34 19.89
C THR H 211 -1.05 -46.87 19.79
N ALA H 212 -1.94 -47.57 20.50
CA ALA H 212 -2.00 -49.04 20.44
C ALA H 212 -2.46 -49.54 19.07
N TYR H 213 -3.24 -48.71 18.37
CA TYR H 213 -3.74 -49.04 17.03
C TYR H 213 -2.62 -49.15 15.99
N LEU H 214 -1.50 -48.46 16.24
CA LEU H 214 -0.33 -48.52 15.35
C LEU H 214 0.52 -49.78 15.52
N TYR H 215 0.33 -50.51 16.62
CA TYR H 215 1.11 -51.71 16.92
C TYR H 215 0.30 -53.01 16.83
N ALA H 216 -0.88 -53.02 17.43
CA ALA H 216 -1.65 -54.25 17.66
C ALA H 216 -1.96 -55.06 16.40
N ASN H 217 -1.93 -56.39 16.55
CA ASN H 217 -2.32 -57.32 15.48
C ASN H 217 -3.73 -57.87 15.69
N SER H 218 -4.14 -58.01 16.95
CA SER H 218 -5.50 -58.43 17.30
C SER H 218 -6.16 -57.40 18.21
N LEU H 219 -7.45 -57.57 18.47
CA LEU H 219 -8.20 -56.66 19.35
C LEU H 219 -7.77 -56.83 20.81
N LYS H 220 -7.50 -58.06 21.22
CA LYS H 220 -7.02 -58.35 22.57
C LYS H 220 -5.68 -57.66 22.84
N SER H 221 -4.79 -57.72 21.86
CA SER H 221 -3.49 -57.05 21.93
C SER H 221 -3.64 -55.53 22.00
N MET H 222 -4.62 -54.99 21.28
CA MET H 222 -4.89 -53.55 21.26
C MET H 222 -5.36 -53.04 22.62
N ILE H 223 -6.25 -53.79 23.27
CA ILE H 223 -6.77 -53.40 24.58
C ILE H 223 -5.67 -53.46 25.64
N PHE H 224 -4.84 -54.51 25.60
CA PHE H 224 -3.71 -54.65 26.51
C PHE H 224 -2.71 -53.51 26.36
N LEU H 225 -2.40 -53.15 25.13
CA LEU H 225 -1.48 -52.05 24.84
C LEU H 225 -2.09 -50.69 25.21
N SER H 226 -3.33 -50.46 24.81
CA SER H 226 -4.03 -49.21 25.10
C SER H 226 -4.15 -48.93 26.60
N SER H 227 -4.43 -49.99 27.37
CA SER H 227 -4.48 -49.89 28.82
C SER H 227 -3.10 -49.58 29.42
N THR H 228 -2.06 -50.21 28.86
CA THR H 228 -0.69 -49.98 29.31
C THR H 228 -0.22 -48.55 29.04
N PHE H 229 -0.46 -48.07 27.82
CA PHE H 229 -0.14 -46.69 27.46
C PHE H 229 -0.92 -45.70 28.32
N GLY H 230 -2.19 -45.99 28.57
CA GLY H 230 -3.02 -45.16 29.44
C GLY H 230 -2.58 -45.19 30.89
N ALA H 231 -2.16 -46.37 31.36
CA ALA H 231 -1.69 -46.54 32.73
C ALA H 231 -0.32 -45.87 32.93
N THR H 232 0.58 -46.06 31.96
CA THR H 232 1.93 -45.48 32.04
C THR H 232 1.90 -43.95 31.90
N ALA H 233 1.06 -43.45 31.01
CA ALA H 233 0.91 -42.00 30.83
C ALA H 233 0.32 -41.33 32.07
N SER H 234 -0.53 -42.06 32.78
CA SER H 234 -1.12 -41.59 34.03
C SER H 234 -0.09 -41.52 35.17
N VAL H 235 0.85 -42.48 35.19
CA VAL H 235 1.92 -42.50 36.19
C VAL H 235 2.89 -41.34 35.94
N LEU H 236 3.48 -41.33 34.75
CA LEU H 236 4.45 -40.29 34.38
C LEU H 236 3.84 -38.88 34.39
N GLY H 237 2.56 -38.79 34.03
CA GLY H 237 1.83 -37.52 34.10
C GLY H 237 1.71 -37.00 35.51
N LEU H 238 1.40 -37.90 36.45
CA LEU H 238 1.33 -37.55 37.87
C LEU H 238 2.72 -37.20 38.43
N PHE H 239 3.74 -37.90 37.94
CA PHE H 239 5.13 -37.62 38.30
C PHE H 239 5.56 -36.24 37.80
N ILE H 240 5.25 -35.92 36.54
CA ILE H 240 5.55 -34.62 35.96
C ILE H 240 4.76 -33.51 36.66
N GLY H 241 3.48 -33.77 36.92
CA GLY H 241 2.61 -32.80 37.59
C GLY H 241 3.02 -32.51 39.03
N TYR H 242 3.43 -33.56 39.75
CA TYR H 242 3.83 -33.43 41.14
C TYR H 242 5.22 -32.79 41.30
N SER H 243 6.18 -33.29 40.52
CA SER H 243 7.58 -32.83 40.62
C SER H 243 7.75 -31.37 40.18
N PHE H 244 7.38 -31.08 38.94
CA PHE H 244 7.49 -29.72 38.40
C PHE H 244 6.44 -28.77 38.96
N ASN H 245 5.45 -29.30 39.67
CA ASN H 245 4.43 -28.51 40.36
C ASN H 245 3.53 -27.79 39.35
N VAL H 246 2.92 -28.59 38.48
CA VAL H 246 2.02 -28.10 37.44
C VAL H 246 0.73 -28.93 37.44
N ALA H 247 -0.22 -28.56 36.58
CA ALA H 247 -1.49 -29.26 36.47
C ALA H 247 -1.27 -30.75 36.23
N ALA H 248 -1.92 -31.58 37.05
CA ALA H 248 -1.74 -33.04 36.99
C ALA H 248 -2.41 -33.62 35.76
N GLY H 249 -3.69 -33.29 35.58
CA GLY H 249 -4.49 -33.82 34.46
C GLY H 249 -3.91 -33.49 33.09
N SER H 250 -3.47 -32.25 32.92
CA SER H 250 -2.88 -31.81 31.65
C SER H 250 -1.55 -32.49 31.33
N SER H 251 -0.78 -32.79 32.37
CA SER H 251 0.49 -33.51 32.21
C SER H 251 0.29 -34.95 31.73
N ILE H 252 -0.81 -35.57 32.16
CA ILE H 252 -1.16 -36.93 31.75
C ILE H 252 -1.53 -36.99 30.27
N VAL H 253 -2.21 -35.96 29.78
CA VAL H 253 -2.61 -35.88 28.37
C VAL H 253 -1.40 -35.63 27.47
N LEU H 254 -0.49 -34.77 27.91
CA LEU H 254 0.75 -34.49 27.16
C LEU H 254 1.68 -35.70 27.13
N THR H 255 1.76 -36.43 28.26
CA THR H 255 2.56 -37.66 28.33
C THR H 255 1.99 -38.73 27.41
N ALA H 256 0.65 -38.83 27.37
CA ALA H 256 -0.02 -39.76 26.46
C ALA H 256 0.20 -39.36 25.01
N ALA H 257 0.14 -38.05 24.74
CA ALA H 257 0.36 -37.51 23.41
C ALA H 257 1.80 -37.69 22.93
N SER H 258 2.74 -37.64 23.87
CA SER H 258 4.16 -37.85 23.55
C SER H 258 4.45 -39.30 23.14
N PHE H 259 3.70 -40.26 23.68
CA PHE H 259 3.80 -41.65 23.25
C PHE H 259 3.26 -41.81 21.83
N PHE H 260 2.17 -41.11 21.53
CA PHE H 260 1.60 -41.11 20.19
C PHE H 260 2.54 -40.46 19.17
N LEU H 261 3.22 -39.40 19.59
CA LEU H 261 4.18 -38.70 18.73
C LEU H 261 5.39 -39.59 18.40
N ILE H 262 5.91 -40.26 19.43
CA ILE H 262 7.04 -41.19 19.24
C ILE H 262 6.61 -42.38 18.38
N SER H 263 5.51 -43.01 18.78
CA SER H 263 4.98 -44.19 18.09
C SER H 263 4.59 -43.94 16.63
N PHE H 264 4.23 -42.70 16.31
CA PHE H 264 3.85 -42.33 14.94
C PHE H 264 4.98 -42.60 13.93
N PHE H 265 6.22 -42.40 14.36
CA PHE H 265 7.39 -42.58 13.48
C PHE H 265 8.05 -43.96 13.65
N ILE H 266 8.20 -44.41 14.88
CA ILE H 266 8.97 -45.64 15.16
C ILE H 266 8.19 -46.95 14.98
N ALA H 267 6.87 -46.87 14.84
CA ALA H 267 6.04 -48.07 14.72
C ALA H 267 6.36 -48.85 13.43
N PRO H 268 6.38 -50.19 13.53
CA PRO H 268 6.62 -51.03 12.34
C PRO H 268 5.65 -50.78 11.18
N LYS H 269 4.36 -50.73 11.49
CA LYS H 269 3.33 -50.51 10.46
C LYS H 269 3.39 -49.11 9.85
N GLN H 270 3.83 -48.13 10.64
CA GLN H 270 4.06 -46.78 10.13
C GLN H 270 5.36 -46.70 9.31
N ARG H 271 6.38 -47.44 9.76
CA ARG H 271 7.66 -47.54 9.03
C ARG H 271 7.47 -48.26 7.69
N TYR H 272 6.48 -49.14 7.63
CA TYR H 272 6.11 -49.84 6.39
C TYR H 272 5.35 -48.88 5.47
N LEU H 273 6.10 -48.18 4.60
CA LEU H 273 5.51 -47.25 3.65
C LEU H 273 6.38 -47.16 2.38
N MET I 1 12.06 -2.62 -32.55
CA MET I 1 11.91 -1.19 -32.13
C MET I 1 11.08 -0.39 -33.12
N ILE I 2 10.11 0.37 -32.60
CA ILE I 2 9.35 1.33 -33.39
C ILE I 2 9.76 2.74 -32.96
N ARG I 3 10.18 3.56 -33.91
CA ARG I 3 10.48 4.97 -33.63
C ARG I 3 9.56 5.89 -34.43
N ILE I 4 9.19 7.00 -33.82
CA ILE I 4 8.33 8.01 -34.44
C ILE I 4 9.00 9.37 -34.30
N GLU I 5 9.13 10.10 -35.40
CA GLU I 5 9.75 11.43 -35.39
C GLU I 5 8.75 12.52 -35.79
N ASN I 6 8.27 13.26 -34.79
CA ASN I 6 7.43 14.44 -35.02
C ASN I 6 6.25 14.14 -35.96
N LEU I 7 5.51 13.09 -35.65
CA LEU I 7 4.36 12.69 -36.45
C LEU I 7 3.15 13.55 -36.11
N SER I 8 2.52 14.11 -37.14
CA SER I 8 1.33 14.93 -36.98
C SER I 8 0.28 14.55 -38.02
N VAL I 9 -0.99 14.59 -37.62
CA VAL I 9 -2.10 14.22 -38.50
C VAL I 9 -3.21 15.28 -38.40
N SER I 10 -3.88 15.52 -39.52
CA SER I 10 -4.97 16.50 -39.58
C SER I 10 -6.15 15.96 -40.40
N TYR I 11 -7.26 15.68 -39.72
CA TYR I 11 -8.51 15.31 -40.39
C TYR I 11 -9.17 16.56 -40.95
N LYS I 12 -9.42 17.54 -40.08
CA LYS I 12 -9.97 18.83 -40.47
C LYS I 12 -8.96 19.93 -40.12
N GLU I 13 -9.42 21.18 -40.09
CA GLU I 13 -8.56 22.32 -39.76
C GLU I 13 -7.86 22.13 -38.41
N THR I 14 -6.53 22.28 -38.41
CA THR I 14 -5.69 22.16 -37.21
C THR I 14 -5.51 20.69 -36.77
N LEU I 15 -4.40 20.43 -36.07
CA LEU I 15 -3.94 19.07 -35.78
C LEU I 15 -4.91 18.21 -34.94
N ALA I 16 -5.07 16.96 -35.36
CA ALA I 16 -5.73 15.93 -34.55
C ALA I 16 -4.71 15.22 -33.68
N LEU I 17 -3.50 15.05 -34.21
CA LEU I 17 -2.37 14.46 -33.47
C LEU I 17 -1.19 15.42 -33.64
N LYS I 18 -0.56 15.82 -32.55
CA LYS I 18 0.44 16.89 -32.57
C LYS I 18 1.85 16.44 -32.18
N ASP I 19 2.73 16.40 -33.17
CA ASP I 19 4.17 16.25 -32.96
C ASP I 19 4.52 15.07 -32.06
N ILE I 20 4.07 13.88 -32.43
CA ILE I 20 4.32 12.67 -31.65
C ILE I 20 5.76 12.21 -31.89
N SER I 21 6.57 12.22 -30.83
CA SER I 21 7.93 11.71 -30.86
C SER I 21 8.08 10.62 -29.81
N LEU I 22 8.60 9.46 -30.21
CA LEU I 22 8.60 8.28 -29.33
C LEU I 22 9.55 7.20 -29.82
N VAL I 23 10.09 6.43 -28.87
CA VAL I 23 10.92 5.26 -29.16
C VAL I 23 10.41 4.06 -28.34
N LEU I 24 9.68 3.16 -28.98
CA LEU I 24 9.11 1.99 -28.32
C LEU I 24 10.02 0.77 -28.51
N HIS I 25 10.42 0.17 -27.39
CA HIS I 25 11.23 -1.06 -27.41
C HIS I 25 10.36 -2.30 -27.18
N GLY I 26 10.94 -3.47 -27.45
CA GLY I 26 10.26 -4.75 -27.22
C GLY I 26 11.23 -5.79 -26.68
N PRO I 27 10.75 -7.00 -26.40
CA PRO I 27 9.34 -7.39 -26.60
C PRO I 27 8.41 -6.78 -25.56
N THR I 28 7.15 -6.56 -25.95
CA THR I 28 6.19 -5.90 -25.07
C THR I 28 4.74 -6.06 -25.53
N ILE I 29 3.83 -5.86 -24.59
CA ILE I 29 2.41 -5.64 -24.89
C ILE I 29 2.09 -4.22 -24.40
N THR I 30 2.17 -3.25 -25.29
CA THR I 30 1.98 -1.84 -24.93
C THR I 30 0.54 -1.39 -25.17
N GLY I 31 -0.03 -0.69 -24.19
CA GLY I 31 -1.39 -0.16 -24.30
C GLY I 31 -1.41 1.34 -24.57
N ILE I 32 -2.16 1.74 -25.59
CA ILE I 32 -2.36 3.16 -25.88
C ILE I 32 -3.73 3.56 -25.32
N ILE I 33 -3.73 4.58 -24.46
CA ILE I 33 -4.95 5.00 -23.75
C ILE I 33 -5.16 6.51 -23.79
N GLY I 34 -6.34 6.94 -23.36
CA GLY I 34 -6.71 8.35 -23.36
C GLY I 34 -8.15 8.56 -23.79
N PRO I 35 -8.61 9.83 -23.81
CA PRO I 35 -10.00 10.14 -24.20
C PRO I 35 -10.33 9.67 -25.61
N ASN I 36 -11.49 9.03 -25.77
CA ASN I 36 -11.93 8.53 -27.06
C ASN I 36 -12.12 9.67 -28.06
N GLY I 37 -11.45 9.55 -29.21
CA GLY I 37 -11.50 10.58 -30.25
C GLY I 37 -10.36 11.59 -30.19
N ALA I 38 -9.44 11.40 -29.24
CA ALA I 38 -8.38 12.37 -28.99
C ALA I 38 -7.01 12.00 -29.57
N GLY I 39 -6.92 10.89 -30.30
CA GLY I 39 -5.67 10.51 -30.98
C GLY I 39 -5.26 9.04 -30.92
N LYS I 40 -5.85 8.28 -30.01
CA LYS I 40 -5.51 6.86 -29.82
C LYS I 40 -5.42 6.08 -31.14
N SER I 41 -6.55 5.99 -31.84
CA SER I 41 -6.64 5.20 -33.07
C SER I 41 -5.97 5.88 -34.27
N THR I 42 -5.97 7.21 -34.28
CA THR I 42 -5.34 7.98 -35.36
C THR I 42 -3.83 7.74 -35.40
N LEU I 43 -3.23 7.50 -34.24
CA LEU I 43 -1.79 7.23 -34.16
C LEU I 43 -1.40 5.97 -34.92
N LEU I 44 -2.21 4.92 -34.81
CA LEU I 44 -1.95 3.67 -35.53
C LEU I 44 -2.02 3.87 -37.04
N LYS I 45 -3.03 4.59 -37.50
CA LYS I 45 -3.23 4.83 -38.93
C LYS I 45 -2.13 5.74 -39.51
N GLY I 46 -1.74 6.76 -38.76
CA GLY I 46 -0.65 7.65 -39.16
C GLY I 46 0.72 6.96 -39.15
N MET I 47 0.89 6.04 -38.21
CA MET I 47 2.13 5.27 -38.08
C MET I 47 2.38 4.37 -39.30
N LEU I 48 1.31 3.75 -39.79
CA LEU I 48 1.38 2.86 -40.94
C LEU I 48 1.30 3.59 -42.28
N GLY I 49 0.88 4.86 -42.25
CA GLY I 49 0.70 5.65 -43.47
C GLY I 49 -0.60 5.35 -44.18
N ILE I 50 -1.60 4.92 -43.43
CA ILE I 50 -2.93 4.63 -43.96
C ILE I 50 -3.67 5.94 -44.27
N ILE I 51 -3.32 7.00 -43.55
CA ILE I 51 -3.90 8.32 -43.76
C ILE I 51 -2.78 9.36 -43.89
N PRO I 52 -3.08 10.54 -44.48
CA PRO I 52 -2.04 11.57 -44.63
C PRO I 52 -1.46 12.04 -43.30
N HIS I 53 -0.13 12.10 -43.22
CA HIS I 53 0.56 12.57 -42.02
C HIS I 53 1.82 13.34 -42.40
N GLN I 54 2.44 14.00 -41.41
CA GLN I 54 3.55 14.92 -41.65
C GLN I 54 4.93 14.36 -41.28
N GLY I 55 5.01 13.57 -40.21
CA GLY I 55 6.28 13.09 -39.69
C GLY I 55 6.74 11.80 -40.35
N GLN I 56 7.63 11.09 -39.66
CA GLN I 56 8.19 9.82 -40.13
C GLN I 56 7.99 8.72 -39.10
N ALA I 57 8.12 7.47 -39.56
CA ALA I 57 8.01 6.30 -38.70
C ALA I 57 9.03 5.25 -39.12
N PHE I 58 9.77 4.71 -38.16
CA PHE I 58 10.84 3.74 -38.44
C PHE I 58 10.60 2.41 -37.73
N LEU I 59 11.17 1.35 -38.30
CA LEU I 59 10.96 -0.01 -37.82
C LEU I 59 12.24 -0.83 -38.02
N ASP I 60 13.13 -0.76 -37.02
CA ASP I 60 14.43 -1.45 -37.06
C ASP I 60 15.26 -1.02 -38.28
N ASP I 61 15.93 0.13 -38.15
CA ASP I 61 16.69 0.75 -39.26
C ASP I 61 16.03 0.56 -40.64
N LYS I 62 14.73 0.83 -40.69
CA LYS I 62 13.94 0.67 -41.91
C LYS I 62 12.65 1.46 -41.77
N GLU I 63 12.25 2.17 -42.82
CA GLU I 63 11.05 2.99 -42.77
C GLU I 63 9.80 2.11 -42.84
N VAL I 64 8.76 2.52 -42.14
CA VAL I 64 7.52 1.72 -42.05
C VAL I 64 6.82 1.61 -43.40
N LYS I 65 7.01 2.61 -44.26
CA LYS I 65 6.51 2.58 -45.63
C LYS I 65 6.96 1.32 -46.37
N LYS I 66 8.24 0.97 -46.20
CA LYS I 66 8.83 -0.21 -46.84
C LYS I 66 9.06 -1.35 -45.85
N SER I 67 8.21 -1.47 -44.84
CA SER I 67 8.29 -2.56 -43.85
C SER I 67 6.91 -3.08 -43.43
N LEU I 68 5.92 -2.92 -44.31
CA LEU I 68 4.53 -3.29 -43.99
C LEU I 68 4.31 -4.79 -43.93
N HIS I 69 5.17 -5.54 -44.61
CA HIS I 69 5.12 -7.01 -44.58
C HIS I 69 5.49 -7.60 -43.20
N ARG I 70 6.15 -6.79 -42.37
CA ARG I 70 6.51 -7.20 -41.00
C ARG I 70 5.50 -6.72 -39.94
N ILE I 71 4.40 -6.12 -40.36
CA ILE I 71 3.40 -5.59 -39.44
C ILE I 71 2.02 -6.16 -39.76
N ALA I 72 1.20 -6.31 -38.73
CA ALA I 72 -0.19 -6.77 -38.89
C ALA I 72 -1.12 -5.79 -38.17
N TYR I 73 -2.04 -5.20 -38.94
CA TYR I 73 -2.98 -4.21 -38.41
C TYR I 73 -4.37 -4.81 -38.25
N VAL I 74 -4.82 -4.96 -37.00
CA VAL I 74 -6.18 -5.40 -36.71
C VAL I 74 -7.04 -4.18 -36.41
N GLU I 75 -7.98 -3.89 -37.31
CA GLU I 75 -8.86 -2.74 -37.18
C GLU I 75 -10.04 -3.03 -36.26
N GLN I 76 -10.82 -2.00 -35.97
CA GLN I 76 -12.02 -2.14 -35.13
C GLN I 76 -13.11 -2.89 -35.89
N LYS I 77 -13.97 -3.58 -35.14
CA LYS I 77 -15.05 -4.38 -35.72
C LYS I 77 -16.09 -3.56 -36.48
N ILE I 78 -16.30 -2.31 -36.07
CA ILE I 78 -17.34 -1.46 -36.65
C ILE I 78 -17.08 -1.17 -38.13
N ASN I 79 -15.80 -1.08 -38.51
CA ASN I 79 -15.42 -0.82 -39.90
C ASN I 79 -15.79 -1.98 -40.84
N ILE I 80 -15.75 -3.20 -40.33
CA ILE I 80 -15.97 -4.39 -41.15
C ILE I 80 -17.47 -4.69 -41.29
N ASP I 81 -17.91 -4.89 -42.52
CA ASP I 81 -19.30 -5.26 -42.82
C ASP I 81 -19.50 -6.75 -42.58
N TYR I 82 -20.45 -7.10 -41.71
CA TYR I 82 -20.74 -8.51 -41.40
C TYR I 82 -21.53 -9.15 -42.54
N ASN I 83 -22.25 -8.32 -43.28
CA ASN I 83 -23.13 -8.79 -44.36
C ASN I 83 -22.38 -9.23 -45.63
N PHE I 84 -21.08 -8.93 -45.70
CA PHE I 84 -20.26 -9.36 -46.85
C PHE I 84 -20.22 -10.89 -46.91
N PRO I 85 -20.42 -11.46 -48.12
CA PRO I 85 -20.42 -12.91 -48.26
C PRO I 85 -19.00 -13.49 -48.17
N ILE I 86 -18.68 -14.03 -46.99
CA ILE I 86 -17.36 -14.61 -46.75
C ILE I 86 -17.41 -15.51 -45.51
N LYS I 87 -16.79 -16.68 -45.61
CA LYS I 87 -16.76 -17.64 -44.51
C LYS I 87 -15.62 -17.30 -43.55
N VAL I 88 -15.55 -18.00 -42.42
CA VAL I 88 -14.51 -17.75 -41.42
C VAL I 88 -13.13 -18.11 -41.97
N LYS I 89 -13.01 -19.30 -42.54
CA LYS I 89 -11.73 -19.75 -43.10
C LYS I 89 -11.23 -18.82 -44.21
N GLU I 90 -12.16 -18.29 -45.00
CA GLU I 90 -11.83 -17.39 -46.12
C GLU I 90 -11.41 -16.01 -45.61
N CYS I 91 -12.04 -15.56 -44.53
CA CYS I 91 -11.69 -14.29 -43.89
C CYS I 91 -10.27 -14.33 -43.30
N VAL I 92 -9.92 -15.46 -42.69
CA VAL I 92 -8.58 -15.67 -42.13
C VAL I 92 -7.52 -15.74 -43.23
N SER I 93 -7.88 -16.35 -44.37
CA SER I 93 -6.93 -16.51 -45.49
C SER I 93 -6.53 -15.19 -46.15
N LEU I 94 -7.28 -14.11 -45.89
CA LEU I 94 -6.94 -12.79 -46.40
C LEU I 94 -5.57 -12.28 -45.89
N GLY I 95 -5.13 -12.79 -44.75
CA GLY I 95 -3.81 -12.45 -44.21
C GLY I 95 -2.64 -13.02 -45.01
N LEU I 96 -2.87 -14.07 -45.78
CA LEU I 96 -1.83 -14.67 -46.61
C LEU I 96 -1.80 -14.11 -48.05
N PHE I 97 -2.68 -13.15 -48.35
CA PHE I 97 -2.77 -12.56 -49.69
C PHE I 97 -1.52 -11.79 -50.13
N PRO I 98 -0.85 -11.09 -49.19
CA PRO I 98 0.42 -10.42 -49.54
C PRO I 98 1.54 -11.39 -49.98
N SER I 99 1.63 -12.55 -49.34
CA SER I 99 2.65 -13.55 -49.66
C SER I 99 2.42 -14.20 -51.02
N ILE I 100 1.16 -14.27 -51.46
CA ILE I 100 0.81 -14.85 -52.76
C ILE I 100 0.98 -13.79 -53.86
N PRO I 101 1.81 -14.07 -54.87
CA PRO I 101 1.94 -13.17 -56.02
C PRO I 101 0.79 -13.33 -57.00
N LEU I 102 0.81 -12.56 -58.08
CA LEU I 102 -0.24 -12.62 -59.10
C LEU I 102 -0.15 -13.92 -59.90
N PHE I 103 -1.25 -14.25 -60.59
CA PHE I 103 -1.34 -15.45 -61.45
C PHE I 103 -1.13 -16.78 -60.70
N ARG I 104 -1.45 -16.80 -59.40
CA ARG I 104 -1.27 -18.01 -58.58
C ARG I 104 -2.32 -18.12 -57.48
N SER I 105 -2.68 -19.36 -57.15
CA SER I 105 -3.71 -19.65 -56.15
C SER I 105 -3.07 -20.01 -54.81
N LEU I 106 -3.92 -20.21 -53.80
CA LEU I 106 -3.48 -20.67 -52.48
C LEU I 106 -3.26 -22.18 -52.52
N LYS I 107 -2.05 -22.61 -52.18
CA LYS I 107 -1.72 -24.05 -52.10
C LYS I 107 -2.22 -24.64 -50.77
N ALA I 108 -2.03 -25.95 -50.60
CA ALA I 108 -2.39 -26.65 -49.37
C ALA I 108 -1.54 -26.21 -48.18
N LYS I 109 -0.32 -25.74 -48.47
CA LYS I 109 0.56 -25.17 -47.46
C LYS I 109 -0.09 -23.98 -46.74
N HIS I 110 -0.78 -23.14 -47.52
CA HIS I 110 -1.38 -21.91 -47.00
C HIS I 110 -2.67 -22.18 -46.20
N TRP I 111 -3.48 -23.12 -46.67
CA TRP I 111 -4.69 -23.51 -45.94
C TRP I 111 -4.38 -24.23 -44.62
N LYS I 112 -3.20 -24.83 -44.53
CA LYS I 112 -2.74 -25.44 -43.29
C LYS I 112 -2.47 -24.36 -42.23
N LYS I 113 -1.82 -23.27 -42.64
CA LYS I 113 -1.56 -22.14 -41.75
C LYS I 113 -2.86 -21.41 -41.35
N VAL I 114 -3.85 -21.41 -42.23
CA VAL I 114 -5.16 -20.87 -41.92
C VAL I 114 -5.82 -21.68 -40.81
N GLN I 115 -5.83 -23.00 -40.97
CA GLN I 115 -6.44 -23.91 -39.98
C GLN I 115 -5.66 -23.90 -38.67
N GLU I 116 -4.33 -23.76 -38.74
CA GLU I 116 -3.49 -23.65 -37.56
C GLU I 116 -3.74 -22.36 -36.78
N ALA I 117 -4.08 -21.28 -37.49
CA ALA I 117 -4.43 -20.01 -36.85
C ALA I 117 -5.79 -20.08 -36.17
N LEU I 118 -6.74 -20.78 -36.79
CA LEU I 118 -8.09 -20.95 -36.23
C LEU I 118 -8.07 -21.74 -34.93
N GLU I 119 -7.29 -22.83 -34.89
CA GLU I 119 -7.21 -23.68 -33.70
C GLU I 119 -6.41 -23.05 -32.54
N ILE I 120 -5.57 -22.06 -32.84
CA ILE I 120 -4.90 -21.29 -31.79
C ILE I 120 -5.92 -20.44 -31.02
N VAL I 121 -6.79 -19.75 -31.76
CA VAL I 121 -7.84 -18.93 -31.15
C VAL I 121 -9.09 -19.74 -30.78
N GLY I 122 -9.20 -20.95 -31.31
CA GLY I 122 -10.28 -21.87 -30.94
C GLY I 122 -11.53 -21.71 -31.78
N LEU I 123 -11.35 -21.67 -33.10
CA LEU I 123 -12.46 -21.57 -34.05
C LEU I 123 -12.33 -22.59 -35.18
N ALA I 124 -11.79 -23.76 -34.86
CA ALA I 124 -11.59 -24.82 -35.86
C ALA I 124 -12.92 -25.37 -36.37
N ASP I 125 -13.91 -25.46 -35.48
CA ASP I 125 -15.24 -25.96 -35.82
C ASP I 125 -16.17 -24.89 -36.42
N TYR I 126 -15.68 -23.64 -36.51
CA TYR I 126 -16.47 -22.53 -37.02
C TYR I 126 -16.00 -22.08 -38.41
N ALA I 127 -15.11 -22.87 -39.03
CA ALA I 127 -14.45 -22.48 -40.28
C ALA I 127 -15.41 -22.21 -41.44
N GLU I 128 -16.44 -23.03 -41.57
CA GLU I 128 -17.39 -22.94 -42.68
C GLU I 128 -18.51 -21.92 -42.46
N ARG I 129 -18.60 -21.37 -41.24
CA ARG I 129 -19.68 -20.45 -40.91
C ARG I 129 -19.48 -19.08 -41.53
N GLN I 130 -20.56 -18.35 -41.70
CA GLN I 130 -20.51 -16.95 -42.16
C GLN I 130 -20.05 -16.07 -41.00
N ILE I 131 -19.34 -14.99 -41.31
CA ILE I 131 -18.90 -14.04 -40.28
C ILE I 131 -20.08 -13.31 -39.63
N SER I 132 -21.21 -13.26 -40.33
CA SER I 132 -22.45 -12.70 -39.78
C SER I 132 -23.03 -13.56 -38.65
N GLN I 133 -22.80 -14.87 -38.72
CA GLN I 133 -23.34 -15.83 -37.75
C GLN I 133 -22.40 -16.08 -36.57
N LEU I 134 -21.84 -15.00 -36.02
CA LEU I 134 -20.89 -15.09 -34.91
C LEU I 134 -21.13 -13.96 -33.91
N SER I 135 -20.73 -14.19 -32.66
CA SER I 135 -20.75 -13.16 -31.63
C SER I 135 -19.55 -12.24 -31.81
N GLY I 136 -19.58 -11.08 -31.16
CA GLY I 136 -18.49 -10.12 -31.22
C GLY I 136 -17.17 -10.69 -30.75
N GLY I 137 -17.23 -11.51 -29.70
CA GLY I 137 -16.05 -12.19 -29.17
C GLY I 137 -15.48 -13.20 -30.15
N GLN I 138 -16.36 -13.99 -30.77
CA GLN I 138 -15.95 -14.96 -31.79
C GLN I 138 -15.41 -14.27 -33.03
N PHE I 139 -16.05 -13.17 -33.44
CA PHE I 139 -15.63 -12.42 -34.63
C PHE I 139 -14.26 -11.77 -34.44
N GLN I 140 -13.98 -11.29 -33.22
CA GLN I 140 -12.64 -10.77 -32.90
C GLN I 140 -11.57 -11.83 -33.06
N ARG I 141 -11.85 -13.04 -32.58
CA ARG I 141 -10.89 -14.15 -32.67
C ARG I 141 -10.56 -14.50 -34.12
N VAL I 142 -11.51 -14.30 -35.03
CA VAL I 142 -11.26 -14.48 -36.46
C VAL I 142 -10.26 -13.44 -36.98
N LEU I 143 -10.41 -12.19 -36.52
CA LEU I 143 -9.48 -11.12 -36.89
C LEU I 143 -8.09 -11.36 -36.31
N ILE I 144 -8.03 -11.98 -35.13
CA ILE I 144 -6.74 -12.36 -34.52
C ILE I 144 -6.10 -13.53 -35.27
N ALA I 145 -6.92 -14.46 -35.75
CA ALA I 145 -6.43 -15.56 -36.59
C ALA I 145 -5.91 -15.03 -37.93
N ARG I 146 -6.59 -14.01 -38.47
CA ARG I 146 -6.15 -13.33 -39.69
C ARG I 146 -4.83 -12.59 -39.46
N CYS I 147 -4.65 -12.08 -38.24
CA CYS I 147 -3.41 -11.44 -37.82
C CYS I 147 -2.25 -12.44 -37.70
N LEU I 148 -2.55 -13.63 -37.18
CA LEU I 148 -1.53 -14.65 -36.93
C LEU I 148 -0.92 -15.23 -38.20
N VAL I 149 -1.74 -15.44 -39.23
CA VAL I 149 -1.26 -16.03 -40.49
C VAL I 149 -0.21 -15.17 -41.21
N GLN I 150 -0.25 -13.86 -40.98
CA GLN I 150 0.75 -12.93 -41.53
C GLN I 150 2.16 -13.18 -40.99
N GLU I 151 2.24 -13.71 -39.77
CA GLU I 151 3.53 -13.96 -39.09
C GLU I 151 4.35 -12.68 -38.99
N ALA I 152 3.69 -11.60 -38.60
CA ALA I 152 4.32 -10.30 -38.48
C ALA I 152 5.12 -10.21 -37.19
N ASP I 153 6.26 -9.52 -37.24
CA ASP I 153 7.08 -9.26 -36.06
C ASP I 153 6.41 -8.23 -35.14
N TYR I 154 5.53 -7.40 -35.69
CA TYR I 154 4.79 -6.41 -34.92
C TYR I 154 3.29 -6.59 -35.11
N ILE I 155 2.52 -6.34 -34.05
CA ILE I 155 1.07 -6.48 -34.08
C ILE I 155 0.43 -5.19 -33.59
N LEU I 156 -0.38 -4.57 -34.45
CA LEU I 156 -1.12 -3.36 -34.08
C LEU I 156 -2.61 -3.67 -34.02
N LEU I 157 -3.19 -3.47 -32.84
CA LEU I 157 -4.60 -3.80 -32.58
C LEU I 157 -5.35 -2.53 -32.17
N ASP I 158 -6.57 -2.39 -32.69
CA ASP I 158 -7.39 -1.21 -32.41
C ASP I 158 -8.66 -1.61 -31.66
N GLU I 159 -8.66 -1.36 -30.35
CA GLU I 159 -9.81 -1.65 -29.48
C GLU I 159 -10.35 -3.08 -29.66
N PRO I 160 -9.48 -4.09 -29.48
CA PRO I 160 -9.89 -5.49 -29.67
C PRO I 160 -10.84 -5.99 -28.59
N PHE I 161 -10.71 -5.47 -27.37
CA PHE I 161 -11.50 -5.92 -26.23
C PHE I 161 -12.83 -5.18 -26.07
N ALA I 162 -13.15 -4.27 -27.00
CA ALA I 162 -14.39 -3.49 -26.92
C ALA I 162 -15.58 -4.31 -27.38
N GLY I 163 -16.51 -4.58 -26.45
CA GLY I 163 -17.76 -5.26 -26.78
C GLY I 163 -17.60 -6.73 -27.09
N ILE I 164 -16.93 -7.45 -26.19
CA ILE I 164 -16.78 -8.90 -26.30
C ILE I 164 -16.93 -9.56 -24.94
N ASP I 165 -17.23 -10.86 -24.94
CA ASP I 165 -17.36 -11.63 -23.70
C ASP I 165 -16.00 -11.94 -23.09
N SER I 166 -16.00 -12.35 -21.82
CA SER I 166 -14.77 -12.57 -21.06
C SER I 166 -13.98 -13.79 -21.53
N VAL I 167 -14.66 -14.79 -22.10
CA VAL I 167 -14.01 -16.00 -22.59
C VAL I 167 -13.15 -15.68 -23.82
N SER I 168 -13.72 -14.93 -24.75
CA SER I 168 -13.00 -14.49 -25.95
C SER I 168 -11.88 -13.51 -25.58
N GLU I 169 -12.15 -12.64 -24.62
CA GLU I 169 -11.17 -11.68 -24.11
C GLU I 169 -9.93 -12.39 -23.55
N GLU I 170 -10.14 -13.48 -22.82
CA GLU I 170 -9.04 -14.24 -22.22
C GLU I 170 -8.25 -15.04 -23.25
N ILE I 171 -8.96 -15.66 -24.20
CA ILE I 171 -8.33 -16.41 -25.29
C ILE I 171 -7.47 -15.48 -26.16
N ILE I 172 -8.03 -14.32 -26.51
CA ILE I 172 -7.31 -13.30 -27.27
C ILE I 172 -6.05 -12.86 -26.52
N MET I 173 -6.21 -12.58 -25.23
CA MET I 173 -5.11 -12.06 -24.42
C MET I 173 -3.99 -13.09 -24.24
N ASN I 174 -4.37 -14.35 -23.98
CA ASN I 174 -3.39 -15.43 -23.85
C ASN I 174 -2.58 -15.62 -25.14
N THR I 175 -3.22 -15.43 -26.28
CA THR I 175 -2.55 -15.50 -27.58
C THR I 175 -1.50 -14.39 -27.70
N LEU I 176 -1.84 -13.20 -27.24
CA LEU I 176 -0.92 -12.05 -27.29
C LEU I 176 0.27 -12.22 -26.33
N ARG I 177 0.05 -12.92 -25.21
CA ARG I 177 1.15 -13.24 -24.29
C ARG I 177 2.17 -14.17 -24.96
N ASP I 178 1.67 -15.10 -25.78
CA ASP I 178 2.55 -16.03 -26.51
C ASP I 178 3.37 -15.31 -27.58
N LEU I 179 2.80 -14.27 -28.18
CA LEU I 179 3.51 -13.44 -29.14
C LEU I 179 4.63 -12.65 -28.46
N LYS I 180 4.37 -12.18 -27.23
CA LYS I 180 5.39 -11.52 -26.42
C LYS I 180 6.48 -12.50 -26.00
N LYS I 181 6.10 -13.74 -25.67
CA LYS I 181 7.07 -14.80 -25.36
C LYS I 181 7.96 -15.13 -26.56
N ALA I 182 7.40 -15.06 -27.77
CA ALA I 182 8.15 -15.30 -29.00
C ALA I 182 9.09 -14.14 -29.38
N GLY I 183 9.03 -13.05 -28.63
CA GLY I 183 9.92 -11.90 -28.83
C GLY I 183 9.36 -10.86 -29.77
N LYS I 184 8.03 -10.78 -29.87
CA LYS I 184 7.36 -9.90 -30.82
C LYS I 184 6.59 -8.80 -30.09
N THR I 185 6.61 -7.61 -30.66
CA THR I 185 6.00 -6.43 -30.04
C THR I 185 4.51 -6.34 -30.36
N VAL I 186 3.70 -6.02 -29.35
CA VAL I 186 2.26 -5.88 -29.51
C VAL I 186 1.82 -4.50 -29.03
N LEU I 187 1.04 -3.82 -29.86
CA LEU I 187 0.59 -2.46 -29.57
C LEU I 187 -0.93 -2.40 -29.68
N ILE I 188 -1.59 -2.07 -28.57
CA ILE I 188 -3.04 -2.14 -28.48
C ILE I 188 -3.64 -0.79 -28.08
N VAL I 189 -4.54 -0.28 -28.91
CA VAL I 189 -5.34 0.89 -28.55
C VAL I 189 -6.51 0.42 -27.69
N HIS I 190 -6.50 0.80 -26.41
CA HIS I 190 -7.52 0.36 -25.47
C HIS I 190 -8.69 1.34 -25.43
N HIS I 191 -9.90 0.80 -25.24
CA HIS I 191 -11.14 1.57 -25.37
C HIS I 191 -11.54 2.33 -24.10
N ASP I 192 -11.11 1.82 -22.95
CA ASP I 192 -11.39 2.47 -21.65
C ASP I 192 -10.12 2.42 -20.78
N LEU I 193 -10.29 2.49 -19.46
CA LEU I 193 -9.16 2.38 -18.53
C LEU I 193 -9.24 1.11 -17.68
N SER I 194 -9.67 0.01 -18.29
CA SER I 194 -9.85 -1.26 -17.58
C SER I 194 -8.63 -2.15 -17.70
N LYS I 195 -8.21 -2.74 -16.58
CA LYS I 195 -7.15 -3.75 -16.55
C LYS I 195 -5.84 -3.30 -17.19
N ILE I 196 -5.44 -2.06 -16.92
CA ILE I 196 -4.22 -1.49 -17.51
C ILE I 196 -2.96 -2.23 -17.03
N PRO I 197 -2.80 -2.42 -15.70
CA PRO I 197 -1.61 -3.15 -15.23
C PRO I 197 -1.64 -4.65 -15.53
N HIS I 198 -2.84 -5.21 -15.75
CA HIS I 198 -2.98 -6.62 -16.09
C HIS I 198 -2.58 -6.90 -17.55
N TYR I 199 -3.10 -6.09 -18.47
CA TYR I 199 -2.81 -6.27 -19.90
C TYR I 199 -1.42 -5.81 -20.29
N PHE I 200 -1.09 -4.57 -19.94
CA PHE I 200 0.05 -3.88 -20.53
C PHE I 200 1.21 -3.68 -19.56
N ASP I 201 2.43 -3.93 -20.05
CA ASP I 201 3.65 -3.67 -19.30
C ASP I 201 4.21 -2.27 -19.59
N GLN I 202 3.72 -1.65 -20.66
CA GLN I 202 4.03 -0.26 -20.99
C GLN I 202 2.74 0.46 -21.37
N VAL I 203 2.69 1.77 -21.09
CA VAL I 203 1.49 2.57 -21.34
C VAL I 203 1.84 3.87 -22.08
N LEU I 204 1.07 4.17 -23.11
CA LEU I 204 1.23 5.40 -23.88
C LEU I 204 -0.04 6.24 -23.78
N LEU I 205 -0.03 7.23 -22.88
CA LEU I 205 -1.18 8.10 -22.65
C LEU I 205 -1.21 9.21 -23.70
N VAL I 206 -2.35 9.38 -24.37
CA VAL I 206 -2.47 10.30 -25.51
C VAL I 206 -3.70 11.19 -25.44
N ASN I 207 -3.48 12.49 -25.58
CA ASN I 207 -4.55 13.46 -25.84
C ASN I 207 -3.99 14.53 -26.77
N ARG I 208 -4.10 14.28 -28.08
CA ARG I 208 -3.51 15.11 -29.12
C ARG I 208 -1.98 15.01 -29.10
N GLU I 209 -1.36 15.47 -28.01
CA GLU I 209 0.07 15.27 -27.77
C GLU I 209 0.27 14.01 -26.94
N VAL I 210 1.54 13.63 -26.73
CA VAL I 210 1.87 12.53 -25.83
C VAL I 210 1.96 13.08 -24.41
N ILE I 211 1.09 12.58 -23.54
CA ILE I 211 1.05 13.04 -22.15
C ILE I 211 2.10 12.30 -21.32
N ALA I 212 2.15 10.98 -21.48
CA ALA I 212 3.13 10.15 -20.78
C ALA I 212 3.44 8.89 -21.58
N PHE I 213 4.62 8.33 -21.35
CA PHE I 213 5.06 7.11 -22.02
C PHE I 213 6.16 6.42 -21.23
N GLY I 214 5.98 5.14 -20.96
CA GLY I 214 6.93 4.36 -20.15
C GLY I 214 6.29 3.13 -19.54
N PRO I 215 6.98 2.48 -18.58
CA PRO I 215 6.41 1.34 -17.86
C PRO I 215 5.11 1.69 -17.11
N THR I 216 4.21 0.72 -17.01
CA THR I 216 2.85 0.96 -16.53
C THR I 216 2.79 1.57 -15.13
N LYS I 217 3.49 0.98 -14.17
CA LYS I 217 3.44 1.43 -12.78
C LYS I 217 3.97 2.85 -12.59
N GLU I 218 4.92 3.25 -13.44
CA GLU I 218 5.53 4.57 -13.34
C GLU I 218 4.67 5.65 -14.02
N THR I 219 4.03 5.28 -15.12
CA THR I 219 3.27 6.24 -15.94
C THR I 219 1.78 6.28 -15.62
N PHE I 220 1.16 5.11 -15.46
CA PHE I 220 -0.27 5.03 -15.18
C PHE I 220 -0.58 5.49 -13.76
N THR I 221 -0.59 6.81 -13.57
CA THR I 221 -0.82 7.42 -12.27
C THR I 221 -2.02 8.36 -12.35
N GLU I 222 -2.50 8.80 -11.18
CA GLU I 222 -3.63 9.73 -11.12
C GLU I 222 -3.28 11.09 -11.73
N THR I 223 -2.02 11.49 -11.60
CA THR I 223 -1.54 12.79 -12.10
C THR I 223 -1.56 12.86 -13.62
N ASN I 224 -1.01 11.85 -14.27
CA ASN I 224 -0.97 11.79 -15.73
C ASN I 224 -2.36 11.64 -16.34
N LEU I 225 -3.19 10.79 -15.74
CA LEU I 225 -4.55 10.56 -16.24
C LEU I 225 -5.40 11.82 -16.21
N LYS I 226 -5.44 12.51 -15.07
CA LYS I 226 -6.24 13.72 -14.93
C LYS I 226 -5.71 14.88 -15.79
N GLU I 227 -4.42 14.83 -16.11
CA GLU I 227 -3.84 15.74 -17.08
C GLU I 227 -4.36 15.40 -18.49
N ALA I 228 -4.35 14.12 -18.83
CA ALA I 228 -4.79 13.66 -20.14
C ALA I 228 -6.30 13.80 -20.34
N TYR I 229 -7.08 13.41 -19.34
CA TYR I 229 -8.54 13.41 -19.44
C TYR I 229 -9.19 14.77 -19.13
N GLY I 230 -8.40 15.71 -18.62
CA GLY I 230 -8.88 17.08 -18.39
C GLY I 230 -8.17 18.09 -19.28
N ASN I 231 -7.88 17.69 -20.52
CA ASN I 231 -7.05 18.46 -21.46
C ASN I 231 -5.70 18.82 -20.83
N GLN I 232 -5.67 19.85 -20.00
CA GLN I 232 -4.59 20.06 -19.03
C GLN I 232 -5.00 21.14 -18.02
N LEU I 233 -6.25 21.07 -17.57
CA LEU I 233 -6.83 22.05 -16.65
C LEU I 233 -7.86 21.36 -15.74
N PHE I 234 -7.39 20.35 -15.02
CA PHE I 234 -8.25 19.56 -14.14
C PHE I 234 -8.51 20.30 -12.83
N MET J 1 -47.30 -19.20 -77.48
CA MET J 1 -46.36 -18.10 -77.16
C MET J 1 -44.92 -18.62 -77.05
N ILE J 2 -44.74 -19.63 -76.20
CA ILE J 2 -43.41 -20.23 -75.99
C ILE J 2 -42.92 -20.98 -77.23
N ALA J 3 -43.84 -21.59 -77.98
CA ALA J 3 -43.49 -22.34 -79.19
C ALA J 3 -43.00 -21.42 -80.32
N GLU J 4 -43.57 -20.22 -80.40
CA GLU J 4 -43.21 -19.25 -81.45
C GLU J 4 -41.82 -18.62 -81.25
N PHE J 5 -41.30 -18.66 -80.02
CA PHE J 5 -39.97 -18.12 -79.72
C PHE J 5 -38.86 -19.16 -79.94
N ILE J 6 -39.17 -20.43 -79.70
CA ILE J 6 -38.19 -21.51 -79.83
C ILE J 6 -37.73 -21.66 -81.29
N ASP J 7 -38.69 -21.78 -82.20
CA ASP J 7 -38.38 -21.91 -83.63
C ASP J 7 -37.91 -20.58 -84.24
N GLY J 8 -38.29 -19.46 -83.62
CA GLY J 8 -37.87 -18.13 -84.06
C GLY J 8 -36.37 -17.92 -84.01
N LEU J 9 -35.72 -18.46 -82.98
CA LEU J 9 -34.26 -18.38 -82.84
C LEU J 9 -33.53 -19.13 -83.97
N GLN J 10 -34.12 -20.24 -84.41
CA GLN J 10 -33.57 -21.01 -85.52
C GLN J 10 -33.77 -20.31 -86.87
N LYS J 11 -34.91 -19.65 -87.03
CA LYS J 11 -35.27 -19.02 -88.30
C LYS J 11 -34.51 -17.71 -88.55
N PHE J 12 -34.75 -16.72 -87.70
CA PHE J 12 -34.20 -15.37 -87.90
C PHE J 12 -32.74 -15.28 -87.45
N HIS J 13 -31.95 -14.49 -88.18
CA HIS J 13 -30.53 -14.29 -87.88
C HIS J 13 -30.33 -13.23 -86.80
N PHE J 14 -31.12 -12.16 -86.86
CA PHE J 14 -31.03 -11.07 -85.87
C PHE J 14 -31.42 -11.50 -84.46
N LEU J 15 -32.32 -12.49 -84.37
CA LEU J 15 -32.84 -12.93 -83.07
C LEU J 15 -31.82 -13.78 -82.29
N GLN J 16 -31.05 -14.61 -82.99
CA GLN J 16 -30.01 -15.41 -82.34
C GLN J 16 -28.82 -14.54 -81.90
N ASN J 17 -28.52 -13.50 -82.68
CA ASN J 17 -27.50 -12.51 -82.29
C ASN J 17 -27.99 -11.68 -81.10
N ALA J 18 -29.29 -11.40 -81.07
CA ALA J 18 -29.92 -10.70 -79.95
C ALA J 18 -29.84 -11.51 -78.66
N LEU J 19 -30.10 -12.81 -78.77
CA LEU J 19 -30.06 -13.71 -77.62
C LEU J 19 -28.64 -13.87 -77.07
N ILE J 20 -27.68 -14.08 -77.97
CA ILE J 20 -26.27 -14.26 -77.58
C ILE J 20 -25.71 -12.97 -76.97
N THR J 21 -26.02 -11.84 -77.59
CA THR J 21 -25.58 -10.53 -77.08
C THR J 21 -26.24 -10.20 -75.73
N ALA J 22 -27.50 -10.58 -75.57
CA ALA J 22 -28.24 -10.29 -74.34
C ALA J 22 -27.66 -11.01 -73.12
N ILE J 23 -27.32 -12.30 -73.27
CA ILE J 23 -26.73 -13.07 -72.17
C ILE J 23 -25.28 -12.68 -71.87
N VAL J 24 -24.52 -12.31 -72.90
CA VAL J 24 -23.14 -11.83 -72.71
C VAL J 24 -23.13 -10.54 -71.91
N VAL J 25 -24.11 -9.66 -72.17
CA VAL J 25 -24.28 -8.43 -71.40
C VAL J 25 -24.72 -8.75 -69.98
N GLY J 26 -25.68 -9.67 -69.85
CA GLY J 26 -26.22 -10.06 -68.54
C GLY J 26 -25.21 -10.72 -67.62
N ILE J 27 -24.39 -11.61 -68.17
CA ILE J 27 -23.35 -12.31 -67.40
C ILE J 27 -22.30 -11.32 -66.87
N VAL J 28 -21.82 -10.45 -67.74
CA VAL J 28 -20.75 -9.50 -67.38
C VAL J 28 -21.26 -8.35 -66.52
N ALA J 29 -22.46 -7.87 -66.80
CA ALA J 29 -23.09 -6.81 -65.99
C ALA J 29 -23.37 -7.29 -64.56
N GLY J 30 -23.78 -8.55 -64.43
CA GLY J 30 -23.98 -9.17 -63.13
C GLY J 30 -22.66 -9.40 -62.40
N ALA J 31 -21.64 -9.83 -63.13
CA ALA J 31 -20.31 -10.10 -62.56
C ALA J 31 -19.66 -8.82 -62.02
N VAL J 32 -19.71 -7.76 -62.82
CA VAL J 32 -19.18 -6.46 -62.42
C VAL J 32 -20.08 -5.83 -61.34
N GLY J 33 -21.39 -5.98 -61.52
CA GLY J 33 -22.38 -5.41 -60.61
C GLY J 33 -22.25 -5.79 -59.14
N CYS J 34 -21.69 -6.96 -58.86
CA CYS J 34 -21.45 -7.41 -57.49
C CYS J 34 -20.49 -6.47 -56.76
N PHE J 35 -19.39 -6.11 -57.43
CA PHE J 35 -18.40 -5.20 -56.85
C PHE J 35 -18.95 -3.78 -56.68
N ILE J 36 -19.89 -3.41 -57.54
CA ILE J 36 -20.49 -2.07 -57.51
C ILE J 36 -21.33 -1.85 -56.24
N ILE J 37 -22.20 -2.80 -55.92
CA ILE J 37 -23.07 -2.67 -54.75
C ILE J 37 -22.37 -2.97 -53.43
N LEU J 38 -21.37 -3.85 -53.46
CA LEU J 38 -20.60 -4.18 -52.25
C LEU J 38 -19.69 -3.04 -51.80
N ARG J 39 -19.07 -2.35 -52.76
CA ARG J 39 -18.21 -1.20 -52.47
C ARG J 39 -18.98 0.10 -52.28
N GLY J 40 -20.28 0.10 -52.61
CA GLY J 40 -21.12 1.28 -52.45
C GLY J 40 -20.92 2.28 -53.57
N MET J 41 -20.88 1.79 -54.80
CA MET J 41 -20.67 2.61 -55.99
C MET J 41 -21.88 2.56 -56.93
N SER J 42 -23.05 2.21 -56.38
CA SER J 42 -24.27 2.07 -57.17
C SER J 42 -24.74 3.42 -57.73
N LEU J 43 -24.58 4.48 -56.93
CA LEU J 43 -24.85 5.84 -57.39
C LEU J 43 -23.83 6.27 -58.45
N MET J 44 -22.57 5.93 -58.21
CA MET J 44 -21.48 6.27 -59.13
C MET J 44 -21.56 5.47 -60.43
N GLY J 45 -22.17 4.28 -60.36
CA GLY J 45 -22.37 3.45 -61.55
C GLY J 45 -23.28 4.11 -62.57
N ASP J 46 -24.37 4.72 -62.09
CA ASP J 46 -25.32 5.42 -62.96
C ASP J 46 -24.71 6.69 -63.55
N ALA J 47 -23.83 7.33 -62.79
CA ALA J 47 -23.15 8.55 -63.25
C ALA J 47 -22.21 8.30 -64.42
N ILE J 48 -21.45 7.20 -64.35
CA ILE J 48 -20.50 6.84 -65.41
C ILE J 48 -21.23 6.47 -66.70
N SER J 49 -22.36 5.76 -66.57
CA SER J 49 -23.20 5.41 -67.72
C SER J 49 -23.61 6.63 -68.51
N HIS J 50 -24.04 7.67 -67.80
CA HIS J 50 -24.43 8.94 -68.43
C HIS J 50 -23.21 9.67 -69.01
N ALA J 51 -22.09 9.59 -68.31
CA ALA J 51 -20.84 10.25 -68.72
C ALA J 51 -20.20 9.65 -69.98
N VAL J 52 -20.53 8.39 -70.27
CA VAL J 52 -19.98 7.70 -71.44
C VAL J 52 -20.59 8.20 -72.75
N LEU J 53 -21.87 8.55 -72.73
CA LEU J 53 -22.62 8.95 -73.93
C LEU J 53 -21.93 10.00 -74.80
N PRO J 54 -21.47 11.11 -74.20
CA PRO J 54 -20.75 12.12 -75.01
C PRO J 54 -19.45 11.58 -75.62
N GLY J 55 -18.78 10.69 -74.90
CA GLY J 55 -17.56 10.06 -75.40
C GLY J 55 -17.79 9.17 -76.61
N VAL J 56 -18.85 8.37 -76.55
CA VAL J 56 -19.22 7.48 -77.67
C VAL J 56 -19.74 8.29 -78.86
N ALA J 57 -20.51 9.34 -78.57
CA ALA J 57 -21.01 10.23 -79.61
C ALA J 57 -19.87 10.97 -80.31
N LEU J 58 -18.94 11.50 -79.52
CA LEU J 58 -17.77 12.19 -80.06
C LEU J 58 -16.81 11.23 -80.75
N SER J 59 -16.75 9.99 -80.27
CA SER J 59 -15.92 8.95 -80.89
C SER J 59 -16.44 8.52 -82.27
N PHE J 60 -17.75 8.57 -82.45
CA PHE J 60 -18.37 8.21 -83.73
C PHE J 60 -18.04 9.21 -84.84
N ILE J 61 -18.25 10.50 -84.57
CA ILE J 61 -18.06 11.53 -85.60
C ILE J 61 -16.58 11.73 -85.96
N LEU J 62 -15.69 11.46 -85.00
CA LEU J 62 -14.25 11.43 -85.27
C LEU J 62 -13.86 10.18 -86.06
N GLY J 63 -14.51 9.06 -85.72
CA GLY J 63 -14.23 7.77 -86.35
C GLY J 63 -13.34 6.86 -85.54
N LEU J 64 -13.07 7.25 -84.29
CA LEU J 64 -12.23 6.46 -83.39
C LEU J 64 -13.02 5.33 -82.75
N ASP J 65 -12.34 4.47 -82.00
CA ASP J 65 -12.97 3.36 -81.30
C ASP J 65 -13.85 3.88 -80.17
N PHE J 66 -14.99 3.22 -79.96
CA PHE J 66 -15.99 3.67 -78.99
C PHE J 66 -15.53 3.46 -77.54
N PHE J 67 -14.65 2.49 -77.33
CA PHE J 67 -14.16 2.16 -75.99
C PHE J 67 -13.15 3.19 -75.47
N ILE J 68 -12.39 3.78 -76.38
CA ILE J 68 -11.44 4.84 -76.03
C ILE J 68 -12.19 6.12 -75.65
N GLY J 69 -13.19 6.48 -76.45
CA GLY J 69 -14.03 7.64 -76.17
C GLY J 69 -14.78 7.52 -74.85
N ALA J 70 -15.27 6.32 -74.54
CA ALA J 70 -15.99 6.06 -73.30
C ALA J 70 -15.08 6.21 -72.08
N ILE J 71 -13.85 5.69 -72.18
CA ILE J 71 -12.88 5.78 -71.08
C ILE J 71 -12.41 7.22 -70.88
N VAL J 72 -12.15 7.93 -71.98
CA VAL J 72 -11.71 9.33 -71.92
C VAL J 72 -12.74 10.19 -71.20
N PHE J 73 -14.00 10.12 -71.64
CA PHE J 73 -15.08 10.93 -71.04
C PHE J 73 -15.60 10.37 -69.72
N GLY J 74 -15.59 9.04 -69.58
CA GLY J 74 -16.07 8.38 -68.37
C GLY J 74 -15.26 8.75 -67.15
N LEU J 75 -13.94 8.77 -67.30
CA LEU J 75 -13.04 9.14 -66.22
C LEU J 75 -12.95 10.66 -66.05
N LEU J 76 -13.16 11.41 -67.13
CA LEU J 76 -13.18 12.87 -67.07
C LEU J 76 -14.34 13.37 -66.20
N ALA J 77 -15.46 12.64 -66.21
CA ALA J 77 -16.58 12.93 -65.34
C ALA J 77 -16.24 12.66 -63.87
N ALA J 78 -15.54 11.56 -63.63
CA ALA J 78 -15.15 11.15 -62.27
C ALA J 78 -14.19 12.14 -61.60
N ILE J 79 -13.22 12.66 -62.36
CA ILE J 79 -12.26 13.64 -61.82
C ILE J 79 -12.88 15.02 -61.64
N ILE J 80 -13.87 15.37 -62.46
CA ILE J 80 -14.61 16.63 -62.29
C ILE J 80 -15.43 16.60 -60.99
N ILE J 81 -16.01 15.44 -60.67
CA ILE J 81 -16.73 15.27 -59.39
C ILE J 81 -15.78 15.51 -58.21
N THR J 82 -14.55 15.00 -58.34
CA THR J 82 -13.51 15.24 -57.33
C THR J 82 -13.07 16.71 -57.31
N TYR J 83 -13.01 17.33 -58.49
CA TYR J 83 -12.67 18.75 -58.61
C TYR J 83 -13.77 19.65 -58.04
N ILE J 84 -15.02 19.21 -58.12
CA ILE J 84 -16.14 19.95 -57.52
C ILE J 84 -16.03 19.92 -56.00
N LYS J 85 -15.98 18.71 -55.44
CA LYS J 85 -15.90 18.50 -53.99
C LYS J 85 -14.77 19.34 -53.36
N GLY J 86 -13.57 19.20 -53.91
CA GLY J 86 -12.38 19.81 -53.34
C GLY J 86 -12.27 21.31 -53.45
N ASN J 87 -12.82 21.88 -54.52
CA ASN J 87 -12.69 23.32 -54.79
C ASN J 87 -14.02 24.09 -54.76
N SER J 88 -15.00 23.57 -54.03
CA SER J 88 -16.29 24.26 -53.90
C SER J 88 -17.09 23.79 -52.69
N ILE J 89 -18.24 24.43 -52.50
CA ILE J 89 -19.13 24.15 -51.37
C ILE J 89 -20.09 22.99 -51.68
N ILE J 90 -20.20 22.63 -52.97
CA ILE J 90 -21.19 21.64 -53.42
C ILE J 90 -20.84 20.24 -52.91
N LYS J 91 -21.86 19.52 -52.44
CA LYS J 91 -21.69 18.18 -51.85
C LYS J 91 -21.56 17.10 -52.92
N SER J 92 -21.30 15.87 -52.48
CA SER J 92 -21.05 14.73 -53.37
C SER J 92 -22.21 14.44 -54.33
N ASP J 93 -23.37 14.13 -53.77
CA ASP J 93 -24.54 13.73 -54.57
C ASP J 93 -24.98 14.81 -55.57
N THR J 94 -24.84 16.07 -55.18
CA THR J 94 -25.13 17.19 -56.08
C THR J 94 -24.09 17.27 -57.19
N ALA J 95 -22.81 17.12 -56.84
CA ALA J 95 -21.71 17.14 -57.81
C ALA J 95 -21.81 16.00 -58.82
N ILE J 96 -22.20 14.83 -58.34
CA ILE J 96 -22.40 13.65 -59.20
C ILE J 96 -23.59 13.87 -60.12
N GLY J 97 -24.67 14.42 -59.58
CA GLY J 97 -25.89 14.67 -60.33
C GLY J 97 -25.75 15.70 -61.43
N ILE J 98 -25.08 16.81 -61.12
CA ILE J 98 -24.91 17.91 -62.08
C ILE J 98 -24.10 17.48 -63.30
N THR J 99 -22.92 16.92 -63.05
CA THR J 99 -22.01 16.54 -64.13
C THR J 99 -22.52 15.36 -64.98
N SER J 100 -23.22 14.43 -64.35
CA SER J 100 -23.77 13.27 -65.08
C SER J 100 -24.92 13.68 -66.00
N SER J 101 -25.78 14.57 -65.50
CA SER J 101 -26.88 15.13 -66.30
C SER J 101 -26.36 16.08 -67.39
N SER J 102 -25.31 16.84 -67.07
CA SER J 102 -24.69 17.76 -68.03
C SER J 102 -24.03 17.00 -69.17
N PHE J 103 -23.31 15.94 -68.84
CA PHE J 103 -22.69 15.07 -69.85
C PHE J 103 -23.75 14.39 -70.73
N LEU J 104 -24.83 13.94 -70.10
CA LEU J 104 -25.93 13.31 -70.83
C LEU J 104 -26.56 14.27 -71.84
N ALA J 105 -26.73 15.53 -71.43
CA ALA J 105 -27.24 16.57 -72.31
C ALA J 105 -26.30 16.83 -73.49
N LEU J 106 -24.99 16.82 -73.21
CA LEU J 106 -23.98 16.97 -74.25
C LEU J 106 -24.02 15.82 -75.25
N GLY J 107 -24.17 14.60 -74.73
CA GLY J 107 -24.26 13.40 -75.57
C GLY J 107 -25.47 13.39 -76.50
N ILE J 108 -26.61 13.86 -76.01
CA ILE J 108 -27.83 13.97 -76.81
C ILE J 108 -27.63 14.98 -77.96
N ILE J 109 -26.97 16.09 -77.67
CA ILE J 109 -26.68 17.10 -78.69
C ILE J 109 -25.66 16.59 -79.71
N LEU J 110 -24.62 15.92 -79.22
CA LEU J 110 -23.57 15.38 -80.09
C LEU J 110 -24.08 14.29 -81.05
N ILE J 111 -24.98 13.44 -80.56
CA ILE J 111 -25.61 12.42 -81.41
C ILE J 111 -26.51 13.07 -82.46
N GLY J 112 -27.18 14.16 -82.09
CA GLY J 112 -28.04 14.90 -83.01
C GLY J 112 -27.32 15.58 -84.16
N VAL J 113 -26.02 15.82 -84.00
CA VAL J 113 -25.21 16.44 -85.05
C VAL J 113 -25.08 15.52 -86.26
N ALA J 114 -24.39 14.39 -86.09
CA ALA J 114 -24.13 13.46 -87.18
C ALA J 114 -25.27 12.46 -87.35
N LYS J 115 -25.54 11.69 -86.29
CA LYS J 115 -26.54 10.63 -86.34
C LYS J 115 -27.97 11.14 -86.28
N SER J 116 -28.92 10.25 -86.51
CA SER J 116 -30.35 10.56 -86.51
C SER J 116 -30.94 10.52 -85.10
N SER J 117 -32.20 10.95 -85.00
CA SER J 117 -32.95 10.87 -83.75
C SER J 117 -33.31 9.41 -83.42
N THR J 118 -33.44 8.58 -84.45
CA THR J 118 -33.71 7.16 -84.27
C THR J 118 -32.52 6.44 -83.64
N ASP J 119 -31.31 6.87 -83.97
CA ASP J 119 -30.09 6.32 -83.38
C ASP J 119 -29.95 6.67 -81.90
N LEU J 120 -30.43 7.85 -81.52
CA LEU J 120 -30.41 8.27 -80.12
C LEU J 120 -31.23 7.33 -79.23
N PHE J 121 -32.40 6.93 -79.73
CA PHE J 121 -33.28 6.01 -78.99
C PHE J 121 -32.66 4.62 -78.87
N HIS J 122 -31.90 4.20 -79.87
CA HIS J 122 -31.19 2.92 -79.83
C HIS J 122 -30.11 2.93 -78.76
N ILE J 123 -29.30 3.98 -78.76
CA ILE J 123 -28.18 4.10 -77.82
C ILE J 123 -28.67 4.17 -76.38
N LEU J 124 -29.72 4.97 -76.14
CA LEU J 124 -30.20 5.24 -74.79
C LEU J 124 -31.04 4.11 -74.19
N PHE J 125 -31.78 3.37 -75.02
CA PHE J 125 -32.76 2.39 -74.52
C PHE J 125 -32.63 0.93 -75.00
N GLY J 126 -31.89 0.67 -76.09
CA GLY J 126 -31.64 -0.72 -76.49
C GLY J 126 -31.23 -0.97 -77.93
N ASN J 127 -32.18 -1.45 -78.74
CA ASN J 127 -31.93 -1.91 -80.11
C ASN J 127 -31.14 -3.23 -80.12
N ILE J 128 -31.62 -4.20 -79.34
CA ILE J 128 -31.02 -5.53 -79.29
C ILE J 128 -31.36 -6.36 -80.54
N LEU J 129 -32.47 -6.02 -81.20
CA LEU J 129 -32.95 -6.78 -82.36
C LEU J 129 -32.27 -6.42 -83.68
N ALA J 130 -31.20 -5.63 -83.62
CA ALA J 130 -30.45 -5.26 -84.83
C ALA J 130 -28.97 -5.01 -84.50
N VAL J 131 -28.25 -6.10 -84.20
CA VAL J 131 -26.82 -6.04 -83.93
C VAL J 131 -26.06 -6.90 -84.95
N GLN J 132 -25.03 -6.32 -85.56
CA GLN J 132 -24.30 -6.97 -86.64
C GLN J 132 -23.25 -7.96 -86.10
N ASP J 133 -22.62 -8.69 -87.01
CA ASP J 133 -21.62 -9.70 -86.64
C ASP J 133 -20.38 -9.07 -86.00
N THR J 134 -19.86 -8.02 -86.63
CA THR J 134 -18.67 -7.33 -86.13
C THR J 134 -18.83 -6.82 -84.69
N ASP J 135 -20.04 -6.37 -84.36
CA ASP J 135 -20.34 -5.89 -83.00
C ASP J 135 -20.39 -7.04 -82.00
N MET J 136 -20.90 -8.19 -82.43
CA MET J 136 -21.01 -9.37 -81.56
C MET J 136 -19.62 -9.90 -81.16
N PHE J 137 -18.69 -9.93 -82.10
CA PHE J 137 -17.32 -10.39 -81.82
C PHE J 137 -16.58 -9.44 -80.88
N ILE J 138 -16.82 -8.14 -81.01
CA ILE J 138 -16.23 -7.14 -80.11
C ILE J 138 -16.84 -7.23 -78.71
N THR J 139 -18.15 -7.48 -78.65
CA THR J 139 -18.85 -7.65 -77.38
C THR J 139 -18.38 -8.90 -76.63
N MET J 140 -18.13 -9.98 -77.36
CA MET J 140 -17.57 -11.20 -76.77
C MET J 140 -16.11 -10.99 -76.35
N GLY J 141 -15.36 -10.25 -77.16
CA GLY J 141 -13.96 -9.94 -76.86
C GLY J 141 -13.80 -9.12 -75.59
N VAL J 142 -14.55 -8.03 -75.49
CA VAL J 142 -14.54 -7.18 -74.30
C VAL J 142 -15.22 -7.87 -73.12
N GLY J 143 -16.26 -8.65 -73.40
CA GLY J 143 -16.97 -9.40 -72.36
C GLY J 143 -16.12 -10.46 -71.70
N ALA J 144 -15.32 -11.16 -72.52
CA ALA J 144 -14.38 -12.16 -72.02
C ALA J 144 -13.19 -11.49 -71.32
N ALA J 145 -12.79 -10.32 -71.81
CA ALA J 145 -11.70 -9.55 -71.22
C ALA J 145 -12.03 -9.07 -69.81
N ILE J 146 -13.28 -8.65 -69.60
CA ILE J 146 -13.75 -8.21 -68.28
C ILE J 146 -13.74 -9.37 -67.29
N LEU J 147 -14.28 -10.52 -67.70
CA LEU J 147 -14.30 -11.71 -66.84
C LEU J 147 -12.90 -12.26 -66.59
N LEU J 148 -12.00 -12.11 -67.56
CA LEU J 148 -10.61 -12.54 -67.43
C LEU J 148 -9.86 -11.69 -66.42
N LEU J 149 -10.03 -10.37 -66.49
CA LEU J 149 -9.40 -9.45 -65.54
C LEU J 149 -9.92 -9.65 -64.11
N ILE J 150 -11.21 -9.93 -63.98
CA ILE J 150 -11.81 -10.23 -62.67
C ILE J 150 -11.17 -11.49 -62.08
N TRP J 151 -10.91 -12.49 -62.92
CA TRP J 151 -10.25 -13.72 -62.49
C TRP J 151 -8.81 -13.45 -62.06
N ILE J 152 -8.09 -12.65 -62.85
CA ILE J 152 -6.68 -12.33 -62.58
C ILE J 152 -6.53 -11.62 -61.23
N PHE J 153 -7.31 -10.55 -61.03
CA PHE J 153 -7.25 -9.77 -59.80
C PHE J 153 -8.42 -10.07 -58.86
N PHE J 154 -8.78 -11.35 -58.74
CA PHE J 154 -9.91 -11.75 -57.90
C PHE J 154 -9.60 -11.55 -56.42
N LYS J 155 -8.47 -12.07 -55.99
CA LYS J 155 -8.02 -11.91 -54.60
C LYS J 155 -7.86 -10.44 -54.22
N GLN J 156 -7.31 -9.64 -55.13
CA GLN J 156 -7.07 -8.22 -54.86
C GLN J 156 -8.38 -7.41 -54.86
N LEU J 157 -9.32 -7.77 -55.72
CA LEU J 157 -10.64 -7.15 -55.73
C LEU J 157 -11.48 -7.58 -54.52
N LEU J 158 -11.28 -8.81 -54.07
CA LEU J 158 -11.99 -9.35 -52.90
C LEU J 158 -11.60 -8.61 -51.62
N ILE J 159 -10.30 -8.55 -51.35
CA ILE J 159 -9.79 -7.94 -50.11
C ILE J 159 -10.04 -6.43 -50.03
N THR J 160 -9.97 -5.74 -51.16
CA THR J 160 -10.19 -4.29 -51.19
C THR J 160 -11.67 -3.90 -51.07
N SER J 161 -12.57 -4.78 -51.51
CA SER J 161 -14.00 -4.55 -51.38
C SER J 161 -14.50 -4.85 -49.96
N PHE J 162 -14.02 -5.95 -49.39
CA PHE J 162 -14.42 -6.37 -48.04
C PHE J 162 -13.76 -5.52 -46.96
N ASP J 163 -12.46 -5.29 -47.11
CA ASP J 163 -11.68 -4.60 -46.07
C ASP J 163 -10.58 -3.74 -46.71
N GLU J 164 -10.96 -2.55 -47.15
CA GLU J 164 -10.03 -1.62 -47.78
C GLU J 164 -8.96 -1.11 -46.81
N LEU J 165 -9.32 -1.01 -45.53
CA LEU J 165 -8.41 -0.53 -44.51
C LEU J 165 -7.24 -1.51 -44.29
N LEU J 166 -7.54 -2.80 -44.35
CA LEU J 166 -6.51 -3.85 -44.25
C LEU J 166 -5.60 -3.84 -45.48
N ALA J 167 -6.20 -3.64 -46.65
CA ALA J 167 -5.44 -3.55 -47.90
C ALA J 167 -4.43 -2.40 -47.86
N LYS J 168 -4.83 -1.26 -47.31
CA LYS J 168 -3.94 -0.12 -47.11
C LYS J 168 -2.80 -0.45 -46.14
N ALA J 169 -3.13 -1.16 -45.05
CA ALA J 169 -2.14 -1.56 -44.06
C ALA J 169 -1.10 -2.55 -44.63
N MET J 170 -1.51 -3.33 -45.62
CA MET J 170 -0.61 -4.26 -46.31
C MET J 170 0.22 -3.58 -47.40
N GLY J 171 -0.11 -2.33 -47.73
CA GLY J 171 0.63 -1.54 -48.71
C GLY J 171 0.18 -1.74 -50.13
N MET J 172 -1.07 -2.18 -50.31
CA MET J 172 -1.62 -2.43 -51.64
C MET J 172 -2.13 -1.13 -52.26
N PRO J 173 -2.02 -0.99 -53.59
CA PRO J 173 -2.50 0.20 -54.29
C PRO J 173 -4.02 0.18 -54.43
N VAL J 174 -4.72 0.57 -53.36
CA VAL J 174 -6.19 0.53 -53.33
C VAL J 174 -6.84 1.44 -54.38
N ASN J 175 -6.17 2.52 -54.75
CA ASN J 175 -6.67 3.42 -55.79
C ASN J 175 -6.62 2.77 -57.17
N PHE J 176 -5.53 2.05 -57.46
CA PHE J 176 -5.38 1.33 -58.73
C PHE J 176 -6.55 0.38 -59.00
N TYR J 177 -6.94 -0.39 -57.97
CA TYR J 177 -8.04 -1.34 -58.10
C TYR J 177 -9.41 -0.65 -58.12
N HIS J 178 -9.49 0.54 -57.54
CA HIS J 178 -10.69 1.38 -57.64
C HIS J 178 -10.84 1.92 -59.07
N TYR J 179 -9.72 2.32 -59.67
CA TYR J 179 -9.71 2.77 -61.06
C TYR J 179 -9.96 1.60 -62.02
N LEU J 180 -9.40 0.43 -61.71
CA LEU J 180 -9.61 -0.78 -62.50
C LEU J 180 -11.09 -1.12 -62.61
N LEU J 181 -11.80 -1.05 -61.49
CA LEU J 181 -13.22 -1.36 -61.45
C LEU J 181 -14.05 -0.40 -62.30
N MET J 182 -13.68 0.88 -62.27
CA MET J 182 -14.36 1.90 -63.08
C MET J 182 -14.02 1.81 -64.56
N VAL J 183 -12.84 1.25 -64.88
CA VAL J 183 -12.50 0.92 -66.26
C VAL J 183 -13.38 -0.23 -66.76
N LEU J 184 -13.57 -1.25 -65.92
CA LEU J 184 -14.48 -2.35 -66.24
C LEU J 184 -15.91 -1.87 -66.36
N LEU J 185 -16.29 -0.92 -65.50
CA LEU J 185 -17.63 -0.32 -65.53
C LEU J 185 -17.92 0.37 -66.86
N THR J 186 -16.96 1.13 -67.37
CA THR J 186 -17.12 1.83 -68.65
C THR J 186 -17.19 0.88 -69.84
N LEU J 187 -16.54 -0.28 -69.72
CA LEU J 187 -16.60 -1.30 -70.76
C LEU J 187 -17.97 -1.97 -70.80
N VAL J 188 -18.57 -2.18 -69.63
CA VAL J 188 -19.93 -2.74 -69.53
C VAL J 188 -20.97 -1.73 -69.99
N SER J 189 -20.70 -0.44 -69.76
CA SER J 189 -21.61 0.63 -70.15
C SER J 189 -21.87 0.66 -71.66
N VAL J 190 -20.80 0.69 -72.44
CA VAL J 190 -20.92 0.71 -73.91
C VAL J 190 -21.45 -0.62 -74.45
N THR J 191 -21.12 -1.72 -73.75
CA THR J 191 -21.62 -3.05 -74.11
C THR J 191 -23.13 -3.15 -73.87
N ALA J 192 -23.58 -2.58 -72.75
CA ALA J 192 -24.99 -2.62 -72.36
C ALA J 192 -25.89 -1.70 -73.19
N MET J 193 -25.31 -0.80 -73.98
CA MET J 193 -26.07 0.05 -74.89
C MET J 193 -26.86 -0.76 -75.91
N GLN J 194 -26.30 -1.89 -76.32
CA GLN J 194 -26.91 -2.75 -77.33
C GLN J 194 -28.20 -3.42 -76.84
N SER J 195 -28.24 -3.80 -75.56
CA SER J 195 -29.38 -4.52 -75.01
C SER J 195 -30.37 -3.62 -74.27
N VAL J 196 -29.95 -3.10 -73.12
CA VAL J 196 -30.84 -2.30 -72.26
C VAL J 196 -30.68 -0.79 -72.45
N GLY J 197 -29.63 -0.38 -73.15
CA GLY J 197 -29.41 1.04 -73.43
C GLY J 197 -28.68 1.75 -72.31
N THR J 198 -28.20 2.96 -72.60
CA THR J 198 -27.45 3.78 -71.65
C THR J 198 -28.20 4.06 -70.34
N ILE J 199 -29.50 4.32 -70.44
CA ILE J 199 -30.28 4.75 -69.29
C ILE J 199 -30.55 3.62 -68.28
N LEU J 200 -30.64 2.38 -68.77
CA LEU J 200 -30.96 1.23 -67.91
C LEU J 200 -29.77 0.31 -67.64
N ILE J 201 -28.55 0.84 -67.68
CA ILE J 201 -27.34 0.05 -67.39
C ILE J 201 -27.30 -0.26 -65.90
N VAL J 202 -27.52 0.76 -65.08
CA VAL J 202 -27.53 0.63 -63.63
C VAL J 202 -28.41 -0.53 -63.14
N ALA J 203 -29.55 -0.75 -63.81
CA ALA J 203 -30.48 -1.82 -63.44
C ALA J 203 -29.85 -3.20 -63.62
N MET J 204 -29.20 -3.42 -64.75
CA MET J 204 -28.52 -4.69 -65.03
C MET J 204 -27.30 -4.91 -64.15
N LEU J 205 -26.70 -3.83 -63.67
CA LEU J 205 -25.57 -3.93 -62.74
C LEU J 205 -26.05 -4.31 -61.34
N ILE J 206 -26.90 -3.49 -60.75
CA ILE J 206 -27.21 -3.59 -59.32
C ILE J 206 -28.35 -4.56 -58.95
N THR J 207 -29.33 -4.74 -59.84
CA THR J 207 -30.51 -5.54 -59.51
C THR J 207 -30.23 -7.04 -59.42
N PRO J 208 -29.54 -7.62 -60.43
CA PRO J 208 -29.18 -9.04 -60.30
C PRO J 208 -28.19 -9.30 -59.17
N ALA J 209 -27.25 -8.38 -58.98
CA ALA J 209 -26.28 -8.47 -57.88
C ALA J 209 -26.98 -8.41 -56.52
N ALA J 210 -27.98 -7.54 -56.39
CA ALA J 210 -28.77 -7.43 -55.16
C ALA J 210 -29.58 -8.69 -54.90
N THR J 211 -30.08 -9.31 -55.97
CA THR J 211 -30.81 -10.56 -55.85
C THR J 211 -29.88 -11.69 -55.40
N ALA J 212 -28.69 -11.74 -55.98
CA ALA J 212 -27.68 -12.74 -55.61
C ALA J 212 -27.12 -12.49 -54.20
N TYR J 213 -27.10 -11.21 -53.80
CA TYR J 213 -26.64 -10.81 -52.46
C TYR J 213 -27.45 -11.47 -51.34
N LEU J 214 -28.73 -11.76 -51.61
CA LEU J 214 -29.61 -12.40 -50.64
C LEU J 214 -29.26 -13.87 -50.41
N TYR J 215 -28.80 -14.56 -51.46
CA TYR J 215 -28.50 -15.99 -51.39
C TYR J 215 -27.02 -16.29 -51.07
N ALA J 216 -26.12 -15.62 -51.78
CA ALA J 216 -24.70 -15.98 -51.81
C ALA J 216 -24.02 -16.10 -50.44
N ASN J 217 -23.14 -17.09 -50.32
CA ASN J 217 -22.31 -17.29 -49.13
C ASN J 217 -20.83 -16.99 -49.41
N SER J 218 -20.52 -16.55 -50.63
CA SER J 218 -19.16 -16.16 -51.00
C SER J 218 -19.16 -15.25 -52.22
N LEU J 219 -18.04 -14.57 -52.45
CA LEU J 219 -17.91 -13.64 -53.59
C LEU J 219 -17.92 -14.38 -54.94
N LYS J 220 -17.32 -15.57 -54.97
CA LYS J 220 -17.32 -16.40 -56.18
C LYS J 220 -18.73 -16.91 -56.48
N SER J 221 -19.43 -17.33 -55.43
CA SER J 221 -20.81 -17.79 -55.56
C SER J 221 -21.77 -16.65 -55.93
N MET J 222 -21.48 -15.45 -55.43
CA MET J 222 -22.30 -14.26 -55.71
C MET J 222 -22.22 -13.86 -57.18
N ILE J 223 -21.01 -13.88 -57.74
CA ILE J 223 -20.81 -13.58 -59.16
C ILE J 223 -21.49 -14.64 -60.03
N PHE J 224 -21.37 -15.91 -59.63
CA PHE J 224 -22.01 -17.02 -60.32
C PHE J 224 -23.54 -16.85 -60.37
N LEU J 225 -24.14 -16.50 -59.24
CA LEU J 225 -25.58 -16.28 -59.16
C LEU J 225 -26.02 -15.01 -59.87
N SER J 226 -25.25 -13.93 -59.69
CA SER J 226 -25.57 -12.63 -60.30
C SER J 226 -25.54 -12.69 -61.83
N SER J 227 -24.59 -13.46 -62.38
CA SER J 227 -24.50 -13.66 -63.82
C SER J 227 -25.65 -14.53 -64.33
N THR J 228 -26.07 -15.50 -63.53
CA THR J 228 -27.20 -16.37 -63.87
C THR J 228 -28.50 -15.56 -63.90
N PHE J 229 -28.74 -14.75 -62.88
CA PHE J 229 -29.93 -13.90 -62.82
C PHE J 229 -29.91 -12.83 -63.92
N GLY J 230 -28.72 -12.37 -64.29
CA GLY J 230 -28.56 -11.40 -65.38
C GLY J 230 -28.90 -12.01 -66.73
N ALA J 231 -28.38 -13.21 -66.99
CA ALA J 231 -28.63 -13.91 -68.24
C ALA J 231 -30.07 -14.41 -68.34
N THR J 232 -30.60 -14.93 -67.24
CA THR J 232 -31.96 -15.46 -67.21
C THR J 232 -33.00 -14.36 -67.40
N ALA J 233 -32.77 -13.22 -66.75
CA ALA J 233 -33.66 -12.05 -66.91
C ALA J 233 -33.55 -11.44 -68.30
N SER J 234 -32.36 -11.54 -68.91
CA SER J 234 -32.15 -11.07 -70.27
C SER J 234 -32.88 -11.94 -71.30
N VAL J 235 -32.82 -13.25 -71.12
CA VAL J 235 -33.47 -14.20 -72.03
C VAL J 235 -35.00 -14.07 -71.96
N LEU J 236 -35.54 -14.10 -70.74
CA LEU J 236 -36.98 -13.95 -70.53
C LEU J 236 -37.49 -12.56 -70.94
N GLY J 237 -36.66 -11.53 -70.73
CA GLY J 237 -37.00 -10.18 -71.15
C GLY J 237 -37.09 -10.04 -72.66
N LEU J 238 -36.17 -10.68 -73.36
CA LEU J 238 -36.19 -10.74 -74.83
C LEU J 238 -37.42 -11.53 -75.32
N PHE J 239 -37.75 -12.61 -74.59
CA PHE J 239 -38.93 -13.41 -74.88
C PHE J 239 -40.22 -12.62 -74.68
N ILE J 240 -40.27 -11.80 -73.63
CA ILE J 240 -41.42 -10.93 -73.39
C ILE J 240 -41.52 -9.83 -74.46
N GLY J 241 -40.39 -9.20 -74.76
CA GLY J 241 -40.33 -8.14 -75.76
C GLY J 241 -40.67 -8.60 -77.16
N TYR J 242 -40.30 -9.82 -77.49
CA TYR J 242 -40.56 -10.41 -78.80
C TYR J 242 -42.02 -10.84 -78.94
N SER J 243 -42.53 -11.56 -77.93
CA SER J 243 -43.87 -12.15 -77.98
C SER J 243 -44.99 -11.11 -77.95
N PHE J 244 -44.90 -10.17 -77.02
CA PHE J 244 -45.93 -9.16 -76.82
C PHE J 244 -45.71 -7.87 -77.63
N ASN J 245 -44.65 -7.84 -78.43
CA ASN J 245 -44.31 -6.67 -79.25
C ASN J 245 -44.12 -5.42 -78.39
N VAL J 246 -43.22 -5.53 -77.40
CA VAL J 246 -42.91 -4.43 -76.49
C VAL J 246 -41.40 -4.26 -76.37
N ALA J 247 -40.98 -3.17 -75.73
CA ALA J 247 -39.56 -2.83 -75.58
C ALA J 247 -38.78 -3.99 -74.95
N ALA J 248 -37.61 -4.28 -75.53
CA ALA J 248 -36.79 -5.41 -75.09
C ALA J 248 -36.11 -5.10 -73.75
N GLY J 249 -35.34 -4.01 -73.72
CA GLY J 249 -34.59 -3.62 -72.53
C GLY J 249 -35.45 -3.37 -71.30
N SER J 250 -36.59 -2.72 -71.50
CA SER J 250 -37.51 -2.41 -70.41
C SER J 250 -38.12 -3.68 -69.82
N SER J 251 -38.39 -4.67 -70.67
CA SER J 251 -38.90 -5.96 -70.22
C SER J 251 -37.84 -6.76 -69.46
N ILE J 252 -36.59 -6.64 -69.88
CA ILE J 252 -35.46 -7.31 -69.22
C ILE J 252 -35.28 -6.80 -67.78
N VAL J 253 -35.42 -5.49 -67.58
CA VAL J 253 -35.27 -4.88 -66.26
C VAL J 253 -36.41 -5.31 -65.32
N LEU J 254 -37.63 -5.35 -65.84
CA LEU J 254 -38.79 -5.79 -65.06
C LEU J 254 -38.72 -7.28 -64.72
N THR J 255 -38.09 -8.07 -65.59
CA THR J 255 -37.86 -9.48 -65.32
C THR J 255 -36.83 -9.67 -64.19
N ALA J 256 -35.78 -8.85 -64.22
CA ALA J 256 -34.77 -8.87 -63.16
C ALA J 256 -35.34 -8.33 -61.85
N ALA J 257 -36.21 -7.34 -61.94
CA ALA J 257 -36.88 -6.76 -60.77
C ALA J 257 -37.87 -7.74 -60.14
N SER J 258 -38.47 -8.60 -60.96
CA SER J 258 -39.39 -9.63 -60.47
C SER J 258 -38.65 -10.76 -59.77
N PHE J 259 -37.44 -11.10 -60.24
CA PHE J 259 -36.57 -12.05 -59.55
C PHE J 259 -36.16 -11.51 -58.17
N PHE J 260 -35.86 -10.22 -58.12
CA PHE J 260 -35.56 -9.55 -56.86
C PHE J 260 -36.77 -9.51 -55.94
N LEU J 261 -37.95 -9.28 -56.52
CA LEU J 261 -39.21 -9.25 -55.78
C LEU J 261 -39.53 -10.61 -55.15
N ILE J 262 -39.38 -11.66 -55.95
CA ILE J 262 -39.62 -13.02 -55.47
C ILE J 262 -38.56 -13.42 -54.44
N SER J 263 -37.29 -13.19 -54.78
CA SER J 263 -36.17 -13.53 -53.89
C SER J 263 -36.18 -12.76 -52.58
N PHE J 264 -36.86 -11.61 -52.54
CA PHE J 264 -37.02 -10.83 -51.31
C PHE J 264 -37.71 -11.64 -50.20
N PHE J 265 -38.61 -12.54 -50.59
CA PHE J 265 -39.39 -13.34 -49.64
C PHE J 265 -38.84 -14.77 -49.47
N ILE J 266 -38.56 -15.45 -50.58
CA ILE J 266 -38.20 -16.88 -50.55
C ILE J 266 -36.75 -17.16 -50.16
N ALA J 267 -35.89 -16.14 -50.14
CA ALA J 267 -34.47 -16.33 -49.81
C ALA J 267 -34.29 -16.79 -48.36
N PRO J 268 -33.36 -17.73 -48.11
CA PRO J 268 -33.10 -18.21 -46.74
C PRO J 268 -32.69 -17.10 -45.77
N LYS J 269 -31.86 -16.17 -46.23
CA LYS J 269 -31.41 -15.04 -45.40
C LYS J 269 -32.57 -14.12 -45.04
N GLN J 270 -33.47 -13.90 -45.99
CA GLN J 270 -34.66 -13.07 -45.77
C GLN J 270 -35.72 -13.77 -44.92
N ARG J 271 -35.75 -15.10 -44.99
CA ARG J 271 -36.68 -15.89 -44.17
C ARG J 271 -36.40 -15.72 -42.68
N TYR J 272 -35.11 -15.71 -42.31
CA TYR J 272 -34.71 -15.47 -40.92
C TYR J 272 -34.72 -13.98 -40.62
N LEU J 273 -35.93 -13.43 -40.45
CA LEU J 273 -36.11 -11.99 -40.18
C LEU J 273 -36.49 -11.71 -38.73
N LYS J 274 -37.35 -12.56 -38.14
CA LYS J 274 -37.79 -12.39 -36.76
C LYS J 274 -36.85 -13.11 -35.79
N MET K 1 -37.87 21.44 -12.23
CA MET K 1 -37.63 20.02 -11.88
C MET K 1 -37.66 19.14 -13.13
N ILE K 2 -36.54 18.48 -13.43
CA ILE K 2 -36.47 17.52 -14.52
C ILE K 2 -36.53 16.11 -13.94
N ARG K 3 -37.48 15.31 -14.42
CA ARG K 3 -37.75 13.98 -13.87
C ARG K 3 -37.77 12.94 -14.98
N ILE K 4 -36.72 12.13 -15.05
CA ILE K 4 -36.61 11.07 -16.05
C ILE K 4 -37.03 9.72 -15.46
N GLU K 5 -37.83 8.96 -16.20
CA GLU K 5 -38.34 7.66 -15.75
C GLU K 5 -38.00 6.54 -16.75
N ASN K 6 -37.03 5.70 -16.36
CA ASN K 6 -36.69 4.49 -17.13
C ASN K 6 -36.38 4.78 -18.60
N LEU K 7 -35.57 5.81 -18.83
CA LEU K 7 -35.19 6.19 -20.20
C LEU K 7 -34.14 5.22 -20.75
N SER K 8 -34.34 4.79 -21.99
CA SER K 8 -33.40 3.92 -22.69
C SER K 8 -33.35 4.27 -24.18
N VAL K 9 -32.17 4.13 -24.78
CA VAL K 9 -31.97 4.42 -26.20
C VAL K 9 -31.20 3.26 -26.82
N SER K 10 -31.49 2.99 -28.10
CA SER K 10 -30.86 1.88 -28.82
C SER K 10 -30.40 2.28 -30.22
N TYR K 11 -29.15 1.92 -30.55
CA TYR K 11 -28.63 2.02 -31.92
C TYR K 11 -28.39 0.61 -32.42
N LYS K 12 -29.18 0.19 -33.41
CA LYS K 12 -29.12 -1.18 -33.92
C LYS K 12 -29.49 -2.18 -32.81
N GLU K 13 -28.58 -3.08 -32.46
CA GLU K 13 -28.81 -4.06 -31.39
C GLU K 13 -27.90 -3.79 -30.18
N THR K 14 -27.71 -2.51 -29.86
CA THR K 14 -26.87 -2.10 -28.74
C THR K 14 -27.55 -0.96 -27.97
N LEU K 15 -27.42 -0.97 -26.64
CA LEU K 15 -28.05 0.03 -25.78
C LEU K 15 -27.09 1.17 -25.48
N ALA K 16 -27.43 2.37 -25.93
CA ALA K 16 -26.67 3.58 -25.61
C ALA K 16 -26.96 4.01 -24.18
N LEU K 17 -28.25 4.07 -23.84
CA LEU K 17 -28.71 4.34 -22.48
C LEU K 17 -29.47 3.14 -21.94
N LYS K 18 -29.36 2.90 -20.63
CA LYS K 18 -29.96 1.73 -20.00
C LYS K 18 -30.67 2.08 -18.70
N ASP K 19 -32.00 2.20 -18.77
CA ASP K 19 -32.85 2.33 -17.60
C ASP K 19 -32.44 3.51 -16.71
N ILE K 20 -32.38 4.70 -17.31
CA ILE K 20 -32.01 5.92 -16.59
C ILE K 20 -33.22 6.44 -15.81
N SER K 21 -33.06 6.57 -14.50
CA SER K 21 -34.09 7.17 -13.63
C SER K 21 -33.43 8.18 -12.70
N LEU K 22 -33.96 9.40 -12.69
CA LEU K 22 -33.29 10.52 -12.02
C LEU K 22 -34.23 11.73 -11.85
N VAL K 23 -33.99 12.51 -10.81
CA VAL K 23 -34.72 13.75 -10.56
C VAL K 23 -33.75 14.90 -10.31
N LEU K 24 -33.81 15.93 -11.15
CA LEU K 24 -32.91 17.08 -11.08
C LEU K 24 -33.66 18.35 -10.68
N HIS K 25 -33.20 19.01 -9.61
CA HIS K 25 -33.80 20.25 -9.13
C HIS K 25 -32.95 21.47 -9.52
N GLY K 26 -33.60 22.63 -9.64
CA GLY K 26 -32.93 23.89 -9.94
C GLY K 26 -33.18 24.92 -8.85
N PRO K 27 -32.60 26.12 -8.99
CA PRO K 27 -31.73 26.49 -10.11
C PRO K 27 -30.34 25.88 -9.99
N THR K 28 -29.72 25.58 -11.13
CA THR K 28 -28.44 24.87 -11.15
C THR K 28 -27.75 24.93 -12.51
N ILE K 29 -26.42 24.90 -12.49
CA ILE K 29 -25.63 24.63 -13.68
C ILE K 29 -25.07 23.22 -13.51
N THR K 30 -25.78 22.25 -14.10
CA THR K 30 -25.45 20.84 -13.94
C THR K 30 -24.58 20.35 -15.10
N GLY K 31 -23.52 19.61 -14.77
CA GLY K 31 -22.63 19.04 -15.77
C GLY K 31 -22.89 17.55 -15.96
N ILE K 32 -22.93 17.12 -17.21
CA ILE K 32 -23.04 15.71 -17.55
C ILE K 32 -21.70 15.25 -18.12
N ILE K 33 -21.06 14.31 -17.43
CA ILE K 33 -19.72 13.86 -17.81
C ILE K 33 -19.65 12.34 -17.94
N GLY K 34 -18.55 11.85 -18.49
CA GLY K 34 -18.34 10.43 -18.71
C GLY K 34 -17.62 10.22 -20.04
N PRO K 35 -17.24 8.97 -20.34
CA PRO K 35 -16.54 8.67 -21.60
C PRO K 35 -17.33 9.12 -22.84
N ASN K 36 -16.62 9.62 -23.85
CA ASN K 36 -17.25 10.07 -25.09
C ASN K 36 -17.87 8.89 -25.82
N GLY K 37 -19.16 9.02 -26.14
CA GLY K 37 -19.91 7.96 -26.83
C GLY K 37 -20.60 6.99 -25.90
N ALA K 38 -20.58 7.28 -24.60
CA ALA K 38 -21.10 6.36 -23.58
C ALA K 38 -22.41 6.81 -22.93
N GLY K 39 -23.09 7.80 -23.52
CA GLY K 39 -24.42 8.21 -23.08
C GLY K 39 -24.66 9.70 -22.88
N LYS K 40 -23.58 10.48 -22.76
CA LYS K 40 -23.68 11.91 -22.47
C LYS K 40 -24.66 12.67 -23.38
N SER K 41 -24.33 12.77 -24.66
CA SER K 41 -25.12 13.54 -25.62
C SER K 41 -26.45 12.87 -25.95
N THR K 42 -26.48 11.54 -25.87
CA THR K 42 -27.69 10.76 -26.15
C THR K 42 -28.75 10.98 -25.07
N LEU K 43 -28.31 11.30 -23.85
CA LEU K 43 -29.24 11.56 -22.74
C LEU K 43 -30.10 12.81 -22.98
N LEU K 44 -29.48 13.87 -23.50
CA LEU K 44 -30.21 15.10 -23.80
C LEU K 44 -31.26 14.89 -24.90
N LYS K 45 -30.93 14.08 -25.90
CA LYS K 45 -31.83 13.83 -27.03
C LYS K 45 -33.01 12.92 -26.63
N GLY K 46 -32.71 11.85 -25.91
CA GLY K 46 -33.74 10.92 -25.42
C GLY K 46 -34.67 11.53 -24.37
N MET K 47 -34.16 12.52 -23.65
CA MET K 47 -34.95 13.27 -22.67
C MET K 47 -36.02 14.10 -23.37
N LEU K 48 -35.63 14.82 -24.42
CA LEU K 48 -36.53 15.69 -25.16
C LEU K 48 -37.45 14.93 -26.11
N GLY K 49 -37.06 13.70 -26.47
CA GLY K 49 -37.82 12.89 -27.41
C GLY K 49 -37.46 13.16 -28.85
N ILE K 50 -36.24 13.63 -29.07
CA ILE K 50 -35.73 13.94 -30.42
C ILE K 50 -35.44 12.64 -31.19
N ILE K 51 -35.18 11.56 -30.45
CA ILE K 51 -34.90 10.26 -31.03
C ILE K 51 -35.80 9.19 -30.40
N PRO K 52 -35.97 8.04 -31.07
CA PRO K 52 -36.73 6.94 -30.48
C PRO K 52 -36.16 6.50 -29.12
N HIS K 53 -37.06 6.21 -28.17
CA HIS K 53 -36.65 5.87 -26.81
C HIS K 53 -37.76 5.17 -26.03
N GLN K 54 -37.36 4.35 -25.06
CA GLN K 54 -38.29 3.80 -24.08
C GLN K 54 -38.37 4.76 -22.90
N GLY K 55 -39.41 4.62 -22.09
CA GLY K 55 -39.61 5.49 -20.92
C GLY K 55 -40.04 6.89 -21.30
N GLN K 56 -39.96 7.80 -20.34
CA GLN K 56 -40.43 9.18 -20.53
C GLN K 56 -39.78 10.14 -19.54
N ALA K 57 -39.91 11.44 -19.81
CA ALA K 57 -39.38 12.48 -18.95
C ALA K 57 -40.44 13.56 -18.70
N PHE K 58 -40.26 14.32 -17.61
CA PHE K 58 -41.22 15.36 -17.21
C PHE K 58 -40.52 16.65 -16.80
N LEU K 59 -41.12 17.78 -17.16
CA LEU K 59 -40.68 19.10 -16.67
C LEU K 59 -41.71 19.68 -15.72
N ASP K 60 -41.36 19.76 -14.44
CA ASP K 60 -42.26 20.22 -13.38
C ASP K 60 -43.57 19.44 -13.41
N ASP K 61 -43.44 18.11 -13.50
CA ASP K 61 -44.57 17.16 -13.51
C ASP K 61 -45.40 17.13 -14.80
N LYS K 62 -45.12 18.02 -15.76
CA LYS K 62 -45.78 17.99 -17.07
C LYS K 62 -44.92 17.22 -18.05
N GLU K 63 -45.57 16.59 -19.02
CA GLU K 63 -44.87 15.81 -20.04
C GLU K 63 -43.97 16.72 -20.88
N VAL K 64 -42.76 16.23 -21.17
CA VAL K 64 -41.79 17.00 -21.95
C VAL K 64 -42.28 17.26 -23.37
N LYS K 65 -43.09 16.35 -23.92
CA LYS K 65 -43.62 16.48 -25.27
C LYS K 65 -44.56 17.69 -25.39
N LYS K 66 -45.25 18.01 -24.30
CA LYS K 66 -46.14 19.18 -24.25
C LYS K 66 -45.54 20.34 -23.44
N SER K 67 -44.20 20.38 -23.35
CA SER K 67 -43.48 21.43 -22.62
C SER K 67 -42.21 21.86 -23.34
N LEU K 68 -42.17 21.71 -24.67
CA LEU K 68 -40.96 22.00 -25.45
C LEU K 68 -40.73 23.50 -25.60
N HIS K 69 -41.79 24.30 -25.43
CA HIS K 69 -41.67 25.76 -25.46
C HIS K 69 -40.87 26.32 -24.29
N ARG K 70 -40.74 25.55 -23.22
CA ARG K 70 -39.95 25.95 -22.05
C ARG K 70 -38.48 25.50 -22.12
N ILE K 71 -38.07 24.92 -23.24
CA ILE K 71 -36.73 24.36 -23.38
C ILE K 71 -35.97 24.99 -24.54
N ALA K 72 -34.67 25.21 -24.33
CA ALA K 72 -33.76 25.62 -25.39
C ALA K 72 -32.64 24.59 -25.49
N TYR K 73 -32.48 24.00 -26.67
CA TYR K 73 -31.49 22.95 -26.90
C TYR K 73 -30.41 23.46 -27.86
N VAL K 74 -29.20 23.62 -27.35
CA VAL K 74 -28.04 24.01 -28.16
C VAL K 74 -27.20 22.77 -28.47
N GLU K 75 -27.30 22.30 -29.72
CA GLU K 75 -26.57 21.12 -30.17
C GLU K 75 -25.10 21.42 -30.45
N GLN K 76 -24.34 20.39 -30.80
CA GLN K 76 -22.93 20.54 -31.13
C GLN K 76 -22.74 21.27 -32.47
N LYS K 77 -21.61 21.97 -32.60
CA LYS K 77 -21.28 22.69 -33.83
C LYS K 77 -21.07 21.75 -35.02
N ILE K 78 -20.67 20.51 -34.75
CA ILE K 78 -20.34 19.54 -35.79
C ILE K 78 -21.57 19.15 -36.61
N ASN K 79 -22.74 19.10 -35.96
CA ASN K 79 -23.98 18.71 -36.61
C ASN K 79 -24.57 19.80 -37.52
N ILE K 80 -24.17 21.06 -37.31
CA ILE K 80 -24.69 22.18 -38.09
C ILE K 80 -23.86 22.44 -39.34
N ASP K 81 -24.53 22.64 -40.46
CA ASP K 81 -23.89 22.96 -41.73
C ASP K 81 -23.50 24.44 -41.76
N TYR K 82 -22.20 24.71 -41.82
CA TYR K 82 -21.68 26.08 -41.76
C TYR K 82 -21.89 26.83 -43.08
N ASN K 83 -21.94 26.08 -44.18
CA ASN K 83 -22.03 26.66 -45.52
C ASN K 83 -23.45 27.04 -45.95
N PHE K 84 -24.45 26.75 -45.11
CA PHE K 84 -25.82 27.16 -45.38
C PHE K 84 -25.88 28.68 -45.49
N PRO K 85 -26.60 29.21 -46.50
CA PRO K 85 -26.69 30.65 -46.65
C PRO K 85 -27.57 31.29 -45.55
N ILE K 86 -26.92 31.82 -44.53
CA ILE K 86 -27.63 32.43 -43.40
C ILE K 86 -26.70 33.34 -42.61
N LYS K 87 -27.21 34.52 -42.25
CA LYS K 87 -26.43 35.52 -41.51
C LYS K 87 -26.45 35.20 -40.01
N VAL K 88 -25.68 35.96 -39.23
CA VAL K 88 -25.66 35.79 -37.79
C VAL K 88 -26.98 36.25 -37.16
N LYS K 89 -27.48 37.39 -37.62
CA LYS K 89 -28.74 37.94 -37.10
C LYS K 89 -29.94 37.03 -37.39
N GLU K 90 -29.99 36.46 -38.59
CA GLU K 90 -31.09 35.56 -38.97
C GLU K 90 -30.96 34.20 -38.29
N CYS K 91 -29.73 33.76 -38.03
CA CYS K 91 -29.49 32.49 -37.32
C CYS K 91 -30.01 32.57 -35.89
N VAL K 92 -29.76 33.70 -35.22
CA VAL K 92 -30.26 33.93 -33.87
C VAL K 92 -31.78 34.04 -33.86
N SER K 93 -32.35 34.67 -34.89
CA SER K 93 -33.80 34.87 -34.98
C SER K 93 -34.60 33.57 -35.10
N LEU K 94 -33.92 32.46 -35.44
CA LEU K 94 -34.56 31.14 -35.49
C LEU K 94 -35.12 30.70 -34.13
N GLY K 95 -34.57 31.24 -33.05
CA GLY K 95 -35.08 30.99 -31.70
C GLY K 95 -36.47 31.57 -31.46
N LEU K 96 -36.79 32.66 -32.15
CA LEU K 96 -38.09 33.32 -32.01
C LEU K 96 -39.19 32.72 -32.90
N PHE K 97 -38.81 31.87 -33.86
CA PHE K 97 -39.75 31.29 -34.83
C PHE K 97 -40.98 30.60 -34.20
N PRO K 98 -40.78 29.84 -33.11
CA PRO K 98 -41.93 29.24 -32.40
C PRO K 98 -43.01 30.26 -31.98
N SER K 99 -42.60 31.45 -31.56
CA SER K 99 -43.55 32.48 -31.11
C SER K 99 -44.27 33.18 -32.26
N ILE K 100 -43.77 33.02 -33.49
CA ILE K 100 -44.40 33.60 -34.67
C ILE K 100 -45.38 32.60 -35.29
N PRO K 101 -46.69 32.95 -35.33
CA PRO K 101 -47.65 32.09 -36.02
C PRO K 101 -47.59 32.23 -37.54
N LEU K 102 -48.31 31.38 -38.25
CA LEU K 102 -48.33 31.43 -39.72
C LEU K 102 -48.97 32.71 -40.22
N PHE K 103 -48.59 33.11 -41.44
CA PHE K 103 -49.07 34.34 -42.08
C PHE K 103 -48.58 35.64 -41.40
N ARG K 104 -47.60 35.53 -40.51
CA ARG K 104 -47.05 36.70 -39.81
C ARG K 104 -45.52 36.71 -39.87
N SER K 105 -44.96 37.92 -39.87
CA SER K 105 -43.51 38.11 -39.97
C SER K 105 -42.93 38.71 -38.69
N LEU K 106 -41.62 38.85 -38.65
CA LEU K 106 -40.93 39.43 -37.48
C LEU K 106 -41.08 40.94 -37.44
N LYS K 107 -41.73 41.45 -36.39
CA LYS K 107 -41.86 42.88 -36.16
C LYS K 107 -40.57 43.47 -35.58
N ALA K 108 -40.58 44.78 -35.35
CA ALA K 108 -39.41 45.49 -34.81
C ALA K 108 -39.04 45.06 -33.39
N LYS K 109 -40.03 44.60 -32.62
CA LYS K 109 -39.81 44.12 -31.26
C LYS K 109 -38.90 42.89 -31.21
N HIS K 110 -38.97 42.05 -32.25
CA HIS K 110 -38.21 40.81 -32.31
C HIS K 110 -36.74 41.05 -32.66
N TRP K 111 -36.49 41.90 -33.66
CA TRP K 111 -35.12 42.24 -34.04
C TRP K 111 -34.39 43.04 -32.96
N LYS K 112 -35.15 43.77 -32.16
CA LYS K 112 -34.63 44.40 -30.93
C LYS K 112 -34.08 43.34 -29.99
N LYS K 113 -34.86 42.27 -29.79
CA LYS K 113 -34.48 41.19 -28.87
C LYS K 113 -33.31 40.36 -29.41
N VAL K 114 -33.18 40.28 -30.74
CA VAL K 114 -32.04 39.61 -31.37
C VAL K 114 -30.76 40.42 -31.17
N GLN K 115 -30.86 41.74 -31.35
CA GLN K 115 -29.71 42.63 -31.17
C GLN K 115 -29.18 42.57 -29.74
N GLU K 116 -30.08 42.60 -28.76
CA GLU K 116 -29.69 42.52 -27.35
C GLU K 116 -29.02 41.20 -27.00
N ALA K 117 -29.45 40.11 -27.64
CA ALA K 117 -28.85 38.79 -27.45
C ALA K 117 -27.40 38.77 -27.95
N LEU K 118 -27.17 39.38 -29.11
CA LEU K 118 -25.83 39.47 -29.69
C LEU K 118 -24.91 40.36 -28.86
N GLU K 119 -25.47 41.41 -28.25
CA GLU K 119 -24.69 42.29 -27.39
C GLU K 119 -24.24 41.62 -26.09
N ILE K 120 -25.04 40.69 -25.59
CA ILE K 120 -24.67 39.92 -24.40
C ILE K 120 -23.46 39.04 -24.67
N VAL K 121 -23.51 38.27 -25.76
CA VAL K 121 -22.39 37.42 -26.16
C VAL K 121 -21.26 38.20 -26.84
N GLY K 122 -21.55 39.42 -27.31
CA GLY K 122 -20.54 40.31 -27.88
C GLY K 122 -20.28 40.10 -29.36
N LEU K 123 -21.36 39.99 -30.13
CA LEU K 123 -21.28 39.83 -31.58
C LEU K 123 -22.23 40.80 -32.29
N ALA K 124 -22.25 42.04 -31.82
CA ALA K 124 -23.08 43.08 -32.44
C ALA K 124 -22.51 43.50 -33.79
N ASP K 125 -21.18 43.48 -33.91
CA ASP K 125 -20.50 43.83 -35.16
C ASP K 125 -20.58 42.71 -36.19
N TYR K 126 -20.79 41.48 -35.73
CA TYR K 126 -20.84 40.30 -36.60
C TYR K 126 -22.25 39.96 -37.11
N ALA K 127 -23.22 40.82 -36.83
CA ALA K 127 -24.63 40.55 -37.17
C ALA K 127 -24.87 40.31 -38.67
N GLU K 128 -24.21 41.09 -39.51
CA GLU K 128 -24.40 41.02 -40.97
C GLU K 128 -23.56 39.95 -41.65
N ARG K 129 -22.57 39.40 -40.94
CA ARG K 129 -21.67 38.39 -41.52
C ARG K 129 -22.35 37.03 -41.64
N GLN K 130 -21.75 36.16 -42.45
CA GLN K 130 -22.19 34.78 -42.58
C GLN K 130 -21.67 33.97 -41.40
N ILE K 131 -22.34 32.85 -41.12
CA ILE K 131 -21.88 31.94 -40.05
C ILE K 131 -20.63 31.16 -40.46
N SER K 132 -20.40 31.04 -41.77
CA SER K 132 -19.17 30.43 -42.29
C SER K 132 -17.94 31.31 -42.04
N GLN K 133 -18.15 32.62 -41.91
CA GLN K 133 -17.06 33.57 -41.68
C GLN K 133 -16.85 33.84 -40.17
N LEU K 134 -16.86 32.77 -39.37
CA LEU K 134 -16.68 32.89 -37.93
C LEU K 134 -15.75 31.80 -37.40
N SER K 135 -15.12 32.07 -36.27
CA SER K 135 -14.27 31.08 -35.60
C SER K 135 -15.12 30.12 -34.78
N GLY K 136 -14.49 29.07 -34.26
CA GLY K 136 -15.19 28.08 -33.44
C GLY K 136 -15.84 28.70 -32.22
N GLY K 137 -15.11 29.59 -31.55
CA GLY K 137 -15.63 30.29 -30.37
C GLY K 137 -16.77 31.22 -30.68
N GLN K 138 -16.63 32.00 -31.75
CA GLN K 138 -17.65 32.96 -32.16
C GLN K 138 -18.96 32.29 -32.57
N PHE K 139 -18.87 31.21 -33.34
CA PHE K 139 -20.05 30.49 -33.81
C PHE K 139 -20.87 29.89 -32.66
N GLN K 140 -20.19 29.40 -31.62
CA GLN K 140 -20.88 28.89 -30.43
C GLN K 140 -21.63 29.99 -29.68
N ARG K 141 -21.07 31.20 -29.68
CA ARG K 141 -21.71 32.35 -29.04
C ARG K 141 -23.00 32.76 -29.78
N VAL K 142 -23.03 32.54 -31.09
CA VAL K 142 -24.24 32.77 -31.89
C VAL K 142 -25.35 31.78 -31.49
N LEU K 143 -24.97 30.53 -31.27
CA LEU K 143 -25.92 29.49 -30.86
C LEU K 143 -26.46 29.73 -29.45
N ILE K 144 -25.64 30.32 -28.59
CA ILE K 144 -26.08 30.74 -27.25
C ILE K 144 -27.07 31.91 -27.37
N ALA K 145 -26.79 32.85 -28.27
CA ALA K 145 -27.71 33.97 -28.53
C ALA K 145 -29.03 33.49 -29.13
N ARG K 146 -28.97 32.46 -29.97
CA ARG K 146 -30.17 31.82 -30.51
C ARG K 146 -30.97 31.15 -29.39
N CYS K 147 -30.26 30.65 -28.38
CA CYS K 147 -30.87 30.06 -27.19
C CYS K 147 -31.46 31.11 -26.24
N LEU K 148 -30.78 32.25 -26.11
CA LEU K 148 -31.24 33.33 -25.23
C LEU K 148 -32.57 33.93 -25.64
N VAL K 149 -32.78 34.11 -26.95
CA VAL K 149 -34.02 34.70 -27.46
C VAL K 149 -35.26 33.83 -27.25
N GLN K 150 -35.06 32.52 -27.07
CA GLN K 150 -36.17 31.61 -26.78
C GLN K 150 -36.77 31.85 -25.38
N GLU K 151 -35.96 32.38 -24.47
CA GLU K 151 -36.38 32.66 -23.10
C GLU K 151 -36.91 31.40 -22.41
N ALA K 152 -36.15 30.31 -22.54
CA ALA K 152 -36.51 29.03 -21.96
C ALA K 152 -36.16 28.98 -20.48
N ASP K 153 -36.85 28.12 -19.74
CA ASP K 153 -36.56 27.90 -18.31
C ASP K 153 -35.55 26.78 -18.11
N TYR K 154 -35.31 25.98 -19.16
CA TYR K 154 -34.35 24.88 -19.10
C TYR K 154 -33.43 24.93 -20.32
N ILE K 155 -32.14 25.15 -20.08
CA ILE K 155 -31.16 25.30 -21.15
C ILE K 155 -30.27 24.07 -21.23
N LEU K 156 -30.34 23.37 -22.36
CA LEU K 156 -29.58 22.14 -22.58
C LEU K 156 -28.48 22.37 -23.61
N LEU K 157 -27.24 22.42 -23.15
CA LEU K 157 -26.08 22.59 -24.04
C LEU K 157 -25.36 21.25 -24.24
N ASP K 158 -24.90 21.00 -25.46
CA ASP K 158 -24.20 19.76 -25.81
C ASP K 158 -22.76 20.07 -26.23
N GLU K 159 -21.83 19.85 -25.31
CA GLU K 159 -20.41 20.15 -25.51
C GLU K 159 -20.18 21.55 -26.10
N PRO K 160 -20.65 22.59 -25.38
CA PRO K 160 -20.53 23.96 -25.86
C PRO K 160 -19.10 24.52 -25.77
N PHE K 161 -18.30 23.96 -24.86
CA PHE K 161 -16.93 24.44 -24.65
C PHE K 161 -15.88 23.61 -25.40
N ALA K 162 -16.33 22.78 -26.34
CA ALA K 162 -15.43 21.92 -27.11
C ALA K 162 -14.88 22.65 -28.33
N GLY K 163 -13.57 22.86 -28.35
CA GLY K 163 -12.89 23.46 -29.50
C GLY K 163 -13.16 24.95 -29.65
N ILE K 164 -12.96 25.70 -28.57
CA ILE K 164 -13.12 27.16 -28.59
C ILE K 164 -12.03 27.85 -27.77
N ASP K 165 -11.79 29.12 -28.07
CA ASP K 165 -10.84 29.93 -27.31
C ASP K 165 -11.37 30.28 -25.92
N SER K 166 -10.47 30.67 -25.02
CA SER K 166 -10.81 30.95 -23.63
C SER K 166 -11.63 32.23 -23.46
N VAL K 167 -11.44 33.19 -24.36
CA VAL K 167 -12.17 34.46 -24.30
C VAL K 167 -13.66 34.23 -24.53
N SER K 168 -14.00 33.46 -25.55
CA SER K 168 -15.38 33.08 -25.84
C SER K 168 -15.94 32.21 -24.71
N GLU K 169 -15.11 31.30 -24.19
CA GLU K 169 -15.52 30.38 -23.14
C GLU K 169 -15.96 31.09 -21.86
N GLU K 170 -15.27 32.17 -21.51
CA GLU K 170 -15.61 32.96 -20.32
C GLU K 170 -16.87 33.80 -20.53
N ILE K 171 -17.08 34.29 -21.75
CA ILE K 171 -18.28 35.07 -22.09
C ILE K 171 -19.53 34.18 -22.07
N ILE K 172 -19.40 32.97 -22.60
CA ILE K 172 -20.50 32.00 -22.59
C ILE K 172 -20.87 31.62 -21.16
N MET K 173 -19.86 31.38 -20.33
CA MET K 173 -20.10 30.93 -18.96
C MET K 173 -20.74 32.01 -18.08
N ASN K 174 -20.31 33.26 -18.27
CA ASN K 174 -20.93 34.40 -17.55
C ASN K 174 -22.42 34.51 -17.86
N THR K 175 -22.79 34.26 -19.12
CA THR K 175 -24.17 34.24 -19.54
C THR K 175 -24.95 33.13 -18.82
N LEU K 176 -24.33 31.96 -18.70
CA LEU K 176 -24.96 30.82 -18.03
C LEU K 176 -25.09 31.01 -16.51
N ARG K 177 -24.15 31.76 -15.92
CA ARG K 177 -24.24 32.10 -14.50
C ARG K 177 -25.45 33.00 -14.23
N ASP K 178 -25.74 33.92 -15.14
CA ASP K 178 -26.90 34.80 -15.03
C ASP K 178 -28.21 34.03 -15.16
N LEU K 179 -28.21 32.97 -15.97
CA LEU K 179 -29.39 32.11 -16.11
C LEU K 179 -29.68 31.35 -14.81
N LYS K 180 -28.63 30.95 -14.10
CA LYS K 180 -28.76 30.33 -12.78
C LYS K 180 -29.27 31.35 -11.75
N LYS K 181 -28.77 32.58 -11.84
CA LYS K 181 -29.25 33.67 -10.98
C LYS K 181 -30.69 34.06 -11.29
N ALA K 182 -31.08 33.93 -12.56
CA ALA K 182 -32.47 34.16 -12.97
C ALA K 182 -33.42 33.05 -12.54
N GLY K 183 -32.87 31.95 -12.02
CA GLY K 183 -33.68 30.86 -11.47
C GLY K 183 -34.04 29.84 -12.53
N LYS K 184 -33.07 29.47 -13.36
CA LYS K 184 -33.31 28.59 -14.50
C LYS K 184 -32.25 27.49 -14.55
N THR K 185 -32.69 26.26 -14.80
CA THR K 185 -31.79 25.10 -14.80
C THR K 185 -30.98 25.04 -16.08
N VAL K 186 -29.66 25.03 -15.94
CA VAL K 186 -28.75 24.89 -17.07
C VAL K 186 -28.12 23.50 -17.01
N LEU K 187 -28.27 22.73 -18.07
CA LEU K 187 -27.80 21.35 -18.13
C LEU K 187 -26.80 21.20 -19.27
N ILE K 188 -25.54 20.95 -18.92
CA ILE K 188 -24.44 20.96 -19.90
C ILE K 188 -23.77 19.59 -20.01
N VAL K 189 -23.65 19.11 -21.24
CA VAL K 189 -22.86 17.91 -21.53
C VAL K 189 -21.42 18.34 -21.78
N HIS K 190 -20.52 18.02 -20.85
CA HIS K 190 -19.13 18.46 -20.94
C HIS K 190 -18.31 17.50 -21.80
N HIS K 191 -17.33 18.05 -22.50
CA HIS K 191 -16.54 17.29 -23.48
C HIS K 191 -15.35 16.56 -22.87
N ASP K 192 -14.96 16.94 -21.65
CA ASP K 192 -13.86 16.28 -20.95
C ASP K 192 -14.04 16.43 -19.42
N LEU K 193 -12.95 16.46 -18.66
CA LEU K 193 -13.02 16.63 -17.20
C LEU K 193 -12.28 17.89 -16.75
N SER K 194 -12.49 18.98 -17.48
CA SER K 194 -11.83 20.26 -17.18
C SER K 194 -12.77 21.23 -16.47
N LYS K 195 -12.28 21.86 -15.41
CA LYS K 195 -13.03 22.89 -14.68
C LYS K 195 -14.40 22.40 -14.20
N ILE K 196 -14.44 21.20 -13.64
CA ILE K 196 -15.69 20.60 -13.16
C ILE K 196 -16.25 21.33 -11.94
N PRO K 197 -15.43 21.52 -10.88
CA PRO K 197 -15.95 22.24 -9.71
C PRO K 197 -16.10 23.75 -9.95
N HIS K 198 -15.41 24.28 -10.96
CA HIS K 198 -15.53 25.68 -11.34
C HIS K 198 -16.86 25.97 -12.04
N TYR K 199 -17.23 25.09 -12.98
CA TYR K 199 -18.44 25.29 -13.79
C TYR K 199 -19.72 24.78 -13.12
N PHE K 200 -19.66 23.59 -12.53
CA PHE K 200 -20.86 22.86 -12.12
C PHE K 200 -21.06 22.77 -10.61
N ASP K 201 -22.31 22.94 -10.17
CA ASP K 201 -22.69 22.69 -8.77
C ASP K 201 -23.34 21.31 -8.60
N GLN K 202 -23.74 20.68 -9.70
CA GLN K 202 -24.21 19.30 -9.72
C GLN K 202 -23.55 18.55 -10.86
N VAL K 203 -23.21 17.28 -10.63
CA VAL K 203 -22.57 16.44 -11.63
C VAL K 203 -23.40 15.18 -11.88
N LEU K 204 -23.49 14.78 -13.15
CA LEU K 204 -24.19 13.57 -13.55
C LEU K 204 -23.25 12.70 -14.37
N LEU K 205 -22.68 11.68 -13.72
CA LEU K 205 -21.68 10.81 -14.34
C LEU K 205 -22.37 9.64 -15.05
N VAL K 206 -22.12 9.53 -16.36
CA VAL K 206 -22.86 8.59 -17.20
C VAL K 206 -21.95 7.71 -18.07
N ASN K 207 -22.03 6.40 -17.87
CA ASN K 207 -21.44 5.42 -18.78
C ASN K 207 -22.47 4.30 -18.98
N ARG K 208 -23.29 4.45 -20.02
CA ARG K 208 -24.42 3.55 -20.31
C ARG K 208 -25.58 3.78 -19.34
N GLU K 209 -25.30 3.58 -18.06
CA GLU K 209 -26.26 3.88 -16.99
C GLU K 209 -25.67 4.95 -16.07
N VAL K 210 -26.44 5.38 -15.08
CA VAL K 210 -26.01 6.43 -14.16
C VAL K 210 -25.05 5.85 -13.11
N ILE K 211 -23.80 6.30 -13.17
CA ILE K 211 -22.77 5.83 -12.23
C ILE K 211 -22.87 6.59 -10.91
N ALA K 212 -23.02 7.91 -11.01
CA ALA K 212 -23.17 8.78 -9.85
C ALA K 212 -23.93 10.05 -10.20
N PHE K 213 -24.62 10.62 -9.20
CA PHE K 213 -25.42 11.83 -9.40
C PHE K 213 -25.69 12.54 -8.08
N GLY K 214 -25.29 13.81 -8.01
CA GLY K 214 -25.42 14.61 -6.80
C GLY K 214 -24.59 15.88 -6.89
N PRO K 215 -24.42 16.58 -5.75
CA PRO K 215 -23.56 17.78 -5.74
C PRO K 215 -22.12 17.48 -6.13
N THR K 216 -21.44 18.45 -6.72
CA THR K 216 -20.12 18.25 -7.33
C THR K 216 -19.07 17.68 -6.37
N LYS K 217 -18.85 18.35 -5.25
CA LYS K 217 -17.79 17.95 -4.30
C LYS K 217 -17.99 16.54 -3.75
N GLU K 218 -19.25 16.16 -3.56
CA GLU K 218 -19.59 14.85 -3.01
C GLU K 218 -19.45 13.73 -4.05
N THR K 219 -19.83 14.01 -5.30
CA THR K 219 -19.90 12.98 -6.35
C THR K 219 -18.68 12.95 -7.28
N PHE K 220 -18.11 14.11 -7.59
CA PHE K 220 -16.92 14.18 -8.44
C PHE K 220 -15.70 13.71 -7.66
N THR K 221 -15.56 12.39 -7.54
CA THR K 221 -14.48 11.77 -6.78
C THR K 221 -13.82 10.71 -7.66
N GLU K 222 -12.55 10.41 -7.36
CA GLU K 222 -11.81 9.44 -8.17
C GLU K 222 -12.45 8.05 -8.13
N THR K 223 -13.09 7.71 -7.01
CA THR K 223 -13.82 6.46 -6.88
C THR K 223 -14.91 6.34 -7.93
N ASN K 224 -15.72 7.39 -8.05
CA ASN K 224 -16.81 7.44 -9.04
C ASN K 224 -16.28 7.53 -10.46
N LEU K 225 -15.26 8.37 -10.66
CA LEU K 225 -14.70 8.58 -12.00
C LEU K 225 -14.06 7.32 -12.59
N LYS K 226 -13.25 6.62 -11.79
CA LYS K 226 -12.59 5.40 -12.26
C LYS K 226 -13.57 4.24 -12.43
N GLU K 227 -14.71 4.31 -11.73
CA GLU K 227 -15.79 3.35 -11.93
C GLU K 227 -16.45 3.56 -13.30
N ALA K 228 -16.58 4.82 -13.71
CA ALA K 228 -17.18 5.15 -15.01
C ALA K 228 -16.18 4.98 -16.16
N TYR K 229 -15.01 5.59 -16.03
CA TYR K 229 -14.00 5.58 -17.10
C TYR K 229 -13.26 4.25 -17.25
N GLY K 230 -13.38 3.38 -16.24
CA GLY K 230 -12.89 2.01 -16.34
C GLY K 230 -14.02 1.00 -16.57
N ASN K 231 -15.15 1.50 -17.07
CA ASN K 231 -16.37 0.70 -17.28
C ASN K 231 -16.86 0.02 -16.00
N GLN K 232 -16.22 -1.06 -15.60
CA GLN K 232 -16.49 -1.70 -14.30
C GLN K 232 -15.30 -2.55 -13.83
N LEU K 233 -14.10 -2.24 -14.31
CA LEU K 233 -12.93 -3.10 -14.11
C LEU K 233 -11.63 -2.28 -14.01
N PHE K 234 -11.68 -1.15 -13.31
CA PHE K 234 -10.51 -0.31 -13.14
C PHE K 234 -9.61 -0.85 -12.04
N PHE K 235 -8.33 -1.03 -12.36
CA PHE K 235 -7.33 -1.43 -11.38
C PHE K 235 -6.28 -0.33 -11.23
N ASN K 236 -5.88 -0.07 -9.98
CA ASN K 236 -4.96 1.03 -9.67
C ASN K 236 -3.52 0.66 -10.01
N MET L 1 -31.75 35.30 -86.42
CA MET L 1 -32.25 34.37 -85.36
C MET L 1 -32.90 35.12 -84.20
N ILE L 2 -32.23 36.17 -83.73
CA ILE L 2 -32.73 36.96 -82.60
C ILE L 2 -33.95 37.77 -83.02
N ALA L 3 -33.87 38.39 -84.20
CA ALA L 3 -35.00 39.14 -84.77
C ALA L 3 -36.16 38.21 -85.14
N GLU L 4 -35.83 36.99 -85.60
CA GLU L 4 -36.84 36.00 -85.95
C GLU L 4 -37.55 35.43 -84.72
N PHE L 5 -36.80 35.29 -83.62
CA PHE L 5 -37.37 34.77 -82.37
C PHE L 5 -38.36 35.75 -81.74
N ILE L 6 -38.03 37.04 -81.78
CA ILE L 6 -38.92 38.08 -81.28
C ILE L 6 -40.19 38.18 -82.12
N ASP L 7 -40.04 38.06 -83.44
CA ASP L 7 -41.17 38.11 -84.36
C ASP L 7 -42.09 36.89 -84.20
N GLY L 8 -41.50 35.73 -83.92
CA GLY L 8 -42.27 34.50 -83.69
C GLY L 8 -43.09 34.52 -82.41
N LEU L 9 -42.59 35.21 -81.39
CA LEU L 9 -43.29 35.33 -80.10
C LEU L 9 -44.53 36.23 -80.18
N GLN L 10 -44.59 37.11 -81.17
CA GLN L 10 -45.74 37.98 -81.38
C GLN L 10 -46.52 37.57 -82.63
N LYS L 11 -46.67 36.26 -82.82
CA LYS L 11 -47.25 35.73 -84.06
C LYS L 11 -47.87 34.34 -83.85
N PHE L 12 -47.05 33.38 -83.39
CA PHE L 12 -47.48 31.99 -83.22
C PHE L 12 -47.77 31.68 -81.75
N HIS L 13 -48.86 30.97 -81.50
CA HIS L 13 -49.26 30.60 -80.14
C HIS L 13 -48.36 29.52 -79.53
N PHE L 14 -47.77 28.68 -80.37
CA PHE L 14 -46.95 27.56 -79.87
C PHE L 14 -45.62 28.04 -79.29
N LEU L 15 -45.06 29.09 -79.87
CA LEU L 15 -43.81 29.68 -79.37
C LEU L 15 -44.06 30.53 -78.12
N GLN L 16 -45.25 31.13 -78.04
CA GLN L 16 -45.67 31.86 -76.84
C GLN L 16 -45.82 30.90 -75.66
N ASN L 17 -46.55 29.81 -75.89
CA ASN L 17 -46.75 28.79 -74.86
C ASN L 17 -45.44 28.07 -74.52
N ALA L 18 -44.55 27.95 -75.49
CA ALA L 18 -43.22 27.38 -75.27
C ALA L 18 -42.42 28.28 -74.33
N LEU L 19 -42.43 29.59 -74.59
CA LEU L 19 -41.70 30.55 -73.76
C LEU L 19 -42.28 30.64 -72.35
N ILE L 20 -43.60 30.82 -72.26
CA ILE L 20 -44.28 30.98 -70.96
C ILE L 20 -44.09 29.74 -70.08
N THR L 21 -44.33 28.57 -70.65
CA THR L 21 -44.18 27.31 -69.91
C THR L 21 -42.74 27.08 -69.46
N ALA L 22 -41.81 27.28 -70.38
CA ALA L 22 -40.38 27.10 -70.09
C ALA L 22 -39.90 27.99 -68.95
N ILE L 23 -40.36 29.24 -68.93
CA ILE L 23 -40.01 30.18 -67.84
C ILE L 23 -40.58 29.70 -66.51
N VAL L 24 -41.84 29.27 -66.52
CA VAL L 24 -42.53 28.84 -65.30
C VAL L 24 -41.87 27.61 -64.69
N VAL L 25 -41.43 26.67 -65.53
CA VAL L 25 -40.73 25.47 -65.06
C VAL L 25 -39.38 25.86 -64.43
N GLY L 26 -38.67 26.78 -65.06
CA GLY L 26 -37.38 27.24 -64.57
C GLY L 26 -37.44 27.91 -63.21
N ILE L 27 -38.47 28.73 -62.99
CA ILE L 27 -38.66 29.42 -61.72
C ILE L 27 -38.99 28.45 -60.58
N VAL L 28 -39.94 27.55 -60.84
CA VAL L 28 -40.47 26.68 -59.80
C VAL L 28 -39.51 25.52 -59.50
N ALA L 29 -38.86 24.98 -60.53
CA ALA L 29 -37.85 23.94 -60.35
C ALA L 29 -36.62 24.47 -59.62
N GLY L 30 -36.24 25.71 -59.92
CA GLY L 30 -35.13 26.37 -59.23
C GLY L 30 -35.44 26.69 -57.78
N ALA L 31 -36.68 27.09 -57.51
CA ALA L 31 -37.12 27.40 -56.15
C ALA L 31 -37.13 26.14 -55.27
N VAL L 32 -37.77 25.09 -55.77
CA VAL L 32 -37.82 23.81 -55.07
C VAL L 32 -36.42 23.18 -54.98
N GLY L 33 -35.66 23.32 -56.05
CA GLY L 33 -34.29 22.78 -56.12
C GLY L 33 -33.34 23.24 -55.04
N CYS L 34 -33.57 24.46 -54.53
CA CYS L 34 -32.78 24.99 -53.42
C CYS L 34 -32.90 24.10 -52.19
N PHE L 35 -34.14 23.72 -51.86
CA PHE L 35 -34.40 22.87 -50.70
C PHE L 35 -33.88 21.45 -50.91
N ILE L 36 -33.89 20.99 -52.16
CA ILE L 36 -33.42 19.65 -52.50
C ILE L 36 -31.93 19.48 -52.19
N ILE L 37 -31.10 20.41 -52.66
CA ILE L 37 -29.65 20.31 -52.47
C ILE L 37 -29.21 20.68 -51.05
N LEU L 38 -29.91 21.61 -50.41
CA LEU L 38 -29.60 22.03 -49.04
C LEU L 38 -29.87 20.93 -48.02
N ARG L 39 -30.97 20.19 -48.23
CA ARG L 39 -31.34 19.09 -47.34
C ARG L 39 -30.62 17.78 -47.68
N GLY L 40 -29.89 17.75 -48.80
CA GLY L 40 -29.14 16.57 -49.22
C GLY L 40 -30.03 15.53 -49.85
N MET L 41 -30.92 15.98 -50.74
CA MET L 41 -31.89 15.11 -51.39
C MET L 41 -31.67 15.06 -52.91
N SER L 42 -30.43 15.26 -53.34
CA SER L 42 -30.09 15.31 -54.77
C SER L 42 -30.39 13.97 -55.46
N LEU L 43 -30.06 12.87 -54.78
CA LEU L 43 -30.37 11.54 -55.27
C LEU L 43 -31.89 11.31 -55.37
N MET L 44 -32.62 11.80 -54.38
CA MET L 44 -34.07 11.63 -54.32
C MET L 44 -34.79 12.42 -55.43
N GLY L 45 -34.17 13.50 -55.89
CA GLY L 45 -34.72 14.29 -57.00
C GLY L 45 -34.77 13.52 -58.31
N ASP L 46 -33.72 12.74 -58.57
CA ASP L 46 -33.64 11.93 -59.78
C ASP L 46 -34.51 10.67 -59.67
N ALA L 47 -34.63 10.12 -58.47
CA ALA L 47 -35.42 8.91 -58.23
C ALA L 47 -36.92 9.17 -58.40
N ILE L 48 -37.39 10.30 -57.91
CA ILE L 48 -38.81 10.69 -58.03
C ILE L 48 -39.18 10.94 -59.49
N SER L 49 -38.26 11.52 -60.26
CA SER L 49 -38.48 11.73 -61.69
C SER L 49 -38.83 10.43 -62.42
N HIS L 50 -38.11 9.35 -62.08
CA HIS L 50 -38.35 8.04 -62.69
C HIS L 50 -39.61 7.38 -62.13
N ALA L 51 -39.81 7.50 -60.82
CA ALA L 51 -40.96 6.89 -60.14
C ALA L 51 -42.30 7.50 -60.57
N VAL L 52 -42.27 8.76 -61.00
CA VAL L 52 -43.47 9.46 -61.44
C VAL L 52 -43.98 8.95 -62.80
N LEU L 53 -43.05 8.60 -63.70
CA LEU L 53 -43.40 8.19 -65.07
C LEU L 53 -44.53 7.15 -65.17
N PRO L 54 -44.41 6.01 -64.48
CA PRO L 54 -45.49 5.01 -64.56
C PRO L 54 -46.83 5.51 -64.00
N GLY L 55 -46.78 6.44 -63.06
CA GLY L 55 -47.98 7.11 -62.56
C GLY L 55 -48.63 8.00 -63.61
N VAL L 56 -47.80 8.75 -64.32
CA VAL L 56 -48.29 9.64 -65.39
C VAL L 56 -48.83 8.82 -66.57
N ALA L 57 -48.15 7.73 -66.89
CA ALA L 57 -48.56 6.85 -67.99
C ALA L 57 -49.87 6.14 -67.68
N LEU L 58 -49.97 5.57 -66.48
CA LEU L 58 -51.16 4.84 -66.05
C LEU L 58 -52.35 5.77 -65.82
N SER L 59 -52.07 7.02 -65.48
CA SER L 59 -53.12 8.02 -65.28
C SER L 59 -53.84 8.39 -66.58
N PHE L 60 -53.14 8.27 -67.71
CA PHE L 60 -53.72 8.56 -69.02
C PHE L 60 -54.75 7.51 -69.44
N ILE L 61 -54.35 6.24 -69.41
CA ILE L 61 -55.21 5.14 -69.85
C ILE L 61 -56.47 4.96 -68.99
N LEU L 62 -56.34 5.18 -67.68
CA LEU L 62 -57.50 5.16 -66.77
C LEU L 62 -58.39 6.38 -66.96
N GLY L 63 -57.79 7.50 -67.37
CA GLY L 63 -58.51 8.74 -67.63
C GLY L 63 -58.56 9.67 -66.42
N LEU L 64 -57.53 9.59 -65.58
CA LEU L 64 -57.41 10.45 -64.40
C LEU L 64 -56.45 11.60 -64.65
N ASP L 65 -56.38 12.52 -63.70
CA ASP L 65 -55.46 13.65 -63.78
C ASP L 65 -54.02 13.19 -63.54
N PHE L 66 -53.08 13.80 -64.26
CA PHE L 66 -51.67 13.39 -64.21
C PHE L 66 -51.03 13.61 -62.84
N PHE L 67 -51.46 14.64 -62.13
CA PHE L 67 -50.92 14.96 -60.80
C PHE L 67 -51.29 13.91 -59.75
N ILE L 68 -52.44 13.26 -59.93
CA ILE L 68 -52.91 12.24 -59.00
C ILE L 68 -52.09 10.96 -59.16
N GLY L 69 -51.85 10.54 -60.40
CA GLY L 69 -51.06 9.35 -60.69
C GLY L 69 -49.61 9.47 -60.23
N ALA L 70 -49.03 10.66 -60.42
CA ALA L 70 -47.66 10.92 -60.02
C ALA L 70 -47.44 10.78 -58.52
N ILE L 71 -48.38 11.31 -57.73
CA ILE L 71 -48.30 11.24 -56.27
C ILE L 71 -48.49 9.80 -55.77
N VAL L 72 -49.39 9.05 -56.42
CA VAL L 72 -49.66 7.66 -56.04
C VAL L 72 -48.43 6.79 -56.28
N PHE L 73 -47.89 6.82 -57.50
CA PHE L 73 -46.68 6.07 -57.83
C PHE L 73 -45.42 6.67 -57.21
N GLY L 74 -45.48 7.97 -56.87
CA GLY L 74 -44.39 8.64 -56.17
C GLY L 74 -44.23 8.11 -54.75
N LEU L 75 -45.33 8.02 -54.02
CA LEU L 75 -45.32 7.52 -52.65
C LEU L 75 -45.24 5.99 -52.61
N LEU L 76 -45.77 5.32 -53.62
CA LEU L 76 -45.69 3.85 -53.73
C LEU L 76 -44.23 3.39 -53.86
N ALA L 77 -43.42 4.20 -54.52
CA ALA L 77 -41.98 3.93 -54.62
C ALA L 77 -41.28 4.21 -53.29
N ALA L 78 -41.66 5.31 -52.64
CA ALA L 78 -41.06 5.72 -51.37
C ALA L 78 -41.22 4.69 -50.25
N ILE L 79 -42.40 4.07 -50.17
CA ILE L 79 -42.65 3.03 -49.16
C ILE L 79 -41.93 1.72 -49.49
N ILE L 80 -41.72 1.44 -50.78
CA ILE L 80 -40.95 0.28 -51.20
C ILE L 80 -39.48 0.45 -50.83
N ILE L 81 -38.95 1.65 -51.01
CA ILE L 81 -37.58 1.96 -50.59
C ILE L 81 -37.40 1.66 -49.10
N THR L 82 -38.33 2.15 -48.29
CA THR L 82 -38.31 1.91 -46.84
C THR L 82 -38.49 0.44 -46.49
N TYR L 83 -39.30 -0.27 -47.27
CA TYR L 83 -39.52 -1.70 -47.06
C TYR L 83 -38.28 -2.54 -47.37
N ILE L 84 -37.44 -2.07 -48.31
CA ILE L 84 -36.18 -2.73 -48.62
C ILE L 84 -35.18 -2.53 -47.47
N LYS L 85 -34.98 -1.28 -47.08
CA LYS L 85 -34.02 -0.94 -46.01
C LYS L 85 -34.32 -1.70 -44.72
N GLY L 86 -35.58 -1.70 -44.30
CA GLY L 86 -35.97 -2.29 -43.02
C GLY L 86 -35.94 -3.81 -43.01
N ASN L 87 -36.58 -4.43 -43.99
CA ASN L 87 -36.77 -5.88 -44.01
C ASN L 87 -35.75 -6.63 -44.89
N SER L 88 -34.60 -6.03 -45.16
CA SER L 88 -33.54 -6.71 -45.91
C SER L 88 -32.16 -6.11 -45.67
N ILE L 89 -31.15 -6.78 -46.20
CA ILE L 89 -29.75 -6.39 -46.04
C ILE L 89 -29.32 -5.35 -47.10
N ILE L 90 -30.14 -5.18 -48.13
CA ILE L 90 -29.84 -4.25 -49.22
C ILE L 90 -29.79 -2.81 -48.69
N LYS L 91 -28.78 -2.06 -49.14
CA LYS L 91 -28.51 -0.72 -48.63
C LYS L 91 -29.33 0.36 -49.35
N SER L 92 -29.26 1.59 -48.85
CA SER L 92 -30.10 2.69 -49.31
C SER L 92 -29.94 3.01 -50.80
N ASP L 93 -28.70 3.27 -51.22
CA ASP L 93 -28.43 3.65 -52.61
C ASP L 93 -28.81 2.54 -53.60
N THR L 94 -28.61 1.29 -53.20
CA THR L 94 -28.98 0.13 -54.02
C THR L 94 -30.51 -0.02 -54.10
N ALA L 95 -31.20 0.23 -52.98
CA ALA L 95 -32.66 0.15 -52.93
C ALA L 95 -33.31 1.25 -53.78
N ILE L 96 -32.74 2.45 -53.71
CA ILE L 96 -33.21 3.59 -54.52
C ILE L 96 -32.96 3.35 -56.00
N GLY L 97 -31.82 2.72 -56.33
CA GLY L 97 -31.46 2.44 -57.72
C GLY L 97 -32.34 1.40 -58.39
N ILE L 98 -32.64 0.32 -57.67
CA ILE L 98 -33.44 -0.79 -58.22
C ILE L 98 -34.88 -0.37 -58.46
N THR L 99 -35.48 0.30 -57.48
CA THR L 99 -36.89 0.71 -57.57
C THR L 99 -37.12 1.87 -58.55
N SER L 100 -36.14 2.74 -58.72
CA SER L 100 -36.26 3.88 -59.64
C SER L 100 -36.14 3.44 -61.10
N SER L 101 -35.15 2.59 -61.39
CA SER L 101 -34.93 2.09 -62.74
C SER L 101 -36.02 1.10 -63.18
N SER L 102 -36.66 0.44 -62.21
CA SER L 102 -37.76 -0.47 -62.50
C SER L 102 -39.03 0.29 -62.86
N PHE L 103 -39.33 1.33 -62.08
CA PHE L 103 -40.48 2.19 -62.35
C PHE L 103 -40.35 2.90 -63.71
N LEU L 104 -39.12 3.30 -64.04
CA LEU L 104 -38.81 3.84 -65.36
C LEU L 104 -39.15 2.81 -66.44
N ALA L 105 -38.68 1.58 -66.24
CA ALA L 105 -38.94 0.49 -67.18
C ALA L 105 -40.42 0.14 -67.27
N LEU L 106 -41.12 0.22 -66.14
CA LEU L 106 -42.57 0.00 -66.11
C LEU L 106 -43.31 1.07 -66.91
N GLY L 107 -42.92 2.32 -66.70
CA GLY L 107 -43.53 3.45 -67.39
C GLY L 107 -43.36 3.42 -68.91
N ILE L 108 -42.21 2.95 -69.36
CA ILE L 108 -41.95 2.80 -70.80
C ILE L 108 -42.86 1.73 -71.41
N ILE L 109 -43.05 0.62 -70.70
CA ILE L 109 -43.92 -0.45 -71.16
C ILE L 109 -45.38 0.01 -71.25
N LEU L 110 -45.82 0.75 -70.24
CA LEU L 110 -47.20 1.27 -70.20
C LEU L 110 -47.49 2.24 -71.34
N ILE L 111 -46.53 3.11 -71.65
CA ILE L 111 -46.66 4.06 -72.76
C ILE L 111 -46.53 3.34 -74.10
N GLY L 112 -45.63 2.36 -74.17
CA GLY L 112 -45.34 1.63 -75.41
C GLY L 112 -46.55 1.01 -76.09
N VAL L 113 -47.46 0.46 -75.30
CA VAL L 113 -48.67 -0.20 -75.84
C VAL L 113 -49.90 0.71 -75.87
N ALA L 114 -49.97 1.68 -74.95
CA ALA L 114 -51.10 2.60 -74.87
C ALA L 114 -51.02 3.66 -75.97
N LYS L 115 -49.88 4.36 -76.02
CA LYS L 115 -49.66 5.44 -76.99
C LYS L 115 -48.57 5.08 -77.99
N SER L 116 -48.27 6.00 -78.90
CA SER L 116 -47.27 5.80 -79.94
C SER L 116 -45.84 5.96 -79.40
N SER L 117 -44.87 5.63 -80.25
CA SER L 117 -43.45 5.76 -79.90
C SER L 117 -42.99 7.22 -79.90
N THR L 118 -43.71 8.07 -80.64
CA THR L 118 -43.42 9.51 -80.65
C THR L 118 -43.79 10.15 -79.32
N ASP L 119 -44.90 9.70 -78.73
CA ASP L 119 -45.32 10.16 -77.39
C ASP L 119 -44.28 9.80 -76.33
N LEU L 120 -43.73 8.59 -76.43
CA LEU L 120 -42.68 8.13 -75.53
C LEU L 120 -41.45 9.04 -75.59
N PHE L 121 -41.08 9.44 -76.80
CA PHE L 121 -39.96 10.36 -77.00
C PHE L 121 -40.24 11.73 -76.39
N HIS L 122 -41.46 12.22 -76.57
CA HIS L 122 -41.86 13.53 -76.04
C HIS L 122 -41.94 13.56 -74.50
N ILE L 123 -42.37 12.45 -73.90
CA ILE L 123 -42.47 12.35 -72.44
C ILE L 123 -41.08 12.27 -71.79
N LEU L 124 -40.16 11.55 -72.43
CA LEU L 124 -38.82 11.35 -71.88
C LEU L 124 -37.89 12.55 -72.10
N PHE L 125 -37.96 13.16 -73.28
CA PHE L 125 -37.02 14.23 -73.65
C PHE L 125 -37.66 15.60 -73.90
N GLY L 126 -38.96 15.71 -73.67
CA GLY L 126 -39.66 17.00 -73.73
C GLY L 126 -40.36 17.29 -75.05
N ASN L 127 -41.27 18.26 -75.01
CA ASN L 127 -42.00 18.72 -76.17
C ASN L 127 -42.47 20.15 -75.91
N ILE L 128 -41.50 21.05 -75.74
CA ILE L 128 -41.76 22.43 -75.32
C ILE L 128 -42.53 23.25 -76.37
N LEU L 129 -42.35 22.92 -77.64
CA LEU L 129 -43.01 23.66 -78.72
C LEU L 129 -44.51 23.36 -78.75
N ALA L 130 -44.87 22.09 -78.71
CA ALA L 130 -46.27 21.67 -78.79
C ALA L 130 -46.91 21.49 -77.40
N VAL L 131 -47.21 22.62 -76.77
CA VAL L 131 -47.95 22.63 -75.50
C VAL L 131 -49.21 23.47 -75.65
N GLN L 132 -50.37 22.85 -75.41
CA GLN L 132 -51.65 23.52 -75.61
C GLN L 132 -51.95 24.49 -74.48
N ASP L 133 -53.00 25.30 -74.67
CA ASP L 133 -53.36 26.35 -73.72
C ASP L 133 -53.80 25.80 -72.36
N THR L 134 -54.61 24.73 -72.38
CA THR L 134 -55.07 24.11 -71.15
C THR L 134 -53.91 23.66 -70.26
N ASP L 135 -52.90 23.05 -70.87
CA ASP L 135 -51.71 22.59 -70.13
C ASP L 135 -50.88 23.77 -69.61
N MET L 136 -50.82 24.85 -70.39
CA MET L 136 -50.09 26.06 -70.00
C MET L 136 -50.72 26.71 -68.77
N PHE L 137 -52.05 26.86 -68.78
CA PHE L 137 -52.76 27.48 -67.67
C PHE L 137 -52.68 26.65 -66.39
N ILE L 138 -52.73 25.32 -66.54
CA ILE L 138 -52.59 24.41 -65.41
C ILE L 138 -51.16 24.46 -64.84
N THR L 139 -50.18 24.60 -65.71
CA THR L 139 -48.78 24.74 -65.29
C THR L 139 -48.57 26.00 -64.44
N MET L 140 -49.21 27.09 -64.83
CA MET L 140 -49.15 28.35 -64.06
C MET L 140 -49.85 28.21 -62.71
N GLY L 141 -51.01 27.58 -62.71
CA GLY L 141 -51.81 27.39 -61.50
C GLY L 141 -51.10 26.56 -60.45
N VAL L 142 -50.62 25.38 -60.86
CA VAL L 142 -49.86 24.50 -59.96
C VAL L 142 -48.47 25.08 -59.66
N GLY L 143 -47.92 25.84 -60.60
CA GLY L 143 -46.64 26.51 -60.39
C GLY L 143 -46.73 27.61 -59.34
N ALA L 144 -47.79 28.41 -59.42
CA ALA L 144 -48.08 29.44 -58.41
C ALA L 144 -48.44 28.82 -57.07
N ALA L 145 -49.13 27.68 -57.11
CA ALA L 145 -49.49 26.93 -55.90
C ALA L 145 -48.24 26.45 -55.14
N ILE L 146 -47.24 26.01 -55.89
CA ILE L 146 -45.96 25.59 -55.31
C ILE L 146 -45.25 26.76 -54.65
N LEU L 147 -45.17 27.89 -55.34
CA LEU L 147 -44.44 29.06 -54.86
C LEU L 147 -45.06 29.67 -53.60
N LEU L 148 -46.40 29.78 -53.57
CA LEU L 148 -47.08 30.35 -52.40
C LEU L 148 -47.02 29.40 -51.20
N LEU L 149 -47.07 28.09 -51.46
CA LEU L 149 -46.90 27.11 -50.38
C LEU L 149 -45.53 27.24 -49.71
N ILE L 150 -44.50 27.46 -50.52
CA ILE L 150 -43.15 27.73 -50.01
C ILE L 150 -43.13 29.05 -49.24
N TRP L 151 -43.82 30.06 -49.79
CA TRP L 151 -43.91 31.39 -49.15
C TRP L 151 -44.63 31.32 -47.80
N ILE L 152 -45.73 30.58 -47.73
CA ILE L 152 -46.49 30.42 -46.49
C ILE L 152 -45.66 29.72 -45.43
N PHE L 153 -45.00 28.62 -45.80
CA PHE L 153 -44.18 27.83 -44.87
C PHE L 153 -42.68 28.09 -45.06
N PHE L 154 -42.29 29.35 -45.29
CA PHE L 154 -40.90 29.68 -45.54
C PHE L 154 -40.06 29.53 -44.28
N LYS L 155 -40.47 30.20 -43.21
CA LYS L 155 -39.80 30.12 -41.91
C LYS L 155 -39.73 28.67 -41.40
N GLN L 156 -40.76 27.89 -41.72
CA GLN L 156 -40.83 26.49 -41.30
C GLN L 156 -39.85 25.64 -42.09
N LEU L 157 -39.82 25.85 -43.41
CA LEU L 157 -38.88 25.14 -44.29
C LEU L 157 -37.43 25.58 -44.06
N LEU L 158 -37.25 26.86 -43.72
CA LEU L 158 -35.91 27.40 -43.45
C LEU L 158 -35.25 26.72 -42.26
N ILE L 159 -35.94 26.74 -41.12
CA ILE L 159 -35.39 26.17 -39.88
C ILE L 159 -35.21 24.65 -39.96
N THR L 160 -36.10 23.96 -40.67
CA THR L 160 -36.03 22.51 -40.80
C THR L 160 -34.95 22.07 -41.80
N SER L 161 -34.68 22.90 -42.80
CA SER L 161 -33.61 22.63 -43.76
C SER L 161 -32.23 22.93 -43.17
N PHE L 162 -32.14 24.02 -42.40
CA PHE L 162 -30.88 24.44 -41.79
C PHE L 162 -30.53 23.58 -40.56
N ASP L 163 -31.48 23.45 -39.65
CA ASP L 163 -31.25 22.76 -38.38
C ASP L 163 -32.48 21.95 -37.96
N GLU L 164 -32.55 20.71 -38.45
CA GLU L 164 -33.68 19.82 -38.17
C GLU L 164 -33.73 19.42 -36.69
N LEU L 165 -32.57 19.27 -36.07
CA LEU L 165 -32.47 18.89 -34.66
C LEU L 165 -33.06 19.96 -33.74
N LEU L 166 -32.92 21.23 -34.14
CA LEU L 166 -33.55 22.34 -33.43
C LEU L 166 -35.07 22.33 -33.60
N ALA L 167 -35.52 22.03 -34.82
CA ALA L 167 -36.95 21.95 -35.13
C ALA L 167 -37.64 20.85 -34.32
N LYS L 168 -36.97 19.69 -34.20
CA LYS L 168 -37.47 18.60 -33.37
C LYS L 168 -37.52 18.99 -31.89
N ALA L 169 -36.49 19.70 -31.44
CA ALA L 169 -36.42 20.18 -30.05
C ALA L 169 -37.51 21.21 -29.74
N MET L 170 -37.86 22.03 -30.73
CA MET L 170 -38.95 23.00 -30.58
C MET L 170 -40.34 22.36 -30.65
N GLY L 171 -40.40 21.15 -31.20
CA GLY L 171 -41.65 20.39 -31.28
C GLY L 171 -42.37 20.52 -32.60
N MET L 172 -41.63 20.85 -33.66
CA MET L 172 -42.22 21.03 -34.99
C MET L 172 -42.37 19.67 -35.67
N PRO L 173 -43.45 19.49 -36.45
CA PRO L 173 -43.61 18.26 -37.22
C PRO L 173 -42.70 18.27 -38.45
N VAL L 174 -41.49 17.73 -38.28
CA VAL L 174 -40.49 17.73 -39.35
C VAL L 174 -40.90 16.85 -40.55
N ASN L 175 -41.69 15.80 -40.27
CA ASN L 175 -42.16 14.90 -41.32
C ASN L 175 -43.14 15.60 -42.26
N PHE L 176 -44.04 16.40 -41.70
CA PHE L 176 -45.01 17.16 -42.49
C PHE L 176 -44.34 18.01 -43.57
N TYR L 177 -43.24 18.68 -43.20
CA TYR L 177 -42.51 19.55 -44.13
C TYR L 177 -41.61 18.76 -45.07
N HIS L 178 -41.17 17.58 -44.63
CA HIS L 178 -40.44 16.65 -45.51
C HIS L 178 -41.38 16.12 -46.59
N TYR L 179 -42.56 15.65 -46.18
CA TYR L 179 -43.56 15.16 -47.13
C TYR L 179 -44.13 16.26 -48.02
N LEU L 180 -44.25 17.47 -47.47
CA LEU L 180 -44.68 18.63 -48.26
C LEU L 180 -43.71 18.89 -49.42
N LEU L 181 -42.41 18.77 -49.13
CA LEU L 181 -41.37 18.97 -50.14
C LEU L 181 -41.42 17.92 -51.24
N MET L 182 -41.73 16.67 -50.86
CA MET L 182 -41.85 15.58 -51.82
C MET L 182 -43.08 15.75 -52.72
N VAL L 183 -44.16 16.31 -52.16
CA VAL L 183 -45.35 16.64 -52.95
C VAL L 183 -45.04 17.76 -53.93
N LEU L 184 -44.35 18.80 -53.44
CA LEU L 184 -43.93 19.91 -54.30
C LEU L 184 -42.95 19.45 -55.38
N LEU L 185 -42.09 18.49 -55.04
CA LEU L 185 -41.12 17.92 -55.98
C LEU L 185 -41.80 17.18 -57.13
N THR L 186 -42.83 16.38 -56.80
CA THR L 186 -43.56 15.61 -57.82
C THR L 186 -44.39 16.49 -58.74
N LEU L 187 -44.98 17.55 -58.18
CA LEU L 187 -45.73 18.53 -58.98
C LEU L 187 -44.84 19.23 -60.00
N VAL L 188 -43.59 19.51 -59.61
CA VAL L 188 -42.59 20.08 -60.51
C VAL L 188 -42.16 19.08 -61.58
N SER L 189 -41.91 17.84 -61.16
CA SER L 189 -41.44 16.79 -62.08
C SER L 189 -42.35 16.64 -63.30
N VAL L 190 -43.65 16.43 -63.06
CA VAL L 190 -44.62 16.30 -64.15
C VAL L 190 -44.72 17.57 -64.99
N THR L 191 -44.64 18.73 -64.34
CA THR L 191 -44.63 20.03 -65.01
C THR L 191 -43.37 20.18 -65.87
N ALA L 192 -42.24 19.68 -65.37
CA ALA L 192 -40.96 19.77 -66.07
C ALA L 192 -40.83 18.82 -67.27
N MET L 193 -41.72 17.83 -67.36
CA MET L 193 -41.73 16.90 -68.50
C MET L 193 -41.96 17.62 -69.84
N GLN L 194 -42.67 18.75 -69.80
CA GLN L 194 -42.94 19.51 -71.01
C GLN L 194 -41.67 20.11 -71.62
N SER L 195 -40.84 20.73 -70.78
CA SER L 195 -39.65 21.44 -71.24
C SER L 195 -38.44 20.51 -71.43
N VAL L 196 -37.98 19.92 -70.32
CA VAL L 196 -36.74 19.10 -70.34
C VAL L 196 -36.99 17.59 -70.36
N GLY L 197 -38.23 17.16 -70.16
CA GLY L 197 -38.57 15.75 -70.22
C GLY L 197 -38.16 15.00 -68.96
N THR L 198 -38.68 13.78 -68.81
CA THR L 198 -38.44 12.94 -67.63
C THR L 198 -36.96 12.64 -67.38
N ILE L 199 -36.18 12.52 -68.45
CA ILE L 199 -34.75 12.17 -68.34
C ILE L 199 -33.92 13.29 -67.70
N LEU L 200 -34.30 14.55 -67.93
CA LEU L 200 -33.49 15.69 -67.48
C LEU L 200 -34.22 16.61 -66.49
N ILE L 201 -35.15 16.07 -65.71
CA ILE L 201 -35.80 16.84 -64.65
C ILE L 201 -34.79 17.21 -63.56
N VAL L 202 -33.98 16.24 -63.16
CA VAL L 202 -32.98 16.44 -62.11
C VAL L 202 -32.06 17.62 -62.38
N ALA L 203 -31.71 17.84 -63.65
CA ALA L 203 -30.82 18.94 -64.04
C ALA L 203 -31.41 20.30 -63.68
N MET L 204 -32.70 20.48 -63.94
CA MET L 204 -33.38 21.76 -63.65
C MET L 204 -33.55 22.02 -62.15
N LEU L 205 -33.57 20.96 -61.35
CA LEU L 205 -33.67 21.11 -59.89
C LEU L 205 -32.34 21.53 -59.29
N ILE L 206 -31.30 20.71 -59.49
CA ILE L 206 -30.03 20.88 -58.76
C ILE L 206 -29.06 21.90 -59.36
N THR L 207 -29.03 22.03 -60.69
CA THR L 207 -28.01 22.86 -61.35
C THR L 207 -28.20 24.37 -61.13
N PRO L 208 -29.42 24.90 -61.36
CA PRO L 208 -29.64 26.32 -61.06
C PRO L 208 -29.56 26.62 -59.55
N ALA L 209 -29.95 25.66 -58.73
CA ALA L 209 -29.84 25.79 -57.28
C ALA L 209 -28.38 25.81 -56.83
N ALA L 210 -27.57 24.93 -57.42
CA ALA L 210 -26.14 24.87 -57.12
C ALA L 210 -25.38 26.11 -57.61
N THR L 211 -25.84 26.68 -58.72
CA THR L 211 -25.26 27.92 -59.24
C THR L 211 -25.56 29.08 -58.30
N ALA L 212 -26.80 29.16 -57.83
CA ALA L 212 -27.22 30.19 -56.88
C ALA L 212 -26.56 30.00 -55.51
N TYR L 213 -26.26 28.75 -55.17
CA TYR L 213 -25.61 28.40 -53.91
C TYR L 213 -24.22 29.02 -53.75
N LEU L 214 -23.56 29.29 -54.89
CA LEU L 214 -22.23 29.90 -54.89
C LEU L 214 -22.27 31.40 -54.54
N TYR L 215 -23.39 32.06 -54.83
CA TYR L 215 -23.53 33.50 -54.58
C TYR L 215 -24.30 33.83 -53.30
N ALA L 216 -25.41 33.14 -53.08
CA ALA L 216 -26.41 33.55 -52.09
C ALA L 216 -25.91 33.64 -50.65
N ASN L 217 -26.28 34.74 -49.99
CA ASN L 217 -25.99 34.94 -48.56
C ASN L 217 -27.25 34.71 -47.70
N SER L 218 -28.34 34.29 -48.33
CA SER L 218 -29.57 33.94 -47.61
C SER L 218 -30.43 33.01 -48.48
N LEU L 219 -31.37 32.31 -47.84
CA LEU L 219 -32.27 31.39 -48.55
C LEU L 219 -33.19 32.14 -49.50
N LYS L 220 -33.65 33.32 -49.10
CA LYS L 220 -34.49 34.17 -49.96
C LYS L 220 -33.71 34.58 -51.21
N SER L 221 -32.47 35.00 -51.02
CA SER L 221 -31.57 35.36 -52.13
C SER L 221 -31.27 34.16 -53.03
N MET L 222 -31.13 32.99 -52.42
CA MET L 222 -30.82 31.76 -53.15
C MET L 222 -31.95 31.31 -54.07
N ILE L 223 -33.19 31.40 -53.58
CA ILE L 223 -34.36 31.06 -54.39
C ILE L 223 -34.53 32.04 -55.54
N PHE L 224 -34.31 33.32 -55.28
CA PHE L 224 -34.43 34.37 -56.30
C PHE L 224 -33.40 34.18 -57.42
N LEU L 225 -32.18 33.80 -57.05
CA LEU L 225 -31.13 33.54 -58.04
C LEU L 225 -31.38 32.24 -58.80
N SER L 226 -31.68 31.17 -58.06
CA SER L 226 -31.94 29.86 -58.66
C SER L 226 -33.11 29.89 -59.64
N SER L 227 -34.14 30.68 -59.31
CA SER L 227 -35.28 30.87 -60.20
C SER L 227 -34.90 31.69 -61.44
N THR L 228 -34.02 32.66 -61.27
CA THR L 228 -33.51 33.47 -62.39
C THR L 228 -32.59 32.66 -63.30
N PHE L 229 -31.67 31.91 -62.70
CA PHE L 229 -30.78 31.02 -63.46
C PHE L 229 -31.57 29.98 -64.24
N GLY L 230 -32.57 29.39 -63.59
CA GLY L 230 -33.44 28.40 -64.21
C GLY L 230 -34.31 28.98 -65.31
N ALA L 231 -34.83 30.18 -65.09
CA ALA L 231 -35.67 30.87 -66.07
C ALA L 231 -34.84 31.34 -67.28
N THR L 232 -33.66 31.88 -67.01
CA THR L 232 -32.75 32.36 -68.06
C THR L 232 -32.28 31.21 -68.94
N ALA L 233 -31.87 30.11 -68.30
CA ALA L 233 -31.40 28.92 -69.02
C ALA L 233 -32.51 28.25 -69.81
N SER L 234 -33.75 28.37 -69.34
CA SER L 234 -34.92 27.84 -70.06
C SER L 234 -35.23 28.65 -71.31
N VAL L 235 -35.15 29.98 -71.19
CA VAL L 235 -35.43 30.87 -72.32
C VAL L 235 -34.34 30.77 -73.39
N LEU L 236 -33.08 30.74 -72.96
CA LEU L 236 -31.96 30.62 -73.90
C LEU L 236 -31.95 29.24 -74.57
N GLY L 237 -32.13 28.19 -73.79
CA GLY L 237 -32.18 26.83 -74.31
C GLY L 237 -33.31 26.62 -75.33
N LEU L 238 -34.43 27.29 -75.09
CA LEU L 238 -35.53 27.30 -76.05
C LEU L 238 -35.12 28.03 -77.33
N PHE L 239 -34.45 29.17 -77.17
CA PHE L 239 -33.95 29.95 -78.29
C PHE L 239 -32.90 29.17 -79.11
N ILE L 240 -31.99 28.50 -78.42
CA ILE L 240 -30.97 27.68 -79.08
C ILE L 240 -31.62 26.49 -79.80
N GLY L 241 -32.47 25.77 -79.08
CA GLY L 241 -33.16 24.59 -79.63
C GLY L 241 -34.03 24.89 -80.84
N TYR L 242 -34.73 26.02 -80.79
CA TYR L 242 -35.64 26.43 -81.87
C TYR L 242 -34.86 26.93 -83.09
N SER L 243 -33.91 27.84 -82.87
CA SER L 243 -33.17 28.49 -83.95
C SER L 243 -32.24 27.54 -84.69
N PHE L 244 -31.48 26.73 -83.94
CA PHE L 244 -30.49 25.82 -84.52
C PHE L 244 -31.04 24.42 -84.82
N ASN L 245 -32.32 24.19 -84.53
CA ASN L 245 -32.97 22.90 -84.80
C ASN L 245 -32.26 21.76 -84.06
N VAL L 246 -32.21 21.87 -82.73
CA VAL L 246 -31.63 20.85 -81.88
C VAL L 246 -32.51 20.63 -80.65
N ALA L 247 -32.21 19.60 -79.88
CA ALA L 247 -32.98 19.26 -78.68
C ALA L 247 -33.08 20.46 -77.74
N ALA L 248 -34.30 20.95 -77.55
CA ALA L 248 -34.55 22.10 -76.67
C ALA L 248 -34.29 21.75 -75.20
N GLY L 249 -34.64 20.52 -74.82
CA GLY L 249 -34.43 20.05 -73.45
C GLY L 249 -32.97 20.00 -73.04
N SER L 250 -32.14 19.45 -73.92
CA SER L 250 -30.69 19.36 -73.67
C SER L 250 -30.01 20.72 -73.77
N SER L 251 -30.52 21.58 -74.65
CA SER L 251 -29.99 22.93 -74.80
C SER L 251 -30.20 23.76 -73.53
N ILE L 252 -31.34 23.59 -72.88
CA ILE L 252 -31.64 24.26 -71.61
C ILE L 252 -30.67 23.80 -70.52
N VAL L 253 -30.46 22.49 -70.43
CA VAL L 253 -29.56 21.91 -69.41
C VAL L 253 -28.13 22.37 -69.60
N LEU L 254 -27.66 22.39 -70.85
CA LEU L 254 -26.30 22.85 -71.15
C LEU L 254 -26.10 24.33 -70.85
N THR L 255 -27.12 25.15 -71.13
CA THR L 255 -27.08 26.58 -70.83
C THR L 255 -26.99 26.82 -69.33
N ALA L 256 -27.75 26.04 -68.56
CA ALA L 256 -27.68 26.10 -67.10
C ALA L 256 -26.33 25.59 -66.58
N ALA L 257 -25.82 24.55 -67.23
CA ALA L 257 -24.51 23.98 -66.90
C ALA L 257 -23.36 24.95 -67.18
N SER L 258 -23.51 25.77 -68.22
CA SER L 258 -22.51 26.79 -68.54
C SER L 258 -22.50 27.93 -67.52
N PHE L 259 -23.67 28.28 -66.99
CA PHE L 259 -23.75 29.28 -65.92
C PHE L 259 -23.09 28.76 -64.64
N PHE L 260 -23.30 27.49 -64.33
CA PHE L 260 -22.65 26.85 -63.19
C PHE L 260 -21.13 26.86 -63.37
N LEU L 261 -20.68 26.51 -64.57
CA LEU L 261 -19.25 26.47 -64.89
C LEU L 261 -18.61 27.87 -64.79
N ILE L 262 -19.29 28.88 -65.34
CA ILE L 262 -18.81 30.25 -65.25
C ILE L 262 -18.82 30.74 -63.81
N SER L 263 -19.92 30.50 -63.10
CA SER L 263 -20.06 30.89 -61.69
C SER L 263 -19.05 30.19 -60.79
N PHE L 264 -18.63 28.99 -61.17
CA PHE L 264 -17.63 28.24 -60.41
C PHE L 264 -16.32 29.00 -60.24
N PHE L 265 -15.97 29.84 -61.22
CA PHE L 265 -14.72 30.60 -61.19
C PHE L 265 -14.91 32.06 -60.77
N ILE L 266 -15.95 32.73 -61.28
CA ILE L 266 -16.11 34.18 -61.09
C ILE L 266 -16.92 34.60 -59.86
N ALA L 267 -17.46 33.64 -59.11
CA ALA L 267 -18.28 33.97 -57.93
C ALA L 267 -17.39 34.38 -56.75
N PRO L 268 -17.84 35.39 -55.96
CA PRO L 268 -17.08 35.88 -54.80
C PRO L 268 -16.66 34.79 -53.82
N LYS L 269 -17.61 33.95 -53.40
CA LYS L 269 -17.31 32.86 -52.45
C LYS L 269 -16.41 31.79 -53.06
N GLN L 270 -16.52 31.59 -54.38
CA GLN L 270 -15.67 30.62 -55.09
C GLN L 270 -14.21 31.04 -55.18
N ARG L 271 -13.91 32.30 -54.85
CA ARG L 271 -12.52 32.74 -54.77
C ARG L 271 -11.90 32.35 -53.43
N TYR L 272 -12.02 31.07 -53.10
CA TYR L 272 -11.36 30.46 -51.96
C TYR L 272 -10.16 29.64 -52.43
N LEU L 273 -9.86 29.71 -53.73
CA LEU L 273 -8.65 29.10 -54.29
C LEU L 273 -7.40 29.83 -53.79
N LYS L 274 -7.55 31.12 -53.48
CA LYS L 274 -6.48 31.88 -52.82
C LYS L 274 -6.20 31.33 -51.43
N LEU L 275 -7.25 30.94 -50.73
CA LEU L 275 -7.12 30.27 -49.42
C LEU L 275 -6.56 28.86 -49.60
N LYS L 276 -7.04 28.14 -50.61
CA LYS L 276 -6.59 26.78 -50.89
C LYS L 276 -5.11 26.70 -51.30
N ASN L 277 -4.62 27.73 -51.98
CA ASN L 277 -3.21 27.80 -52.38
C ASN L 277 -2.27 27.86 -51.17
N LYS L 278 -2.67 28.59 -50.14
CA LYS L 278 -1.85 28.77 -48.94
C LYS L 278 -2.24 27.74 -47.87
N MET M 1 76.92 42.74 -46.76
CA MET M 1 76.58 44.10 -47.27
C MET M 1 75.07 44.22 -47.54
N ILE M 2 74.39 45.05 -46.75
CA ILE M 2 72.96 45.28 -46.92
C ILE M 2 72.73 46.55 -47.74
N ARG M 3 72.25 46.38 -48.96
CA ARG M 3 71.96 47.51 -49.85
C ARG M 3 70.45 47.70 -49.97
N ILE M 4 69.98 48.89 -49.65
CA ILE M 4 68.58 49.26 -49.81
C ILE M 4 68.46 50.30 -50.92
N GLU M 5 67.47 50.16 -51.79
CA GLU M 5 67.30 51.04 -52.94
C GLU M 5 65.87 51.61 -53.01
N ASN M 6 65.75 52.90 -52.68
CA ASN M 6 64.48 53.64 -52.82
C ASN M 6 63.30 52.94 -52.13
N LEU M 7 63.53 52.50 -50.89
CA LEU M 7 62.51 51.78 -50.13
C LEU M 7 61.50 52.76 -49.54
N SER M 8 60.23 52.57 -49.86
CA SER M 8 59.15 53.40 -49.35
C SER M 8 57.98 52.54 -48.88
N VAL M 9 57.31 52.98 -47.82
CA VAL M 9 56.16 52.27 -47.26
C VAL M 9 55.06 53.27 -46.91
N SER M 10 53.81 52.88 -47.14
CA SER M 10 52.66 53.74 -46.86
C SER M 10 51.76 53.12 -45.78
N TYR M 11 51.27 53.96 -44.88
CA TYR M 11 50.35 53.54 -43.83
CA TYR M 11 50.35 53.54 -43.83
C TYR M 11 48.92 53.49 -44.37
N LYS M 12 48.50 54.60 -45.00
CA LYS M 12 47.18 54.70 -45.60
C LYS M 12 47.16 55.81 -46.65
N GLU M 13 47.27 57.06 -46.18
CA GLU M 13 47.34 58.23 -47.06
C GLU M 13 48.78 58.76 -47.16
N THR M 14 49.45 58.86 -46.01
CA THR M 14 50.82 59.38 -45.95
C THR M 14 51.85 58.26 -45.89
N LEU M 15 53.12 58.63 -46.08
CA LEU M 15 54.22 57.67 -46.10
C LEU M 15 54.81 57.44 -44.71
N ALA M 16 55.05 56.17 -44.38
CA ALA M 16 55.76 55.80 -43.15
C ALA M 16 57.26 55.94 -43.37
N LEU M 17 57.75 55.40 -44.49
CA LEU M 17 59.12 55.58 -44.94
C LEU M 17 59.12 56.21 -46.33
N LYS M 18 60.08 57.08 -46.60
CA LYS M 18 60.16 57.79 -47.88
C LYS M 18 61.56 57.66 -48.51
N ASP M 19 61.66 56.84 -49.55
CA ASP M 19 62.87 56.74 -50.38
C ASP M 19 64.14 56.51 -49.55
N ILE M 20 64.20 55.35 -48.89
CA ILE M 20 65.34 54.98 -48.05
C ILE M 20 66.39 54.25 -48.90
N SER M 21 67.46 54.96 -49.25
CA SER M 21 68.62 54.35 -49.93
C SER M 21 69.82 54.40 -48.99
N LEU M 22 70.47 53.25 -48.84
CA LEU M 22 71.51 53.08 -47.81
C LEU M 22 72.31 51.80 -48.04
N VAL M 23 73.59 51.84 -47.70
CA VAL M 23 74.49 50.69 -47.82
C VAL M 23 75.19 50.42 -46.49
N LEU M 24 74.86 49.29 -45.87
CA LEU M 24 75.40 48.93 -44.56
C LEU M 24 76.43 47.80 -44.70
N HIS M 25 77.66 48.06 -44.26
CA HIS M 25 78.73 47.06 -44.29
C HIS M 25 78.90 46.41 -42.93
N GLY M 26 79.38 45.16 -42.93
CA GLY M 26 79.68 44.42 -41.71
C GLY M 26 81.13 43.97 -41.69
N PRO M 27 81.55 43.25 -40.66
CA PRO M 27 80.71 42.88 -39.51
C PRO M 27 80.44 44.07 -38.58
N THR M 28 79.23 44.13 -38.04
CA THR M 28 78.81 45.28 -37.26
C THR M 28 77.65 44.95 -36.31
N ILE M 29 77.53 45.74 -35.26
CA ILE M 29 76.33 45.79 -34.44
C ILE M 29 75.76 47.20 -34.62
N THR M 30 74.79 47.33 -35.51
CA THR M 30 74.23 48.63 -35.87
C THR M 30 72.99 48.96 -35.05
N GLY M 31 72.81 50.23 -34.75
CA GLY M 31 71.65 50.70 -33.98
C GLY M 31 70.76 51.58 -34.83
N ILE M 32 69.52 51.13 -35.05
CA ILE M 32 68.50 51.93 -35.72
C ILE M 32 67.70 52.66 -34.64
N ILE M 33 67.78 53.98 -34.64
CA ILE M 33 67.20 54.80 -33.58
C ILE M 33 66.34 55.93 -34.13
N GLY M 34 65.61 56.60 -33.25
CA GLY M 34 64.72 57.69 -33.62
C GLY M 34 63.42 57.60 -32.82
N PRO M 35 62.48 58.51 -33.09
CA PRO M 35 61.19 58.49 -32.38
C PRO M 35 60.41 57.20 -32.62
N ASN M 36 59.67 56.76 -31.61
CA ASN M 36 58.85 55.55 -31.71
C ASN M 36 57.66 55.79 -32.62
N GLY M 37 57.51 54.95 -33.64
CA GLY M 37 56.43 55.08 -34.62
C GLY M 37 56.79 55.88 -35.87
N ALA M 38 58.05 56.33 -35.95
CA ALA M 38 58.48 57.21 -37.04
C ALA M 38 59.03 56.45 -38.25
N GLY M 39 59.62 55.27 -38.03
CA GLY M 39 60.20 54.49 -39.12
C GLY M 39 61.01 53.28 -38.69
N LYS M 40 61.78 53.45 -37.62
CA LYS M 40 62.58 52.38 -36.98
C LYS M 40 62.18 50.94 -37.36
N SER M 41 61.02 50.50 -36.88
CA SER M 41 60.59 49.10 -37.00
C SER M 41 60.06 48.75 -38.39
N THR M 42 59.45 49.72 -39.07
CA THR M 42 58.90 49.52 -40.40
C THR M 42 60.00 49.24 -41.43
N LEU M 43 61.19 49.77 -41.17
CA LEU M 43 62.34 49.58 -42.06
C LEU M 43 62.73 48.09 -42.14
N LEU M 44 62.75 47.41 -40.99
CA LEU M 44 63.08 45.99 -40.95
C LEU M 44 62.03 45.12 -41.65
N LYS M 45 60.77 45.50 -41.52
CA LYS M 45 59.67 44.77 -42.17
C LYS M 45 59.67 44.97 -43.69
N GLY M 46 59.95 46.21 -44.12
CA GLY M 46 60.05 46.53 -45.54
C GLY M 46 61.28 45.91 -46.19
N MET M 47 62.39 45.89 -45.46
CA MET M 47 63.65 45.31 -45.94
C MET M 47 63.49 43.81 -46.23
N LEU M 48 62.85 43.09 -45.31
CA LEU M 48 62.60 41.66 -45.46
C LEU M 48 61.50 41.35 -46.48
N GLY M 49 60.59 42.30 -46.68
CA GLY M 49 59.44 42.11 -47.59
C GLY M 49 58.24 41.53 -46.88
N ILE M 50 58.17 41.74 -45.57
CA ILE M 50 57.07 41.24 -44.74
C ILE M 50 55.78 42.03 -45.02
N ILE M 51 55.93 43.32 -45.28
CA ILE M 51 54.79 44.20 -45.57
C ILE M 51 54.90 44.78 -46.99
N PRO M 52 53.78 45.31 -47.52
CA PRO M 52 53.83 45.99 -48.82
C PRO M 52 54.80 47.17 -48.84
N HIS M 53 55.58 47.28 -49.91
CA HIS M 53 56.60 48.32 -50.02
C HIS M 53 57.03 48.56 -51.46
N GLN M 54 57.60 49.74 -51.71
CA GLN M 54 58.16 50.08 -53.01
C GLN M 54 59.68 49.93 -52.93
N GLY M 55 60.33 49.83 -54.09
CA GLY M 55 61.78 49.68 -54.15
C GLY M 55 62.26 48.28 -53.79
N GLN M 56 63.57 48.13 -53.70
CA GLN M 56 64.19 46.82 -53.46
C GLN M 56 65.19 46.85 -52.31
N ALA M 57 65.64 45.67 -51.91
CA ALA M 57 66.70 45.52 -50.92
C ALA M 57 67.54 44.30 -51.29
N PHE M 58 68.82 44.34 -50.93
CA PHE M 58 69.77 43.28 -51.31
C PHE M 58 70.66 42.86 -50.14
N LEU M 59 71.11 41.61 -50.17
CA LEU M 59 72.09 41.09 -49.22
C LEU M 59 73.28 40.52 -50.00
N ASP M 60 74.41 41.22 -49.95
CA ASP M 60 75.60 40.87 -50.73
C ASP M 60 75.26 40.80 -52.22
N ASP M 61 74.55 41.82 -52.70
CA ASP M 61 74.15 41.96 -54.11
C ASP M 61 73.17 40.88 -54.59
N LYS M 62 72.39 40.31 -53.65
CA LYS M 62 71.40 39.29 -53.96
C LYS M 62 70.04 39.71 -53.40
N GLU M 63 68.98 39.43 -54.15
CA GLU M 63 67.61 39.79 -53.74
C GLU M 63 67.30 39.23 -52.37
N VAL M 64 66.73 40.08 -51.50
CA VAL M 64 66.35 39.66 -50.14
C VAL M 64 65.21 38.65 -50.18
N LYS M 65 64.39 38.71 -51.23
CA LYS M 65 63.28 37.76 -51.41
C LYS M 65 63.82 36.34 -51.59
N LYS M 66 64.93 36.21 -52.30
CA LYS M 66 65.56 34.92 -52.55
C LYS M 66 66.79 34.67 -51.66
N SER M 67 66.83 35.32 -50.49
CA SER M 67 67.94 35.15 -49.54
C SER M 67 67.45 35.11 -48.09
N LEU M 68 66.22 34.64 -47.87
CA LEU M 68 65.63 34.62 -46.53
C LEU M 68 66.19 33.51 -45.65
N HIS M 69 66.88 32.54 -46.26
CA HIS M 69 67.57 31.50 -45.49
C HIS M 69 68.83 32.02 -44.78
N ARG M 70 69.29 33.22 -45.17
CA ARG M 70 70.46 33.85 -44.56
C ARG M 70 70.11 34.91 -43.51
N ILE M 71 68.82 35.13 -43.26
CA ILE M 71 68.38 36.16 -42.31
C ILE M 71 67.62 35.54 -41.15
N ALA M 72 67.68 36.20 -39.98
CA ALA M 72 66.94 35.78 -38.80
C ALA M 72 66.26 36.99 -38.16
N TYR M 73 64.95 37.11 -38.37
CA TYR M 73 64.16 38.22 -37.84
C TYR M 73 63.65 37.89 -36.43
N VAL M 74 63.97 38.75 -35.47
CA VAL M 74 63.50 38.60 -34.09
C VAL M 74 62.57 39.76 -33.74
N GLU M 75 61.28 39.49 -33.80
CA GLU M 75 60.24 40.51 -33.58
C GLU M 75 60.12 40.89 -32.09
N GLN M 76 59.21 41.82 -31.81
CA GLN M 76 58.94 42.25 -30.43
C GLN M 76 58.15 41.19 -29.67
N LYS M 77 58.27 41.23 -28.34
CA LYS M 77 57.53 40.32 -27.46
C LYS M 77 56.02 40.59 -27.47
N ILE M 78 55.63 41.83 -27.78
CA ILE M 78 54.23 42.24 -27.76
C ILE M 78 53.41 41.51 -28.83
N ASN M 79 54.01 41.28 -29.99
CA ASN M 79 53.31 40.62 -31.10
C ASN M 79 53.10 39.12 -30.93
N ILE M 80 53.90 38.49 -30.07
CA ILE M 80 53.83 37.04 -29.89
C ILE M 80 52.86 36.70 -28.75
N ASP M 81 52.01 35.70 -28.99
CA ASP M 81 51.02 35.26 -28.00
C ASP M 81 51.72 34.42 -26.92
N TYR M 82 51.66 34.88 -25.68
CA TYR M 82 52.28 34.19 -24.56
C TYR M 82 51.51 32.92 -24.21
N ASN M 83 50.20 32.95 -24.42
CA ASN M 83 49.31 31.88 -24.00
C ASN M 83 49.20 30.71 -24.99
N PHE M 84 49.86 30.82 -26.13
CA PHE M 84 49.90 29.71 -27.09
C PHE M 84 50.59 28.50 -26.44
N PRO M 85 50.02 27.30 -26.58
CA PRO M 85 50.59 26.13 -25.94
C PRO M 85 51.87 25.66 -26.62
N ILE M 86 53.01 26.01 -26.02
CA ILE M 86 54.32 25.67 -26.58
C ILE M 86 55.42 25.82 -25.53
N LYS M 87 56.34 24.86 -25.50
CA LYS M 87 57.44 24.84 -24.54
C LYS M 87 58.57 25.74 -25.02
N VAL M 88 59.57 25.94 -24.17
CA VAL M 88 60.75 26.74 -24.53
C VAL M 88 61.57 26.03 -25.61
N LYS M 89 61.83 24.74 -25.43
CA LYS M 89 62.60 23.95 -26.40
C LYS M 89 61.89 23.84 -27.75
N GLU M 90 60.56 23.73 -27.71
CA GLU M 90 59.75 23.66 -28.93
C GLU M 90 59.69 25.01 -29.65
N CYS M 91 59.74 26.10 -28.89
CA CYS M 91 59.76 27.44 -29.45
C CYS M 91 61.07 27.73 -30.17
N VAL M 92 62.19 27.34 -29.55
CA VAL M 92 63.52 27.52 -30.14
C VAL M 92 63.69 26.66 -31.40
N SER M 93 63.05 25.49 -31.43
CA SER M 93 63.14 24.58 -32.57
C SER M 93 62.41 25.09 -33.83
N LEU M 94 61.61 26.16 -33.68
CA LEU M 94 60.92 26.77 -34.82
C LEU M 94 61.88 27.36 -35.84
N GLY M 95 63.06 27.78 -35.40
CA GLY M 95 64.10 28.30 -36.29
C GLY M 95 64.67 27.27 -37.25
N LEU M 96 64.56 25.99 -36.89
CA LEU M 96 65.06 24.89 -37.73
C LEU M 96 64.06 24.45 -38.80
N PHE M 97 62.80 24.86 -38.67
CA PHE M 97 61.72 24.43 -39.57
C PHE M 97 62.01 24.64 -41.07
N PRO M 98 62.63 25.79 -41.43
CA PRO M 98 63.07 25.99 -42.83
C PRO M 98 63.98 24.89 -43.38
N SER M 99 64.90 24.40 -42.54
CA SER M 99 65.86 23.37 -42.96
C SER M 99 65.23 21.98 -43.14
N ILE M 100 64.06 21.77 -42.54
CA ILE M 100 63.37 20.48 -42.62
C ILE M 100 62.42 20.47 -43.82
N PRO M 101 62.60 19.52 -44.75
CA PRO M 101 61.66 19.39 -45.86
C PRO M 101 60.39 18.65 -45.46
N LEU M 102 59.44 18.54 -46.38
CA LEU M 102 58.18 17.86 -46.11
C LEU M 102 58.38 16.36 -45.90
N PHE M 103 57.44 15.73 -45.20
CA PHE M 103 57.46 14.29 -44.91
C PHE M 103 58.70 13.84 -44.13
N ARG M 104 59.14 14.65 -43.17
CA ARG M 104 60.26 14.27 -42.31
C ARG M 104 60.31 15.09 -41.02
N SER M 105 60.71 14.43 -39.92
CA SER M 105 60.72 15.03 -38.59
C SER M 105 62.14 15.41 -38.15
N LEU M 106 62.25 15.99 -36.96
CA LEU M 106 63.53 16.45 -36.42
C LEU M 106 64.35 15.30 -35.84
N LYS M 107 65.50 15.04 -36.45
CA LYS M 107 66.46 14.05 -35.94
C LYS M 107 67.16 14.54 -34.66
N ALA M 108 68.06 13.71 -34.14
CA ALA M 108 68.76 14.00 -32.87
C ALA M 108 69.69 15.20 -32.95
N LYS M 109 70.28 15.44 -34.12
CA LYS M 109 71.20 16.57 -34.32
C LYS M 109 70.50 17.93 -34.15
N HIS M 110 69.23 17.99 -34.55
CA HIS M 110 68.46 19.23 -34.47
C HIS M 110 68.15 19.64 -33.02
N TRP M 111 67.84 18.66 -32.18
CA TRP M 111 67.59 18.92 -30.76
C TRP M 111 68.89 19.22 -29.98
N LYS M 112 70.01 18.70 -30.48
CA LYS M 112 71.32 18.99 -29.90
C LYS M 112 71.66 20.48 -30.05
N LYS M 113 71.38 21.05 -31.22
CA LYS M 113 71.60 22.47 -31.48
C LYS M 113 70.67 23.37 -30.66
N VAL M 114 69.45 22.90 -30.42
CA VAL M 114 68.48 23.63 -29.61
C VAL M 114 68.95 23.71 -28.15
N GLN M 115 69.48 22.60 -27.64
CA GLN M 115 69.94 22.53 -26.25
C GLN M 115 71.17 23.42 -26.01
N GLU M 116 72.05 23.51 -27.00
CA GLU M 116 73.23 24.37 -26.93
C GLU M 116 72.85 25.85 -26.97
N ALA M 117 71.92 26.20 -27.86
CA ALA M 117 71.43 27.57 -27.99
C ALA M 117 70.86 28.09 -26.67
N LEU M 118 70.17 27.21 -25.95
CA LEU M 118 69.63 27.55 -24.63
C LEU M 118 70.74 27.74 -23.59
N GLU M 119 71.75 26.88 -23.64
CA GLU M 119 72.89 26.98 -22.72
C GLU M 119 73.74 28.23 -22.94
N ILE M 120 73.78 28.71 -24.19
CA ILE M 120 74.47 29.96 -24.52
C ILE M 120 73.76 31.14 -23.85
N VAL M 121 72.43 31.17 -23.93
CA VAL M 121 71.63 32.24 -23.32
C VAL M 121 71.31 31.98 -21.85
N GLY M 122 71.60 30.77 -21.36
CA GLY M 122 71.42 30.44 -19.95
C GLY M 122 69.98 30.08 -19.61
N LEU M 123 69.43 29.13 -20.37
CA LEU M 123 68.06 28.63 -20.16
C LEU M 123 67.99 27.12 -20.35
N ALA M 124 68.96 26.41 -19.79
CA ALA M 124 69.03 24.95 -19.91
C ALA M 124 67.91 24.27 -19.13
N ASP M 125 67.72 24.71 -17.89
CA ASP M 125 66.69 24.13 -17.00
C ASP M 125 65.29 24.69 -17.25
N TYR M 126 65.19 25.75 -18.07
CA TYR M 126 63.89 26.33 -18.43
C TYR M 126 63.29 25.72 -19.71
N ALA M 127 63.96 24.71 -20.28
CA ALA M 127 63.55 24.10 -21.54
C ALA M 127 62.13 23.51 -21.50
N GLU M 128 61.76 22.92 -20.37
CA GLU M 128 60.46 22.25 -20.22
C GLU M 128 59.32 23.19 -19.82
N ARG M 129 59.65 24.39 -19.37
CA ARG M 129 58.62 25.37 -18.97
C ARG M 129 57.83 25.90 -20.16
N GLN M 130 56.65 26.43 -19.88
CA GLN M 130 55.86 27.14 -20.88
C GLN M 130 56.42 28.54 -21.05
N ILE M 131 56.21 29.13 -22.24
CA ILE M 131 56.70 30.48 -22.52
C ILE M 131 55.98 31.54 -21.66
N SER M 132 54.75 31.23 -21.24
CA SER M 132 53.99 32.10 -20.34
C SER M 132 54.58 32.16 -18.92
N GLN M 133 55.28 31.10 -18.52
CA GLN M 133 55.90 31.01 -17.19
C GLN M 133 57.33 31.57 -17.19
N LEU M 134 57.51 32.74 -17.82
CA LEU M 134 58.83 33.35 -17.96
C LEU M 134 58.73 34.86 -17.83
N SER M 135 59.83 35.48 -17.38
CA SER M 135 59.92 36.93 -17.31
C SER M 135 60.19 37.51 -18.70
N GLY M 136 60.12 38.84 -18.81
CA GLY M 136 60.38 39.52 -20.08
C GLY M 136 61.76 39.24 -20.64
N GLY M 137 62.77 39.26 -19.76
CA GLY M 137 64.15 38.98 -20.14
C GLY M 137 64.36 37.55 -20.58
N GLN M 138 63.83 36.61 -19.79
CA GLN M 138 63.96 35.18 -20.09
C GLN M 138 63.31 34.82 -21.44
N PHE M 139 62.13 35.36 -21.70
CA PHE M 139 61.42 35.11 -22.96
C PHE M 139 62.17 35.70 -24.16
N GLN M 140 62.80 36.86 -23.98
CA GLN M 140 63.64 37.46 -25.02
C GLN M 140 64.85 36.58 -25.36
N ARG M 141 65.42 35.95 -24.34
CA ARG M 141 66.54 35.02 -24.54
C ARG M 141 66.13 33.78 -25.33
N VAL M 142 64.86 33.37 -25.18
CA VAL M 142 64.31 32.26 -25.96
C VAL M 142 64.19 32.64 -27.44
N LEU M 143 63.79 33.89 -27.72
CA LEU M 143 63.72 34.40 -29.09
C LEU M 143 65.11 34.53 -29.72
N ILE M 144 66.11 34.84 -28.91
CA ILE M 144 67.50 34.85 -29.36
C ILE M 144 68.00 33.42 -29.61
N ALA M 145 67.64 32.50 -28.72
CA ALA M 145 67.97 31.08 -28.91
C ALA M 145 67.29 30.52 -30.16
N ARG M 146 66.05 30.94 -30.40
CA ARG M 146 65.32 30.60 -31.63
C ARG M 146 66.02 31.18 -32.86
N CYS M 147 66.58 32.38 -32.70
CA CYS M 147 67.33 33.05 -33.76
C CYS M 147 68.68 32.38 -34.05
N LEU M 148 69.38 31.95 -32.99
CA LEU M 148 70.71 31.35 -33.12
C LEU M 148 70.72 30.05 -33.92
N VAL M 149 69.70 29.21 -33.72
CA VAL M 149 69.63 27.90 -34.39
C VAL M 149 69.42 27.99 -35.91
N GLN M 150 68.94 29.14 -36.39
CA GLN M 150 68.84 29.40 -37.82
C GLN M 150 70.22 29.46 -38.49
N GLU M 151 71.22 29.90 -37.72
CA GLU M 151 72.60 30.04 -38.19
C GLU M 151 72.65 31.01 -39.38
N ALA M 152 72.11 32.20 -39.17
CA ALA M 152 72.00 33.23 -40.20
C ALA M 152 73.22 34.14 -40.20
N ASP M 153 73.43 34.83 -41.32
CA ASP M 153 74.50 35.82 -41.46
C ASP M 153 74.04 37.21 -41.00
N TYR M 154 72.75 37.48 -41.12
CA TYR M 154 72.18 38.78 -40.77
C TYR M 154 71.13 38.66 -39.68
N ILE M 155 71.46 39.18 -38.49
CA ILE M 155 70.55 39.14 -37.34
C ILE M 155 69.78 40.45 -37.24
N LEU M 156 68.46 40.38 -37.39
CA LEU M 156 67.60 41.57 -37.33
C LEU M 156 66.72 41.53 -36.07
N LEU M 157 67.10 42.32 -35.07
CA LEU M 157 66.36 42.40 -33.81
C LEU M 157 65.50 43.67 -33.77
N ASP M 158 64.28 43.54 -33.24
CA ASP M 158 63.37 44.67 -33.08
C ASP M 158 63.13 44.93 -31.60
N GLU M 159 63.82 45.93 -31.06
CA GLU M 159 63.72 46.33 -29.65
C GLU M 159 63.82 45.15 -28.69
N PRO M 160 64.97 44.45 -28.71
CA PRO M 160 65.18 43.28 -27.84
C PRO M 160 65.48 43.65 -26.39
N PHE M 161 65.95 44.88 -26.14
CA PHE M 161 66.32 45.32 -24.80
C PHE M 161 65.21 46.12 -24.10
N ALA M 162 64.03 46.17 -24.71
CA ALA M 162 62.91 46.93 -24.16
C ALA M 162 62.16 46.10 -23.11
N GLY M 163 62.22 46.55 -21.85
CA GLY M 163 61.50 45.92 -20.76
C GLY M 163 62.07 44.60 -20.31
N ILE M 164 63.37 44.58 -20.01
CA ILE M 164 64.04 43.40 -19.48
C ILE M 164 65.03 43.77 -18.38
N ASP M 165 65.37 42.80 -17.52
CA ASP M 165 66.36 42.99 -16.47
C ASP M 165 67.78 43.02 -17.05
N SER M 166 68.70 43.61 -16.28
CA SER M 166 70.08 43.81 -16.74
C SER M 166 70.85 42.50 -16.96
N VAL M 167 70.48 41.45 -16.23
CA VAL M 167 71.13 40.15 -16.37
C VAL M 167 70.83 39.55 -17.74
N SER M 168 69.56 39.55 -18.13
CA SER M 168 69.15 39.09 -19.45
C SER M 168 69.72 39.98 -20.54
N GLU M 169 69.76 41.29 -20.28
CA GLU M 169 70.29 42.27 -21.23
C GLU M 169 71.78 42.06 -21.50
N GLU M 170 72.54 41.74 -20.44
CA GLU M 170 73.98 41.52 -20.58
C GLU M 170 74.30 40.19 -21.28
N ILE M 171 73.50 39.16 -21.02
CA ILE M 171 73.68 37.84 -21.64
C ILE M 171 73.38 37.91 -23.14
N ILE M 172 72.32 38.63 -23.51
CA ILE M 172 71.96 38.82 -24.91
C ILE M 172 73.04 39.60 -25.64
N MET M 173 73.60 40.64 -24.99
CA MET M 173 74.60 41.49 -25.62
C MET M 173 75.93 40.76 -25.81
N ASN M 174 76.31 39.91 -24.86
CA ASN M 174 77.51 39.08 -25.00
C ASN M 174 77.40 38.10 -26.17
N THR M 175 76.18 37.62 -26.42
CA THR M 175 75.91 36.72 -27.54
C THR M 175 76.07 37.42 -28.88
N LEU M 176 75.59 38.66 -28.97
CA LEU M 176 75.68 39.45 -30.20
C LEU M 176 77.11 39.88 -30.50
N ARG M 177 77.92 40.10 -29.46
CA ARG M 177 79.33 40.40 -29.63
C ARG M 177 80.09 39.21 -30.23
N ASP M 178 79.71 37.99 -29.83
CA ASP M 178 80.28 36.77 -30.40
C ASP M 178 79.87 36.60 -31.86
N LEU M 179 78.64 36.97 -32.19
CA LEU M 179 78.18 36.97 -33.58
C LEU M 179 78.92 37.99 -34.43
N LYS M 180 79.23 39.15 -33.85
CA LYS M 180 80.07 40.16 -34.50
C LYS M 180 81.48 39.62 -34.72
N LYS M 181 82.03 38.93 -33.71
CA LYS M 181 83.35 38.32 -33.80
C LYS M 181 83.39 37.17 -34.82
N ALA M 182 82.26 36.48 -34.97
CA ALA M 182 82.13 35.44 -36.01
C ALA M 182 82.18 36.05 -37.42
N GLY M 183 81.72 37.29 -37.54
CA GLY M 183 81.75 38.03 -38.81
C GLY M 183 80.37 38.17 -39.41
N LYS M 184 79.44 38.71 -38.61
CA LYS M 184 78.04 38.82 -39.01
C LYS M 184 77.51 40.22 -38.74
N THR M 185 76.62 40.68 -39.63
CA THR M 185 75.96 41.98 -39.48
C THR M 185 74.76 41.82 -38.54
N VAL M 186 74.78 42.57 -37.44
CA VAL M 186 73.66 42.60 -36.50
C VAL M 186 72.99 43.96 -36.58
N LEU M 187 71.69 43.95 -36.89
CA LEU M 187 70.93 45.18 -37.09
C LEU M 187 69.82 45.27 -36.03
N ILE M 188 69.96 46.21 -35.09
CA ILE M 188 69.06 46.31 -33.95
C ILE M 188 68.28 47.62 -33.95
N VAL M 189 66.96 47.51 -33.84
CA VAL M 189 66.09 48.68 -33.65
C VAL M 189 65.98 48.94 -32.14
N HIS M 190 66.61 50.01 -31.67
CA HIS M 190 66.65 50.32 -30.24
C HIS M 190 65.41 51.10 -29.80
N HIS M 191 64.92 50.83 -28.60
CA HIS M 191 63.66 51.41 -28.10
C HIS M 191 63.80 52.84 -27.58
N ASP M 192 65.01 53.22 -27.17
CA ASP M 192 65.27 54.57 -26.65
C ASP M 192 66.66 55.05 -27.09
N LEU M 193 67.28 55.95 -26.33
CA LEU M 193 68.63 56.41 -26.61
C LEU M 193 69.57 56.09 -25.46
N SER M 194 69.53 54.84 -24.99
CA SER M 194 70.34 54.39 -23.86
C SER M 194 71.50 53.51 -24.32
N LYS M 195 72.70 53.83 -23.85
CA LYS M 195 73.91 53.02 -24.10
C LYS M 195 74.20 52.84 -25.59
N ILE M 196 74.06 53.92 -26.36
CA ILE M 196 74.28 53.88 -27.80
C ILE M 196 75.75 53.60 -28.16
N PRO M 197 76.70 54.36 -27.59
CA PRO M 197 78.11 54.08 -27.89
C PRO M 197 78.62 52.77 -27.28
N HIS M 198 77.97 52.29 -26.23
CA HIS M 198 78.33 51.02 -25.59
C HIS M 198 77.92 49.81 -26.44
N TYR M 199 76.72 49.86 -27.01
CA TYR M 199 76.19 48.73 -27.80
C TYR M 199 76.58 48.77 -29.27
N PHE M 200 76.65 49.97 -29.86
CA PHE M 200 76.72 50.11 -31.32
C PHE M 200 78.01 50.75 -31.84
N ASP M 201 78.47 50.26 -32.98
CA ASP M 201 79.61 50.85 -33.70
C ASP M 201 79.15 51.68 -34.92
N GLN M 202 77.92 51.43 -35.39
CA GLN M 202 77.29 52.25 -36.41
C GLN M 202 75.88 52.62 -35.95
N VAL M 203 75.40 53.80 -36.37
CA VAL M 203 74.07 54.27 -35.99
C VAL M 203 73.30 54.76 -37.20
N LEU M 204 72.05 54.33 -37.32
CA LEU M 204 71.15 54.73 -38.40
C LEU M 204 69.97 55.49 -37.82
N LEU M 205 70.01 56.82 -37.94
CA LEU M 205 69.00 57.70 -37.35
C LEU M 205 67.84 57.91 -38.33
N VAL M 206 66.64 57.49 -37.92
CA VAL M 206 65.47 57.45 -38.82
C VAL M 206 64.27 58.21 -38.28
N ASN M 207 63.73 59.10 -39.12
CA ASN M 207 62.41 59.71 -38.90
C ASN M 207 61.78 59.92 -40.27
N ARG M 208 60.99 58.95 -40.71
CA ARG M 208 60.45 58.87 -42.07
C ARG M 208 61.56 58.65 -43.12
N GLU M 209 62.45 59.64 -43.27
CA GLU M 209 63.63 59.51 -44.12
C GLU M 209 64.84 59.15 -43.26
N VAL M 210 65.98 58.90 -43.91
CA VAL M 210 67.24 58.71 -43.20
C VAL M 210 67.81 60.06 -42.81
N ILE M 211 67.78 60.38 -41.52
CA ILE M 211 68.27 61.66 -41.02
C ILE M 211 69.79 61.67 -41.00
N ALA M 212 70.39 60.58 -40.52
CA ALA M 212 71.84 60.44 -40.46
C ALA M 212 72.25 58.98 -40.40
N PHE M 213 73.39 58.66 -41.00
CA PHE M 213 73.93 57.30 -41.03
C PHE M 213 75.45 57.31 -41.12
N GLY M 214 76.09 56.47 -40.30
CA GLY M 214 77.55 56.39 -40.25
C GLY M 214 78.02 55.74 -38.96
N PRO M 215 79.33 55.88 -38.64
CA PRO M 215 79.83 55.36 -37.36
C PRO M 215 79.27 56.14 -36.17
N THR M 216 79.17 55.47 -35.02
CA THR M 216 78.49 56.03 -33.84
C THR M 216 79.08 57.36 -33.40
N LYS M 217 80.39 57.36 -33.13
CA LYS M 217 81.10 58.53 -32.61
C LYS M 217 80.79 59.80 -33.41
N GLU M 218 80.82 59.67 -34.74
CA GLU M 218 80.65 60.81 -35.64
C GLU M 218 79.19 61.22 -35.82
N THR M 219 78.28 60.24 -35.90
CA THR M 219 76.89 60.49 -36.26
C THR M 219 75.95 60.65 -35.06
N PHE M 220 76.18 59.91 -33.98
CA PHE M 220 75.37 60.03 -32.76
C PHE M 220 75.75 61.33 -32.04
N THR M 221 75.17 62.43 -32.50
CA THR M 221 75.52 63.77 -32.02
C THR M 221 74.29 64.60 -31.69
N GLU M 222 74.52 65.69 -30.95
CA GLU M 222 73.46 66.61 -30.55
C GLU M 222 72.74 67.23 -31.76
N THR M 223 73.49 67.49 -32.83
CA THR M 223 72.94 68.11 -34.04
C THR M 223 71.97 67.16 -34.77
N ASN M 224 72.41 65.93 -35.01
CA ASN M 224 71.60 64.94 -35.71
C ASN M 224 70.40 64.48 -34.88
N LEU M 225 70.62 64.31 -33.57
CA LEU M 225 69.55 63.86 -32.67
C LEU M 225 68.42 64.88 -32.56
N LYS M 226 68.75 66.16 -32.43
CA LYS M 226 67.72 67.18 -32.26
C LYS M 226 66.90 67.37 -33.55
N GLU M 227 67.53 67.22 -34.70
CA GLU M 227 66.83 67.33 -35.98
C GLU M 227 65.94 66.10 -36.23
N ALA M 228 66.38 64.94 -35.77
CA ALA M 228 65.62 63.70 -35.93
C ALA M 228 64.36 63.68 -35.07
N TYR M 229 64.43 64.31 -33.89
CA TYR M 229 63.28 64.38 -32.98
C TYR M 229 62.48 65.70 -33.10
N GLY M 230 62.68 66.43 -34.20
CA GLY M 230 61.86 67.59 -34.53
C GLY M 230 62.36 68.95 -34.05
N ASN M 231 63.39 68.95 -33.20
CA ASN M 231 63.91 70.19 -32.61
C ASN M 231 64.72 70.99 -33.62
N GLN M 232 64.48 72.29 -33.67
CA GLN M 232 65.18 73.19 -34.60
C GLN M 232 65.36 74.57 -34.00
N LEU M 233 66.14 75.41 -34.70
CA LEU M 233 66.37 76.79 -34.29
C LEU M 233 65.86 77.76 -35.36
N MET N 1 20.20 3.12 -17.28
CA MET N 1 19.67 2.86 -18.66
C MET N 1 20.79 2.76 -19.71
N ILE N 2 21.91 2.14 -19.32
CA ILE N 2 23.06 1.96 -20.21
C ILE N 2 22.95 0.64 -20.98
N ALA N 3 22.42 -0.39 -20.32
CA ALA N 3 22.31 -1.73 -20.92
C ALA N 3 21.55 -1.74 -22.25
N GLU N 4 20.42 -1.03 -22.29
CA GLU N 4 19.59 -0.98 -23.51
C GLU N 4 20.24 -0.19 -24.66
N PHE N 5 21.16 0.72 -24.32
CA PHE N 5 21.94 1.43 -25.34
C PHE N 5 23.00 0.51 -25.95
N ILE N 6 23.68 -0.25 -25.10
CA ILE N 6 24.70 -1.21 -25.55
C ILE N 6 24.05 -2.37 -26.31
N ASP N 7 22.88 -2.79 -25.85
CA ASP N 7 22.11 -3.84 -26.53
C ASP N 7 21.72 -3.42 -27.95
N GLY N 8 21.17 -2.22 -28.07
CA GLY N 8 20.78 -1.67 -29.37
C GLY N 8 21.96 -1.36 -30.26
N LEU N 9 23.10 -1.01 -29.66
CA LEU N 9 24.32 -0.70 -30.40
C LEU N 9 24.92 -1.93 -31.08
N GLN N 10 24.73 -3.10 -30.48
CA GLN N 10 25.18 -4.37 -31.10
C GLN N 10 24.04 -5.11 -31.79
N LYS N 11 23.00 -4.38 -32.19
CA LYS N 11 21.82 -4.96 -32.83
C LYS N 11 21.39 -4.12 -34.04
N PHE N 12 21.06 -2.85 -33.80
CA PHE N 12 20.52 -1.97 -34.85
C PHE N 12 21.63 -1.30 -35.65
N HIS N 13 21.40 -1.17 -36.95
CA HIS N 13 22.40 -0.59 -37.87
C HIS N 13 22.41 0.94 -37.81
N PHE N 14 21.27 1.54 -37.49
CA PHE N 14 21.15 3.01 -37.47
C PHE N 14 21.86 3.61 -36.25
N LEU N 15 21.85 2.89 -35.13
CA LEU N 15 22.52 3.34 -33.91
C LEU N 15 24.03 3.14 -34.00
N GLN N 16 24.46 2.15 -34.78
CA GLN N 16 25.88 1.93 -35.07
C GLN N 16 26.43 3.04 -35.96
N ASN N 17 25.71 3.35 -37.03
CA ASN N 17 26.08 4.43 -37.95
C ASN N 17 25.99 5.81 -37.28
N ALA N 18 25.06 5.94 -36.33
CA ALA N 18 24.93 7.17 -35.55
C ALA N 18 26.11 7.38 -34.61
N LEU N 19 26.62 6.28 -34.04
CA LEU N 19 27.78 6.33 -33.16
C LEU N 19 29.04 6.66 -33.94
N ILE N 20 29.29 5.90 -35.01
CA ILE N 20 30.51 6.03 -35.80
C ILE N 20 30.64 7.43 -36.43
N THR N 21 29.53 7.96 -36.94
CA THR N 21 29.50 9.29 -37.52
C THR N 21 29.76 10.38 -36.47
N ALA N 22 29.16 10.21 -35.29
CA ALA N 22 29.31 11.16 -34.19
C ALA N 22 30.75 11.19 -33.63
N ILE N 23 31.42 10.03 -33.64
CA ILE N 23 32.82 9.94 -33.22
C ILE N 23 33.71 10.72 -34.20
N VAL N 24 33.53 10.46 -35.48
CA VAL N 24 34.37 11.07 -36.53
C VAL N 24 34.19 12.58 -36.57
N VAL N 25 32.95 13.05 -36.44
CA VAL N 25 32.66 14.48 -36.42
C VAL N 25 33.33 15.15 -35.22
N GLY N 26 33.27 14.49 -34.06
CA GLY N 26 33.88 15.00 -32.85
C GLY N 26 35.40 15.11 -32.92
N ILE N 27 36.04 14.08 -33.49
CA ILE N 27 37.50 14.03 -33.59
C ILE N 27 38.03 15.06 -34.59
N VAL N 28 37.42 15.11 -35.77
CA VAL N 28 37.92 15.97 -36.85
C VAL N 28 37.62 17.44 -36.59
N ALA N 29 36.42 17.74 -36.08
CA ALA N 29 36.04 19.11 -35.73
C ALA N 29 36.86 19.64 -34.55
N GLY N 30 37.19 18.75 -33.61
CA GLY N 30 38.03 19.11 -32.47
C GLY N 30 39.46 19.44 -32.87
N ALA N 31 40.02 18.64 -33.79
CA ALA N 31 41.38 18.85 -34.29
C ALA N 31 41.48 20.15 -35.08
N VAL N 32 40.55 20.35 -36.01
CA VAL N 32 40.49 21.57 -36.80
C VAL N 32 40.17 22.77 -35.89
N GLY N 33 39.29 22.54 -34.92
CA GLY N 33 38.85 23.59 -34.00
C GLY N 33 39.94 24.26 -33.19
N CYS N 34 41.03 23.52 -32.91
CA CYS N 34 42.19 24.09 -32.22
C CYS N 34 42.79 25.25 -33.02
N PHE N 35 42.97 25.04 -34.32
CA PHE N 35 43.54 26.07 -35.19
C PHE N 35 42.60 27.27 -35.37
N ILE N 36 41.29 27.01 -35.27
CA ILE N 36 40.28 28.07 -35.38
C ILE N 36 40.40 29.09 -34.25
N ILE N 37 40.47 28.61 -33.01
CA ILE N 37 40.51 29.49 -31.84
C ILE N 37 41.90 30.12 -31.60
N LEU N 38 42.96 29.38 -31.94
CA LEU N 38 44.33 29.88 -31.77
C LEU N 38 44.64 31.03 -32.74
N ARG N 39 44.07 30.97 -33.94
CA ARG N 39 44.27 32.00 -34.96
C ARG N 39 43.22 33.12 -34.88
N GLY N 40 42.28 33.01 -33.95
CA GLY N 40 41.25 34.02 -33.75
C GLY N 40 40.23 34.02 -34.88
N MET N 41 39.68 32.84 -35.17
CA MET N 41 38.73 32.67 -36.29
C MET N 41 37.41 32.09 -35.82
N SER N 42 37.03 32.38 -34.58
CA SER N 42 35.76 31.88 -34.01
C SER N 42 34.55 32.43 -34.77
N LEU N 43 34.61 33.71 -35.13
CA LEU N 43 33.56 34.36 -35.91
C LEU N 43 33.48 33.78 -37.32
N MET N 44 34.64 33.59 -37.96
CA MET N 44 34.69 33.11 -39.33
C MET N 44 34.24 31.65 -39.45
N GLY N 45 34.50 30.86 -38.42
CA GLY N 45 34.05 29.47 -38.36
C GLY N 45 32.53 29.36 -38.35
N ASP N 46 31.88 30.29 -37.67
CA ASP N 46 30.42 30.35 -37.61
C ASP N 46 29.85 30.82 -38.95
N ALA N 47 30.52 31.79 -39.58
CA ALA N 47 30.07 32.38 -40.84
C ALA N 47 30.03 31.37 -41.99
N ILE N 48 31.04 30.50 -42.06
CA ILE N 48 31.14 29.50 -43.14
C ILE N 48 30.02 28.47 -43.03
N SER N 49 29.70 28.04 -41.81
CA SER N 49 28.59 27.11 -41.58
C SER N 49 27.31 27.58 -42.28
N HIS N 50 27.02 28.87 -42.14
CA HIS N 50 25.86 29.49 -42.76
C HIS N 50 26.04 29.64 -44.26
N ALA N 51 27.24 30.04 -44.68
CA ALA N 51 27.57 30.24 -46.09
C ALA N 51 27.56 28.94 -46.90
N VAL N 52 27.84 27.82 -46.24
CA VAL N 52 27.87 26.51 -46.90
C VAL N 52 26.46 25.98 -47.20
N LEU N 53 25.50 26.28 -46.33
CA LEU N 53 24.12 25.78 -46.46
C LEU N 53 23.53 25.88 -47.87
N PRO N 54 23.59 27.07 -48.51
CA PRO N 54 23.05 27.19 -49.87
C PRO N 54 23.81 26.34 -50.91
N GLY N 55 25.11 26.17 -50.70
CA GLY N 55 25.92 25.30 -51.57
C GLY N 55 25.57 23.84 -51.47
N VAL N 56 25.18 23.41 -50.27
CA VAL N 56 24.73 22.03 -50.04
C VAL N 56 23.36 21.79 -50.67
N ALA N 57 22.49 22.80 -50.58
CA ALA N 57 21.15 22.72 -51.17
C ALA N 57 21.19 22.79 -52.68
N LEU N 58 22.01 23.69 -53.23
CA LEU N 58 22.15 23.87 -54.67
C LEU N 58 22.81 22.66 -55.34
N SER N 59 23.71 22.01 -54.62
CA SER N 59 24.38 20.80 -55.11
C SER N 59 23.43 19.61 -55.22
N PHE N 60 22.38 19.59 -54.40
CA PHE N 60 21.37 18.53 -54.43
C PHE N 60 20.46 18.66 -55.65
N ILE N 61 19.86 19.84 -55.82
CA ILE N 61 18.89 20.08 -56.90
C ILE N 61 19.48 19.94 -58.30
N LEU N 62 20.75 20.32 -58.46
CA LEU N 62 21.48 20.10 -59.72
C LEU N 62 21.90 18.63 -59.86
N GLY N 63 22.27 18.01 -58.75
CA GLY N 63 22.69 16.61 -58.72
C GLY N 63 24.20 16.45 -58.77
N LEU N 64 24.91 17.32 -58.03
CA LEU N 64 26.37 17.30 -57.94
C LEU N 64 26.79 16.91 -56.52
N ASP N 65 28.11 16.77 -56.33
CA ASP N 65 28.67 16.43 -55.03
C ASP N 65 28.43 17.55 -54.01
N PHE N 66 28.18 17.17 -52.76
CA PHE N 66 27.87 18.13 -51.69
C PHE N 66 29.09 18.99 -51.31
N PHE N 67 30.27 18.39 -51.32
CA PHE N 67 31.51 19.08 -50.93
C PHE N 67 31.91 20.16 -51.93
N ILE N 68 31.66 19.90 -53.22
CA ILE N 68 32.02 20.84 -54.29
C ILE N 68 31.14 22.10 -54.22
N GLY N 69 29.85 21.89 -53.97
CA GLY N 69 28.91 23.02 -53.79
C GLY N 69 29.23 23.84 -52.56
N ALA N 70 29.67 23.18 -51.49
CA ALA N 70 30.02 23.85 -50.23
C ALA N 70 31.25 24.75 -50.38
N ILE N 71 32.26 24.26 -51.08
CA ILE N 71 33.51 25.00 -51.27
C ILE N 71 33.31 26.21 -52.18
N VAL N 72 32.46 26.05 -53.21
CA VAL N 72 32.15 27.14 -54.13
C VAL N 72 31.41 28.28 -53.42
N PHE N 73 30.40 27.94 -52.64
CA PHE N 73 29.66 28.94 -51.86
C PHE N 73 30.44 29.41 -50.64
N GLY N 74 31.39 28.59 -50.17
CA GLY N 74 32.30 28.98 -49.10
C GLY N 74 33.24 30.10 -49.52
N LEU N 75 33.83 29.96 -50.71
CA LEU N 75 34.73 30.98 -51.24
C LEU N 75 33.98 32.21 -51.77
N LEU N 76 32.74 32.02 -52.23
CA LEU N 76 31.89 33.14 -52.64
C LEU N 76 31.61 34.09 -51.48
N ALA N 77 31.43 33.53 -50.28
CA ALA N 77 31.26 34.33 -49.07
C ALA N 77 32.53 35.13 -48.77
N ALA N 78 33.67 34.45 -48.82
CA ALA N 78 34.97 35.08 -48.54
C ALA N 78 35.29 36.20 -49.53
N ILE N 79 34.97 35.98 -50.81
CA ILE N 79 35.17 37.00 -51.84
C ILE N 79 34.28 38.22 -51.57
N ILE N 80 33.01 37.99 -51.25
CA ILE N 80 32.07 39.07 -50.95
C ILE N 80 32.49 39.83 -49.70
N ILE N 81 32.87 39.11 -48.64
CA ILE N 81 33.35 39.74 -47.41
C ILE N 81 34.51 40.69 -47.70
N THR N 82 35.48 40.21 -48.48
CA THR N 82 36.63 41.03 -48.88
C THR N 82 36.21 42.19 -49.80
N TYR N 83 35.25 41.92 -50.68
CA TYR N 83 34.74 42.94 -51.61
C TYR N 83 33.95 44.04 -50.90
N ILE N 84 33.29 43.70 -49.79
CA ILE N 84 32.57 44.68 -48.98
C ILE N 84 33.57 45.62 -48.29
N LYS N 85 34.56 45.03 -47.62
CA LYS N 85 35.58 45.81 -46.91
C LYS N 85 36.36 46.73 -47.85
N GLY N 86 36.71 46.22 -49.03
CA GLY N 86 37.55 46.94 -49.98
C GLY N 86 36.89 48.17 -50.59
N ASN N 87 35.67 47.99 -51.12
CA ASN N 87 34.98 49.04 -51.87
C ASN N 87 33.81 49.66 -51.11
N SER N 88 33.92 49.78 -49.78
CA SER N 88 32.86 50.44 -48.99
C SER N 88 33.34 50.88 -47.61
N ILE N 89 32.44 51.57 -46.90
CA ILE N 89 32.70 52.09 -45.56
C ILE N 89 32.33 51.07 -44.47
N ILE N 90 31.59 50.03 -44.86
CA ILE N 90 31.11 49.02 -43.90
C ILE N 90 32.28 48.25 -43.28
N LYS N 91 32.16 47.96 -41.98
CA LYS N 91 33.24 47.34 -41.21
C LYS N 91 33.29 45.82 -41.46
N SER N 92 34.29 45.17 -40.87
CA SER N 92 34.51 43.74 -41.06
C SER N 92 33.38 42.88 -40.48
N ASP N 93 33.09 43.07 -39.19
CA ASP N 93 32.07 42.27 -38.50
C ASP N 93 30.68 42.39 -39.14
N THR N 94 30.33 43.60 -39.58
CA THR N 94 29.04 43.85 -40.23
C THR N 94 28.95 43.14 -41.59
N ALA N 95 30.05 43.16 -42.35
CA ALA N 95 30.11 42.49 -43.65
C ALA N 95 29.98 40.97 -43.52
N ILE N 96 30.62 40.42 -42.48
CA ILE N 96 30.55 38.98 -42.22
C ILE N 96 29.16 38.59 -41.72
N GLY N 97 28.53 39.48 -40.96
CA GLY N 97 27.19 39.26 -40.44
C GLY N 97 26.11 39.28 -41.51
N ILE N 98 26.19 40.26 -42.42
CA ILE N 98 25.20 40.42 -43.49
C ILE N 98 25.26 39.24 -44.46
N THR N 99 26.46 38.91 -44.93
CA THR N 99 26.65 37.85 -45.93
C THR N 99 26.33 36.44 -45.39
N SER N 100 26.58 36.20 -44.10
CA SER N 100 26.33 34.88 -43.51
C SER N 100 24.83 34.63 -43.32
N SER N 101 24.13 35.62 -42.76
CA SER N 101 22.69 35.53 -42.54
C SER N 101 21.90 35.58 -43.84
N SER N 102 22.44 36.25 -44.86
CA SER N 102 21.83 36.29 -46.18
C SER N 102 21.93 34.91 -46.85
N PHE N 103 23.12 34.32 -46.79
CA PHE N 103 23.34 32.98 -47.33
C PHE N 103 22.52 31.92 -46.58
N LEU N 104 22.38 32.09 -45.26
CA LEU N 104 21.54 31.21 -44.45
C LEU N 104 20.08 31.27 -44.90
N ALA N 105 19.60 32.49 -45.17
CA ALA N 105 18.25 32.69 -45.69
C ALA N 105 18.10 32.09 -47.09
N LEU N 106 19.11 32.31 -47.94
CA LEU N 106 19.14 31.73 -49.28
C LEU N 106 19.15 30.21 -49.24
N GLY N 107 19.84 29.64 -48.25
CA GLY N 107 19.87 28.19 -48.05
C GLY N 107 18.51 27.62 -47.68
N ILE N 108 17.77 28.33 -46.83
CA ILE N 108 16.44 27.88 -46.41
C ILE N 108 15.44 27.93 -47.57
N ILE N 109 15.56 28.93 -48.44
CA ILE N 109 14.68 29.07 -49.61
C ILE N 109 14.94 27.97 -50.63
N LEU N 110 16.20 27.68 -50.92
CA LEU N 110 16.58 26.65 -51.89
C LEU N 110 16.18 25.24 -51.44
N ILE N 111 16.25 24.98 -50.14
CA ILE N 111 15.81 23.71 -49.57
C ILE N 111 14.27 23.64 -49.56
N GLY N 112 13.63 24.77 -49.23
CA GLY N 112 12.18 24.84 -49.08
C GLY N 112 11.39 24.46 -50.33
N VAL N 113 11.80 25.01 -51.48
CA VAL N 113 11.09 24.75 -52.74
C VAL N 113 11.30 23.32 -53.25
N ALA N 114 12.52 22.80 -53.09
CA ALA N 114 12.85 21.45 -53.59
C ALA N 114 12.42 20.37 -52.60
N LYS N 115 13.05 20.36 -51.42
CA LYS N 115 12.78 19.34 -50.40
C LYS N 115 11.62 19.74 -49.49
N SER N 116 11.22 18.82 -48.61
CA SER N 116 10.16 19.08 -47.64
C SER N 116 10.69 19.83 -46.42
N SER N 117 9.78 20.19 -45.52
CA SER N 117 10.14 20.90 -44.29
C SER N 117 10.90 20.01 -43.29
N THR N 118 10.63 18.70 -43.32
CA THR N 118 11.30 17.76 -42.43
C THR N 118 12.79 17.61 -42.76
N ASP N 119 13.13 17.75 -44.03
CA ASP N 119 14.53 17.74 -44.47
C ASP N 119 15.25 19.01 -44.02
N LEU N 120 14.57 20.14 -44.08
CA LEU N 120 15.12 21.43 -43.62
C LEU N 120 15.46 21.38 -42.14
N PHE N 121 14.58 20.75 -41.35
CA PHE N 121 14.80 20.59 -39.91
C PHE N 121 16.03 19.73 -39.61
N HIS N 122 16.21 18.66 -40.39
CA HIS N 122 17.35 17.75 -40.21
C HIS N 122 18.68 18.42 -40.58
N ILE N 123 18.68 19.16 -41.69
CA ILE N 123 19.90 19.84 -42.17
C ILE N 123 20.35 20.93 -41.19
N LEU N 124 19.40 21.60 -40.56
CA LEU N 124 19.71 22.68 -39.62
C LEU N 124 20.09 22.20 -38.22
N PHE N 125 19.52 21.07 -37.77
CA PHE N 125 19.71 20.62 -36.39
C PHE N 125 20.22 19.18 -36.20
N GLY N 126 20.58 18.49 -37.27
CA GLY N 126 21.32 17.22 -37.16
C GLY N 126 20.72 15.99 -37.83
N ASN N 127 20.00 15.20 -37.05
CA ASN N 127 19.51 13.87 -37.45
C ASN N 127 20.65 12.86 -37.57
N ILE N 128 21.30 12.59 -36.45
CA ILE N 128 22.38 11.59 -36.37
C ILE N 128 21.86 10.16 -36.51
N LEU N 129 20.60 9.94 -36.16
CA LEU N 129 20.00 8.60 -36.14
C LEU N 129 19.57 8.07 -37.51
N ALA N 130 19.75 8.84 -38.57
CA ALA N 130 19.31 8.43 -39.91
C ALA N 130 20.40 8.66 -40.97
N VAL N 131 21.61 8.19 -40.69
CA VAL N 131 22.72 8.26 -41.66
C VAL N 131 22.98 6.87 -42.26
N GLN N 132 23.01 6.82 -43.58
CA GLN N 132 23.17 5.55 -44.31
C GLN N 132 24.64 5.14 -44.37
N ASP N 133 24.88 3.94 -44.89
CA ASP N 133 26.24 3.39 -44.99
C ASP N 133 27.14 4.23 -45.90
N THR N 134 26.60 4.61 -47.06
CA THR N 134 27.35 5.41 -48.04
C THR N 134 27.85 6.73 -47.45
N ASP N 135 26.99 7.40 -46.68
CA ASP N 135 27.35 8.67 -46.05
C ASP N 135 28.33 8.48 -44.89
N MET N 136 28.27 7.33 -44.22
CA MET N 136 29.19 7.02 -43.13
C MET N 136 30.62 6.83 -43.63
N PHE N 137 30.78 6.10 -44.73
CA PHE N 137 32.11 5.84 -45.30
C PHE N 137 32.74 7.12 -45.86
N ILE N 138 31.91 7.99 -46.43
CA ILE N 138 32.39 9.29 -46.93
C ILE N 138 32.82 10.18 -45.76
N THR N 139 32.08 10.11 -44.65
CA THR N 139 32.42 10.84 -43.43
C THR N 139 33.75 10.35 -42.85
N MET N 140 33.96 9.03 -42.83
CA MET N 140 35.23 8.44 -42.40
C MET N 140 36.35 8.76 -43.38
N GLY N 141 36.03 8.72 -44.67
CA GLY N 141 37.02 8.98 -45.73
C GLY N 141 37.51 10.42 -45.73
N VAL N 142 36.58 11.37 -45.73
CA VAL N 142 36.91 12.80 -45.71
C VAL N 142 37.56 13.21 -44.38
N GLY N 143 37.12 12.58 -43.29
CA GLY N 143 37.68 12.85 -41.97
C GLY N 143 39.13 12.42 -41.85
N ALA N 144 39.46 11.27 -42.43
CA ALA N 144 40.83 10.79 -42.47
C ALA N 144 41.73 11.72 -43.29
N ALA N 145 41.20 12.20 -44.40
CA ALA N 145 41.93 13.15 -45.25
C ALA N 145 42.21 14.47 -44.53
N ILE N 146 41.22 14.95 -43.78
CA ILE N 146 41.38 16.18 -43.00
C ILE N 146 42.47 16.01 -41.93
N LEU N 147 42.43 14.88 -41.24
CA LEU N 147 43.44 14.58 -40.21
C LEU N 147 44.83 14.33 -40.81
N LEU N 148 44.86 13.68 -41.97
CA LEU N 148 46.14 13.36 -42.63
C LEU N 148 46.81 14.62 -43.20
N LEU N 149 46.01 15.54 -43.73
CA LEU N 149 46.53 16.82 -44.22
C LEU N 149 47.15 17.66 -43.09
N ILE N 150 46.52 17.63 -41.92
CA ILE N 150 47.04 18.32 -40.74
C ILE N 150 48.38 17.70 -40.29
N TRP N 151 48.49 16.37 -40.39
CA TRP N 151 49.70 15.66 -39.99
C TRP N 151 50.91 16.03 -40.86
N ILE N 152 50.70 16.14 -42.17
CA ILE N 152 51.78 16.49 -43.09
C ILE N 152 52.24 17.93 -42.89
N PHE N 153 51.28 18.85 -42.77
CA PHE N 153 51.59 20.27 -42.57
C PHE N 153 51.48 20.71 -41.10
N PHE N 154 51.78 19.81 -40.17
CA PHE N 154 51.67 20.12 -38.74
C PHE N 154 52.65 21.22 -38.32
N LYS N 155 53.92 21.04 -38.67
CA LYS N 155 54.95 22.04 -38.40
C LYS N 155 54.66 23.36 -39.12
N GLN N 156 54.09 23.26 -40.31
CA GLN N 156 53.75 24.44 -41.13
C GLN N 156 52.58 25.21 -40.52
N LEU N 157 51.55 24.48 -40.09
CA LEU N 157 50.38 25.08 -39.44
C LEU N 157 50.72 25.61 -38.04
N LEU N 158 51.65 24.95 -37.37
CA LEU N 158 52.10 25.37 -36.03
C LEU N 158 52.71 26.76 -36.05
N ILE N 159 53.78 26.92 -36.83
CA ILE N 159 54.53 28.18 -36.89
C ILE N 159 53.70 29.34 -37.45
N THR N 160 52.81 29.07 -38.40
CA THR N 160 51.95 30.10 -38.98
C THR N 160 50.90 30.57 -37.99
N SER N 161 50.39 29.65 -37.17
CA SER N 161 49.41 29.97 -36.13
C SER N 161 50.06 30.69 -34.95
N PHE N 162 51.21 30.19 -34.50
CA PHE N 162 51.90 30.76 -33.35
C PHE N 162 52.57 32.09 -33.67
N ASP N 163 53.32 32.13 -34.76
CA ASP N 163 54.11 33.31 -35.12
C ASP N 163 54.10 33.52 -36.64
N GLU N 164 53.03 34.13 -37.14
CA GLU N 164 52.87 34.43 -38.56
C GLU N 164 53.93 35.43 -39.05
N LEU N 165 54.34 36.33 -38.16
CA LEU N 165 55.35 37.34 -38.49
C LEU N 165 56.72 36.71 -38.74
N LEU N 166 57.00 35.61 -38.07
CA LEU N 166 58.23 34.84 -38.31
C LEU N 166 58.13 34.05 -39.61
N ALA N 167 56.95 33.48 -39.88
CA ALA N 167 56.71 32.69 -41.09
C ALA N 167 56.95 33.51 -42.37
N LYS N 168 56.53 34.77 -42.34
CA LYS N 168 56.76 35.68 -43.47
C LYS N 168 58.25 35.95 -43.68
N ALA N 169 58.97 36.17 -42.58
CA ALA N 169 60.41 36.43 -42.63
C ALA N 169 61.22 35.24 -43.15
N MET N 170 60.71 34.03 -42.97
CA MET N 170 61.35 32.81 -43.49
C MET N 170 60.98 32.52 -44.94
N GLY N 171 59.96 33.20 -45.45
CA GLY N 171 59.55 33.08 -46.84
C GLY N 171 58.51 32.00 -47.09
N MET N 172 57.71 31.70 -46.06
CA MET N 172 56.68 30.68 -46.15
C MET N 172 55.40 31.28 -46.70
N PRO N 173 54.65 30.51 -47.52
CA PRO N 173 53.39 31.00 -48.07
C PRO N 173 52.28 30.97 -47.03
N VAL N 174 52.12 32.07 -46.29
CA VAL N 174 51.12 32.15 -45.22
C VAL N 174 49.69 32.08 -45.74
N ASN N 175 49.44 32.62 -46.93
CA ASN N 175 48.11 32.58 -47.54
C ASN N 175 47.69 31.16 -47.90
N PHE N 176 48.64 30.35 -48.37
CA PHE N 176 48.35 28.95 -48.73
C PHE N 176 47.83 28.15 -47.53
N TYR N 177 48.48 28.31 -46.39
CA TYR N 177 48.09 27.58 -45.17
C TYR N 177 46.82 28.17 -44.55
N HIS N 178 46.53 29.44 -44.83
CA HIS N 178 45.28 30.06 -44.42
C HIS N 178 44.11 29.48 -45.21
N TYR N 179 44.26 29.43 -46.53
CA TYR N 179 43.23 28.84 -47.41
C TYR N 179 43.08 27.33 -47.17
N LEU N 180 44.19 26.65 -46.87
CA LEU N 180 44.15 25.23 -46.52
C LEU N 180 43.22 25.00 -45.33
N LEU N 181 43.34 25.84 -44.31
CA LEU N 181 42.52 25.74 -43.12
C LEU N 181 41.04 25.99 -43.41
N MET N 182 40.76 26.92 -44.33
CA MET N 182 39.39 27.21 -44.74
C MET N 182 38.77 26.07 -45.54
N VAL N 183 39.60 25.33 -46.29
CA VAL N 183 39.14 24.14 -47.00
C VAL N 183 38.80 23.03 -46.01
N LEU N 184 39.69 22.79 -45.04
CA LEU N 184 39.45 21.79 -44.00
C LEU N 184 38.25 22.17 -43.12
N LEU N 185 38.02 23.47 -42.96
CA LEU N 185 36.88 23.98 -42.20
C LEU N 185 35.53 23.69 -42.88
N THR N 186 35.49 23.88 -44.20
CA THR N 186 34.27 23.66 -44.98
C THR N 186 33.90 22.18 -45.08
N LEU N 187 34.91 21.31 -45.16
CA LEU N 187 34.69 19.87 -45.22
C LEU N 187 34.07 19.33 -43.93
N VAL N 188 34.49 19.88 -42.79
CA VAL N 188 33.93 19.51 -41.49
C VAL N 188 32.50 20.06 -41.33
N SER N 189 32.28 21.28 -41.83
CA SER N 189 30.97 21.93 -41.72
C SER N 189 29.85 21.06 -42.29
N VAL N 190 30.02 20.58 -43.53
CA VAL N 190 29.02 19.69 -44.14
C VAL N 190 28.94 18.33 -43.44
N THR N 191 30.08 17.85 -42.95
CA THR N 191 30.13 16.60 -42.19
C THR N 191 29.41 16.72 -40.84
N ALA N 192 29.52 17.90 -40.22
CA ALA N 192 28.91 18.15 -38.92
C ALA N 192 27.40 18.41 -38.97
N MET N 193 26.85 18.54 -40.18
CA MET N 193 25.40 18.69 -40.35
C MET N 193 24.63 17.44 -39.94
N GLN N 194 25.31 16.29 -39.93
CA GLN N 194 24.69 15.02 -39.55
C GLN N 194 24.44 14.91 -38.05
N SER N 195 25.41 15.35 -37.24
CA SER N 195 25.32 15.21 -35.78
C SER N 195 24.67 16.41 -35.10
N VAL N 196 25.19 17.60 -35.36
CA VAL N 196 24.73 18.82 -34.68
C VAL N 196 23.89 19.76 -35.55
N GLY N 197 24.05 19.67 -36.87
CA GLY N 197 23.29 20.52 -37.80
C GLY N 197 23.98 21.85 -38.03
N THR N 198 23.60 22.52 -39.13
CA THR N 198 24.20 23.78 -39.55
C THR N 198 24.24 24.85 -38.45
N ILE N 199 23.17 24.92 -37.65
CA ILE N 199 23.02 25.96 -36.63
C ILE N 199 24.02 25.81 -35.49
N LEU N 200 24.46 24.58 -35.20
CA LEU N 200 25.33 24.31 -34.05
C LEU N 200 26.69 23.68 -34.42
N ILE N 201 27.17 23.93 -35.64
CA ILE N 201 28.50 23.44 -36.05
C ILE N 201 29.59 24.13 -35.24
N VAL N 202 29.52 25.46 -35.17
CA VAL N 202 30.53 26.27 -34.48
C VAL N 202 30.83 25.75 -33.06
N ALA N 203 29.81 25.24 -32.37
CA ALA N 203 29.97 24.68 -31.03
C ALA N 203 31.00 23.55 -30.99
N MET N 204 30.96 22.66 -31.98
CA MET N 204 31.88 21.53 -32.04
C MET N 204 33.31 21.92 -32.39
N LEU N 205 33.49 23.07 -33.04
CA LEU N 205 34.82 23.59 -33.36
C LEU N 205 35.47 24.23 -32.14
N ILE N 206 34.82 25.25 -31.59
CA ILE N 206 35.45 26.10 -30.58
C ILE N 206 35.37 25.59 -29.13
N THR N 207 34.28 24.92 -28.78
CA THR N 207 34.06 24.53 -27.37
C THR N 207 34.96 23.37 -26.91
N PRO N 208 35.10 22.31 -27.73
CA PRO N 208 36.09 21.27 -27.38
C PRO N 208 37.53 21.79 -27.39
N ALA N 209 37.82 22.70 -28.32
CA ALA N 209 39.15 23.31 -28.42
C ALA N 209 39.43 24.22 -27.23
N ALA N 210 38.43 25.02 -26.83
CA ALA N 210 38.56 25.92 -25.69
C ALA N 210 38.77 25.16 -24.38
N THR N 211 38.15 23.97 -24.27
CA THR N 211 38.35 23.10 -23.11
C THR N 211 39.79 22.58 -23.06
N ALA N 212 40.25 22.03 -24.18
CA ALA N 212 41.62 21.50 -24.30
C ALA N 212 42.69 22.58 -24.16
N TYR N 213 42.35 23.81 -24.55
CA TYR N 213 43.26 24.95 -24.47
C TYR N 213 43.64 25.29 -23.02
N LEU N 214 42.73 25.01 -22.08
CA LEU N 214 42.97 25.27 -20.66
C LEU N 214 43.89 24.25 -20.01
N TYR N 215 44.04 23.07 -20.62
CA TYR N 215 44.94 22.02 -20.12
C TYR N 215 46.26 21.95 -20.90
N ALA N 216 46.16 22.03 -22.23
CA ALA N 216 47.26 21.69 -23.13
C ALA N 216 48.52 22.54 -22.93
N ASN N 217 49.67 21.87 -23.00
CA ASN N 217 50.98 22.51 -22.93
C ASN N 217 51.71 22.43 -24.29
N SER N 218 51.01 21.93 -25.30
CA SER N 218 51.55 21.85 -26.66
C SER N 218 50.40 21.65 -27.65
N LEU N 219 50.66 21.94 -28.93
CA LEU N 219 49.65 21.82 -29.97
C LEU N 219 49.25 20.36 -30.22
N LYS N 220 50.20 19.45 -30.10
CA LYS N 220 49.91 18.01 -30.23
C LYS N 220 49.02 17.54 -29.09
N SER N 221 49.34 17.96 -27.87
CA SER N 221 48.54 17.66 -26.69
C SER N 221 47.15 18.28 -26.76
N MET N 222 47.07 19.48 -27.33
CA MET N 222 45.81 20.21 -27.46
C MET N 222 44.84 19.54 -28.43
N ILE N 223 45.35 19.12 -29.58
CA ILE N 223 44.53 18.45 -30.60
C ILE N 223 44.01 17.10 -30.08
N PHE N 224 44.86 16.35 -29.38
CA PHE N 224 44.45 15.07 -28.79
C PHE N 224 43.32 15.26 -27.77
N LEU N 225 43.47 16.26 -26.91
CA LEU N 225 42.44 16.58 -25.91
C LEU N 225 41.15 17.09 -26.58
N SER N 226 41.30 17.99 -27.54
CA SER N 226 40.14 18.56 -28.25
C SER N 226 39.35 17.48 -28.99
N SER N 227 40.04 16.49 -29.54
CA SER N 227 39.39 15.36 -30.19
C SER N 227 38.68 14.45 -29.19
N THR N 228 39.27 14.29 -28.00
CA THR N 228 38.68 13.45 -26.95
C THR N 228 37.42 14.10 -26.37
N PHE N 229 37.50 15.38 -26.02
CA PHE N 229 36.35 16.12 -25.50
C PHE N 229 35.22 16.18 -26.52
N GLY N 230 35.57 16.46 -27.77
CA GLY N 230 34.59 16.49 -28.86
C GLY N 230 33.93 15.15 -29.10
N ALA N 231 34.74 14.10 -29.16
CA ALA N 231 34.25 12.73 -29.39
C ALA N 231 33.43 12.22 -28.21
N THR N 232 33.89 12.49 -26.99
CA THR N 232 33.19 12.09 -25.78
C THR N 232 31.85 12.81 -25.66
N ALA N 233 31.85 14.12 -25.92
CA ALA N 233 30.63 14.93 -25.88
C ALA N 233 29.62 14.46 -26.94
N SER N 234 30.12 13.97 -28.07
CA SER N 234 29.27 13.44 -29.13
C SER N 234 28.61 12.10 -28.75
N VAL N 235 29.33 11.26 -28.02
CA VAL N 235 28.82 9.96 -27.58
C VAL N 235 27.74 10.13 -26.51
N LEU N 236 28.03 10.93 -25.49
CA LEU N 236 27.08 11.19 -24.41
C LEU N 236 25.82 11.89 -24.94
N GLY N 237 26.01 12.90 -25.79
CA GLY N 237 24.89 13.61 -26.41
C GLY N 237 23.97 12.70 -27.21
N LEU N 238 24.56 11.73 -27.90
CA LEU N 238 23.80 10.70 -28.62
C LEU N 238 23.07 9.80 -27.63
N PHE N 239 23.75 9.41 -26.56
CA PHE N 239 23.17 8.60 -25.49
C PHE N 239 22.02 9.32 -24.78
N ILE N 240 22.19 10.63 -24.57
CA ILE N 240 21.15 11.44 -23.92
C ILE N 240 19.92 11.56 -24.82
N GLY N 241 20.13 11.98 -26.07
CA GLY N 241 19.04 12.19 -27.02
C GLY N 241 18.23 10.93 -27.30
N TYR N 242 18.93 9.82 -27.50
CA TYR N 242 18.30 8.54 -27.79
C TYR N 242 17.49 8.02 -26.60
N SER N 243 18.10 8.02 -25.42
CA SER N 243 17.48 7.47 -24.21
C SER N 243 16.31 8.33 -23.70
N PHE N 244 16.55 9.63 -23.52
CA PHE N 244 15.56 10.53 -22.96
C PHE N 244 14.61 11.15 -23.99
N ASN N 245 14.82 10.85 -25.28
CA ASN N 245 13.97 11.33 -26.37
C ASN N 245 13.98 12.87 -26.46
N VAL N 246 15.18 13.40 -26.68
CA VAL N 246 15.38 14.85 -26.86
C VAL N 246 16.34 15.11 -28.00
N ALA N 247 16.43 16.37 -28.43
CA ALA N 247 17.30 16.77 -29.53
C ALA N 247 18.73 16.25 -29.32
N ALA N 248 19.17 15.39 -30.23
CA ALA N 248 20.50 14.78 -30.14
C ALA N 248 21.61 15.80 -30.37
N GLY N 249 21.36 16.74 -31.29
CA GLY N 249 22.34 17.79 -31.61
C GLY N 249 22.64 18.68 -30.43
N SER N 250 21.58 19.20 -29.80
CA SER N 250 21.72 20.07 -28.64
C SER N 250 22.29 19.34 -27.42
N SER N 251 21.98 18.05 -27.31
CA SER N 251 22.50 17.21 -26.23
C SER N 251 24.02 17.05 -26.31
N ILE N 252 24.56 17.03 -27.52
CA ILE N 252 26.00 16.96 -27.74
C ILE N 252 26.67 18.28 -27.32
N VAL N 253 26.05 19.40 -27.66
CA VAL N 253 26.60 20.73 -27.38
C VAL N 253 26.62 21.02 -25.87
N LEU N 254 25.53 20.66 -25.18
CA LEU N 254 25.45 20.86 -23.73
C LEU N 254 26.46 20.00 -22.97
N THR N 255 26.75 18.81 -23.49
CA THR N 255 27.78 17.95 -22.89
C THR N 255 29.17 18.55 -23.07
N ALA N 256 29.41 19.13 -24.24
CA ALA N 256 30.68 19.82 -24.51
C ALA N 256 30.85 21.06 -23.64
N ALA N 257 29.76 21.80 -23.46
CA ALA N 257 29.76 22.99 -22.62
C ALA N 257 29.94 22.67 -21.14
N SER N 258 29.41 21.52 -20.71
CA SER N 258 29.54 21.07 -19.32
C SER N 258 30.98 20.66 -18.97
N PHE N 259 31.71 20.14 -19.97
CA PHE N 259 33.14 19.86 -19.78
C PHE N 259 33.93 21.15 -19.65
N PHE N 260 33.59 22.14 -20.49
CA PHE N 260 34.22 23.46 -20.43
C PHE N 260 33.90 24.16 -19.10
N LEU N 261 32.67 24.01 -18.63
CA LEU N 261 32.24 24.60 -17.36
C LEU N 261 33.06 24.04 -16.19
N ILE N 262 33.18 22.71 -16.13
CA ILE N 262 33.97 22.04 -15.10
C ILE N 262 35.45 22.40 -15.22
N SER N 263 35.97 22.30 -16.45
CA SER N 263 37.38 22.60 -16.72
C SER N 263 37.77 24.04 -16.42
N PHE N 264 36.80 24.96 -16.50
CA PHE N 264 37.04 26.37 -16.19
C PHE N 264 37.54 26.58 -14.76
N PHE N 265 37.14 25.69 -13.84
CA PHE N 265 37.55 25.77 -12.44
C PHE N 265 38.71 24.83 -12.10
N ILE N 266 38.54 23.54 -12.41
CA ILE N 266 39.47 22.50 -11.94
C ILE N 266 40.81 22.44 -12.68
N ALA N 267 40.87 22.93 -13.92
CA ALA N 267 42.08 22.81 -14.74
C ALA N 267 43.29 23.45 -14.05
N PRO N 268 44.45 22.75 -14.05
CA PRO N 268 45.69 23.22 -13.42
C PRO N 268 46.05 24.68 -13.73
N LYS N 269 45.92 25.10 -14.98
CA LYS N 269 46.23 26.47 -15.38
C LYS N 269 45.16 27.46 -14.91
N GLN N 270 43.90 27.03 -14.91
CA GLN N 270 42.80 27.82 -14.35
C GLN N 270 42.87 27.87 -12.82
N ARG N 271 43.40 26.80 -12.21
CA ARG N 271 43.57 26.73 -10.76
C ARG N 271 44.54 27.79 -10.24
N TYR N 272 45.39 28.34 -11.12
CA TYR N 272 46.21 29.50 -10.79
C TYR N 272 45.33 30.77 -10.73
N LEU N 273 44.34 30.75 -9.84
CA LEU N 273 43.46 31.88 -9.60
C LEU N 273 44.00 32.73 -8.45
N LYS N 274 44.98 32.20 -7.71
CA LYS N 274 45.67 32.92 -6.65
C LYS N 274 46.41 34.16 -7.16
N LEU N 275 46.78 34.14 -8.44
CA LEU N 275 47.38 35.32 -9.08
C LEU N 275 46.40 36.49 -9.08
N LYS N 276 45.14 36.22 -9.44
CA LYS N 276 44.09 37.24 -9.45
C LYS N 276 43.43 37.37 -8.07
N ASN N 277 44.19 37.89 -7.11
CA ASN N 277 43.71 38.10 -5.74
C ASN N 277 44.47 39.26 -5.09
N MET O 1 44.54 76.48 -10.79
CA MET O 1 45.64 75.56 -10.30
C MET O 1 45.25 74.10 -10.50
N ILE O 2 46.22 73.31 -10.94
CA ILE O 2 46.07 71.86 -11.06
C ILE O 2 47.12 71.19 -10.17
N ARG O 3 46.67 70.54 -9.10
CA ARG O 3 47.56 69.76 -8.23
C ARG O 3 47.36 68.27 -8.47
N ILE O 4 48.46 67.56 -8.70
CA ILE O 4 48.45 66.11 -8.85
C ILE O 4 49.24 65.53 -7.67
N GLU O 5 48.75 64.43 -7.11
CA GLU O 5 49.39 63.83 -5.94
C GLU O 5 49.57 62.32 -6.11
N ASN O 6 50.83 61.89 -6.19
CA ASN O 6 51.20 60.47 -6.28
C ASN O 6 50.33 59.69 -7.27
N LEU O 7 50.09 60.28 -8.44
CA LEU O 7 49.22 59.68 -9.44
C LEU O 7 49.98 58.63 -10.24
N SER O 8 49.39 57.45 -10.35
CA SER O 8 49.98 56.33 -11.09
C SER O 8 48.94 55.60 -11.91
N VAL O 9 49.37 55.05 -13.05
CA VAL O 9 48.52 54.28 -13.95
C VAL O 9 49.24 53.00 -14.36
N SER O 10 48.48 51.93 -14.56
CA SER O 10 49.04 50.62 -14.93
C SER O 10 48.38 50.07 -16.19
N TYR O 11 49.21 49.68 -17.15
CA TYR O 11 48.72 49.08 -18.40
CA TYR O 11 48.72 49.08 -18.40
C TYR O 11 48.56 47.57 -18.23
N LYS O 12 49.63 46.92 -17.80
CA LYS O 12 49.65 45.47 -17.58
C LYS O 12 50.92 45.09 -16.83
N GLU O 13 50.83 44.96 -15.50
CA GLU O 13 51.97 44.66 -14.64
C GLU O 13 52.87 45.89 -14.43
N THR O 14 53.56 46.30 -15.50
CA THR O 14 54.44 47.48 -15.44
C THR O 14 53.64 48.78 -15.42
N LEU O 15 54.15 49.77 -14.69
CA LEU O 15 53.49 51.07 -14.56
C LEU O 15 53.65 51.91 -15.83
N ALA O 16 52.57 52.58 -16.22
CA ALA O 16 52.62 53.59 -17.28
C ALA O 16 53.05 54.91 -16.66
N LEU O 17 52.43 55.26 -15.54
CA LEU O 17 52.79 56.44 -14.74
C LEU O 17 53.16 56.02 -13.32
N LYS O 18 54.11 56.75 -12.73
CA LYS O 18 54.62 56.44 -11.40
C LYS O 18 54.78 57.72 -10.57
N ASP O 19 54.22 57.70 -9.36
CA ASP O 19 54.29 58.82 -8.40
C ASP O 19 54.30 60.23 -9.01
N ILE O 20 53.38 60.48 -9.94
CA ILE O 20 53.32 61.77 -10.62
C ILE O 20 52.75 62.83 -9.66
N SER O 21 53.63 63.63 -9.08
CA SER O 21 53.24 64.72 -8.18
C SER O 21 53.69 66.05 -8.77
N LEU O 22 52.80 67.04 -8.77
CA LEU O 22 53.04 68.31 -9.47
C LEU O 22 52.02 69.37 -9.08
N VAL O 23 52.42 70.64 -9.19
CA VAL O 23 51.54 71.79 -8.93
C VAL O 23 51.66 72.78 -10.08
N LEU O 24 50.65 72.79 -10.96
CA LEU O 24 50.68 73.62 -12.17
C LEU O 24 49.84 74.90 -12.00
N HIS O 25 50.51 76.05 -12.06
CA HIS O 25 49.85 77.35 -11.93
C HIS O 25 49.48 77.93 -13.30
N GLY O 26 48.40 78.69 -13.34
CA GLY O 26 47.98 79.42 -14.54
C GLY O 26 48.01 80.92 -14.29
N PRO O 27 47.73 81.73 -15.31
CA PRO O 27 47.44 81.26 -16.68
C PRO O 27 48.69 80.81 -17.41
N THR O 28 48.54 79.87 -18.34
CA THR O 28 49.69 79.30 -19.04
C THR O 28 49.29 78.49 -20.27
N ILE O 29 50.27 78.25 -21.13
CA ILE O 29 50.20 77.25 -22.18
C ILE O 29 51.32 76.26 -21.89
N THR O 30 50.98 75.18 -21.19
CA THR O 30 51.98 74.21 -20.71
C THR O 30 52.11 73.03 -21.66
N GLY O 31 53.33 72.74 -22.07
CA GLY O 31 53.61 71.63 -22.97
C GLY O 31 54.06 70.38 -22.22
N ILE O 32 53.36 69.27 -22.41
CA ILE O 32 53.77 67.99 -21.87
C ILE O 32 54.49 67.20 -22.96
N ILE O 33 55.79 66.95 -22.76
CA ILE O 33 56.63 66.30 -23.77
C ILE O 33 57.32 65.05 -23.23
N GLY O 34 57.94 64.31 -24.14
CA GLY O 34 58.64 63.07 -23.79
C GLY O 34 58.49 62.02 -24.89
N PRO O 35 59.11 60.85 -24.70
CA PRO O 35 59.00 59.77 -25.68
C PRO O 35 57.57 59.27 -25.86
N ASN O 36 57.24 58.85 -27.07
CA ASN O 36 55.91 58.34 -27.39
C ASN O 36 55.63 57.05 -26.62
N GLY O 37 54.45 56.95 -26.03
CA GLY O 37 54.05 55.78 -25.26
C GLY O 37 54.67 55.69 -23.88
N ALA O 38 55.23 56.80 -23.39
CA ALA O 38 55.99 56.79 -22.13
C ALA O 38 55.35 57.63 -21.01
N GLY O 39 54.08 57.99 -21.16
CA GLY O 39 53.34 58.70 -20.11
C GLY O 39 52.57 59.92 -20.54
N LYS O 40 53.12 60.66 -21.51
CA LYS O 40 52.53 61.90 -22.03
C LYS O 40 51.00 61.95 -22.02
N SER O 41 50.38 61.16 -22.90
CA SER O 41 48.94 61.15 -23.09
C SER O 41 48.18 60.47 -21.94
N THR O 42 48.79 59.43 -21.36
CA THR O 42 48.19 58.69 -20.26
C THR O 42 47.95 59.59 -19.04
N LEU O 43 48.83 60.56 -18.85
CA LEU O 43 48.71 61.54 -17.76
C LEU O 43 47.39 62.29 -17.83
N LEU O 44 47.01 62.74 -19.02
CA LEU O 44 45.75 63.47 -19.20
C LEU O 44 44.53 62.59 -18.88
N LYS O 45 44.59 61.32 -19.27
CA LYS O 45 43.50 60.38 -19.03
C LYS O 45 43.39 60.00 -17.55
N GLY O 46 44.53 59.83 -16.89
CA GLY O 46 44.57 59.55 -15.44
C GLY O 46 44.17 60.76 -14.61
N MET O 47 44.45 61.96 -15.12
CA MET O 47 44.11 63.20 -14.46
C MET O 47 42.59 63.44 -14.42
N LEU O 48 41.93 63.15 -15.53
CA LEU O 48 40.47 63.31 -15.63
C LEU O 48 39.71 62.11 -15.06
N GLY O 49 40.40 60.98 -14.87
CA GLY O 49 39.78 59.77 -14.36
C GLY O 49 39.07 58.96 -15.45
N ILE O 50 39.55 59.10 -16.68
CA ILE O 50 38.98 58.39 -17.83
C ILE O 50 39.40 56.92 -17.81
N ILE O 51 40.52 56.62 -17.16
CA ILE O 51 41.04 55.27 -17.04
C ILE O 51 41.36 54.94 -15.57
N PRO O 52 41.42 53.64 -15.23
CA PRO O 52 41.77 53.24 -13.86
C PRO O 52 43.14 53.76 -13.42
N HIS O 53 43.21 54.33 -12.22
CA HIS O 53 44.44 54.96 -11.73
C HIS O 53 44.46 55.06 -10.22
N GLN O 54 45.67 55.13 -9.65
CA GLN O 54 45.86 55.41 -8.23
C GLN O 54 46.24 56.87 -8.05
N GLY O 55 46.16 57.36 -6.81
CA GLY O 55 46.45 58.76 -6.50
C GLY O 55 45.30 59.68 -6.86
N GLN O 56 45.45 60.97 -6.52
CA GLN O 56 44.39 61.96 -6.72
C GLN O 56 44.87 63.13 -7.59
N ALA O 57 43.91 63.91 -8.06
CA ALA O 57 44.18 65.15 -8.80
C ALA O 57 43.14 66.20 -8.39
N PHE O 58 43.60 67.42 -8.15
CA PHE O 58 42.75 68.51 -7.66
C PHE O 58 42.70 69.68 -8.63
N LEU O 59 41.64 70.48 -8.49
CA LEU O 59 41.38 71.61 -9.39
C LEU O 59 40.71 72.75 -8.62
N ASP O 60 41.53 73.62 -8.05
CA ASP O 60 41.07 74.75 -7.22
C ASP O 60 40.27 74.28 -6.00
N ASP O 61 40.99 73.94 -4.93
CA ASP O 61 40.41 73.43 -3.68
C ASP O 61 39.21 72.49 -3.86
N LYS O 62 39.30 71.62 -4.85
CA LYS O 62 38.21 70.70 -5.19
C LYS O 62 38.75 69.58 -6.09
N GLU O 63 38.17 68.40 -5.98
CA GLU O 63 38.66 67.22 -6.70
C GLU O 63 38.28 67.31 -8.18
N VAL O 64 39.18 66.84 -9.05
CA VAL O 64 39.01 66.98 -10.50
C VAL O 64 37.76 66.28 -11.02
N LYS O 65 37.51 65.06 -10.54
CA LYS O 65 36.35 64.28 -11.00
C LYS O 65 35.01 64.88 -10.57
N LYS O 66 35.02 65.71 -9.51
CA LYS O 66 33.84 66.47 -9.11
C LYS O 66 33.82 67.88 -9.74
N SER O 67 34.66 68.10 -10.76
CA SER O 67 34.74 69.39 -11.45
C SER O 67 35.05 69.19 -12.94
N LEU O 68 34.43 68.17 -13.54
CA LEU O 68 34.65 67.85 -14.95
C LEU O 68 33.99 68.86 -15.89
N HIS O 69 32.91 69.50 -15.41
CA HIS O 69 32.23 70.55 -16.17
C HIS O 69 33.10 71.78 -16.45
N ARG O 70 34.18 71.95 -15.67
CA ARG O 70 35.12 73.05 -15.87
C ARG O 70 36.27 72.72 -16.83
N ILE O 71 36.37 71.47 -17.27
CA ILE O 71 37.49 71.02 -18.10
C ILE O 71 37.01 70.56 -19.47
N ALA O 72 37.85 70.74 -20.49
CA ALA O 72 37.56 70.32 -21.86
C ALA O 72 38.70 69.45 -22.40
N TYR O 73 38.39 68.18 -22.66
CA TYR O 73 39.38 67.23 -23.17
C TYR O 73 39.29 67.08 -24.68
N VAL O 74 40.37 67.44 -25.38
CA VAL O 74 40.46 67.30 -26.83
C VAL O 74 41.40 66.14 -27.16
N GLU O 75 40.81 65.02 -27.54
CA GLU O 75 41.55 63.78 -27.81
C GLU O 75 42.26 63.81 -29.17
N GLN O 76 43.04 62.75 -29.44
CA GLN O 76 43.73 62.60 -30.71
C GLN O 76 42.74 62.27 -31.83
N LYS O 77 43.09 62.66 -33.06
CA LYS O 77 42.25 62.38 -34.22
C LYS O 77 42.13 60.90 -34.54
N ILE O 78 43.16 60.13 -34.19
CA ILE O 78 43.20 58.69 -34.48
C ILE O 78 42.00 57.96 -33.88
N ASN O 79 41.67 58.28 -32.63
CA ASN O 79 40.57 57.62 -31.92
C ASN O 79 39.18 57.96 -32.48
N ILE O 80 39.02 59.18 -33.00
CA ILE O 80 37.73 59.63 -33.52
C ILE O 80 37.44 58.99 -34.89
N ASP O 81 36.23 58.46 -35.04
CA ASP O 81 35.82 57.80 -36.28
C ASP O 81 35.38 58.83 -37.31
N TYR O 82 36.11 58.88 -38.43
CA TYR O 82 35.81 59.83 -39.51
C TYR O 82 34.50 59.50 -40.22
N ASN O 83 34.21 58.22 -40.37
CA ASN O 83 33.07 57.75 -41.17
C ASN O 83 31.71 57.88 -40.48
N PHE O 84 31.69 58.21 -39.20
CA PHE O 84 30.43 58.41 -38.47
C PHE O 84 29.62 59.54 -39.11
N PRO O 85 28.30 59.33 -39.31
CA PRO O 85 27.49 60.35 -39.97
C PRO O 85 27.23 61.54 -39.03
N ILE O 86 27.98 62.61 -39.24
CA ILE O 86 27.84 63.82 -38.41
C ILE O 86 28.46 65.02 -39.13
N LYS O 87 27.71 66.13 -39.15
CA LYS O 87 28.17 67.36 -39.78
C LYS O 87 29.11 68.11 -38.85
N VAL O 88 29.79 69.13 -39.38
CA VAL O 88 30.73 69.93 -38.60
C VAL O 88 30.01 70.66 -37.46
N LYS O 89 28.91 71.33 -37.77
CA LYS O 89 28.13 72.05 -36.75
C LYS O 89 27.51 71.11 -35.71
N GLU O 90 27.14 69.91 -36.14
CA GLU O 90 26.60 68.90 -35.23
C GLU O 90 27.70 68.33 -34.33
N CYS O 91 28.92 68.23 -34.86
CA CYS O 91 30.07 67.75 -34.09
C CYS O 91 30.48 68.77 -33.02
N VAL O 92 30.46 70.06 -33.38
CA VAL O 92 30.79 71.14 -32.44
C VAL O 92 29.73 71.28 -31.35
N SER O 93 28.47 70.99 -31.69
CA SER O 93 27.37 71.08 -30.74
C SER O 93 27.44 70.05 -29.60
N LEU O 94 28.24 69.00 -29.79
CA LEU O 94 28.46 67.99 -28.75
C LEU O 94 29.08 68.57 -27.46
N GLY O 95 29.82 69.67 -27.60
CA GLY O 95 30.39 70.36 -26.44
C GLY O 95 29.36 71.05 -25.54
N LEU O 96 28.18 71.32 -26.08
CA LEU O 96 27.09 71.95 -25.33
C LEU O 96 26.15 70.96 -24.65
N PHE O 97 26.35 69.67 -24.89
CA PHE O 97 25.45 68.62 -24.38
C PHE O 97 25.38 68.53 -22.87
N PRO O 98 26.53 68.68 -22.16
CA PRO O 98 26.52 68.63 -20.69
C PRO O 98 25.65 69.70 -20.03
N SER O 99 25.55 70.88 -20.63
CA SER O 99 24.71 71.96 -20.08
C SER O 99 23.22 71.67 -20.24
N ILE O 100 22.86 70.92 -21.28
CA ILE O 100 21.47 70.57 -21.55
C ILE O 100 21.04 69.40 -20.67
N PRO O 101 19.96 69.57 -19.88
CA PRO O 101 19.43 68.48 -19.07
C PRO O 101 18.53 67.54 -19.87
N LEU O 102 18.00 66.50 -19.21
CA LEU O 102 17.10 65.54 -19.85
C LEU O 102 15.77 66.20 -20.20
N PHE O 103 15.13 65.69 -21.25
CA PHE O 103 13.89 66.25 -21.79
C PHE O 103 14.06 67.73 -22.19
N ARG O 104 15.18 68.02 -22.84
CA ARG O 104 15.50 69.39 -23.25
C ARG O 104 16.36 69.38 -24.51
N SER O 105 16.14 70.38 -25.38
CA SER O 105 16.82 70.46 -26.67
C SER O 105 17.60 71.77 -26.81
N LEU O 106 18.41 71.84 -27.86
CA LEU O 106 19.22 73.03 -28.14
C LEU O 106 18.38 74.12 -28.81
N LYS O 107 18.26 75.25 -28.13
CA LYS O 107 17.57 76.43 -28.67
C LYS O 107 18.51 77.24 -29.56
N ALA O 108 18.04 78.38 -30.05
CA ALA O 108 18.85 79.27 -30.89
C ALA O 108 20.05 79.84 -30.13
N LYS O 109 19.88 80.08 -28.84
CA LYS O 109 20.96 80.54 -27.95
C LYS O 109 22.20 79.66 -28.08
N HIS O 110 22.00 78.36 -28.11
CA HIS O 110 23.09 77.39 -28.18
C HIS O 110 23.73 77.30 -29.57
N TRP O 111 22.92 77.38 -30.62
CA TRP O 111 23.42 77.35 -32.00
C TRP O 111 24.22 78.61 -32.38
N LYS O 112 23.97 79.71 -31.67
CA LYS O 112 24.78 80.92 -31.85
C LYS O 112 26.23 80.69 -31.40
N LYS O 113 26.39 80.01 -30.28
CA LYS O 113 27.72 79.68 -29.75
C LYS O 113 28.49 78.73 -30.68
N VAL O 114 27.77 77.84 -31.35
CA VAL O 114 28.37 76.91 -32.32
C VAL O 114 28.86 77.67 -33.55
N GLN O 115 28.01 78.57 -34.06
CA GLN O 115 28.39 79.42 -35.20
C GLN O 115 29.53 80.37 -34.83
N GLU O 116 29.47 80.92 -33.61
CA GLU O 116 30.53 81.79 -33.11
C GLU O 116 31.85 81.03 -32.93
N ALA O 117 31.76 79.78 -32.49
CA ALA O 117 32.93 78.93 -32.31
C ALA O 117 33.60 78.57 -33.63
N LEU O 118 32.80 78.30 -34.66
CA LEU O 118 33.30 77.93 -35.97
C LEU O 118 33.99 79.10 -36.69
N GLU O 119 33.43 80.29 -36.58
CA GLU O 119 34.01 81.48 -37.23
C GLU O 119 35.27 81.99 -36.53
N ILE O 120 35.46 81.62 -35.27
CA ILE O 120 36.73 81.87 -34.57
C ILE O 120 37.86 81.04 -35.19
N VAL O 121 37.56 79.79 -35.52
CA VAL O 121 38.54 78.91 -36.16
C VAL O 121 38.51 78.97 -37.69
N GLY O 122 37.55 79.70 -38.25
CA GLY O 122 37.48 79.93 -39.70
C GLY O 122 36.87 78.76 -40.48
N LEU O 123 35.80 78.20 -39.94
CA LEU O 123 35.08 77.10 -40.59
C LEU O 123 33.57 77.37 -40.62
N ALA O 124 33.21 78.59 -41.00
CA ALA O 124 31.81 78.97 -41.15
C ALA O 124 31.21 78.32 -42.40
N ASP O 125 31.97 78.35 -43.49
CA ASP O 125 31.56 77.75 -44.77
C ASP O 125 31.55 76.22 -44.71
N TYR O 126 32.36 75.64 -43.84
CA TYR O 126 32.47 74.18 -43.71
C TYR O 126 31.46 73.56 -42.73
N ALA O 127 30.55 74.38 -42.19
CA ALA O 127 29.63 73.93 -41.15
C ALA O 127 28.71 72.76 -41.57
N GLU O 128 28.32 72.74 -42.84
CA GLU O 128 27.36 71.74 -43.33
C GLU O 128 28.02 70.46 -43.86
N ARG O 129 29.30 70.53 -44.21
CA ARG O 129 30.01 69.36 -44.75
C ARG O 129 30.25 68.28 -43.68
N GLN O 130 30.49 67.06 -44.13
CA GLN O 130 30.79 65.94 -43.25
C GLN O 130 32.22 66.03 -42.74
N ILE O 131 32.48 65.46 -41.57
CA ILE O 131 33.82 65.47 -40.97
C ILE O 131 34.82 64.62 -41.76
N SER O 132 34.31 63.64 -42.51
CA SER O 132 35.16 62.82 -43.39
C SER O 132 35.70 63.62 -44.58
N GLN O 133 34.89 64.56 -45.09
CA GLN O 133 35.26 65.37 -46.24
C GLN O 133 36.35 66.41 -45.94
N LEU O 134 36.51 66.75 -44.66
CA LEU O 134 37.51 67.74 -44.23
C LEU O 134 38.93 67.16 -44.23
N SER O 135 39.91 68.05 -44.19
CA SER O 135 41.31 67.67 -44.06
C SER O 135 41.69 67.49 -42.58
N GLY O 136 42.92 67.04 -42.32
CA GLY O 136 43.40 66.84 -40.97
C GLY O 136 43.46 68.12 -40.16
N GLY O 137 43.98 69.18 -40.77
CA GLY O 137 44.06 70.49 -40.12
C GLY O 137 42.69 71.10 -39.87
N GLN O 138 41.81 71.00 -40.86
CA GLN O 138 40.43 71.50 -40.73
C GLN O 138 39.65 70.72 -39.68
N PHE O 139 39.88 69.40 -39.61
CA PHE O 139 39.22 68.56 -38.62
C PHE O 139 39.69 68.87 -37.20
N GLN O 140 40.97 69.18 -37.04
CA GLN O 140 41.51 69.63 -35.76
C GLN O 140 40.80 70.87 -35.23
N ARG O 141 40.52 71.81 -36.14
CA ARG O 141 39.85 73.06 -35.78
C ARG O 141 38.39 72.85 -35.34
N VAL O 142 37.76 71.80 -35.87
CA VAL O 142 36.41 71.41 -35.43
C VAL O 142 36.44 70.95 -33.97
N LEU O 143 37.50 70.23 -33.59
CA LEU O 143 37.67 69.79 -32.19
C LEU O 143 37.96 70.97 -31.25
N ILE O 144 38.63 72.00 -31.75
CA ILE O 144 38.86 73.23 -30.99
C ILE O 144 37.57 74.06 -30.91
N ALA O 145 36.78 74.06 -31.98
CA ALA O 145 35.46 74.68 -31.97
C ALA O 145 34.54 73.96 -30.98
N ARG O 146 34.63 72.63 -30.96
CA ARG O 146 33.90 71.80 -29.99
C ARG O 146 34.38 72.08 -28.57
N CYS O 147 35.67 72.35 -28.41
CA CYS O 147 36.24 72.71 -27.13
C CYS O 147 35.81 74.10 -26.65
N LEU O 148 35.76 75.07 -27.56
CA LEU O 148 35.41 76.45 -27.21
C LEU O 148 33.99 76.60 -26.64
N VAL O 149 33.04 75.87 -27.22
CA VAL O 149 31.63 75.96 -26.80
C VAL O 149 31.38 75.43 -25.38
N GLN O 150 32.29 74.61 -24.87
CA GLN O 150 32.23 74.15 -23.47
C GLN O 150 32.52 75.30 -22.50
N GLU O 151 33.31 76.27 -22.95
CA GLU O 151 33.68 77.45 -22.15
C GLU O 151 34.35 77.02 -20.85
N ALA O 152 35.38 76.18 -20.99
CA ALA O 152 36.06 75.57 -19.86
C ALA O 152 37.25 76.43 -19.42
N ASP O 153 37.50 76.45 -18.11
CA ASP O 153 38.64 77.17 -17.54
C ASP O 153 39.96 76.44 -17.77
N TYR O 154 39.89 75.12 -17.97
CA TYR O 154 41.06 74.30 -18.24
C TYR O 154 40.89 73.52 -19.54
N ILE O 155 41.85 73.69 -20.45
CA ILE O 155 41.81 73.00 -21.75
C ILE O 155 42.93 71.96 -21.81
N LEU O 156 42.56 70.72 -22.11
CA LEU O 156 43.52 69.62 -22.24
C LEU O 156 43.55 69.10 -23.67
N LEU O 157 44.69 69.25 -24.33
CA LEU O 157 44.84 68.89 -25.74
C LEU O 157 45.85 67.76 -25.89
N ASP O 158 45.47 66.71 -26.61
CA ASP O 158 46.35 65.56 -26.85
C ASP O 158 46.83 65.56 -28.30
N GLU O 159 48.04 66.07 -28.51
CA GLU O 159 48.68 66.14 -29.82
C GLU O 159 47.82 66.83 -30.88
N PRO O 160 47.43 68.10 -30.63
CA PRO O 160 46.62 68.85 -31.58
C PRO O 160 47.37 69.28 -32.84
N PHE O 161 48.71 69.33 -32.77
CA PHE O 161 49.54 69.75 -33.89
C PHE O 161 50.14 68.59 -34.69
N ALA O 162 49.76 67.35 -34.34
CA ALA O 162 50.28 66.17 -35.02
C ALA O 162 49.61 65.96 -36.37
N GLY O 163 50.38 66.11 -37.45
CA GLY O 163 49.90 65.87 -38.80
C GLY O 163 48.86 66.87 -39.28
N ILE O 164 49.27 68.14 -39.35
CA ILE O 164 48.42 69.20 -39.87
C ILE O 164 49.22 70.20 -40.70
N ASP O 165 48.54 70.93 -41.57
CA ASP O 165 49.15 72.02 -42.32
C ASP O 165 49.41 73.22 -41.41
N SER O 166 50.38 74.04 -41.77
CA SER O 166 50.79 75.18 -40.96
C SER O 166 49.76 76.32 -40.89
N VAL O 167 48.83 76.34 -41.85
CA VAL O 167 47.74 77.34 -41.85
C VAL O 167 46.77 77.06 -40.70
N SER O 168 46.43 75.79 -40.51
CA SER O 168 45.57 75.36 -39.41
C SER O 168 46.26 75.52 -38.06
N GLU O 169 47.55 75.18 -38.02
CA GLU O 169 48.36 75.26 -36.80
C GLU O 169 48.40 76.69 -36.23
N GLU O 170 48.57 77.68 -37.11
CA GLU O 170 48.57 79.08 -36.71
C GLU O 170 47.21 79.54 -36.17
N ILE O 171 46.15 79.08 -36.83
CA ILE O 171 44.78 79.41 -36.41
C ILE O 171 44.45 78.77 -35.06
N ILE O 172 44.87 77.52 -34.87
CA ILE O 172 44.67 76.82 -33.61
C ILE O 172 45.47 77.49 -32.49
N MET O 173 46.74 77.80 -32.77
CA MET O 173 47.62 78.37 -31.76
C MET O 173 47.18 79.78 -31.33
N ASN O 174 46.75 80.59 -32.28
CA ASN O 174 46.20 81.93 -31.97
C ASN O 174 44.99 81.85 -31.04
N THR O 175 44.15 80.85 -31.25
CA THR O 175 42.98 80.62 -30.40
C THR O 175 43.40 80.29 -28.96
N LEU O 176 44.45 79.49 -28.82
CA LEU O 176 44.97 79.11 -27.50
C LEU O 176 45.74 80.24 -26.81
N ARG O 177 46.35 81.13 -27.60
CA ARG O 177 46.97 82.34 -27.04
C ARG O 177 45.93 83.26 -26.41
N ASP O 178 44.75 83.33 -27.02
CA ASP O 178 43.66 84.17 -26.51
C ASP O 178 43.06 83.62 -25.22
N LEU O 179 43.01 82.29 -25.09
CA LEU O 179 42.52 81.65 -23.88
C LEU O 179 43.48 81.88 -22.71
N LYS O 180 44.78 81.86 -22.98
CA LYS O 180 45.80 82.20 -21.99
C LYS O 180 45.61 83.64 -21.50
N LYS O 181 45.32 84.56 -22.43
CA LYS O 181 45.05 85.96 -22.08
C LYS O 181 43.76 86.13 -21.29
N ALA O 182 42.76 85.32 -21.61
CA ALA O 182 41.48 85.33 -20.88
C ALA O 182 41.62 84.87 -19.42
N GLY O 183 42.72 84.17 -19.11
CA GLY O 183 43.05 83.77 -17.75
C GLY O 183 42.76 82.30 -17.51
N LYS O 184 43.30 81.45 -18.40
CA LYS O 184 43.03 80.01 -18.37
C LYS O 184 44.28 79.18 -18.62
N THR O 185 44.22 77.92 -18.20
CA THR O 185 45.35 77.00 -18.29
C THR O 185 45.16 76.02 -19.45
N VAL O 186 45.92 76.25 -20.53
CA VAL O 186 45.95 75.33 -21.67
C VAL O 186 47.07 74.32 -21.43
N LEU O 187 46.74 73.05 -21.61
CA LEU O 187 47.70 71.96 -21.36
C LEU O 187 47.78 71.06 -22.59
N ILE O 188 48.89 71.17 -23.32
CA ILE O 188 49.06 70.47 -24.60
C ILE O 188 50.10 69.34 -24.50
N VAL O 189 49.70 68.13 -24.88
CA VAL O 189 50.63 67.01 -25.02
C VAL O 189 51.20 67.05 -26.43
N HIS O 190 52.49 67.39 -26.55
CA HIS O 190 53.11 67.58 -27.86
C HIS O 190 53.72 66.28 -28.41
N HIS O 191 53.59 66.09 -29.72
CA HIS O 191 53.97 64.84 -30.39
C HIS O 191 55.48 64.71 -30.66
N ASP O 192 56.19 65.84 -30.71
CA ASP O 192 57.64 65.85 -30.93
C ASP O 192 58.30 66.93 -30.08
N LEU O 193 59.57 67.21 -30.34
CA LEU O 193 60.30 68.25 -29.60
C LEU O 193 60.47 69.53 -30.43
N SER O 194 59.41 69.91 -31.16
CA SER O 194 59.45 71.07 -32.05
C SER O 194 58.67 72.24 -31.47
N LYS O 195 59.19 73.45 -31.66
CA LYS O 195 58.51 74.69 -31.28
C LYS O 195 58.18 74.75 -29.79
N ILE O 196 59.08 74.22 -28.97
CA ILE O 196 58.87 74.16 -27.52
C ILE O 196 58.97 75.53 -26.85
N PRO O 197 60.03 76.31 -27.16
CA PRO O 197 60.13 77.63 -26.53
C PRO O 197 59.18 78.67 -27.14
N HIS O 198 58.68 78.41 -28.35
CA HIS O 198 57.79 79.34 -29.04
C HIS O 198 56.33 79.19 -28.62
N TYR O 199 55.89 77.95 -28.38
CA TYR O 199 54.50 77.67 -28.01
C TYR O 199 54.26 77.62 -26.49
N PHE O 200 55.20 77.03 -25.76
CA PHE O 200 55.00 76.75 -24.34
C PHE O 200 55.84 77.65 -23.43
N ASP O 201 55.21 78.17 -22.37
CA ASP O 201 55.91 78.93 -21.33
C ASP O 201 56.29 78.04 -20.14
N GLN O 202 55.69 76.86 -20.07
CA GLN O 202 56.06 75.84 -19.08
C GLN O 202 56.15 74.48 -19.75
N VAL O 203 57.15 73.69 -19.35
CA VAL O 203 57.38 72.36 -19.93
C VAL O 203 57.28 71.29 -18.85
N LEU O 204 56.68 70.16 -19.22
CA LEU O 204 56.57 68.99 -18.35
C LEU O 204 57.14 67.78 -19.06
N LEU O 205 58.38 67.42 -18.73
CA LEU O 205 59.07 66.30 -19.36
C LEU O 205 58.72 64.99 -18.64
N VAL O 206 58.27 63.99 -19.40
CA VAL O 206 57.73 62.76 -18.82
C VAL O 206 58.33 61.49 -19.46
N ASN O 207 58.66 60.52 -18.61
CA ASN O 207 59.06 59.18 -19.04
C ASN O 207 58.81 58.20 -17.89
N ARG O 208 57.55 57.77 -17.78
CA ARG O 208 57.11 56.89 -16.68
C ARG O 208 57.36 57.52 -15.31
N GLU O 209 57.49 58.85 -15.28
CA GLU O 209 57.93 59.62 -14.12
C GLU O 209 58.17 61.05 -14.57
N VAL O 210 58.00 62.01 -13.68
CA VAL O 210 58.26 63.41 -14.00
C VAL O 210 59.77 63.64 -13.98
N ILE O 211 60.36 63.79 -15.17
CA ILE O 211 61.80 63.99 -15.30
C ILE O 211 62.17 65.42 -14.90
N ALA O 212 61.37 66.38 -15.37
CA ALA O 212 61.54 67.79 -15.01
C ALA O 212 60.26 68.57 -15.25
N PHE O 213 60.04 69.60 -14.44
CA PHE O 213 58.87 70.46 -14.57
C PHE O 213 59.20 71.89 -14.14
N GLY O 214 58.95 72.85 -15.03
CA GLY O 214 59.24 74.26 -14.76
C GLY O 214 59.17 75.10 -16.02
N PRO O 215 59.60 76.37 -15.94
CA PRO O 215 59.58 77.26 -17.11
C PRO O 215 60.43 76.72 -18.28
N THR O 216 59.98 77.00 -19.50
CA THR O 216 60.55 76.38 -20.71
C THR O 216 62.05 76.60 -20.87
N LYS O 217 62.47 77.86 -20.90
CA LYS O 217 63.88 78.20 -21.09
C LYS O 217 64.76 77.59 -20.00
N GLU O 218 64.21 77.49 -18.80
CA GLU O 218 64.93 76.94 -17.64
C GLU O 218 64.99 75.41 -17.67
N THR O 219 63.91 74.75 -18.08
CA THR O 219 63.79 73.29 -18.00
C THR O 219 63.98 72.53 -19.31
N PHE O 220 63.66 73.15 -20.44
CA PHE O 220 63.88 72.54 -21.76
C PHE O 220 65.36 72.64 -22.12
N THR O 221 66.17 71.77 -21.52
CA THR O 221 67.63 71.84 -21.64
C THR O 221 68.23 70.57 -22.23
N GLU O 222 69.51 70.65 -22.54
CA GLU O 222 70.28 69.51 -23.05
C GLU O 222 70.27 68.34 -22.06
N THR O 223 70.51 68.64 -20.79
CA THR O 223 70.66 67.62 -19.74
C THR O 223 69.37 66.87 -19.44
N ASN O 224 68.24 67.60 -19.41
CA ASN O 224 66.95 66.99 -19.09
C ASN O 224 66.44 66.06 -20.18
N LEU O 225 66.54 66.50 -21.43
CA LEU O 225 66.03 65.73 -22.57
C LEU O 225 66.75 64.39 -22.73
N LYS O 226 68.08 64.41 -22.64
CA LYS O 226 68.87 63.19 -22.77
C LYS O 226 68.64 62.21 -21.61
N GLU O 227 68.23 62.72 -20.45
CA GLU O 227 67.81 61.86 -19.35
C GLU O 227 66.45 61.22 -19.65
N ALA O 228 65.52 62.01 -20.18
CA ALA O 228 64.19 61.51 -20.53
C ALA O 228 64.25 60.51 -21.68
N TYR O 229 64.82 60.94 -22.80
CA TYR O 229 64.88 60.11 -24.01
C TYR O 229 65.91 58.97 -23.93
N GLY O 230 66.79 59.02 -22.93
CA GLY O 230 67.72 57.91 -22.65
C GLY O 230 67.35 57.13 -21.40
N ASN O 231 66.10 57.28 -20.95
CA ASN O 231 65.59 56.65 -19.72
C ASN O 231 66.37 57.12 -18.48
N GLN O 232 67.60 56.65 -18.33
CA GLN O 232 68.54 57.20 -17.34
C GLN O 232 69.95 56.65 -17.56
N LEU O 233 70.31 56.45 -18.83
CA LEU O 233 71.54 55.76 -19.20
C LEU O 233 72.06 56.24 -20.56
N PHE O 234 72.03 57.56 -20.77
CA PHE O 234 72.45 58.15 -22.04
C PHE O 234 73.97 58.13 -22.17
N MET P 1 1.64 38.90 -60.55
CA MET P 1 0.77 38.22 -59.55
C MET P 1 0.66 39.03 -58.26
N ILE P 2 0.06 40.22 -58.38
CA ILE P 2 -0.09 41.16 -57.26
C ILE P 2 -1.54 41.33 -56.80
N ALA P 3 -2.49 40.86 -57.60
CA ALA P 3 -3.92 41.06 -57.32
C ALA P 3 -4.39 40.36 -56.06
N GLU P 4 -4.00 39.10 -55.88
CA GLU P 4 -4.44 38.30 -54.74
C GLU P 4 -3.88 38.78 -53.40
N PHE P 5 -2.72 39.44 -53.43
CA PHE P 5 -2.11 39.97 -52.20
C PHE P 5 -2.87 41.18 -51.65
N ILE P 6 -3.24 42.08 -52.55
CA ILE P 6 -4.01 43.29 -52.17
C ILE P 6 -5.41 42.89 -51.71
N ASP P 7 -6.02 41.96 -52.42
CA ASP P 7 -7.36 41.45 -52.08
C ASP P 7 -7.35 40.64 -50.78
N GLY P 8 -6.24 39.94 -50.52
CA GLY P 8 -6.10 39.12 -49.31
C GLY P 8 -6.03 39.91 -48.01
N LEU P 9 -5.42 41.08 -48.05
CA LEU P 9 -5.29 41.94 -46.86
C LEU P 9 -6.64 42.42 -46.31
N GLN P 10 -7.62 42.58 -47.20
CA GLN P 10 -8.95 43.05 -46.82
C GLN P 10 -9.74 41.99 -46.03
N LYS P 11 -9.60 40.73 -46.42
CA LYS P 11 -10.42 39.65 -45.86
C LYS P 11 -9.80 38.99 -44.63
N PHE P 12 -8.55 38.55 -44.75
CA PHE P 12 -7.91 37.73 -43.71
C PHE P 12 -7.47 38.54 -42.49
N HIS P 13 -7.74 38.00 -41.30
CA HIS P 13 -7.37 38.63 -40.03
C HIS P 13 -5.90 38.39 -39.71
N PHE P 14 -5.42 37.17 -39.98
CA PHE P 14 -4.02 36.81 -39.73
C PHE P 14 -3.04 37.53 -40.66
N LEU P 15 -3.48 37.83 -41.89
CA LEU P 15 -2.62 38.45 -42.88
C LEU P 15 -2.39 39.94 -42.60
N GLN P 16 -3.43 40.64 -42.14
CA GLN P 16 -3.29 42.05 -41.76
C GLN P 16 -2.45 42.20 -40.49
N ASN P 17 -2.57 41.24 -39.58
CA ASN P 17 -1.71 41.19 -38.39
C ASN P 17 -0.27 40.85 -38.73
N ALA P 18 -0.09 40.00 -39.75
CA ALA P 18 1.24 39.67 -40.25
C ALA P 18 1.95 40.90 -40.82
N LEU P 19 1.20 41.74 -41.53
CA LEU P 19 1.74 42.98 -42.10
C LEU P 19 2.07 44.00 -41.02
N ILE P 20 1.13 44.23 -40.12
CA ILE P 20 1.30 45.22 -39.04
C ILE P 20 2.45 44.83 -38.10
N THR P 21 2.53 43.55 -37.76
CA THR P 21 3.61 43.03 -36.92
C THR P 21 4.97 43.15 -37.62
N ALA P 22 5.00 42.86 -38.93
CA ALA P 22 6.22 42.94 -39.73
C ALA P 22 6.72 44.39 -39.88
N ILE P 23 5.79 45.33 -40.01
CA ILE P 23 6.14 46.75 -40.09
C ILE P 23 6.78 47.24 -38.79
N VAL P 24 6.19 46.86 -37.66
CA VAL P 24 6.66 47.30 -36.34
C VAL P 24 8.07 46.77 -36.03
N VAL P 25 8.34 45.53 -36.43
CA VAL P 25 9.66 44.93 -36.22
C VAL P 25 10.72 45.60 -37.10
N GLY P 26 10.39 45.81 -38.36
CA GLY P 26 11.30 46.45 -39.32
C GLY P 26 11.74 47.84 -38.93
N ILE P 27 10.82 48.64 -38.39
CA ILE P 27 11.11 50.00 -37.93
C ILE P 27 11.99 49.98 -36.68
N VAL P 28 11.59 49.17 -35.69
CA VAL P 28 12.28 49.11 -34.41
C VAL P 28 13.66 48.45 -34.52
N ALA P 29 13.76 47.38 -35.32
CA ALA P 29 15.04 46.71 -35.54
C ALA P 29 16.02 47.59 -36.32
N GLY P 30 15.50 48.39 -37.25
CA GLY P 30 16.32 49.33 -38.02
C GLY P 30 16.88 50.45 -37.18
N ALA P 31 16.07 50.98 -36.26
CA ALA P 31 16.48 52.07 -35.39
C ALA P 31 17.57 51.64 -34.40
N VAL P 32 17.35 50.48 -33.77
CA VAL P 32 18.33 49.92 -32.84
C VAL P 32 19.59 49.48 -33.59
N GLY P 33 19.40 48.86 -34.74
CA GLY P 33 20.50 48.37 -35.57
C GLY P 33 21.55 49.40 -35.94
N CYS P 34 21.14 50.66 -36.08
CA CYS P 34 22.08 51.76 -36.37
C CYS P 34 23.13 51.89 -35.27
N PHE P 35 22.68 51.84 -34.02
CA PHE P 35 23.58 51.93 -32.87
C PHE P 35 24.47 50.68 -32.74
N ILE P 36 23.98 49.54 -33.20
CA ILE P 36 24.73 48.28 -33.13
C ILE P 36 25.97 48.33 -34.02
N ILE P 37 25.78 48.68 -35.30
CA ILE P 37 26.89 48.70 -36.26
C ILE P 37 27.86 49.87 -36.06
N LEU P 38 27.36 51.00 -35.57
CA LEU P 38 28.20 52.18 -35.30
C LEU P 38 29.10 51.96 -34.07
N ARG P 39 28.58 51.25 -33.07
CA ARG P 39 29.35 50.95 -31.86
C ARG P 39 30.13 49.63 -31.97
N GLY P 40 29.93 48.90 -33.07
CA GLY P 40 30.66 47.66 -33.32
C GLY P 40 30.22 46.50 -32.45
N MET P 41 28.90 46.33 -32.33
CA MET P 41 28.31 45.28 -31.49
C MET P 41 27.55 44.25 -32.33
N SER P 42 27.98 44.05 -33.58
CA SER P 42 27.34 43.12 -34.49
C SER P 42 27.53 41.67 -34.02
N LEU P 43 28.72 41.36 -33.53
CA LEU P 43 29.02 40.05 -32.95
C LEU P 43 28.18 39.82 -31.68
N MET P 44 28.07 40.85 -30.85
CA MET P 44 27.28 40.77 -29.62
C MET P 44 25.78 40.76 -29.90
N GLY P 45 25.37 41.34 -31.01
CA GLY P 45 23.96 41.35 -31.42
C GLY P 45 23.35 39.97 -31.61
N ASP P 46 24.11 39.09 -32.26
CA ASP P 46 23.67 37.72 -32.49
C ASP P 46 23.74 36.88 -31.22
N ALA P 47 24.70 37.20 -30.35
CA ALA P 47 24.90 36.48 -29.08
C ALA P 47 23.71 36.64 -28.14
N ILE P 48 23.18 37.86 -28.06
CA ILE P 48 22.03 38.15 -27.18
C ILE P 48 20.74 37.52 -27.71
N SER P 49 20.60 37.46 -29.04
CA SER P 49 19.46 36.79 -29.66
C SER P 49 19.39 35.32 -29.27
N HIS P 50 20.54 34.65 -29.28
CA HIS P 50 20.64 33.25 -28.88
C HIS P 50 20.47 33.08 -27.37
N ALA P 51 21.03 34.01 -26.60
CA ALA P 51 20.93 34.00 -25.14
C ALA P 51 19.50 34.26 -24.64
N VAL P 52 18.70 34.95 -25.43
CA VAL P 52 17.31 35.25 -25.08
C VAL P 52 16.42 33.99 -25.11
N LEU P 53 16.71 33.07 -26.03
CA LEU P 53 15.85 31.90 -26.25
C LEU P 53 15.56 31.05 -24.98
N PRO P 54 16.60 30.69 -24.21
CA PRO P 54 16.34 29.93 -22.99
C PRO P 54 15.55 30.72 -21.93
N GLY P 55 15.72 32.03 -21.90
CA GLY P 55 14.94 32.89 -21.03
C GLY P 55 13.48 32.94 -21.42
N VAL P 56 13.22 33.02 -22.72
CA VAL P 56 11.86 32.99 -23.26
C VAL P 56 11.23 31.61 -23.08
N ALA P 57 12.04 30.57 -23.30
CA ALA P 57 11.58 29.18 -23.17
C ALA P 57 11.22 28.85 -21.72
N LEU P 58 12.09 29.24 -20.79
CA LEU P 58 11.88 28.98 -19.36
C LEU P 58 10.79 29.88 -18.77
N SER P 59 10.54 31.03 -19.40
CA SER P 59 9.46 31.92 -18.98
C SER P 59 8.08 31.31 -19.24
N PHE P 60 7.96 30.52 -20.30
CA PHE P 60 6.70 29.87 -20.65
C PHE P 60 6.32 28.75 -19.67
N ILE P 61 7.29 27.89 -19.34
CA ILE P 61 7.03 26.75 -18.46
C ILE P 61 6.69 27.18 -17.03
N LEU P 62 7.33 28.25 -16.57
CA LEU P 62 7.00 28.86 -15.27
C LEU P 62 5.67 29.61 -15.33
N GLY P 63 5.40 30.24 -16.48
CA GLY P 63 4.18 31.01 -16.70
C GLY P 63 4.35 32.49 -16.43
N LEU P 64 5.53 33.01 -16.74
CA LEU P 64 5.86 34.42 -16.54
C LEU P 64 5.82 35.16 -17.88
N ASP P 65 6.01 36.48 -17.82
CA ASP P 65 6.06 37.30 -19.04
C ASP P 65 7.41 37.09 -19.73
N PHE P 66 7.39 37.10 -21.05
CA PHE P 66 8.58 36.74 -21.84
C PHE P 66 9.72 37.76 -21.74
N PHE P 67 9.37 39.01 -21.47
CA PHE P 67 10.36 40.10 -21.39
C PHE P 67 11.26 39.98 -20.15
N ILE P 68 10.71 39.46 -19.06
CA ILE P 68 11.46 39.31 -17.80
C ILE P 68 12.55 38.25 -17.95
N GLY P 69 12.19 37.09 -18.50
CA GLY P 69 13.15 36.00 -18.71
C GLY P 69 14.22 36.33 -19.74
N ALA P 70 13.84 37.04 -20.80
CA ALA P 70 14.76 37.41 -21.87
C ALA P 70 15.81 38.41 -21.39
N ILE P 71 15.38 39.41 -20.61
CA ILE P 71 16.29 40.42 -20.06
C ILE P 71 17.24 39.80 -19.03
N VAL P 72 16.74 38.83 -18.25
CA VAL P 72 17.57 38.12 -17.28
C VAL P 72 18.65 37.30 -17.99
N PHE P 73 18.23 36.34 -18.79
CA PHE P 73 19.17 35.46 -19.51
C PHE P 73 20.02 36.19 -20.56
N GLY P 74 19.51 37.29 -21.09
CA GLY P 74 20.26 38.11 -22.04
C GLY P 74 21.45 38.78 -21.39
N LEU P 75 21.22 39.41 -20.24
CA LEU P 75 22.28 40.07 -19.48
C LEU P 75 23.10 39.08 -18.66
N LEU P 76 22.56 37.88 -18.43
CA LEU P 76 23.31 36.80 -17.76
C LEU P 76 24.45 36.34 -18.66
N ALA P 77 24.14 36.17 -19.95
CA ALA P 77 25.15 35.79 -20.94
C ALA P 77 26.22 36.87 -21.10
N ALA P 78 25.80 38.14 -21.05
CA ALA P 78 26.73 39.27 -21.14
C ALA P 78 27.72 39.29 -19.97
N ILE P 79 27.25 38.89 -18.79
CA ILE P 79 28.12 38.76 -17.62
C ILE P 79 29.10 37.60 -17.78
N ILE P 80 28.61 36.48 -18.31
CA ILE P 80 29.46 35.29 -18.52
C ILE P 80 30.58 35.58 -19.53
N ILE P 81 30.27 36.32 -20.60
CA ILE P 81 31.27 36.68 -21.61
C ILE P 81 32.42 37.45 -20.96
N THR P 82 32.10 38.47 -20.17
CA THR P 82 33.11 39.25 -19.46
C THR P 82 33.82 38.44 -18.39
N TYR P 83 33.10 37.50 -17.78
CA TYR P 83 33.66 36.60 -16.77
C TYR P 83 34.64 35.60 -17.39
N ILE P 84 34.34 35.10 -18.58
CA ILE P 84 35.24 34.19 -19.31
C ILE P 84 36.50 34.94 -19.76
N LYS P 85 36.36 36.20 -20.14
CA LYS P 85 37.50 37.03 -20.53
C LYS P 85 38.45 37.28 -19.37
N GLY P 86 37.92 37.86 -18.29
CA GLY P 86 38.73 38.33 -17.18
C GLY P 86 39.31 37.27 -16.26
N ASN P 87 38.71 36.08 -16.23
CA ASN P 87 39.15 35.01 -15.35
C ASN P 87 39.65 33.77 -16.09
N SER P 88 40.14 33.97 -17.32
CA SER P 88 40.65 32.85 -18.13
C SER P 88 41.44 33.32 -19.34
N ILE P 89 42.04 32.35 -20.04
CA ILE P 89 42.89 32.60 -21.19
C ILE P 89 42.07 32.80 -22.48
N ILE P 90 40.82 32.31 -22.48
CA ILE P 90 39.97 32.35 -23.67
C ILE P 90 39.70 33.79 -24.12
N LYS P 91 39.75 34.01 -25.43
CA LYS P 91 39.62 35.35 -26.03
C LYS P 91 38.17 35.80 -26.13
N SER P 92 37.98 37.04 -26.57
CA SER P 92 36.65 37.67 -26.68
C SER P 92 35.68 36.91 -27.58
N ASP P 93 36.06 36.75 -28.85
CA ASP P 93 35.19 36.14 -29.85
C ASP P 93 34.88 34.68 -29.54
N THR P 94 35.87 33.96 -29.00
CA THR P 94 35.69 32.58 -28.58
C THR P 94 34.73 32.48 -27.39
N ALA P 95 34.86 33.42 -26.45
CA ALA P 95 33.97 33.48 -25.29
C ALA P 95 32.52 33.75 -25.70
N ILE P 96 32.34 34.66 -26.64
CA ILE P 96 31.00 35.00 -27.16
C ILE P 96 30.41 33.81 -27.91
N GLY P 97 31.23 33.17 -28.76
CA GLY P 97 30.78 32.01 -29.54
C GLY P 97 30.37 30.82 -28.69
N ILE P 98 31.10 30.58 -27.60
CA ILE P 98 30.81 29.48 -26.70
C ILE P 98 29.47 29.71 -25.98
N THR P 99 29.30 30.89 -25.40
CA THR P 99 28.10 31.21 -24.63
C THR P 99 26.85 31.39 -25.50
N SER P 100 27.03 31.75 -26.77
CA SER P 100 25.91 31.93 -27.68
C SER P 100 25.31 30.58 -28.07
N SER P 101 26.17 29.65 -28.51
CA SER P 101 25.72 28.31 -28.90
C SER P 101 25.27 27.48 -27.70
N SER P 102 25.93 27.66 -26.55
CA SER P 102 25.57 26.95 -25.33
C SER P 102 24.16 27.32 -24.85
N PHE P 103 23.85 28.61 -24.86
CA PHE P 103 22.52 29.09 -24.47
C PHE P 103 21.46 28.71 -25.51
N LEU P 104 21.84 28.69 -26.78
CA LEU P 104 20.94 28.26 -27.86
C LEU P 104 20.61 26.77 -27.72
N ALA P 105 21.62 25.96 -27.44
CA ALA P 105 21.43 24.53 -27.20
C ALA P 105 20.55 24.27 -25.98
N LEU P 106 20.73 25.09 -24.94
CA LEU P 106 19.89 25.02 -23.75
C LEU P 106 18.44 25.40 -24.07
N GLY P 107 18.27 26.44 -24.89
CA GLY P 107 16.94 26.90 -25.30
C GLY P 107 16.16 25.90 -26.13
N ILE P 108 16.85 25.12 -26.95
CA ILE P 108 16.22 24.08 -27.77
C ILE P 108 15.69 22.93 -26.89
N ILE P 109 16.45 22.59 -25.84
CA ILE P 109 16.03 21.54 -24.91
C ILE P 109 14.88 22.03 -24.02
N LEU P 110 14.95 23.29 -23.57
CA LEU P 110 13.93 23.86 -22.70
C LEU P 110 12.62 24.21 -23.42
N ILE P 111 12.63 24.22 -24.74
CA ILE P 111 11.39 24.31 -25.53
C ILE P 111 10.80 22.91 -25.69
N GLY P 112 11.67 21.90 -25.83
CA GLY P 112 11.22 20.51 -25.93
C GLY P 112 10.63 19.93 -24.65
N VAL P 113 10.88 20.57 -23.51
CA VAL P 113 10.40 20.08 -22.22
C VAL P 113 8.89 20.29 -22.03
N ALA P 114 8.34 21.38 -22.58
CA ALA P 114 6.91 21.67 -22.46
C ALA P 114 6.34 22.38 -23.70
N LYS P 115 6.85 22.02 -24.87
CA LYS P 115 6.31 22.49 -26.15
C LYS P 115 6.75 21.56 -27.28
N SER P 116 6.10 21.68 -28.44
CA SER P 116 6.40 20.85 -29.59
C SER P 116 7.57 21.42 -30.39
N SER P 117 8.14 20.59 -31.26
CA SER P 117 9.17 21.02 -32.20
C SER P 117 8.57 21.92 -33.29
N THR P 118 7.26 21.78 -33.52
CA THR P 118 6.52 22.68 -34.40
C THR P 118 6.62 24.12 -33.91
N ASP P 119 6.52 24.30 -32.59
CA ASP P 119 6.64 25.61 -31.95
C ASP P 119 8.09 26.09 -31.88
N LEU P 120 9.03 25.15 -31.72
CA LEU P 120 10.46 25.46 -31.73
C LEU P 120 10.88 26.13 -33.04
N PHE P 121 10.45 25.54 -34.15
CA PHE P 121 10.74 26.07 -35.48
C PHE P 121 10.11 27.45 -35.69
N HIS P 122 8.91 27.64 -35.12
CA HIS P 122 8.24 28.94 -35.18
C HIS P 122 9.01 30.04 -34.45
N ILE P 123 9.48 29.72 -33.24
CA ILE P 123 10.27 30.68 -32.45
C ILE P 123 11.61 31.00 -33.12
N LEU P 124 12.27 29.97 -33.63
CA LEU P 124 13.61 30.12 -34.21
C LEU P 124 13.62 30.77 -35.60
N PHE P 125 12.54 30.64 -36.37
CA PHE P 125 12.54 31.11 -37.77
C PHE P 125 11.40 32.06 -38.19
N GLY P 126 10.34 32.21 -37.40
CA GLY P 126 9.31 33.20 -37.72
C GLY P 126 7.92 33.00 -37.15
N ASN P 127 7.01 32.49 -37.98
CA ASN P 127 5.58 32.40 -37.67
C ASN P 127 4.92 33.78 -37.65
N ILE P 128 5.19 34.57 -38.70
CA ILE P 128 4.57 35.88 -38.88
C ILE P 128 3.11 35.77 -39.34
N LEU P 129 2.77 34.65 -39.98
CA LEU P 129 1.43 34.42 -40.52
C LEU P 129 0.41 33.94 -39.47
N ALA P 130 0.81 33.86 -38.20
CA ALA P 130 -0.09 33.46 -37.12
C ALA P 130 0.11 34.31 -35.86
N VAL P 131 0.18 35.63 -36.06
CA VAL P 131 0.31 36.57 -34.95
C VAL P 131 -1.08 37.05 -34.52
N GLN P 132 -1.39 36.84 -33.24
CA GLN P 132 -2.72 37.17 -32.70
C GLN P 132 -2.81 38.63 -32.26
N ASP P 133 -3.97 39.03 -31.75
CA ASP P 133 -4.20 40.42 -31.35
C ASP P 133 -3.33 40.84 -30.17
N THR P 134 -3.36 40.06 -29.10
CA THR P 134 -2.56 40.35 -27.90
C THR P 134 -1.07 40.38 -28.21
N ASP P 135 -0.63 39.52 -29.11
CA ASP P 135 0.77 39.52 -29.57
C ASP P 135 1.10 40.79 -30.36
N MET P 136 0.15 41.23 -31.19
CA MET P 136 0.35 42.42 -32.02
C MET P 136 0.38 43.71 -31.19
N PHE P 137 -0.51 43.82 -30.21
CA PHE P 137 -0.58 45.01 -29.36
C PHE P 137 0.62 45.14 -28.41
N ILE P 138 1.10 44.01 -27.90
CA ILE P 138 2.32 43.98 -27.09
C ILE P 138 3.53 44.39 -27.93
N THR P 139 3.57 43.95 -29.17
CA THR P 139 4.63 44.31 -30.11
C THR P 139 4.64 45.81 -30.40
N MET P 140 3.45 46.39 -30.61
CA MET P 140 3.31 47.83 -30.81
C MET P 140 3.61 48.60 -29.52
N GLY P 141 3.22 48.03 -28.38
CA GLY P 141 3.48 48.65 -27.09
C GLY P 141 4.94 48.68 -26.72
N VAL P 142 5.60 47.53 -26.82
CA VAL P 142 7.04 47.43 -26.53
C VAL P 142 7.88 48.11 -27.62
N GLY P 143 7.38 48.09 -28.85
CA GLY P 143 8.06 48.77 -29.96
C GLY P 143 8.06 50.28 -29.81
N ALA P 144 6.94 50.83 -29.37
CA ALA P 144 6.81 52.26 -29.10
C ALA P 144 7.66 52.68 -27.89
N ALA P 145 7.75 51.79 -26.90
CA ALA P 145 8.57 52.04 -25.71
C ALA P 145 10.06 52.11 -26.04
N ILE P 146 10.49 51.34 -27.03
CA ILE P 146 11.89 51.38 -27.50
C ILE P 146 12.16 52.68 -28.26
N LEU P 147 11.23 53.07 -29.13
CA LEU P 147 11.40 54.27 -29.96
C LEU P 147 11.41 55.57 -29.14
N LEU P 148 10.63 55.60 -28.06
CA LEU P 148 10.60 56.79 -27.19
C LEU P 148 11.86 56.89 -26.33
N LEU P 149 12.37 55.75 -25.87
CA LEU P 149 13.63 55.71 -25.11
C LEU P 149 14.79 56.22 -25.95
N ILE P 150 14.83 55.82 -27.22
CA ILE P 150 15.85 56.30 -28.16
C ILE P 150 15.72 57.81 -28.38
N TRP P 151 14.48 58.29 -28.47
CA TRP P 151 14.21 59.72 -28.66
C TRP P 151 14.57 60.54 -27.42
N ILE P 152 14.26 60.02 -26.24
CA ILE P 152 14.57 60.69 -24.98
C ILE P 152 16.09 60.78 -24.75
N PHE P 153 16.79 59.68 -25.01
CA PHE P 153 18.24 59.62 -24.82
C PHE P 153 19.02 59.70 -26.14
N PHE P 154 18.52 60.48 -27.09
CA PHE P 154 19.16 60.59 -28.41
C PHE P 154 20.53 61.26 -28.32
N LYS P 155 20.58 62.43 -27.71
CA LYS P 155 21.83 63.15 -27.50
C LYS P 155 22.85 62.36 -26.67
N GLN P 156 22.35 61.57 -25.73
CA GLN P 156 23.20 60.75 -24.87
C GLN P 156 23.77 59.54 -25.62
N LEU P 157 22.92 58.88 -26.41
CA LEU P 157 23.35 57.75 -27.23
C LEU P 157 24.22 58.18 -28.41
N LEU P 158 23.97 59.39 -28.92
CA LEU P 158 24.76 59.95 -30.02
C LEU P 158 26.23 60.13 -29.63
N ILE P 159 26.45 60.91 -28.57
CA ILE P 159 27.81 61.25 -28.12
C ILE P 159 28.61 60.04 -27.66
N THR P 160 27.95 59.06 -27.05
CA THR P 160 28.62 57.85 -26.57
C THR P 160 29.01 56.92 -27.73
N SER P 161 28.20 56.87 -28.77
CA SER P 161 28.48 56.05 -29.96
C SER P 161 29.60 56.63 -30.82
N PHE P 162 29.62 57.95 -30.95
CA PHE P 162 30.60 58.65 -31.79
C PHE P 162 31.91 58.89 -31.08
N ASP P 163 31.84 59.52 -29.90
CA ASP P 163 33.02 59.89 -29.14
C ASP P 163 32.82 59.57 -27.65
N GLU P 164 33.03 58.30 -27.31
CA GLU P 164 32.88 57.82 -25.94
C GLU P 164 33.94 58.41 -25.01
N LEU P 165 35.12 58.67 -25.56
CA LEU P 165 36.23 59.23 -24.79
C LEU P 165 35.92 60.65 -24.31
N LEU P 166 35.16 61.40 -25.11
CA LEU P 166 34.68 62.72 -24.71
C LEU P 166 33.59 62.61 -23.65
N ALA P 167 32.67 61.68 -23.83
CA ALA P 167 31.60 61.43 -22.86
C ALA P 167 32.18 61.05 -21.49
N LYS P 168 33.19 60.20 -21.50
CA LYS P 168 33.92 59.85 -20.27
C LYS P 168 34.55 61.07 -19.61
N ALA P 169 35.17 61.92 -20.43
CA ALA P 169 35.81 63.15 -19.94
C ALA P 169 34.82 64.14 -19.34
N MET P 170 33.58 64.14 -19.86
CA MET P 170 32.51 65.00 -19.35
C MET P 170 31.85 64.44 -18.08
N GLY P 171 32.16 63.19 -17.73
CA GLY P 171 31.64 62.57 -16.51
C GLY P 171 30.32 61.83 -16.70
N MET P 172 29.98 61.52 -17.95
CA MET P 172 28.74 60.82 -18.26
C MET P 172 28.88 59.34 -17.92
N PRO P 173 27.79 58.70 -17.46
CA PRO P 173 27.82 57.26 -17.19
C PRO P 173 27.76 56.47 -18.50
N VAL P 174 28.92 56.27 -19.11
CA VAL P 174 28.99 55.63 -20.44
C VAL P 174 28.48 54.18 -20.43
N ASN P 175 28.72 53.46 -19.33
CA ASN P 175 28.28 52.07 -19.20
C ASN P 175 26.76 51.95 -19.06
N PHE P 176 26.13 52.94 -18.43
CA PHE P 176 24.66 52.96 -18.31
C PHE P 176 24.00 52.96 -19.68
N TYR P 177 24.55 53.74 -20.62
CA TYR P 177 24.01 53.81 -21.98
C TYR P 177 24.34 52.58 -22.81
N HIS P 178 25.45 51.90 -22.47
CA HIS P 178 25.78 50.60 -23.04
C HIS P 178 24.77 49.55 -22.59
N TYR P 179 24.49 49.54 -21.29
CA TYR P 179 23.47 48.64 -20.72
C TYR P 179 22.08 48.96 -21.24
N LEU P 180 21.78 50.26 -21.39
CA LEU P 180 20.49 50.70 -21.93
C LEU P 180 20.25 50.15 -23.34
N LEU P 181 21.29 50.20 -24.17
CA LEU P 181 21.19 49.74 -25.55
C LEU P 181 20.99 48.23 -25.65
N MET P 182 21.63 47.48 -24.75
CA MET P 182 21.50 46.02 -24.72
C MET P 182 20.15 45.56 -24.15
N VAL P 183 19.54 46.40 -23.30
CA VAL P 183 18.18 46.15 -22.82
C VAL P 183 17.18 46.32 -23.96
N LEU P 184 17.41 47.31 -24.83
CA LEU P 184 16.60 47.50 -26.03
C LEU P 184 16.82 46.33 -27.00
N LEU P 185 18.07 45.87 -27.10
CA LEU P 185 18.42 44.75 -27.97
C LEU P 185 17.68 43.46 -27.60
N THR P 186 17.51 43.21 -26.30
CA THR P 186 16.76 42.04 -25.82
C THR P 186 15.26 42.17 -26.10
N LEU P 187 14.73 43.39 -26.02
CA LEU P 187 13.33 43.65 -26.32
C LEU P 187 13.04 43.49 -27.82
N VAL P 188 14.00 43.89 -28.66
CA VAL P 188 13.88 43.68 -30.10
C VAL P 188 14.01 42.20 -30.45
N SER P 189 14.87 41.49 -29.72
CA SER P 189 15.08 40.06 -29.96
C SER P 189 13.79 39.25 -29.79
N VAL P 190 13.15 39.39 -28.64
CA VAL P 190 11.88 38.69 -28.37
C VAL P 190 10.75 39.13 -29.30
N THR P 191 10.76 40.41 -29.68
CA THR P 191 9.76 40.96 -30.60
C THR P 191 9.98 40.44 -32.02
N ALA P 192 11.25 40.30 -32.41
CA ALA P 192 11.60 39.85 -33.76
C ALA P 192 11.43 38.34 -33.98
N MET P 193 11.19 37.59 -32.89
CA MET P 193 10.89 36.16 -32.99
C MET P 193 9.64 35.90 -33.83
N GLN P 194 8.70 36.84 -33.81
CA GLN P 194 7.45 36.72 -34.57
C GLN P 194 7.65 36.81 -36.08
N SER P 195 8.61 37.63 -36.52
CA SER P 195 8.84 37.85 -37.95
C SER P 195 9.94 36.96 -38.54
N VAL P 196 11.19 37.27 -38.22
CA VAL P 196 12.34 36.58 -38.82
C VAL P 196 12.88 35.42 -37.97
N GLY P 197 12.48 35.37 -36.70
CA GLY P 197 12.88 34.29 -35.80
C GLY P 197 14.24 34.50 -35.17
N THR P 198 14.48 33.79 -34.07
CA THR P 198 15.71 33.93 -33.27
C THR P 198 17.01 33.92 -34.08
N ILE P 199 17.07 33.08 -35.11
CA ILE P 199 18.32 32.88 -35.87
C ILE P 199 18.66 34.07 -36.78
N LEU P 200 17.64 34.67 -37.41
CA LEU P 200 17.86 35.74 -38.39
C LEU P 200 17.56 37.15 -37.86
N ILE P 201 17.52 37.32 -36.53
CA ILE P 201 17.31 38.65 -35.93
C ILE P 201 18.47 39.58 -36.26
N VAL P 202 19.69 39.03 -36.20
CA VAL P 202 20.91 39.77 -36.51
C VAL P 202 20.84 40.47 -37.86
N ALA P 203 20.21 39.84 -38.84
CA ALA P 203 20.08 40.39 -40.20
C ALA P 203 19.22 41.65 -40.23
N MET P 204 18.10 41.62 -39.51
CA MET P 204 17.18 42.77 -39.47
C MET P 204 17.76 43.98 -38.71
N LEU P 205 18.75 43.74 -37.86
CA LEU P 205 19.45 44.82 -37.18
C LEU P 205 20.46 45.47 -38.13
N ILE P 206 21.45 44.69 -38.56
CA ILE P 206 22.63 45.24 -39.26
C ILE P 206 22.41 45.55 -40.74
N THR P 207 21.63 44.75 -41.45
CA THR P 207 21.49 44.89 -42.90
C THR P 207 20.77 46.20 -43.32
N PRO P 208 19.63 46.52 -42.67
CA PRO P 208 19.01 47.82 -42.96
C PRO P 208 19.85 49.00 -42.48
N ALA P 209 20.58 48.82 -41.39
CA ALA P 209 21.46 49.86 -40.85
C ALA P 209 22.64 50.12 -41.78
N ALA P 210 23.27 49.03 -42.23
CA ALA P 210 24.40 49.12 -43.16
C ALA P 210 24.00 49.76 -44.49
N THR P 211 22.78 49.50 -44.94
CA THR P 211 22.24 50.13 -46.14
C THR P 211 22.05 51.64 -45.93
N ALA P 212 21.45 52.00 -44.79
CA ALA P 212 21.25 53.41 -44.44
C ALA P 212 22.56 54.13 -44.12
N TYR P 213 23.55 53.37 -43.65
CA TYR P 213 24.88 53.91 -43.34
C TYR P 213 25.60 54.43 -44.60
N LEU P 214 25.26 53.86 -45.76
CA LEU P 214 25.82 54.29 -47.04
C LEU P 214 25.23 55.61 -47.54
N TYR P 215 23.98 55.92 -47.15
CA TYR P 215 23.30 57.13 -47.58
C TYR P 215 23.37 58.27 -46.56
N ALA P 216 23.21 57.94 -45.28
CA ALA P 216 22.94 58.94 -44.24
C ALA P 216 24.07 59.94 -43.99
N ASN P 217 23.68 61.18 -43.70
CA ASN P 217 24.60 62.25 -43.32
C ASN P 217 24.44 62.64 -41.83
N SER P 218 23.55 61.95 -41.12
CA SER P 218 23.36 62.18 -39.69
C SER P 218 22.77 60.93 -39.02
N LEU P 219 22.75 60.91 -37.69
CA LEU P 219 22.21 59.77 -36.94
C LEU P 219 20.69 59.68 -37.05
N LYS P 220 20.02 60.82 -36.97
CA LYS P 220 18.56 60.88 -37.10
C LYS P 220 18.11 60.44 -38.50
N SER P 221 18.83 60.92 -39.52
CA SER P 221 18.57 60.55 -40.90
C SER P 221 18.86 59.07 -41.16
N MET P 222 19.88 58.54 -40.49
CA MET P 222 20.25 57.13 -40.60
C MET P 222 19.18 56.23 -39.98
N ILE P 223 18.71 56.59 -38.79
CA ILE P 223 17.63 55.86 -38.11
C ILE P 223 16.35 55.90 -38.95
N PHE P 224 16.06 57.06 -39.54
CA PHE P 224 14.90 57.21 -40.41
C PHE P 224 14.99 56.31 -41.64
N LEU P 225 16.16 56.31 -42.29
CA LEU P 225 16.40 55.50 -43.48
C LEU P 225 16.45 54.00 -43.16
N SER P 226 17.15 53.65 -42.09
CA SER P 226 17.29 52.24 -41.67
C SER P 226 15.94 51.59 -41.38
N SER P 227 15.04 52.33 -40.73
CA SER P 227 13.69 51.86 -40.46
C SER P 227 12.89 51.67 -41.75
N THR P 228 13.09 52.56 -42.72
CA THR P 228 12.41 52.49 -44.01
C THR P 228 12.85 51.26 -44.81
N PHE P 229 14.15 51.02 -44.86
CA PHE P 229 14.69 49.83 -45.54
C PHE P 229 14.22 48.55 -44.87
N GLY P 230 14.21 48.55 -43.54
CA GLY P 230 13.74 47.40 -42.76
C GLY P 230 12.23 47.17 -42.87
N ALA P 231 11.47 48.26 -42.91
CA ALA P 231 10.02 48.19 -43.03
C ALA P 231 9.57 47.73 -44.42
N THR P 232 10.20 48.30 -45.45
CA THR P 232 9.89 47.95 -46.84
C THR P 232 10.33 46.52 -47.18
N ALA P 233 11.47 46.10 -46.63
CA ALA P 233 11.95 44.73 -46.81
C ALA P 233 11.03 43.71 -46.12
N SER P 234 10.43 44.11 -45.01
CA SER P 234 9.46 43.28 -44.31
C SER P 234 8.15 43.15 -45.10
N VAL P 235 7.74 44.22 -45.77
CA VAL P 235 6.54 44.20 -46.61
C VAL P 235 6.75 43.31 -47.84
N LEU P 236 7.77 43.62 -48.63
CA LEU P 236 8.10 42.86 -49.83
C LEU P 236 8.52 41.42 -49.51
N GLY P 237 9.14 41.22 -48.34
CA GLY P 237 9.50 39.88 -47.87
C GLY P 237 8.28 39.05 -47.50
N LEU P 238 7.29 39.70 -46.90
CA LEU P 238 6.01 39.06 -46.60
C LEU P 238 5.21 38.80 -47.88
N PHE P 239 5.34 39.71 -48.86
CA PHE P 239 4.71 39.55 -50.17
C PHE P 239 5.27 38.35 -50.93
N ILE P 240 6.60 38.22 -50.93
CA ILE P 240 7.26 37.08 -51.60
C ILE P 240 6.96 35.78 -50.87
N GLY P 241 7.04 35.80 -49.55
CA GLY P 241 6.75 34.61 -48.73
C GLY P 241 5.32 34.13 -48.87
N TYR P 242 4.39 35.07 -49.02
CA TYR P 242 2.97 34.75 -49.16
C TYR P 242 2.64 34.22 -50.56
N SER P 243 2.93 35.06 -51.58
CA SER P 243 2.53 34.76 -52.96
C SER P 243 3.23 33.51 -53.53
N PHE P 244 4.56 33.53 -53.56
CA PHE P 244 5.33 32.39 -54.06
C PHE P 244 5.29 31.18 -53.12
N ASN P 245 4.80 31.38 -51.89
CA ASN P 245 4.56 30.30 -50.93
C ASN P 245 5.87 29.70 -50.45
N VAL P 246 6.65 30.53 -49.77
CA VAL P 246 7.94 30.12 -49.19
C VAL P 246 8.12 30.76 -47.81
N ALA P 247 9.21 30.42 -47.13
CA ALA P 247 9.51 30.98 -45.81
C ALA P 247 9.54 32.50 -45.83
N ALA P 248 8.77 33.12 -44.94
CA ALA P 248 8.66 34.57 -44.87
C ALA P 248 9.92 35.20 -44.29
N GLY P 249 10.39 34.65 -43.17
CA GLY P 249 11.59 35.14 -42.50
C GLY P 249 12.79 35.29 -43.41
N SER P 250 13.06 34.24 -44.20
CA SER P 250 14.18 34.24 -45.14
C SER P 250 13.96 35.23 -46.28
N SER P 251 12.72 35.34 -46.75
CA SER P 251 12.38 36.26 -47.83
C SER P 251 12.59 37.72 -47.44
N ILE P 252 12.31 38.05 -46.18
CA ILE P 252 12.50 39.40 -45.65
C ILE P 252 14.00 39.77 -45.58
N VAL P 253 14.83 38.80 -45.21
CA VAL P 253 16.28 39.01 -45.14
C VAL P 253 16.87 39.20 -46.53
N LEU P 254 16.46 38.35 -47.47
CA LEU P 254 16.94 38.44 -48.85
C LEU P 254 16.52 39.74 -49.52
N THR P 255 15.32 40.23 -49.20
CA THR P 255 14.84 41.51 -49.71
C THR P 255 15.66 42.66 -49.13
N ALA P 256 16.00 42.57 -47.85
CA ALA P 256 16.85 43.56 -47.19
C ALA P 256 18.27 43.52 -47.76
N ALA P 257 18.77 42.32 -48.03
CA ALA P 257 20.09 42.14 -48.63
C ALA P 257 20.14 42.62 -50.07
N SER P 258 19.02 42.49 -50.78
CA SER P 258 18.92 42.98 -52.16
C SER P 258 18.92 44.52 -52.22
N PHE P 259 18.35 45.16 -51.19
CA PHE P 259 18.44 46.62 -51.07
C PHE P 259 19.88 47.04 -50.78
N PHE P 260 20.56 46.28 -49.92
CA PHE P 260 21.97 46.51 -49.63
C PHE P 260 22.86 46.27 -50.86
N LEU P 261 22.48 45.31 -51.69
CA LEU P 261 23.22 44.99 -52.91
C LEU P 261 23.17 46.14 -53.92
N ILE P 262 21.98 46.63 -54.23
CA ILE P 262 21.82 47.75 -55.17
C ILE P 262 22.39 49.05 -54.60
N SER P 263 22.22 49.26 -53.30
CA SER P 263 22.71 50.47 -52.62
C SER P 263 24.25 50.51 -52.57
N PHE P 264 24.88 49.35 -52.64
CA PHE P 264 26.34 49.24 -52.68
C PHE P 264 26.94 49.97 -53.88
N PHE P 265 26.21 50.02 -54.99
CA PHE P 265 26.67 50.65 -56.22
C PHE P 265 26.07 52.03 -56.47
N ILE P 266 24.74 52.14 -56.38
CA ILE P 266 24.04 53.37 -56.79
C ILE P 266 24.15 54.54 -55.80
N ALA P 267 24.47 54.25 -54.53
CA ALA P 267 24.52 55.28 -53.49
C ALA P 267 25.53 56.38 -53.83
N PRO P 268 25.17 57.66 -53.60
CA PRO P 268 26.06 58.79 -53.88
C PRO P 268 27.47 58.66 -53.30
N LYS P 269 27.56 58.27 -52.03
CA LYS P 269 28.86 58.15 -51.36
C LYS P 269 29.68 56.95 -51.86
N GLN P 270 29.00 55.93 -52.38
CA GLN P 270 29.69 54.78 -52.98
C GLN P 270 30.23 55.14 -54.36
N ARG P 271 29.34 55.54 -55.26
CA ARG P 271 29.72 55.91 -56.63
C ARG P 271 30.23 57.34 -56.67
P PO4 Q . -16.75 -18.30 75.52
O1 PO4 Q . -15.38 -18.59 74.96
O2 PO4 Q . -17.81 -18.65 74.50
O3 PO4 Q . -16.85 -16.84 75.89
O4 PO4 Q . -16.98 -19.14 76.76
C1 MA4 R . 41.19 -16.98 90.47
C2 MA4 R . 42.66 -17.31 90.19
C3 MA4 R . 43.40 -17.72 91.45
C4 MA4 R . 42.56 -18.67 92.29
C5 MA4 R . 41.18 -18.07 92.62
C6 MA4 R . 41.05 -17.76 94.11
O2 MA4 R . 42.77 -18.35 89.21
O3 MA4 R . 43.72 -16.55 92.21
O5 MA4 R . 40.97 -16.86 91.88
O6 MA4 R . 39.74 -17.26 94.37
O1 MA4 R . 40.34 -17.99 89.89
O4 MA4 R . 42.38 -19.90 91.60
C10 MA4 R . 36.75 -18.09 87.94
C20 MA4 R . 37.53 -16.78 87.83
C30 MA4 R . 38.70 -16.57 88.81
C40 MA4 R . 38.95 -17.66 89.85
C50 MA4 R . 38.17 -18.95 89.61
C60 MA4 R . 38.17 -19.86 90.83
O10 MA4 R . 35.39 -17.82 87.62
O20 MA4 R . 38.08 -16.70 86.51
O30 MA4 R . 38.47 -15.34 89.50
O50 MA4 R . 36.83 -18.61 89.26
O60 MA4 R . 37.27 -20.96 90.62
C11 MA4 R . 34.65 -18.99 87.24
C21 MA4 R . 33.15 -18.70 87.31
C31 MA4 R . 32.79 -18.02 88.63
C41 MA4 R . 31.30 -18.10 88.91
C51 MA4 R . 30.98 -19.05 90.05
C61 MA4 R . 31.27 -20.50 89.67
C12 MA4 R . 30.66 -21.48 90.67
C22 MA4 R . 30.46 -22.85 90.02
C32 MA4 R . 29.84 -23.84 91.00
C42 MA4 R . 30.72 -23.97 92.24
C52 MA4 R . 30.97 -22.61 92.90
C62 MA4 R . 31.56 -21.63 91.88
P PO4 S . -14.00 -13.92 61.30
O1 PO4 S . -14.03 -13.20 59.98
O2 PO4 S . -13.06 -13.21 62.25
O3 PO4 S . -15.39 -13.94 61.87
O4 PO4 S . -13.51 -15.33 61.08
P PO4 T . -17.95 -43.56 -12.89
O1 PO4 T . -17.49 -42.35 -13.66
O2 PO4 T . -18.49 -43.13 -11.54
O3 PO4 T . -19.04 -44.24 -13.67
O4 PO4 T . -16.77 -44.48 -12.70
C1 MA4 U . -5.55 -7.79 34.17
C2 MA4 U . -4.52 -7.71 35.30
C3 MA4 U . -5.14 -8.01 36.65
C4 MA4 U . -6.37 -7.15 36.89
C5 MA4 U . -7.34 -7.29 35.73
C6 MA4 U . -8.54 -6.35 35.91
O2 MA4 U . -3.45 -8.63 35.03
O3 MA4 U . -4.17 -7.79 37.69
O5 MA4 U . -6.69 -6.98 34.49
O6 MA4 U . -9.30 -6.30 34.70
O1 MA4 U . -5.91 -9.16 33.95
O4 MA4 U . -6.99 -7.53 38.11
C10 MA4 U . -8.08 -10.98 30.90
C20 MA4 U . -7.91 -9.48 30.73
C30 MA4 U . -6.89 -8.89 31.71
C40 MA4 U . -7.06 -9.43 33.13
C50 MA4 U . -7.28 -10.94 33.13
C60 MA4 U . -7.57 -11.48 34.53
O10 MA4 U . -9.13 -11.42 30.05
O20 MA4 U . -7.49 -9.20 29.39
O30 MA4 U . -7.07 -7.47 31.70
O50 MA4 U . -8.37 -11.28 32.26
O60 MA4 U . -7.78 -12.89 34.50
C11 MA4 U . -9.36 -12.83 30.03
C21 MA4 U . -8.43 -13.52 29.05
C31 MA4 U . -8.66 -13.09 27.61
C41 MA4 U . -7.36 -12.65 26.94
C51 MA4 U . -7.59 -12.17 25.51
C61 MA4 U . -8.49 -10.94 25.49
C12 MA4 U . -8.21 -9.93 24.37
C22 MA4 U . -6.86 -9.25 24.54
C32 MA4 U . -6.68 -8.16 23.48
C42 MA4 U . -6.81 -8.75 22.08
C52 MA4 U . -8.12 -9.51 21.90
C62 MA4 U . -8.29 -10.59 22.99
P PO4 V . -28.34 -51.87 -5.49
O1 PO4 V . -28.30 -52.23 -6.95
O2 PO4 V . -26.92 -51.68 -4.98
O3 PO4 V . -29.12 -50.60 -5.27
O4 PO4 V . -29.01 -52.98 -4.74
P PO4 W . -9.19 8.64 -32.43
O1 PO4 W . -7.79 8.21 -32.80
O2 PO4 W . -9.36 10.11 -32.76
O3 PO4 W . -9.39 8.41 -30.96
O4 PO4 W . -10.19 7.83 -33.22
P PO4 X . -23.01 9.85 -26.70
O1 PO4 X . -22.71 10.27 -28.12
O2 PO4 X . -21.85 10.21 -25.80
O3 PO4 X . -24.25 10.56 -26.21
O4 PO4 X . -23.25 8.36 -26.65
C1 MA4 Y . -51.64 15.94 -78.67
C2 MA4 Y . -52.48 14.95 -79.46
C3 MA4 Y . -51.70 14.40 -80.66
C4 MA4 Y . -51.15 15.54 -81.49
C5 MA4 Y . -50.34 16.51 -80.63
C6 MA4 Y . -49.88 17.70 -81.45
O2 MA4 Y . -52.89 13.87 -78.62
O3 MA4 Y . -52.57 13.59 -81.47
O5 MA4 Y . -51.13 16.97 -79.53
O6 MA4 Y . -49.33 18.71 -80.59
O1 MA4 Y . -50.59 15.22 -78.00
O4 MA4 Y . -50.32 15.01 -82.54
C10 MA4 Y . -47.87 16.12 -74.99
C20 MA4 Y . -48.99 17.14 -75.15
C30 MA4 Y . -50.10 16.67 -76.09
C40 MA4 Y . -49.57 16.00 -77.36
C50 MA4 Y . -48.41 15.05 -77.04
C60 MA4 Y . -47.76 14.50 -78.31
O10 MA4 Y . -46.80 16.70 -74.24
O20 MA4 Y . -49.56 17.41 -73.86
O30 MA4 Y . -50.88 17.81 -76.44
O50 MA4 Y . -47.41 15.73 -76.28
O60 MA4 Y . -46.71 13.59 -77.96
C11 MA4 Y . -45.76 15.77 -73.93
C21 MA4 Y . -45.30 16.02 -72.50
C31 MA4 Y . -46.32 15.49 -71.50
C41 MA4 Y . -45.97 15.91 -70.08
C51 MA4 Y . -47.20 15.93 -69.17
C61 MA4 Y . -48.13 17.11 -69.48
C12 MA4 Y . -48.82 17.63 -68.23
C22 MA4 Y . -48.00 18.75 -67.59
C32 MA4 Y . -48.66 19.26 -66.32
C42 MA4 Y . -50.08 19.76 -66.60
C52 MA4 Y . -50.91 18.68 -67.30
C62 MA4 Y . -50.21 18.17 -68.56
P PO4 Z . 57.77 52.53 -36.85
O1 PO4 Z . 57.30 53.54 -37.86
O2 PO4 Z . 56.58 51.87 -36.19
O3 PO4 Z . 58.63 53.19 -35.80
O4 PO4 Z . 58.58 51.48 -37.56
C1 MA4 AA . 16.02 11.44 -46.32
C2 MA4 AA . 14.76 10.88 -45.65
C3 MA4 AA . 14.88 9.40 -45.38
C4 MA4 AA . 15.68 8.67 -46.45
C5 MA4 AA . 15.81 9.45 -47.77
C6 MA4 AA . 14.52 9.55 -48.58
O2 MA4 AA . 14.52 11.58 -44.43
O3 MA4 AA . 13.57 8.82 -45.27
O5 MA4 AA . 16.33 10.78 -47.55
O6 MA4 AA . 13.40 8.93 -47.94
O1 MA4 AA . 17.13 11.29 -45.43
O4 MA4 AA . 17.00 8.41 -45.96
C10 MA4 AA . 19.92 13.44 -43.43
C20 MA4 AA . 18.40 13.42 -43.23
C30 MA4 AA . 17.65 13.48 -44.55
C40 MA4 AA . 18.07 12.37 -45.50
C50 MA4 AA . 19.47 11.84 -45.17
C60 MA4 AA . 20.11 11.20 -46.40
O10 MA4 AA . 20.37 14.80 -43.35
O20 MA4 AA . 18.02 12.23 -42.53
O30 MA4 AA . 17.88 14.75 -45.17
O50 MA4 AA . 20.29 12.91 -44.71
O60 MA4 AA . 21.34 10.57 -46.02
C11 MA4 AA . 21.66 14.93 -42.77
C21 MA4 AA . 22.31 16.23 -43.23
C31 MA4 AA . 22.52 16.24 -44.74
C41 MA4 AA . 23.66 17.17 -45.17
C51 MA4 AA . 24.66 16.46 -46.07
C61 MA4 AA . 25.57 15.53 -45.27
C12 MA4 AA . 26.67 14.93 -46.14
C22 MA4 AA . 27.81 14.42 -45.24
C32 MA4 AA . 28.91 13.74 -46.05
C42 MA4 AA . 28.34 12.62 -46.91
C52 MA4 AA . 27.24 13.14 -47.82
C62 MA4 AA . 26.12 13.80 -47.00
P PO4 BA . 51.27 57.58 -23.72
O1 PO4 BA . 52.47 58.27 -24.34
O2 PO4 BA . 50.25 57.30 -24.80
O3 PO4 BA . 50.68 58.50 -22.69
O4 PO4 BA . 51.69 56.30 -23.05
#